data_7OTY
#
_entry.id   7OTY
#
_cell.length_a   1.00
_cell.length_b   1.00
_cell.length_c   1.00
_cell.angle_alpha   90.00
_cell.angle_beta   90.00
_cell.angle_gamma   90.00
#
_symmetry.space_group_name_H-M   'P 1'
#
loop_
_entity.id
_entity.type
_entity.pdbx_description
1 polymer 'DNA-dependent protein kinase catalytic subunit,DNA-PKcs'
2 non-polymer (~{S})-[2-chloranyl-4-fluoranyl-5-(7-morpholin-4-ylquinazolin-4-yl)phenyl]-(6-methoxypyridazin-3-yl)methanol
#
_entity_poly.entity_id   1
_entity_poly.type   'polypeptide(L)'
_entity_poly.pdbx_seq_one_letter_code
;MAGSGAGVRCSLLRLQETLSAADRCGAALAGHQLIRGLGQECVLSSSPAVLALQTSLVFSRDFGLLVFVRKSLNSIEFRE
CREEILKFLCIFLEKMGQKIAPYSVEIKNTCTSVYTKDRAAKCKIPALDLLIKLLQTFRSSRLMDEFKIGELFSKFYGEL
ALKKKIPDTVLEKVYELLGLLGEVHPSEMINNAENLFRAFLGELKTQMTSAVREPKLPVLAGCLKGLSSLLCNFTKSMEE
DPQTSREIFNFVLKAIRPQIDLKRYAVPSAGLRLFALHASQFSTCLLDNYVSLFEVLLKWCAHTNVELKKAALSALESFL
KQVSNMVAKNAEMHKNKLQYFMEQFYGIIRNVDSNNKELSIAIRGYGLFAGPCKVINAKDVDFMYVELIQRCKQMFLTQT
DTGDDRVYQMPSFLQSVASVLLYLDTVPEVYTPVLEHLVVMQIDSFPQYSPKMQLVCCRAIVKVFLALAAKGPVLRNCIS
TVVHQGLIRICSKPVVLPKGPESESEDHRASGEVRTGKWKVPTYKDYVDLFRHLLSSDQMMDSILADEAFFSVNSSSESL
NHLLYDEFVKSVLKIVEKLDLTLEIQTVGEQENGDEAPGVWMIPTSDPAANLHPAKPKDFSAFINLVEFCREILPEKQAE
FFEPWVYSFSYELILQSTRLPLISGFYKLLSITVRNAKKIKYFEGVSPKSLKHSPEDPEKYSCFALFVKFGKEVAVKMKQ
YKDELLASCLTFLLSLPHNIIELDVRAYVPALQMAFKLGLSYTPLAEVGLNALEEWSIYIDRHVMQPYYKDILPCLDGYL
KTSALSDETKNNWEVSALSRAAQKGFNKVVLKHLKKTKNLSSNEAISLEEIRIRVVQMLGSLGGQINKNLLTVTSSDEMM
KSYVAWDREKRLSFAVPFREMKPVIFLDVFLPRVTELALTASDRQTKVAACELLHSMVMFMLGKATQMPEGGQGAPPMYQ
LYKRTFPVLLRLACDVDQVTRQLYEPLVMQLIHWFTNNKKFESQDTVALLEAILDGIVDPVDSTLRDFCGRCIREFLKWS
IKQITPQQQEKSPVNTKSLFKRLYSLALHPNAFKRLGASLAFNNIYREFREEESLVEQFVFEALVIYMESLALAHADEKS
LGTIQQCCDAIDHLCRIIEKKHVSLNKAKKRRLPRGFPPSASLCLLDLVKWLLAHCGRPQTECRHKSIELFYKFVPLLPG
NRSPNLWLKDVLKEEGVSFLINTFEGGGCGQPSGILAQPTLLYLRGPFSLQATLCWLDLLLAALECYNTFIGERTVGALQ
VLGTEAQSSLLKAVAFFLESIAMHDIIAAEKCFGTGAAGNRTSPQEGERYNYSKCTVVVRIMEFTTTLLNTSPEGWKLLK
KDLCNTHLMRVLVQTLCEPASIGFNIGDVQVMAHLPDVCVNLMKALKMSPYKDILETHLREKITAQSIEELCAVNLYGPD
AQVDRSRLAAVVSACKQLHRAGLLHNILPSQSTDLHHSVGTELLSLVYKGIAPGDERQCLPSLDLSCKQLASGLLELAFA
FGGLCERLVSLLLNPAVLSTASLGSSQGSVIHFSHGEYFYSLFSETINTELLKNLDLAVLELMQSSVDNTKMVSAVLNGM
LDQSFRERANQKHQGLKLATTILQHWKKCDSWWAKDSPLETKMAVLALLAKILQIDSSVSFNTSHGSFPEVFTTYISLLA
DTKLDLHLKGQAVTLLPFFTSLTGGSLEELRRVLEQLIVAHFPMQSREFPPGTPRFNNYVDCMKKFLDALELSQSPMLLE
LMTEVLCREQQHVMEELFQSSFRRIARRGSCVTQVGLLESVYEMFRKDDPRLSFTRQSFVDRSLLTLLWHCSLDALREFF
STIVVDAIDVLKSRFTKLNESTFDTQITKKMGYYKILDVMYSRLPKDDVHAKESKINQVFHGSCITEGNELTKTLIKLCY
DAFTENMAGENQLLERRRLYHCAAYNCAISVICCVFNELKFYQGFLFSEKPEKNLLIFENLIDLKRRYNFPVEVEVPMER
KKKYIEIRKEAREAANGDSDGPSYMSSLSYLADSTLSEEMSQFDFSTGVQSYSYSSQDPRPATGRFRRREQRDPTVHDDV
LELEMDELNRHECMAPLTALVKHMHRSLGPPQGEEDSVPRDLPSWMKFLHGKLGNPIVPLNIRLFLAKLVINTEEVFRPY
AKHWLSPLLQLAASENNGGEGIHYMVVEIVATILSWTGLATPTGVPKDEVLANRLLNFLMKHVFHPKRAVFRHNLEIIKT
LVECWKDCLSIPYRLIFEKFSGKDPNSKDNSVGIQLLGIVMANDLPPYDPQCGIQSSEYFQALVNNMSFVRYKEVYAAAA
EVLGLILRYVMERKNILEESLCELVAKQLKQHQNTMEDKFIVCLNKVTKSFPPLADRFMNAVFFLLPKFHGVLKTLCLEV
VLCRVEGMTELYFQLKSKDFVQVMRHRDDERQKVCLDIIYKMMPKLKPVELRELLNPVVEFVSHPSTTCREQMYNILMWI
HDNYRDPESETDNDSQEIFKLAKDVLIQGLIDENPGLQLIIRNFWSHETRLPSNTLDRLLALNSLYSPKIEVHFLSLATN
FLLEMTSMSPDYPNPMFEHPLSECEFQEYTIDSDWRFRSTVLTPMFVETQASQGTLQTRTQEGSLSARWPVAGQIRATQQ
QHDFTLTQTADGRSSFDWLTGSSTDPLVDHTSPSSDSLLFAHKRSERLQRAPLKSVGPDFGKKRLGLPGDEVDNKVKGAA
GRTDLLRLRRRFMRDQEKLSLMYARKGVAEQKREKEIKSELKMKQDAQVVLYRSYRHGDLPDIQIKHSSLITPLQAVAQR
DPIIAKQLFSSLFSGILKEMDKFKTLSEKNNITQKLLQDFNRFLNTTFSFFPPFVSCIQDISCQHAALLSLDPAAVSAGC
LASLQQPVGIRLLEEALLRLLPAELPAKRVRGKARLPPDVLRWVELAKLYRSIGEYDVLRGIFTSEIGTKQITQSALLAE
ARSDYSEAAKQYDEALNKQDWVDGEPTEAEKDFWELASLDCYNHLAEWKSLEYCSTASIDSENPPDLNKIWSEPFYQETY
LPYMIRSKLKLLLQGEADQSLLTFIDKAMHGELQKAILELHYSQELSLLYLLQDDVDRAKYYIQNGIQSFMQNYSSIDVL
LHQSRLTKLQSVQALTEIQEFISFISKQGNLSSQVPLKRLLNTWTNRYPDAKMDPMNIWDDIITNRCFFLSKIEEKLTPL
PEDNSMNVDQDGDPSDRMEVQEQEEDISSLIRSCKFSMKMKMIDSARKQNNFSLAMKLLKELHKESKTRDDWLVSWVQSY
CRLSHCRSRSQGCSEQVLTVLKTVSLLDENNVSSYLSKNILAFRDQNILLGTTYRIIANALSSEPACLAEIEEDKARRIL
ELSGSSSEDSEKVIAGLYQRAFQHLSEAVQAAEEEAQPPSWSCGPAAGVIDAYMTLADFCDQQLRKEEENASVIDSAELQ
AYPALVVEKMLKALKLNSNEARLKFPRLLQIIERYPEETLSLMTKEISSVPCWQFISWISHMVALLDKDQAVAVQHSVEE
ITDNYPQAIVYPFIISSESYSFKDTSTGHKNKEFVARIKSKLDQGGVIQDFINALDQLSNPELLFKDWSNDVRAELAKTP
VNKKNIEKMYERMYAALGDPKAPGLGAFRRKFIQTFGKEFDKHFGKGGSKLLRMKLSDFNDITNMLLLKMNKDSKPPGNL
KECSPWMSDFKVEFLRNELEIPGQYDGRGKPLPEYHVRIAGFDERVTVMASLRRPKRIIIRGHDEREHPFLVKGGEDLRQ
DQRVEQLFQVMNGILAQDSACSQRALQLRTYSVVPMTSRLGLIEWLENTVTLKDLLLNTMSQEEKAAYLSDPRAPPCEYK
DWLTKMSGKHDVGAYMLMYKGANRTETVTSFRKRESKVPADLLKRAFVRMSTSPEAFLALRSHFASSHALICISHWILGI
GDRHLNNFMVAMETGGVIGIDFGHAFGSATQFLPVPELMPFRLTRQFINLMLPMKETGLMYSIMVHALRAFRSDPGLLTN
TMDVFVKEPSFDWKNFEQKMLKKGGSWIQEINVAEKNWYPRQKICYAKRKLAGANPAVITCDELLLGHEKAPAFRDYVAV
ARGSKDHNIRAQEPESGLSEETQVKCLMDQATDPNILGRTWEGWEPWM(UNK)(UNK)(UNK)(UNK)(UNK)(UNK)
(UNK)(UNK)(UNK)(UNK)(UNK)(UNK)(UNK)(UNK)(UNK)(UNK)(UNK)(UNK)(UNK)(UNK)
;
_entity_poly.pdbx_strand_id   A
#
loop_
_chem_comp.id
_chem_comp.type
_chem_comp.name
_chem_comp.formula
1IX non-polymer (~{S})-[2-chloranyl-4-fluoranyl-5-(7-morpholin-4-ylquinazolin-4-yl)phenyl]-(6-methoxypyridazin-3-yl)methanol 'C24 H21 Cl F N5 O3'
#
# COMPACT_ATOMS: atom_id res chain seq x y z
N ARG A 9 -3.73 -31.51 30.55
CA ARG A 9 -3.95 -32.96 30.59
C ARG A 9 -5.42 -33.30 30.82
N CYS A 10 -5.86 -34.42 30.23
CA CYS A 10 -7.18 -34.98 30.45
C CYS A 10 -7.16 -36.10 31.48
N SER A 11 -6.07 -36.23 32.25
CA SER A 11 -5.97 -37.24 33.29
C SER A 11 -6.43 -36.72 34.65
N LEU A 12 -5.90 -35.58 35.08
CA LEU A 12 -6.19 -35.10 36.44
C LEU A 12 -7.66 -34.80 36.63
N LEU A 13 -8.38 -34.52 35.54
CA LEU A 13 -9.80 -34.17 35.63
C LEU A 13 -10.59 -35.21 36.39
N ARG A 14 -10.25 -36.50 36.24
CA ARG A 14 -10.82 -37.54 37.06
C ARG A 14 -9.83 -38.12 38.05
N LEU A 15 -8.53 -37.83 37.91
CA LEU A 15 -7.59 -38.27 38.92
C LEU A 15 -7.91 -37.63 40.27
N GLN A 16 -8.30 -36.35 40.26
CA GLN A 16 -8.68 -35.67 41.49
C GLN A 16 -9.92 -36.31 42.12
N GLU A 17 -10.92 -36.61 41.29
CA GLU A 17 -12.14 -37.25 41.81
C GLU A 17 -11.83 -38.62 42.39
N THR A 18 -11.02 -39.40 41.69
CA THR A 18 -10.67 -40.74 42.15
C THR A 18 -9.79 -40.70 43.39
N LEU A 19 -8.97 -39.66 43.56
CA LEU A 19 -8.21 -39.53 44.80
C LEU A 19 -9.13 -39.18 45.97
N SER A 20 -10.00 -38.18 45.77
CA SER A 20 -10.98 -37.83 46.79
C SER A 20 -11.90 -38.99 47.11
N ALA A 21 -12.06 -39.94 46.18
CA ALA A 21 -12.84 -41.14 46.44
C ALA A 21 -12.02 -42.25 47.10
N ALA A 22 -10.73 -42.32 46.80
CA ALA A 22 -9.86 -43.30 47.45
C ALA A 22 -9.74 -43.00 48.94
N ASP A 23 -9.55 -41.73 49.28
CA ASP A 23 -9.60 -41.37 50.70
C ASP A 23 -11.02 -41.08 51.19
N ARG A 24 -12.02 -41.21 50.32
CA ARG A 24 -13.41 -41.23 50.75
C ARG A 24 -13.84 -42.58 51.29
N CYS A 25 -13.12 -43.64 50.94
CA CYS A 25 -13.55 -45.01 51.22
C CYS A 25 -13.09 -45.40 52.63
N GLY A 26 -13.79 -44.83 53.61
CA GLY A 26 -13.50 -45.10 55.00
C GLY A 26 -12.16 -44.49 55.44
N ALA A 27 -11.57 -45.13 56.45
CA ALA A 27 -10.28 -44.71 56.97
C ALA A 27 -9.17 -45.73 56.77
N ALA A 28 -9.50 -46.99 56.54
CA ALA A 28 -8.51 -48.03 56.36
C ALA A 28 -8.01 -48.03 54.92
N LEU A 29 -6.69 -47.86 54.75
CA LEU A 29 -6.04 -47.85 53.43
C LEU A 29 -6.54 -46.71 52.56
N ALA A 30 -7.47 -45.90 53.08
CA ALA A 30 -8.04 -44.81 52.30
C ALA A 30 -7.06 -43.67 52.12
N GLY A 31 -6.39 -43.27 53.20
CA GLY A 31 -5.38 -42.24 53.13
C GLY A 31 -4.04 -42.74 53.62
N HIS A 32 -3.90 -44.07 53.69
CA HIS A 32 -2.66 -44.65 54.18
C HIS A 32 -1.50 -44.40 53.22
N GLN A 33 -1.71 -44.66 51.92
CA GLN A 33 -0.62 -44.78 50.98
C GLN A 33 -0.64 -43.74 49.87
N LEU A 34 -1.69 -42.92 49.77
CA LEU A 34 -1.79 -41.97 48.67
C LEU A 34 -0.85 -40.79 48.79
N ILE A 35 0.14 -40.83 49.69
CA ILE A 35 1.17 -39.78 49.69
C ILE A 35 1.91 -39.79 48.37
N ARG A 36 2.14 -40.98 47.80
CA ARG A 36 2.71 -41.07 46.46
C ARG A 36 1.79 -40.45 45.41
N GLY A 37 0.48 -40.70 45.51
CA GLY A 37 -0.43 -40.11 44.55
C GLY A 37 -0.45 -38.59 44.61
N LEU A 38 -0.47 -38.04 45.82
CA LEU A 38 -0.39 -36.59 45.97
C LEU A 38 0.93 -36.06 45.41
N GLY A 39 2.03 -36.74 45.70
CA GLY A 39 3.32 -36.29 45.21
C GLY A 39 3.43 -36.33 43.70
N GLN A 40 2.81 -37.34 43.07
CA GLN A 40 2.87 -37.40 41.62
C GLN A 40 1.94 -36.38 40.98
N GLU A 41 0.80 -36.11 41.59
CA GLU A 41 -0.09 -35.09 41.03
C GLU A 41 0.53 -33.71 41.14
N CYS A 42 1.22 -33.44 42.25
CA CYS A 42 1.81 -32.11 42.45
C CYS A 42 2.93 -31.84 41.45
N VAL A 43 3.65 -32.87 41.02
CA VAL A 43 4.61 -32.70 39.94
C VAL A 43 3.94 -32.80 38.57
N LEU A 44 2.74 -33.37 38.51
CA LEU A 44 2.04 -33.53 37.23
C LEU A 44 1.42 -32.22 36.75
N SER A 45 0.84 -31.44 37.67
CA SER A 45 0.06 -30.27 37.27
C SER A 45 0.94 -29.02 37.26
N SER A 46 1.83 -28.97 36.27
CA SER A 46 2.64 -27.78 36.03
C SER A 46 3.21 -27.86 34.63
N SER A 47 2.80 -26.96 33.75
CA SER A 47 3.38 -26.80 32.42
C SER A 47 3.42 -25.32 32.10
N PRO A 48 4.38 -24.87 31.26
CA PRO A 48 4.53 -23.43 31.03
C PRO A 48 3.42 -22.81 30.18
N ALA A 49 2.70 -23.60 29.39
CA ALA A 49 1.65 -23.06 28.51
C ALA A 49 0.36 -22.89 29.31
N VAL A 50 0.08 -21.65 29.73
CA VAL A 50 -1.15 -21.37 30.47
C VAL A 50 -2.36 -21.53 29.57
N LEU A 51 -2.19 -21.43 28.26
CA LEU A 51 -3.29 -21.73 27.34
C LEU A 51 -3.78 -23.16 27.50
N ALA A 52 -2.89 -24.07 27.87
CA ALA A 52 -3.27 -25.42 28.23
C ALA A 52 -3.69 -25.55 29.68
N LEU A 53 -3.49 -24.51 30.49
CA LEU A 53 -3.86 -24.52 31.90
C LEU A 53 -5.25 -23.94 32.15
N GLN A 54 -5.95 -23.49 31.09
CA GLN A 54 -7.28 -22.91 31.28
C GLN A 54 -8.19 -23.89 32.02
N THR A 55 -8.12 -25.17 31.65
CA THR A 55 -8.91 -26.19 32.34
C THR A 55 -8.49 -26.39 33.78
N SER A 56 -7.31 -25.89 34.16
CA SER A 56 -6.87 -25.95 35.54
C SER A 56 -7.18 -24.68 36.31
N LEU A 57 -7.44 -23.57 35.60
CA LEU A 57 -7.95 -22.37 36.26
C LEU A 57 -9.24 -22.64 37.02
N VAL A 58 -10.01 -23.65 36.60
CA VAL A 58 -11.30 -23.92 37.24
C VAL A 58 -11.18 -24.93 38.36
N PHE A 59 -10.06 -25.66 38.47
CA PHE A 59 -9.92 -26.61 39.56
C PHE A 59 -9.84 -25.93 40.92
N SER A 60 -10.05 -24.61 40.98
CA SER A 60 -10.07 -23.87 42.24
C SER A 60 -11.06 -24.47 43.22
N ARG A 61 -12.28 -24.77 42.76
CA ARG A 61 -13.24 -25.46 43.61
C ARG A 61 -13.17 -26.97 43.45
N ASP A 62 -12.58 -27.46 42.35
CA ASP A 62 -12.48 -28.89 42.16
C ASP A 62 -11.45 -29.51 43.11
N PHE A 63 -10.61 -28.68 43.72
CA PHE A 63 -9.78 -29.08 44.84
C PHE A 63 -10.44 -28.79 46.19
N GLY A 64 -11.37 -27.83 46.24
CA GLY A 64 -12.20 -27.67 47.43
C GLY A 64 -13.13 -28.85 47.66
N LEU A 65 -13.65 -29.44 46.58
CA LEU A 65 -14.42 -30.66 46.74
C LEU A 65 -13.55 -31.81 47.22
N LEU A 66 -12.23 -31.72 46.99
CA LEU A 66 -11.32 -32.67 47.61
C LEU A 66 -11.19 -32.41 49.10
N VAL A 67 -11.00 -31.14 49.47
CA VAL A 67 -10.81 -30.78 50.88
C VAL A 67 -12.10 -30.94 51.68
N PHE A 68 -13.25 -31.07 51.02
CA PHE A 68 -14.49 -31.27 51.77
C PHE A 68 -14.52 -32.62 52.48
N VAL A 69 -13.84 -33.62 51.94
CA VAL A 69 -13.68 -34.89 52.66
C VAL A 69 -12.74 -34.71 53.85
N ARG A 70 -11.66 -33.96 53.66
CA ARG A 70 -10.71 -33.64 54.72
C ARG A 70 -11.33 -32.79 55.83
N LYS A 71 -12.43 -32.09 55.54
CA LYS A 71 -13.10 -31.29 56.55
C LYS A 71 -13.46 -32.13 57.78
N SER A 72 -13.85 -33.39 57.55
CA SER A 72 -14.13 -34.33 58.63
C SER A 72 -13.01 -35.36 58.81
N LEU A 73 -12.53 -35.94 57.73
CA LEU A 73 -11.48 -36.95 57.83
C LEU A 73 -10.16 -36.28 58.17
N ASN A 74 -9.57 -36.65 59.31
CA ASN A 74 -8.30 -36.08 59.73
C ASN A 74 -7.70 -37.02 60.77
N SER A 75 -6.64 -37.74 60.38
CA SER A 75 -6.10 -38.81 61.21
C SER A 75 -4.58 -38.87 61.11
N ILE A 76 -3.99 -39.97 61.58
CA ILE A 76 -2.53 -40.10 61.60
C ILE A 76 -2.00 -40.23 60.18
N GLU A 77 -2.47 -41.24 59.45
CA GLU A 77 -2.07 -41.41 58.06
C GLU A 77 -2.67 -40.36 57.16
N PHE A 78 -3.62 -39.57 57.66
CA PHE A 78 -4.32 -38.59 56.84
C PHE A 78 -3.76 -37.19 57.01
N ARG A 79 -2.98 -36.94 58.06
CA ARG A 79 -2.33 -35.64 58.22
C ARG A 79 -1.26 -35.41 57.16
N GLU A 80 -0.53 -36.45 56.77
CA GLU A 80 0.44 -36.31 55.69
C GLU A 80 -0.27 -36.03 54.36
N CYS A 81 -1.26 -36.86 54.04
CA CYS A 81 -2.04 -36.64 52.83
C CYS A 81 -2.66 -35.24 52.82
N ARG A 82 -2.93 -34.69 54.01
CA ARG A 82 -3.22 -33.26 54.13
C ARG A 82 -2.02 -32.41 53.72
N GLU A 83 -0.82 -32.80 54.18
CA GLU A 83 0.35 -31.94 54.02
C GLU A 83 0.75 -31.78 52.56
N GLU A 84 0.89 -32.89 51.83
CA GLU A 84 1.27 -32.79 50.43
C GLU A 84 0.23 -32.04 49.59
N ILE A 85 -1.06 -32.27 49.82
CA ILE A 85 -2.06 -31.53 49.04
C ILE A 85 -2.01 -30.05 49.36
N LEU A 86 -1.74 -29.69 50.63
CA LEU A 86 -1.61 -28.26 50.94
C LEU A 86 -0.41 -27.65 50.22
N LYS A 87 0.71 -28.38 50.19
CA LYS A 87 1.90 -27.87 49.50
C LYS A 87 1.62 -27.66 48.02
N PHE A 88 0.98 -28.65 47.39
CA PHE A 88 0.65 -28.53 45.97
C PHE A 88 -0.33 -27.40 45.72
N LEU A 89 -1.35 -27.27 46.59
CA LEU A 89 -2.33 -26.21 46.42
C LEU A 89 -1.67 -24.84 46.49
N CYS A 90 -0.80 -24.64 47.48
CA CYS A 90 -0.16 -23.33 47.65
C CYS A 90 0.77 -23.02 46.50
N ILE A 91 1.61 -23.98 46.10
CA ILE A 91 2.55 -23.71 45.01
C ILE A 91 1.81 -23.50 43.69
N PHE A 92 0.69 -24.22 43.49
CA PHE A 92 -0.10 -23.99 42.28
C PHE A 92 -0.77 -22.62 42.33
N LEU A 93 -1.25 -22.21 43.50
CA LEU A 93 -1.72 -20.84 43.68
C LEU A 93 -0.67 -19.84 43.23
N GLU A 94 0.57 -20.05 43.63
CA GLU A 94 1.62 -19.09 43.28
C GLU A 94 1.98 -19.15 41.79
N LYS A 95 2.04 -20.35 41.20
CA LYS A 95 2.46 -20.44 39.81
C LYS A 95 1.36 -19.97 38.87
N MET A 96 0.11 -20.10 39.29
CA MET A 96 -0.98 -19.37 38.63
C MET A 96 -0.90 -17.88 38.93
N GLY A 97 -0.45 -17.51 40.12
CA GLY A 97 -0.41 -16.12 40.52
C GLY A 97 -1.78 -15.58 40.88
N GLN A 98 -2.33 -14.75 40.02
CA GLN A 98 -3.64 -14.14 40.19
C GLN A 98 -4.43 -14.21 38.87
N LYS A 99 -4.48 -15.40 38.27
CA LYS A 99 -5.32 -15.59 37.08
C LYS A 99 -6.76 -15.22 37.40
N ILE A 100 -7.36 -15.90 38.38
CA ILE A 100 -8.70 -15.61 38.87
C ILE A 100 -8.70 -15.74 40.39
N ALA A 101 -9.73 -15.16 41.02
CA ALA A 101 -9.90 -15.23 42.47
C ALA A 101 -11.34 -15.56 42.84
N PRO A 102 -11.81 -16.79 42.55
CA PRO A 102 -13.15 -17.18 43.00
C PRO A 102 -13.13 -18.08 44.23
N TYR A 103 -11.94 -18.39 44.75
CA TYR A 103 -11.80 -19.39 45.81
C TYR A 103 -11.06 -18.87 47.02
N SER A 104 -10.88 -17.56 47.15
CA SER A 104 -10.10 -17.00 48.25
C SER A 104 -10.72 -17.32 49.61
N VAL A 105 -12.00 -16.98 49.77
CA VAL A 105 -12.68 -17.35 51.02
C VAL A 105 -12.85 -18.85 51.11
N GLU A 106 -13.05 -19.52 49.97
CA GLU A 106 -13.16 -20.97 49.94
C GLU A 106 -11.94 -21.63 50.53
N ILE A 107 -10.79 -20.97 50.46
CA ILE A 107 -9.59 -21.46 51.13
C ILE A 107 -9.52 -20.97 52.58
N LYS A 108 -9.89 -19.71 52.84
CA LYS A 108 -9.71 -19.16 54.17
C LYS A 108 -10.54 -19.90 55.22
N ASN A 109 -11.83 -20.05 54.96
CA ASN A 109 -12.69 -20.75 55.92
C ASN A 109 -12.22 -22.18 56.14
N THR A 110 -11.87 -22.86 55.05
CA THR A 110 -11.44 -24.26 55.14
C THR A 110 -10.16 -24.39 55.95
N CYS A 111 -9.17 -23.52 55.73
CA CYS A 111 -7.92 -23.63 56.45
C CYS A 111 -8.10 -23.30 57.93
N THR A 112 -8.95 -22.32 58.24
CA THR A 112 -9.23 -22.07 59.66
C THR A 112 -9.88 -23.28 60.30
N SER A 113 -10.82 -23.93 59.60
CA SER A 113 -11.44 -25.13 60.16
C SER A 113 -10.42 -26.25 60.32
N VAL A 114 -9.45 -26.32 59.40
CA VAL A 114 -8.43 -27.35 59.47
C VAL A 114 -7.55 -27.15 60.70
N TYR A 115 -7.26 -25.88 61.04
CA TYR A 115 -6.29 -25.60 62.09
C TYR A 115 -6.72 -26.05 63.47
N THR A 116 -8.01 -26.35 63.68
CA THR A 116 -8.43 -26.84 64.98
C THR A 116 -7.77 -28.16 65.31
N LYS A 117 -7.72 -29.08 64.34
CA LYS A 117 -7.09 -30.38 64.54
C LYS A 117 -5.58 -30.33 64.29
N ASP A 118 -4.99 -29.15 64.29
CA ASP A 118 -3.54 -29.00 64.25
C ASP A 118 -2.99 -28.83 65.67
N ALA A 127 1.70 -30.37 61.61
CA ALA A 127 1.59 -29.88 60.24
C ALA A 127 1.76 -28.37 60.22
N LEU A 128 2.98 -27.91 59.95
CA LEU A 128 3.29 -26.49 59.87
C LEU A 128 3.09 -25.91 58.48
N ASP A 129 2.40 -26.63 57.60
CA ASP A 129 2.02 -26.08 56.31
C ASP A 129 0.84 -25.13 56.43
N LEU A 130 0.14 -25.14 57.57
CA LEU A 130 -1.02 -24.29 57.75
C LEU A 130 -0.64 -22.82 57.94
N LEU A 131 0.42 -22.58 58.71
CA LEU A 131 0.94 -21.22 58.87
C LEU A 131 1.35 -20.61 57.54
N ILE A 132 2.16 -21.33 56.76
CA ILE A 132 2.63 -20.79 55.50
C ILE A 132 1.48 -20.69 54.51
N LYS A 133 0.56 -21.65 54.56
CA LYS A 133 -0.61 -21.62 53.68
C LYS A 133 -1.46 -20.38 53.95
N LEU A 134 -1.77 -20.11 55.23
CA LEU A 134 -2.61 -18.97 55.56
C LEU A 134 -1.92 -17.66 55.18
N LEU A 135 -0.62 -17.54 55.48
CA LEU A 135 0.08 -16.31 55.14
C LEU A 135 0.13 -16.09 53.64
N GLN A 136 0.46 -17.13 52.87
CA GLN A 136 0.54 -17.01 51.42
C GLN A 136 -0.82 -16.72 50.81
N THR A 137 -1.88 -17.36 51.30
CA THR A 137 -3.20 -17.12 50.75
C THR A 137 -3.65 -15.69 51.01
N PHE A 138 -3.43 -15.21 52.24
CA PHE A 138 -3.80 -13.83 52.55
C PHE A 138 -2.99 -12.85 51.70
N ARG A 139 -1.71 -13.14 51.47
CA ARG A 139 -0.92 -12.27 50.61
C ARG A 139 -1.40 -12.30 49.17
N SER A 140 -1.75 -13.50 48.68
CA SER A 140 -2.07 -13.66 47.27
C SER A 140 -3.42 -13.06 46.93
N SER A 141 -4.35 -13.03 47.89
CA SER A 141 -5.67 -12.49 47.61
C SER A 141 -5.92 -11.12 48.24
N ARG A 142 -5.65 -10.96 49.54
CA ARG A 142 -6.11 -9.78 50.27
C ARG A 142 -5.48 -8.50 49.73
N LEU A 143 -4.21 -8.56 49.32
CA LEU A 143 -3.50 -7.35 48.89
C LEU A 143 -4.28 -6.57 47.84
N MET A 144 -4.88 -7.27 46.88
CA MET A 144 -5.55 -6.64 45.76
C MET A 144 -7.04 -6.94 45.66
N ASP A 145 -7.52 -8.04 46.26
CA ASP A 145 -8.94 -8.33 46.22
C ASP A 145 -9.73 -7.46 47.19
N GLU A 146 -9.18 -7.21 48.38
CA GLU A 146 -9.85 -6.45 49.44
C GLU A 146 -11.24 -7.00 49.71
N PHE A 147 -11.34 -8.33 49.77
CA PHE A 147 -12.60 -9.01 50.00
C PHE A 147 -12.96 -8.95 51.49
N LYS A 148 -13.01 -7.71 51.98
CA LYS A 148 -13.18 -7.47 53.41
C LYS A 148 -14.49 -8.07 53.92
N ILE A 149 -15.49 -8.20 53.04
CA ILE A 149 -16.77 -8.75 53.44
C ILE A 149 -16.63 -10.23 53.79
N GLY A 150 -15.77 -10.95 53.08
CA GLY A 150 -15.51 -12.34 53.40
C GLY A 150 -14.31 -12.58 54.28
N GLU A 151 -13.55 -11.53 54.58
CA GLU A 151 -12.39 -11.63 55.45
C GLU A 151 -12.84 -11.20 56.85
N LEU A 152 -12.95 -12.17 57.75
CA LEU A 152 -13.29 -11.91 59.15
C LEU A 152 -12.01 -11.94 59.97
N PHE A 153 -11.81 -10.89 60.77
CA PHE A 153 -10.54 -10.71 61.48
C PHE A 153 -10.64 -10.92 62.97
N SER A 154 -11.85 -10.91 63.54
CA SER A 154 -11.99 -11.16 64.97
C SER A 154 -11.60 -12.57 65.33
N LYS A 155 -11.88 -13.55 64.46
CA LYS A 155 -11.49 -14.91 64.77
C LYS A 155 -9.97 -15.07 64.80
N PHE A 156 -9.24 -14.13 64.21
CA PHE A 156 -7.79 -14.18 64.29
C PHE A 156 -7.30 -13.75 65.66
N TYR A 157 -7.92 -12.72 66.25
CA TYR A 157 -7.67 -12.48 67.68
C TYR A 157 -8.12 -13.66 68.52
N GLY A 158 -9.21 -14.33 68.12
CA GLY A 158 -9.66 -15.50 68.86
C GLY A 158 -8.62 -16.60 68.89
N GLU A 159 -8.05 -16.94 67.72
CA GLU A 159 -7.02 -17.96 67.67
C GLU A 159 -5.68 -17.44 68.18
N LEU A 160 -5.52 -16.11 68.26
CA LEU A 160 -4.42 -15.52 69.02
C LEU A 160 -4.54 -15.86 70.50
N ALA A 161 -5.74 -15.73 71.06
CA ALA A 161 -5.89 -15.74 72.51
C ALA A 161 -5.45 -17.06 73.13
N LEU A 162 -5.38 -18.13 72.34
CA LEU A 162 -5.04 -19.44 72.86
C LEU A 162 -3.68 -19.94 72.41
N LYS A 163 -2.89 -19.10 71.73
CA LYS A 163 -1.57 -19.50 71.25
C LYS A 163 -0.43 -18.81 72.01
N LYS A 164 -0.58 -18.62 73.32
CA LYS A 164 0.52 -18.20 74.18
C LYS A 164 1.21 -19.37 74.85
N LYS A 165 0.87 -20.60 74.45
CA LYS A 165 1.26 -21.79 75.18
C LYS A 165 2.75 -22.06 75.10
N ILE A 166 3.27 -22.68 76.17
CA ILE A 166 4.66 -23.13 76.16
C ILE A 166 4.94 -24.08 75.01
N PRO A 167 4.05 -25.03 74.64
CA PRO A 167 4.29 -25.82 73.42
C PRO A 167 4.22 -24.99 72.15
N ASP A 168 4.29 -25.65 71.00
CA ASP A 168 4.45 -24.98 69.71
C ASP A 168 5.75 -24.17 69.69
N THR A 169 6.84 -24.92 69.70
CA THR A 169 8.17 -24.35 69.91
C THR A 169 8.48 -23.23 68.92
N VAL A 170 8.15 -23.42 67.64
CA VAL A 170 8.37 -22.41 66.61
C VAL A 170 7.05 -22.19 65.90
N LEU A 171 6.24 -21.28 66.45
CA LEU A 171 5.00 -20.83 65.84
C LEU A 171 4.82 -19.34 66.02
N GLU A 172 5.93 -18.59 66.04
CA GLU A 172 5.91 -17.17 66.34
C GLU A 172 5.07 -16.39 65.34
N LYS A 173 4.89 -16.91 64.14
CA LYS A 173 4.15 -16.14 63.14
C LYS A 173 2.71 -16.12 63.40
N VAL A 174 2.26 -16.66 64.53
CA VAL A 174 0.92 -16.35 64.99
C VAL A 174 0.81 -14.87 65.30
N TYR A 175 1.94 -14.21 65.53
CA TYR A 175 1.98 -12.76 65.49
C TYR A 175 1.89 -12.23 64.06
N GLU A 176 2.45 -12.97 63.10
CA GLU A 176 2.44 -12.53 61.71
C GLU A 176 1.08 -12.69 61.05
N LEU A 177 0.23 -13.58 61.57
CA LEU A 177 -1.03 -13.84 60.88
C LEU A 177 -1.92 -12.60 60.84
N LEU A 178 -1.98 -11.87 61.96
CA LEU A 178 -2.78 -10.66 62.04
C LEU A 178 -2.00 -9.41 61.65
N GLY A 179 -0.96 -9.56 60.83
CA GLY A 179 -0.18 -8.42 60.40
C GLY A 179 -0.48 -7.96 58.99
N LEU A 180 -0.80 -8.91 58.10
CA LEU A 180 -0.88 -8.59 56.68
C LEU A 180 -1.94 -7.54 56.39
N LEU A 181 -3.13 -7.71 56.96
CA LEU A 181 -4.22 -6.79 56.68
C LEU A 181 -3.89 -5.37 57.12
N GLY A 182 -3.03 -5.21 58.13
CA GLY A 182 -2.66 -3.87 58.56
C GLY A 182 -2.06 -3.06 57.42
N GLU A 183 -1.23 -3.70 56.60
CA GLU A 183 -0.79 -3.06 55.36
C GLU A 183 -1.90 -3.07 54.31
N VAL A 184 -2.63 -4.18 54.21
CA VAL A 184 -3.52 -4.42 53.07
C VAL A 184 -4.61 -3.35 53.02
N HIS A 185 -5.38 -3.22 54.10
CA HIS A 185 -6.49 -2.29 54.15
C HIS A 185 -6.86 -1.97 55.60
N PRO A 186 -6.27 -0.94 56.18
CA PRO A 186 -6.64 -0.54 57.55
C PRO A 186 -8.03 0.06 57.63
N SER A 187 -8.97 -0.67 58.23
CA SER A 187 -10.33 -0.16 58.42
C SER A 187 -10.93 -0.58 59.75
N GLU A 188 -10.22 -1.34 60.59
CA GLU A 188 -10.80 -1.88 61.81
C GLU A 188 -9.82 -1.87 62.98
N MET A 189 -8.64 -1.30 62.82
CA MET A 189 -7.62 -1.27 63.88
C MET A 189 -7.68 0.08 64.57
N ILE A 190 -8.34 0.13 65.72
CA ILE A 190 -8.52 1.38 66.45
C ILE A 190 -7.75 1.36 67.76
N ASN A 191 -7.96 0.34 68.58
CA ASN A 191 -7.28 0.24 69.86
C ASN A 191 -6.65 -1.13 70.05
N ASN A 192 -7.18 -2.15 69.36
CA ASN A 192 -6.57 -3.46 69.43
C ASN A 192 -5.16 -3.42 68.88
N ALA A 193 -4.99 -2.83 67.68
CA ALA A 193 -3.67 -2.75 67.08
C ALA A 193 -2.70 -1.93 67.93
N GLU A 194 -3.22 -1.13 68.86
CA GLU A 194 -2.37 -0.40 69.78
C GLU A 194 -2.00 -1.27 70.99
N ASN A 195 -3.00 -1.69 71.75
CA ASN A 195 -2.75 -2.36 73.03
C ASN A 195 -2.18 -3.76 72.83
N LEU A 196 -2.80 -4.58 71.98
CA LEU A 196 -2.31 -5.94 71.83
C LEU A 196 -0.97 -5.97 71.11
N PHE A 197 -0.69 -5.03 70.23
CA PHE A 197 0.61 -5.02 69.57
C PHE A 197 1.71 -4.40 70.43
N ARG A 198 1.38 -3.49 71.34
CA ARG A 198 2.39 -3.11 72.33
C ARG A 198 2.62 -4.23 73.33
N ALA A 199 1.60 -5.03 73.61
CA ALA A 199 1.81 -6.26 74.36
C ALA A 199 2.72 -7.22 73.60
N PHE A 200 2.54 -7.32 72.30
CA PHE A 200 3.45 -8.10 71.47
C PHE A 200 4.87 -7.56 71.54
N LEU A 201 5.02 -6.23 71.54
CA LEU A 201 6.34 -5.63 71.67
C LEU A 201 6.97 -6.00 73.00
N GLY A 202 6.17 -5.97 74.07
CA GLY A 202 6.63 -6.51 75.35
C GLY A 202 7.00 -7.98 75.27
N GLU A 203 6.29 -8.73 74.43
CA GLU A 203 6.65 -10.13 74.21
C GLU A 203 8.03 -10.25 73.59
N LEU A 204 8.30 -9.43 72.58
CA LEU A 204 9.64 -9.43 71.98
C LEU A 204 10.67 -9.02 73.00
N LYS A 205 10.31 -8.15 73.94
CA LYS A 205 11.17 -7.90 75.10
C LYS A 205 11.42 -9.19 75.86
N THR A 206 10.35 -9.93 76.15
CA THR A 206 10.48 -11.19 76.89
C THR A 206 11.33 -12.18 76.13
N GLN A 207 11.49 -11.99 74.83
CA GLN A 207 12.54 -12.74 74.15
C GLN A 207 13.88 -12.33 74.77
N MET A 208 14.47 -13.25 75.53
CA MET A 208 15.75 -13.02 76.18
C MET A 208 16.85 -12.69 75.17
N LEU A 217 14.79 -20.66 69.51
CA LEU A 217 14.38 -19.41 70.17
C LEU A 217 14.63 -18.18 69.28
N PRO A 218 15.81 -18.07 68.65
CA PRO A 218 15.98 -16.99 67.68
C PRO A 218 14.96 -17.02 66.57
N VAL A 219 14.64 -18.21 66.05
CA VAL A 219 13.62 -18.30 65.00
C VAL A 219 12.28 -17.79 65.51
N LEU A 220 12.04 -17.89 66.81
CA LEU A 220 10.86 -17.25 67.40
C LEU A 220 10.90 -15.75 67.19
N ALA A 221 12.06 -15.13 67.42
CA ALA A 221 12.20 -13.71 67.12
C ALA A 221 12.22 -13.44 65.62
N GLY A 222 12.37 -14.47 64.79
CA GLY A 222 12.46 -14.26 63.36
C GLY A 222 11.21 -13.65 62.75
N CYS A 223 10.04 -14.08 63.22
CA CYS A 223 8.78 -13.57 62.70
C CYS A 223 8.09 -12.61 63.66
N LEU A 224 8.82 -12.05 64.62
CA LEU A 224 8.25 -11.00 65.46
C LEU A 224 8.39 -9.64 64.79
N LYS A 225 9.62 -9.28 64.45
CA LYS A 225 9.91 -8.00 63.83
C LYS A 225 9.25 -7.85 62.47
N GLY A 226 9.00 -8.97 61.77
CA GLY A 226 8.19 -8.89 60.58
C GLY A 226 6.81 -8.34 60.85
N LEU A 227 6.17 -8.84 61.92
CA LEU A 227 4.90 -8.26 62.34
C LEU A 227 5.07 -6.82 62.80
N SER A 228 6.17 -6.53 63.48
CA SER A 228 6.39 -5.16 63.93
C SER A 228 6.35 -4.19 62.76
N SER A 229 7.13 -4.49 61.71
CA SER A 229 7.10 -3.67 60.51
C SER A 229 5.71 -3.67 59.88
N LEU A 230 5.11 -4.85 59.74
CA LEU A 230 3.88 -4.97 58.96
C LEU A 230 2.72 -4.29 59.67
N LEU A 231 2.81 -4.09 60.97
CA LEU A 231 1.94 -3.15 61.66
C LEU A 231 2.37 -1.71 61.45
N CYS A 232 3.68 -1.48 61.39
CA CYS A 232 4.19 -0.12 61.32
C CYS A 232 4.02 0.51 59.95
N ASN A 233 3.17 -0.08 59.08
CA ASN A 233 2.97 0.48 57.76
C ASN A 233 2.47 1.93 57.82
N PHE A 234 1.66 2.24 58.82
CA PHE A 234 1.13 3.59 58.99
C PHE A 234 2.11 4.42 59.82
N THR A 235 1.66 5.60 60.24
CA THR A 235 2.54 6.56 60.90
C THR A 235 2.56 6.34 62.42
N LYS A 236 3.77 6.17 62.96
CA LYS A 236 4.01 6.22 64.40
C LYS A 236 5.45 6.73 64.59
N SER A 237 5.57 8.04 64.72
CA SER A 237 6.88 8.69 64.72
C SER A 237 7.32 9.01 66.15
N MET A 238 8.43 9.74 66.27
CA MET A 238 9.15 9.85 67.54
C MET A 238 8.32 10.52 68.63
N GLU A 239 7.21 11.15 68.29
CA GLU A 239 6.42 11.88 69.26
C GLU A 239 5.85 10.98 70.35
N GLU A 240 5.85 9.67 70.13
CA GLU A 240 5.47 8.72 71.15
C GLU A 240 6.66 8.38 72.04
N ASP A 241 6.40 7.55 73.05
CA ASP A 241 7.48 7.07 73.91
C ASP A 241 8.26 5.90 73.31
N PRO A 242 7.64 4.87 72.73
CA PRO A 242 8.36 3.61 72.50
C PRO A 242 9.35 3.62 71.33
N GLN A 243 9.50 4.71 70.58
CA GLN A 243 10.38 4.66 69.41
C GLN A 243 11.83 4.45 69.81
N THR A 244 12.32 5.14 70.85
CA THR A 244 13.71 4.97 71.24
C THR A 244 13.99 3.55 71.68
N SER A 245 13.09 2.98 72.48
CA SER A 245 13.27 1.60 72.94
C SER A 245 13.21 0.62 71.78
N ARG A 246 12.28 0.83 70.84
CA ARG A 246 12.21 -0.05 69.67
C ARG A 246 13.50 0.02 68.88
N GLU A 247 14.05 1.23 68.70
CA GLU A 247 15.31 1.37 67.97
C GLU A 247 16.44 0.65 68.69
N ILE A 248 16.48 0.75 70.01
CA ILE A 248 17.51 0.05 70.78
C ILE A 248 17.40 -1.45 70.54
N PHE A 249 16.17 -1.96 70.62
CA PHE A 249 15.94 -3.39 70.37
C PHE A 249 16.32 -3.78 68.95
N ASN A 250 15.98 -2.94 67.97
CA ASN A 250 16.31 -3.23 66.58
C ASN A 250 17.81 -3.37 66.40
N PHE A 251 18.57 -2.38 66.87
CA PHE A 251 20.02 -2.42 66.70
C PHE A 251 20.61 -3.63 67.43
N VAL A 252 20.19 -3.87 68.67
CA VAL A 252 20.80 -4.95 69.44
C VAL A 252 20.46 -6.31 68.82
N LEU A 253 19.25 -6.47 68.29
CA LEU A 253 18.88 -7.74 67.68
C LEU A 253 19.62 -7.95 66.38
N LYS A 254 19.77 -6.89 65.59
CA LYS A 254 20.43 -7.02 64.30
C LYS A 254 21.90 -7.37 64.48
N ALA A 255 22.61 -6.59 65.30
CA ALA A 255 24.07 -6.75 65.45
C ALA A 255 24.42 -6.98 66.91
N ILE A 256 24.54 -8.26 67.31
CA ILE A 256 25.00 -8.61 68.64
C ILE A 256 26.22 -9.51 68.61
N ARG A 257 26.21 -10.54 67.75
CA ARG A 257 27.35 -11.43 67.56
C ARG A 257 27.26 -12.04 66.17
N PRO A 258 27.22 -11.21 65.11
CA PRO A 258 26.86 -11.75 63.79
C PRO A 258 28.06 -12.37 63.07
N GLN A 259 29.26 -11.96 63.45
CA GLN A 259 30.48 -12.38 62.77
C GLN A 259 31.04 -13.69 63.30
N ILE A 260 30.45 -14.26 64.35
CA ILE A 260 31.07 -15.39 65.04
C ILE A 260 30.45 -16.70 64.56
N ASP A 261 29.16 -16.88 64.83
CA ASP A 261 28.53 -18.16 64.55
C ASP A 261 28.36 -18.37 63.06
N LEU A 262 27.95 -17.32 62.34
CA LEU A 262 27.73 -17.37 60.89
C LEU A 262 26.73 -18.45 60.51
N LYS A 263 25.78 -18.71 61.40
CA LYS A 263 24.74 -19.71 61.17
C LYS A 263 23.35 -19.09 61.11
N ARG A 264 22.95 -18.34 62.14
CA ARG A 264 21.61 -17.76 62.20
C ARG A 264 21.55 -16.53 61.30
N TYR A 265 20.52 -16.46 60.46
CA TYR A 265 20.38 -15.36 59.50
C TYR A 265 18.93 -14.92 59.32
N ALA A 266 18.09 -15.12 60.34
CA ALA A 266 16.69 -14.75 60.23
C ALA A 266 16.38 -13.46 60.98
N VAL A 267 16.73 -13.41 62.27
CA VAL A 267 16.47 -12.21 63.07
C VAL A 267 17.21 -10.99 62.53
N PRO A 268 18.54 -11.03 62.34
CA PRO A 268 19.20 -9.85 61.76
C PRO A 268 18.67 -9.47 60.39
N SER A 269 18.36 -10.47 59.56
CA SER A 269 17.89 -10.18 58.21
C SER A 269 16.56 -9.45 58.22
N ALA A 270 15.60 -9.97 58.98
CA ALA A 270 14.29 -9.32 59.03
C ALA A 270 14.39 -7.98 59.74
N GLY A 271 15.29 -7.82 60.71
CA GLY A 271 15.45 -6.53 61.35
C GLY A 271 16.03 -5.51 60.41
N LEU A 272 16.98 -5.93 59.59
CA LEU A 272 17.53 -5.09 58.54
C LEU A 272 16.43 -4.67 57.57
N ARG A 273 15.57 -5.62 57.21
CA ARG A 273 14.46 -5.32 56.31
C ARG A 273 13.48 -4.33 56.93
N LEU A 274 13.23 -4.48 58.23
CA LEU A 274 12.48 -3.48 58.98
C LEU A 274 13.10 -2.11 58.84
N PHE A 275 14.40 -2.01 59.10
CA PHE A 275 15.06 -0.72 59.08
C PHE A 275 15.02 -0.12 57.68
N ALA A 276 15.07 -0.97 56.65
CA ALA A 276 14.97 -0.49 55.28
C ALA A 276 13.57 0.07 55.00
N LEU A 277 12.54 -0.72 55.28
CA LEU A 277 11.20 -0.35 54.81
C LEU A 277 10.60 0.75 55.68
N HIS A 278 11.03 0.86 56.93
CA HIS A 278 10.66 1.97 57.81
C HIS A 278 11.91 2.42 58.54
N ALA A 279 12.34 3.64 58.25
CA ALA A 279 13.38 4.30 59.01
C ALA A 279 13.05 5.76 59.31
N SER A 280 12.10 6.35 58.58
CA SER A 280 11.80 7.76 58.76
C SER A 280 11.20 8.02 60.14
N GLN A 281 10.53 7.02 60.72
CA GLN A 281 9.94 7.19 62.04
C GLN A 281 11.00 7.46 63.10
N PHE A 282 12.13 6.77 63.02
CA PHE A 282 13.19 6.84 64.04
C PHE A 282 14.04 8.07 63.78
N SER A 283 13.41 9.24 63.99
CA SER A 283 13.89 10.49 63.44
C SER A 283 15.06 11.11 64.18
N THR A 284 15.42 10.60 65.36
CA THR A 284 16.46 11.23 66.16
C THR A 284 17.46 10.25 66.75
N CYS A 285 17.09 8.99 66.96
CA CYS A 285 17.99 8.04 67.63
C CYS A 285 19.24 7.74 66.81
N LEU A 286 19.22 8.01 65.50
CA LEU A 286 20.43 7.82 64.70
C LEU A 286 21.50 8.83 65.11
N LEU A 287 21.07 10.03 65.51
CA LEU A 287 22.03 11.04 65.94
C LEU A 287 22.80 10.59 67.18
N ASP A 288 22.19 9.70 67.98
CA ASP A 288 22.85 9.21 69.18
C ASP A 288 24.12 8.43 68.82
N ASN A 289 23.96 7.26 68.19
CA ASN A 289 25.10 6.46 67.73
C ASN A 289 24.89 6.07 66.28
N TYR A 290 25.16 7.00 65.38
CA TYR A 290 25.20 6.67 63.96
C TYR A 290 26.44 5.92 63.53
N VAL A 291 27.58 6.12 64.19
CA VAL A 291 28.83 5.53 63.72
C VAL A 291 28.74 4.00 63.75
N SER A 292 28.25 3.44 64.84
CA SER A 292 28.25 2.00 64.99
C SER A 292 27.25 1.34 64.04
N LEU A 293 26.06 1.92 63.91
CA LEU A 293 25.09 1.39 62.98
C LEU A 293 25.59 1.50 61.55
N PHE A 294 26.29 2.59 61.22
CA PHE A 294 26.90 2.69 59.91
C PHE A 294 27.91 1.57 59.70
N GLU A 295 28.76 1.32 60.69
CA GLU A 295 29.80 0.33 60.51
C GLU A 295 29.22 -1.07 60.37
N VAL A 296 28.21 -1.39 61.16
CA VAL A 296 27.64 -2.74 61.06
C VAL A 296 26.85 -2.87 59.75
N LEU A 297 26.20 -1.80 59.31
CA LEU A 297 25.52 -1.85 58.02
C LEU A 297 26.51 -2.07 56.89
N LEU A 298 27.67 -1.42 56.96
CA LEU A 298 28.72 -1.66 55.98
C LEU A 298 29.25 -3.08 56.05
N LYS A 299 29.44 -3.61 57.25
CA LYS A 299 30.01 -4.95 57.36
C LYS A 299 29.04 -6.00 56.84
N TRP A 300 27.74 -5.74 56.97
CA TRP A 300 26.75 -6.63 56.38
C TRP A 300 26.61 -6.43 54.88
N CYS A 301 26.76 -5.19 54.40
CA CYS A 301 26.90 -4.96 52.98
C CYS A 301 28.14 -5.64 52.43
N ALA A 302 29.12 -5.93 53.29
CA ALA A 302 30.31 -6.67 52.93
C ALA A 302 30.26 -8.12 53.39
N HIS A 303 29.12 -8.57 53.92
CA HIS A 303 28.95 -9.93 54.42
C HIS A 303 28.53 -10.81 53.25
N THR A 304 29.40 -11.72 52.82
CA THR A 304 29.17 -12.49 51.61
C THR A 304 28.13 -13.56 51.91
N ASN A 305 26.87 -13.18 51.75
CA ASN A 305 25.77 -14.13 51.75
C ASN A 305 24.62 -13.51 50.96
N VAL A 306 23.64 -14.34 50.64
CA VAL A 306 22.45 -13.86 49.95
C VAL A 306 21.38 -13.53 50.98
N GLU A 307 20.43 -12.68 50.56
CA GLU A 307 19.27 -12.25 51.34
C GLU A 307 19.67 -11.24 52.41
N LEU A 308 20.95 -11.16 52.74
CA LEU A 308 21.40 -10.19 53.73
C LEU A 308 22.02 -8.96 53.10
N LYS A 309 22.70 -9.12 51.97
CA LYS A 309 23.26 -7.98 51.26
C LYS A 309 22.16 -7.01 50.85
N LYS A 310 21.04 -7.53 50.37
CA LYS A 310 19.95 -6.71 49.86
C LYS A 310 19.35 -5.85 50.96
N ALA A 311 19.02 -6.46 52.10
CA ALA A 311 18.51 -5.71 53.23
C ALA A 311 19.54 -4.73 53.74
N ALA A 312 20.82 -5.13 53.75
CA ALA A 312 21.86 -4.24 54.25
C ALA A 312 21.95 -2.99 53.39
N LEU A 313 22.04 -3.16 52.07
CA LEU A 313 22.18 -2.01 51.19
C LEU A 313 20.94 -1.13 51.22
N SER A 314 19.75 -1.74 51.25
CA SER A 314 18.55 -0.93 51.23
C SER A 314 18.36 -0.17 52.54
N ALA A 315 18.62 -0.83 53.67
CA ALA A 315 18.55 -0.14 54.95
C ALA A 315 19.55 0.99 55.01
N LEU A 316 20.77 0.76 54.50
CA LEU A 316 21.76 1.81 54.48
C LEU A 316 21.32 2.96 53.60
N GLU A 317 20.71 2.66 52.47
CA GLU A 317 20.22 3.71 51.57
C GLU A 317 19.19 4.58 52.28
N SER A 318 18.24 3.96 52.97
CA SER A 318 17.21 4.71 53.67
C SER A 318 17.80 5.51 54.82
N PHE A 319 18.70 4.91 55.58
CA PHE A 319 19.38 5.60 56.67
C PHE A 319 20.08 6.84 56.16
N LEU A 320 20.84 6.69 55.07
CA LEU A 320 21.60 7.80 54.54
C LEU A 320 20.68 8.89 54.01
N LYS A 321 19.62 8.50 53.30
CA LYS A 321 18.64 9.46 52.82
C LYS A 321 18.11 10.31 53.96
N GLN A 322 17.68 9.65 55.04
CA GLN A 322 17.06 10.36 56.16
C GLN A 322 18.04 11.26 56.88
N VAL A 323 19.24 10.76 57.16
CA VAL A 323 20.19 11.59 57.88
C VAL A 323 20.63 12.76 57.01
N SER A 324 20.70 12.55 55.69
CA SER A 324 20.98 13.66 54.79
C SER A 324 19.89 14.72 54.88
N ASN A 325 18.62 14.30 54.92
CA ASN A 325 17.56 15.28 55.08
C ASN A 325 17.71 16.04 56.40
N MET A 326 18.01 15.31 57.47
CA MET A 326 18.17 15.94 58.78
C MET A 326 19.30 16.96 58.76
N VAL A 327 20.41 16.61 58.12
CA VAL A 327 21.53 17.54 58.00
C VAL A 327 21.17 18.72 57.13
N ALA A 328 20.40 18.48 56.07
CA ALA A 328 20.00 19.57 55.18
C ALA A 328 19.09 20.56 55.87
N LYS A 329 18.34 20.11 56.87
CA LYS A 329 17.50 21.04 57.64
C LYS A 329 18.32 22.21 58.18
N ASN A 330 19.57 21.93 58.56
CA ASN A 330 20.39 22.91 59.23
C ASN A 330 21.84 22.43 59.23
N ALA A 331 22.76 23.30 58.82
CA ALA A 331 24.16 22.94 58.73
C ALA A 331 25.04 23.63 59.76
N GLU A 332 24.49 24.56 60.55
CA GLU A 332 25.29 25.20 61.60
C GLU A 332 25.71 24.17 62.65
N MET A 333 24.75 23.39 63.15
CA MET A 333 25.08 22.22 63.95
C MET A 333 25.20 21.04 62.99
N HIS A 334 25.21 19.82 63.53
CA HIS A 334 25.47 18.62 62.73
C HIS A 334 26.83 18.66 62.08
N LYS A 335 27.68 19.61 62.51
CA LYS A 335 29.01 19.73 61.94
C LYS A 335 29.77 18.42 62.09
N ASN A 336 29.71 17.82 63.27
CA ASN A 336 30.51 16.62 63.53
C ASN A 336 30.05 15.45 62.68
N LYS A 337 28.74 15.21 62.62
CA LYS A 337 28.23 14.09 61.84
C LYS A 337 28.48 14.29 60.34
N LEU A 338 28.26 15.52 59.85
CA LEU A 338 28.52 15.79 58.45
C LEU A 338 30.00 15.61 58.12
N GLN A 339 30.87 16.08 59.01
CA GLN A 339 32.30 15.82 58.84
C GLN A 339 32.56 14.33 58.71
N TYR A 340 32.18 13.58 59.73
CA TYR A 340 32.41 12.13 59.75
C TYR A 340 31.98 11.47 58.45
N PHE A 341 30.76 11.76 58.01
CA PHE A 341 30.30 11.24 56.72
C PHE A 341 31.25 11.64 55.59
N MET A 342 31.70 12.89 55.59
CA MET A 342 32.61 13.29 54.52
C MET A 342 33.91 12.50 54.55
N GLU A 343 34.58 12.39 55.70
CA GLU A 343 35.87 11.70 55.68
C GLU A 343 35.70 10.25 55.26
N GLN A 344 34.67 9.58 55.78
CA GLN A 344 34.55 8.16 55.45
C GLN A 344 34.11 7.93 54.01
N PHE A 345 33.27 8.82 53.46
CA PHE A 345 33.03 8.78 52.02
C PHE A 345 34.31 9.02 51.23
N TYR A 346 35.13 9.98 51.68
CA TYR A 346 36.38 10.28 50.99
C TYR A 346 37.27 9.06 50.96
N GLY A 347 37.37 8.36 52.10
CA GLY A 347 38.15 7.14 52.12
C GLY A 347 37.61 6.11 51.15
N ILE A 348 36.30 5.88 51.19
CA ILE A 348 35.71 4.85 50.34
C ILE A 348 35.98 5.14 48.89
N ILE A 349 35.80 6.39 48.46
CA ILE A 349 35.93 6.73 47.05
C ILE A 349 37.36 7.00 46.63
N ARG A 350 38.28 7.18 47.57
CA ARG A 350 39.67 7.50 47.27
C ARG A 350 40.56 6.27 47.23
N ASN A 351 40.52 5.43 48.26
CA ASN A 351 41.39 4.27 48.22
C ASN A 351 40.93 3.31 47.13
N VAL A 352 41.89 2.75 46.40
CA VAL A 352 41.54 1.95 45.23
C VAL A 352 41.12 0.58 45.75
N ASP A 353 39.84 0.44 46.05
CA ASP A 353 39.38 -0.71 46.80
C ASP A 353 39.41 -1.96 45.93
N SER A 354 39.17 -3.10 46.57
CA SER A 354 38.98 -4.38 45.89
C SER A 354 37.50 -4.71 45.74
N ASN A 355 36.66 -3.70 45.54
CA ASN A 355 35.22 -3.91 45.61
C ASN A 355 34.51 -2.93 44.70
N ASN A 356 33.28 -3.30 44.35
CA ASN A 356 32.35 -2.48 43.58
C ASN A 356 31.12 -2.08 44.39
N LYS A 357 30.64 -2.96 45.26
CA LYS A 357 29.44 -2.66 46.03
C LYS A 357 29.65 -1.47 46.94
N GLU A 358 30.81 -1.36 47.57
CA GLU A 358 31.05 -0.25 48.48
C GLU A 358 31.29 1.06 47.75
N LEU A 359 31.44 1.03 46.43
CA LEU A 359 31.57 2.28 45.69
C LEU A 359 30.25 3.00 45.58
N SER A 360 29.17 2.26 45.32
CA SER A 360 27.87 2.87 45.15
C SER A 360 27.40 3.55 46.44
N ILE A 361 27.80 3.01 47.59
CA ILE A 361 27.47 3.67 48.85
C ILE A 361 28.03 5.07 48.86
N ALA A 362 29.32 5.22 48.56
CA ALA A 362 29.91 6.55 48.64
C ALA A 362 29.42 7.43 47.52
N ILE A 363 29.11 6.85 46.35
CA ILE A 363 28.58 7.63 45.25
C ILE A 363 27.25 8.26 45.66
N ARG A 364 26.33 7.44 46.19
CA ARG A 364 25.08 7.98 46.68
C ARG A 364 25.30 8.92 47.85
N GLY A 365 26.32 8.67 48.68
CA GLY A 365 26.56 9.56 49.80
C GLY A 365 26.98 10.94 49.36
N TYR A 366 27.88 11.01 48.39
CA TYR A 366 28.18 12.27 47.75
C TYR A 366 26.93 12.91 47.19
N GLY A 367 26.11 12.14 46.48
CA GLY A 367 24.88 12.71 45.94
C GLY A 367 23.99 13.30 47.01
N LEU A 368 23.86 12.62 48.14
CA LEU A 368 22.99 13.11 49.21
C LEU A 368 23.55 14.37 49.85
N PHE A 369 24.83 14.38 50.19
CA PHE A 369 25.41 15.50 50.91
C PHE A 369 26.08 16.47 49.94
N ALA A 370 25.31 16.95 48.97
CA ALA A 370 25.86 17.89 48.01
C ALA A 370 25.80 19.31 48.54
N GLY A 371 24.59 19.79 48.81
CA GLY A 371 24.39 21.12 49.34
C GLY A 371 24.92 21.37 50.75
N PRO A 372 24.61 20.47 51.69
CA PRO A 372 25.00 20.73 53.07
C PRO A 372 26.49 20.97 53.26
N CYS A 373 27.35 20.22 52.59
CA CYS A 373 28.77 20.50 52.70
C CYS A 373 29.10 21.85 52.08
N LYS A 374 28.37 22.21 51.03
CA LYS A 374 28.58 23.52 50.41
C LYS A 374 28.33 24.64 51.40
N VAL A 375 27.25 24.54 52.18
CA VAL A 375 26.93 25.62 53.10
C VAL A 375 27.71 25.53 54.41
N ILE A 376 28.17 24.34 54.79
CA ILE A 376 28.93 24.20 56.04
C ILE A 376 30.42 24.39 55.83
N ASN A 377 30.90 24.38 54.59
CA ASN A 377 32.33 24.22 54.37
C ASN A 377 32.82 25.17 53.28
N ALA A 378 34.05 24.96 52.85
CA ALA A 378 34.65 25.71 51.76
C ALA A 378 34.17 25.17 50.42
N LYS A 379 34.89 25.50 49.35
CA LYS A 379 34.58 24.95 48.05
C LYS A 379 35.05 23.50 47.95
N ASP A 380 34.59 22.66 48.88
CA ASP A 380 34.85 21.23 48.81
C ASP A 380 33.95 20.54 47.79
N VAL A 381 32.83 21.14 47.44
CA VAL A 381 31.93 20.55 46.46
C VAL A 381 32.58 20.50 45.09
N ASP A 382 33.50 21.43 44.81
CA ASP A 382 34.26 21.34 43.57
C ASP A 382 35.06 20.06 43.52
N PHE A 383 35.72 19.73 44.63
CA PHE A 383 36.48 18.49 44.73
C PHE A 383 35.54 17.29 44.62
N MET A 384 34.36 17.41 45.21
CA MET A 384 33.39 16.32 45.16
C MET A 384 33.03 16.01 43.71
N TYR A 385 32.76 17.06 42.95
CA TYR A 385 32.46 16.88 41.53
C TYR A 385 33.65 16.27 40.79
N VAL A 386 34.85 16.77 41.07
CA VAL A 386 36.04 16.26 40.39
C VAL A 386 36.21 14.77 40.64
N GLU A 387 36.18 14.39 41.92
CA GLU A 387 36.36 12.99 42.29
C GLU A 387 35.32 12.12 41.61
N LEU A 388 34.06 12.50 41.73
CA LEU A 388 33.03 11.61 41.30
C LEU A 388 32.99 11.48 39.79
N ILE A 389 33.29 12.56 39.07
CA ILE A 389 33.30 12.46 37.61
C ILE A 389 34.52 11.68 37.12
N GLN A 390 35.66 11.77 37.80
CA GLN A 390 36.77 10.89 37.44
C GLN A 390 36.38 9.43 37.61
N ARG A 391 35.78 9.09 38.76
CA ARG A 391 35.36 7.72 38.98
C ARG A 391 34.39 7.25 37.91
N CYS A 392 33.43 8.10 37.54
CA CYS A 392 32.50 7.73 36.49
C CYS A 392 33.20 7.51 35.17
N LYS A 393 34.21 8.33 34.87
CA LYS A 393 34.93 8.15 33.61
C LYS A 393 35.67 6.83 33.59
N GLN A 394 36.31 6.47 34.70
CA GLN A 394 37.16 5.30 34.68
C GLN A 394 36.41 4.00 34.90
N MET A 395 35.09 4.05 35.09
CA MET A 395 34.33 2.81 35.18
C MET A 395 33.14 2.73 34.24
N PHE A 396 32.77 3.81 33.58
CA PHE A 396 31.77 3.73 32.52
C PHE A 396 32.38 3.98 31.16
N LEU A 397 33.11 5.07 30.99
CA LEU A 397 33.76 5.35 29.72
C LEU A 397 34.99 4.50 29.49
N THR A 398 35.69 4.11 30.56
CA THR A 398 36.93 3.36 30.45
C THR A 398 36.63 1.88 30.50
N GLN A 399 35.59 1.49 29.78
CA GLN A 399 35.14 0.11 29.78
C GLN A 399 35.86 -0.69 28.71
N THR A 400 36.09 -1.96 29.04
CA THR A 400 36.67 -2.92 28.12
C THR A 400 35.67 -4.00 27.73
N ASP A 401 35.15 -4.73 28.71
CA ASP A 401 34.30 -5.88 28.48
C ASP A 401 33.46 -6.08 29.75
N THR A 402 32.97 -7.31 29.94
CA THR A 402 32.21 -7.63 31.14
C THR A 402 33.05 -7.47 32.40
N GLY A 403 32.38 -7.60 33.53
CA GLY A 403 32.95 -7.41 34.85
C GLY A 403 31.93 -6.75 35.75
N ASP A 404 32.43 -5.91 36.65
CA ASP A 404 31.58 -5.15 37.56
C ASP A 404 31.62 -3.66 37.27
N ASP A 405 31.78 -3.29 36.00
CA ASP A 405 31.57 -1.93 35.51
C ASP A 405 30.18 -1.80 34.92
N ARG A 406 29.21 -2.47 35.54
CA ARG A 406 27.93 -2.75 34.92
C ARG A 406 27.18 -1.49 34.53
N VAL A 407 26.42 -1.61 33.44
CA VAL A 407 25.52 -0.56 33.00
C VAL A 407 24.53 -0.20 34.10
N TYR A 408 24.24 -1.14 35.00
CA TYR A 408 23.18 -0.92 35.97
C TYR A 408 23.55 0.06 37.06
N GLN A 409 24.84 0.26 37.34
CA GLN A 409 25.22 1.31 38.27
C GLN A 409 25.04 2.69 37.68
N MET A 410 24.94 2.76 36.36
CA MET A 410 25.03 4.05 35.68
C MET A 410 23.95 5.02 36.11
N PRO A 411 22.67 4.64 36.24
CA PRO A 411 21.67 5.64 36.64
C PRO A 411 21.91 6.21 38.01
N SER A 412 22.31 5.37 38.97
CA SER A 412 22.61 5.89 40.29
C SER A 412 23.79 6.84 40.25
N PHE A 413 24.83 6.49 39.50
CA PHE A 413 25.98 7.38 39.43
C PHE A 413 25.61 8.69 38.77
N LEU A 414 24.81 8.64 37.71
CA LEU A 414 24.43 9.85 36.99
C LEU A 414 23.57 10.76 37.85
N GLN A 415 22.63 10.19 38.59
CA GLN A 415 21.85 11.01 39.51
C GLN A 415 22.75 11.64 40.56
N SER A 416 23.72 10.88 41.07
CA SER A 416 24.58 11.43 42.11
C SER A 416 25.41 12.59 41.57
N VAL A 417 25.95 12.45 40.36
CA VAL A 417 26.75 13.53 39.82
C VAL A 417 25.88 14.74 39.56
N ALA A 418 24.65 14.54 39.10
CA ALA A 418 23.76 15.67 38.90
C ALA A 418 23.47 16.38 40.21
N SER A 419 23.25 15.63 41.28
CA SER A 419 22.99 16.27 42.56
C SER A 419 24.20 17.07 43.05
N VAL A 420 25.41 16.56 42.82
CA VAL A 420 26.57 17.39 43.14
C VAL A 420 26.64 18.59 42.23
N LEU A 421 26.19 18.45 40.99
CA LEU A 421 26.36 19.49 39.98
C LEU A 421 25.41 20.66 40.18
N LEU A 422 24.24 20.42 40.75
CA LEU A 422 23.31 21.51 41.03
C LEU A 422 23.99 22.60 41.84
N TYR A 423 24.87 22.23 42.75
CA TYR A 423 25.33 23.13 43.79
C TYR A 423 26.66 23.81 43.49
N LEU A 424 27.54 23.19 42.73
CA LEU A 424 28.81 23.86 42.45
C LEU A 424 28.54 25.10 41.63
N ASP A 425 29.33 26.14 41.89
CA ASP A 425 29.14 27.45 41.29
C ASP A 425 29.86 27.62 39.97
N THR A 426 31.10 27.16 39.85
CA THR A 426 31.83 27.22 38.59
C THR A 426 32.15 25.82 38.11
N VAL A 427 31.87 25.56 36.84
CA VAL A 427 31.99 24.21 36.30
C VAL A 427 33.40 24.03 35.74
N PRO A 428 34.12 22.98 36.11
CA PRO A 428 35.42 22.74 35.50
C PRO A 428 35.27 22.30 34.06
N GLU A 429 35.68 23.19 33.16
CA GLU A 429 35.42 23.05 31.73
C GLU A 429 36.15 21.88 31.10
N VAL A 430 37.19 21.34 31.73
CA VAL A 430 37.83 20.17 31.15
C VAL A 430 36.94 18.96 31.29
N TYR A 431 36.14 18.91 32.37
CA TYR A 431 35.32 17.75 32.68
C TYR A 431 33.93 17.81 32.04
N THR A 432 33.59 18.85 31.30
CA THR A 432 32.31 18.88 30.59
C THR A 432 32.17 17.77 29.56
N PRO A 433 33.12 17.55 28.64
CA PRO A 433 32.91 16.49 27.65
C PRO A 433 32.75 15.12 28.28
N VAL A 434 33.28 14.92 29.48
CA VAL A 434 33.05 13.67 30.17
C VAL A 434 31.59 13.53 30.53
N LEU A 435 30.99 14.56 31.12
CA LEU A 435 29.57 14.48 31.44
C LEU A 435 28.74 14.34 30.18
N GLU A 436 29.21 14.91 29.09
CA GLU A 436 28.54 14.79 27.81
C GLU A 436 28.47 13.34 27.40
N HIS A 437 29.61 12.66 27.49
CA HIS A 437 29.69 11.25 27.14
C HIS A 437 28.88 10.40 28.10
N LEU A 438 28.89 10.74 29.39
CA LEU A 438 28.07 10.03 30.35
C LEU A 438 26.61 10.09 30.00
N VAL A 439 26.08 11.30 29.74
CA VAL A 439 24.65 11.38 29.49
C VAL A 439 24.30 10.73 28.16
N VAL A 440 25.14 10.89 27.15
CA VAL A 440 24.82 10.25 25.88
C VAL A 440 24.83 8.74 26.05
N MET A 441 25.75 8.23 26.84
CA MET A 441 25.86 6.79 27.01
C MET A 441 24.73 6.24 27.85
N GLN A 442 24.26 7.03 28.81
CA GLN A 442 23.10 6.65 29.59
C GLN A 442 21.85 6.62 28.73
N ILE A 443 21.71 7.57 27.80
CA ILE A 443 20.66 7.49 26.80
C ILE A 443 20.81 6.21 26.00
N ASP A 444 22.02 5.92 25.58
CA ASP A 444 22.26 4.85 24.62
C ASP A 444 21.96 3.49 25.22
N SER A 445 22.36 3.28 26.46
CA SER A 445 22.14 2.00 27.13
C SER A 445 20.87 2.02 27.96
N PHE A 446 19.78 2.43 27.36
CA PHE A 446 18.45 2.51 27.93
C PHE A 446 17.67 1.21 27.76
N PRO A 447 17.71 0.55 26.61
CA PRO A 447 17.02 -0.73 26.48
C PRO A 447 17.54 -1.81 27.42
N GLN A 448 18.76 -1.68 27.93
CA GLN A 448 19.31 -2.68 28.82
C GLN A 448 18.76 -2.60 30.22
N TYR A 449 17.70 -1.86 30.48
CA TYR A 449 17.12 -1.80 31.80
C TYR A 449 15.77 -2.49 31.82
N SER A 450 15.41 -3.01 32.99
CA SER A 450 14.08 -3.54 33.15
C SER A 450 13.07 -2.40 33.20
N PRO A 451 11.84 -2.63 32.76
CA PRO A 451 10.85 -1.55 32.71
C PRO A 451 10.63 -0.86 34.05
N LYS A 452 11.15 -1.46 35.11
CA LYS A 452 11.19 -0.79 36.40
C LYS A 452 12.31 0.25 36.43
N MET A 453 13.47 -0.09 35.87
CA MET A 453 14.65 0.76 35.95
C MET A 453 14.73 1.78 34.83
N GLN A 454 13.96 1.60 33.76
CA GLN A 454 13.95 2.61 32.71
C GLN A 454 13.44 3.94 33.25
N LEU A 455 12.55 3.92 34.22
CA LEU A 455 12.12 5.15 34.87
C LEU A 455 13.26 5.81 35.64
N VAL A 456 14.11 5.01 36.29
CA VAL A 456 15.24 5.61 37.00
C VAL A 456 16.25 6.16 36.00
N CYS A 457 16.42 5.50 34.87
CA CYS A 457 17.25 6.06 33.81
C CYS A 457 16.75 7.43 33.41
N CYS A 458 15.45 7.53 33.11
CA CYS A 458 14.88 8.82 32.70
C CYS A 458 15.00 9.85 33.81
N ARG A 459 14.82 9.45 35.06
CA ARG A 459 14.94 10.40 36.16
C ARG A 459 16.37 10.93 36.26
N ALA A 460 17.35 10.06 36.01
CA ALA A 460 18.74 10.48 35.99
C ALA A 460 18.98 11.52 34.91
N ILE A 461 18.52 11.22 33.70
CA ILE A 461 18.73 12.11 32.56
C ILE A 461 18.07 13.46 32.80
N VAL A 462 16.84 13.45 33.31
CA VAL A 462 16.16 14.71 33.55
C VAL A 462 16.86 15.48 34.63
N LYS A 463 17.31 14.80 35.69
CA LYS A 463 18.00 15.49 36.77
C LYS A 463 19.21 16.22 36.25
N VAL A 464 20.00 15.56 35.39
CA VAL A 464 21.23 16.20 34.92
C VAL A 464 20.94 17.30 33.91
N PHE A 465 19.96 17.11 33.02
CA PHE A 465 19.59 18.20 32.12
C PHE A 465 19.13 19.41 32.90
N LEU A 466 18.34 19.16 33.94
CA LEU A 466 17.85 20.22 34.81
C LEU A 466 19.00 20.96 35.48
N ALA A 467 20.00 20.22 35.96
CA ALA A 467 21.14 20.86 36.59
C ALA A 467 21.99 21.61 35.58
N LEU A 468 22.03 21.13 34.32
CA LEU A 468 22.84 21.80 33.32
C LEU A 468 22.21 23.09 32.85
N ALA A 469 20.89 23.10 32.69
CA ALA A 469 20.18 24.29 32.25
C ALA A 469 20.02 25.25 33.42
N ALA A 470 21.16 25.67 33.97
CA ALA A 470 21.19 26.72 34.97
C ALA A 470 22.38 27.65 34.76
N LYS A 471 22.90 27.74 33.54
CA LYS A 471 24.01 28.61 33.19
C LYS A 471 23.85 29.04 31.74
N GLY A 472 24.67 29.99 31.31
CA GLY A 472 24.51 30.60 30.02
C GLY A 472 24.93 29.75 28.84
N PRO A 473 26.22 29.44 28.74
CA PRO A 473 26.69 28.62 27.61
C PRO A 473 26.68 27.12 27.90
N VAL A 474 26.73 26.75 29.18
CA VAL A 474 26.69 25.33 29.53
C VAL A 474 25.35 24.73 29.15
N LEU A 475 24.26 25.45 29.44
CA LEU A 475 22.93 25.03 28.99
C LEU A 475 22.98 24.53 27.56
N ARG A 476 23.29 25.41 26.62
CA ARG A 476 23.33 25.01 25.23
C ARG A 476 24.38 23.94 25.02
N ASN A 477 25.65 24.32 25.17
CA ASN A 477 26.76 23.48 24.77
C ASN A 477 26.63 22.07 25.30
N CYS A 478 25.80 21.87 26.32
CA CYS A 478 25.70 20.56 26.91
C CYS A 478 24.39 19.87 26.54
N ILE A 479 23.24 20.48 26.82
CA ILE A 479 21.98 19.79 26.57
C ILE A 479 21.77 19.57 25.08
N SER A 480 22.07 20.58 24.27
CA SER A 480 21.90 20.44 22.84
C SER A 480 22.86 19.40 22.28
N THR A 481 24.10 19.41 22.76
CA THR A 481 25.07 18.40 22.35
C THR A 481 24.65 17.02 22.75
N VAL A 482 24.14 16.86 23.97
CA VAL A 482 23.75 15.54 24.45
C VAL A 482 22.59 15.00 23.66
N VAL A 483 21.58 15.84 23.40
CA VAL A 483 20.44 15.37 22.64
C VAL A 483 20.85 15.01 21.23
N HIS A 484 21.62 15.87 20.57
CA HIS A 484 22.07 15.59 19.22
C HIS A 484 22.86 14.31 19.15
N GLN A 485 23.72 14.07 20.14
CA GLN A 485 24.55 12.88 20.14
C GLN A 485 23.76 11.63 20.48
N GLY A 486 22.88 11.71 21.48
CA GLY A 486 22.04 10.58 21.78
C GLY A 486 21.17 10.20 20.61
N LEU A 487 20.74 11.20 19.85
CA LEU A 487 19.88 10.94 18.70
C LEU A 487 20.67 10.33 17.56
N ILE A 488 21.90 10.78 17.33
CA ILE A 488 22.80 10.09 16.42
C ILE A 488 22.92 8.62 16.79
N ARG A 489 23.15 8.35 18.07
CA ARG A 489 23.31 6.97 18.50
C ARG A 489 22.08 6.15 18.18
N ILE A 490 20.90 6.63 18.59
CA ILE A 490 19.71 5.78 18.52
C ILE A 490 19.10 5.81 17.13
N CYS A 491 19.70 6.57 16.22
CA CYS A 491 19.43 6.45 14.80
C CYS A 491 20.41 5.53 14.10
N SER A 492 21.59 5.34 14.68
CA SER A 492 22.55 4.40 14.13
C SER A 492 22.25 2.94 14.49
N LYS A 493 21.34 2.68 15.42
CA LYS A 493 20.98 1.32 15.77
C LYS A 493 20.38 0.61 14.56
N PRO A 494 20.72 -0.65 14.32
CA PRO A 494 20.42 -1.26 13.02
C PRO A 494 18.93 -1.26 12.72
N VAL A 495 18.61 -1.04 11.46
CA VAL A 495 17.21 -0.96 11.03
C VAL A 495 16.65 -2.37 10.91
N VAL A 496 15.38 -2.52 11.26
CA VAL A 496 14.69 -3.79 11.13
C VAL A 496 13.86 -3.79 9.86
N LEU A 497 13.98 -4.88 9.10
CA LEU A 497 13.13 -5.11 7.92
C LEU A 497 12.62 -6.53 7.99
N PRO A 498 11.33 -6.75 8.27
CA PRO A 498 10.74 -8.09 8.39
C PRO A 498 10.88 -8.92 7.12
N TRP A 519 23.40 -6.87 26.99
CA TRP A 519 24.11 -6.84 25.71
C TRP A 519 23.17 -7.17 24.58
N LYS A 520 21.87 -7.04 24.82
CA LYS A 520 20.88 -7.33 23.79
C LYS A 520 20.79 -6.20 22.78
N VAL A 521 20.77 -6.57 21.50
CA VAL A 521 20.87 -5.61 20.41
C VAL A 521 19.57 -4.82 20.28
N PRO A 522 19.62 -3.51 20.35
CA PRO A 522 18.40 -2.72 20.32
C PRO A 522 18.04 -2.19 18.94
N THR A 523 16.93 -1.47 18.88
CA THR A 523 16.46 -0.83 17.67
C THR A 523 16.08 0.59 18.06
N TYR A 524 15.26 1.26 17.26
CA TYR A 524 14.80 2.56 17.72
C TYR A 524 13.50 2.48 18.50
N LYS A 525 12.77 1.37 18.42
CA LYS A 525 11.53 1.32 19.18
C LYS A 525 11.80 1.36 20.67
N ASP A 526 13.02 1.04 21.06
CA ASP A 526 13.35 0.88 22.46
C ASP A 526 13.65 2.19 23.17
N TYR A 527 13.83 3.28 22.42
CA TYR A 527 14.15 4.58 22.98
C TYR A 527 12.98 5.52 23.02
N VAL A 528 11.85 5.13 22.45
CA VAL A 528 10.75 6.05 22.30
C VAL A 528 10.16 6.42 23.64
N ASP A 529 10.03 5.45 24.55
CA ASP A 529 9.57 5.81 25.87
C ASP A 529 10.56 6.71 26.58
N LEU A 530 11.85 6.57 26.28
CA LEU A 530 12.82 7.47 26.87
C LEU A 530 12.56 8.90 26.45
N PHE A 531 12.50 9.15 25.15
CA PHE A 531 12.35 10.54 24.79
C PHE A 531 10.97 11.06 25.08
N ARG A 532 9.99 10.16 25.23
CA ARG A 532 8.66 10.59 25.63
C ARG A 532 8.62 11.02 27.09
N HIS A 533 9.33 10.32 27.95
CA HIS A 533 9.38 10.76 29.34
C HIS A 533 10.27 11.97 29.50
N LEU A 534 11.23 12.16 28.60
CA LEU A 534 11.97 13.40 28.61
C LEU A 534 11.07 14.57 28.22
N LEU A 535 10.39 14.44 27.10
CA LEU A 535 9.47 15.44 26.57
C LEU A 535 8.18 15.54 27.35
N SER A 536 8.13 14.94 28.54
CA SER A 536 7.03 15.07 29.46
C SER A 536 7.56 15.15 30.88
N SER A 537 8.64 15.89 31.08
CA SER A 537 9.28 15.92 32.39
C SER A 537 8.55 16.83 33.35
N ASP A 538 7.89 17.87 32.86
CA ASP A 538 7.14 18.74 33.76
C ASP A 538 5.87 18.02 34.16
N GLN A 539 6.06 16.90 34.83
CA GLN A 539 5.03 16.09 35.44
C GLN A 539 5.70 15.46 36.64
N MET A 540 5.22 14.29 37.06
CA MET A 540 5.77 13.55 38.18
C MET A 540 7.28 13.68 38.31
N MET A 541 8.01 13.69 37.20
CA MET A 541 9.47 13.75 37.30
C MET A 541 9.94 15.07 37.91
N ASP A 542 9.56 16.20 37.35
CA ASP A 542 9.95 17.47 37.98
C ASP A 542 9.25 17.70 39.31
N SER A 543 8.12 17.04 39.55
CA SER A 543 7.52 17.12 40.88
C SER A 543 8.42 16.45 41.91
N ILE A 544 8.86 15.22 41.62
CA ILE A 544 9.62 14.44 42.59
C ILE A 544 11.09 14.77 42.60
N LEU A 545 11.56 15.50 41.60
CA LEU A 545 12.92 16.00 41.63
C LEU A 545 13.05 17.28 42.43
N ALA A 546 12.02 17.58 43.24
CA ALA A 546 12.08 18.65 44.23
C ALA A 546 12.10 18.11 45.65
N ASP A 547 12.52 16.85 45.83
CA ASP A 547 12.45 16.22 47.14
C ASP A 547 13.32 16.95 48.15
N GLU A 548 14.53 17.34 47.75
CA GLU A 548 15.39 18.19 48.54
C GLU A 548 15.23 19.65 48.11
N ALA A 549 15.78 20.54 48.91
CA ALA A 549 15.65 21.98 48.66
C ALA A 549 16.72 22.42 47.67
N PHE A 550 16.46 22.15 46.38
CA PHE A 550 17.28 22.74 45.34
C PHE A 550 16.76 24.10 44.94
N PHE A 551 15.62 24.51 45.50
CA PHE A 551 15.02 25.80 45.18
C PHE A 551 15.83 26.88 45.89
N SER A 552 15.27 28.09 45.98
CA SER A 552 15.89 29.25 46.62
C SER A 552 17.10 29.76 45.85
N VAL A 553 17.54 29.04 44.83
CA VAL A 553 18.63 29.45 43.97
C VAL A 553 18.17 29.33 42.52
N ASN A 554 18.99 29.82 41.60
CA ASN A 554 18.64 29.80 40.19
C ASN A 554 18.47 28.37 39.74
N SER A 555 17.22 27.96 39.51
CA SER A 555 16.92 26.64 38.98
C SER A 555 15.83 26.83 37.94
N SER A 556 16.22 26.74 36.66
CA SER A 556 15.27 26.90 35.56
C SER A 556 14.53 25.58 35.35
N SER A 557 13.62 25.32 36.29
CA SER A 557 12.85 24.08 36.36
C SER A 557 11.40 24.28 35.93
N GLU A 558 11.16 25.11 34.92
CA GLU A 558 9.80 25.45 34.51
C GLU A 558 9.47 24.94 33.11
N SER A 559 10.29 25.30 32.12
CA SER A 559 10.02 25.01 30.72
C SER A 559 11.00 23.98 30.17
N LEU A 560 11.30 22.96 30.98
CA LEU A 560 12.20 21.92 30.50
C LEU A 560 11.57 21.11 29.39
N ASN A 561 10.26 20.86 29.47
CA ASN A 561 9.59 20.19 28.36
C ASN A 561 9.80 20.98 27.08
N HIS A 562 9.57 22.29 27.15
CA HIS A 562 9.71 23.11 25.96
C HIS A 562 11.15 23.12 25.45
N LEU A 563 12.11 23.21 26.37
CA LEU A 563 13.52 23.24 25.97
C LEU A 563 13.92 21.94 25.29
N LEU A 564 13.61 20.81 25.92
CA LEU A 564 13.97 19.52 25.36
C LEU A 564 13.27 19.30 24.03
N TYR A 565 12.03 19.78 23.90
CA TYR A 565 11.36 19.67 22.62
C TYR A 565 12.10 20.45 21.55
N ASP A 566 12.52 21.68 21.87
CA ASP A 566 13.23 22.46 20.88
C ASP A 566 14.55 21.82 20.50
N GLU A 567 15.28 21.29 21.48
CA GLU A 567 16.54 20.62 21.17
C GLU A 567 16.32 19.41 20.30
N PHE A 568 15.27 18.64 20.58
CA PHE A 568 14.97 17.51 19.73
C PHE A 568 14.73 17.95 18.31
N VAL A 569 13.98 19.03 18.12
CA VAL A 569 13.64 19.43 16.75
C VAL A 569 14.82 20.03 16.02
N LYS A 570 15.61 20.86 16.71
CA LYS A 570 16.82 21.38 16.10
C LYS A 570 17.77 20.27 15.70
N SER A 571 17.97 19.30 16.58
CA SER A 571 18.87 18.22 16.28
C SER A 571 18.36 17.35 15.16
N VAL A 572 17.04 17.19 15.06
CA VAL A 572 16.47 16.52 13.91
C VAL A 572 16.87 17.24 12.64
N LEU A 573 16.73 18.57 12.63
CA LEU A 573 17.05 19.33 11.42
C LEU A 573 18.53 19.30 11.11
N LYS A 574 19.37 19.28 12.14
CA LYS A 574 20.80 19.11 11.94
C LYS A 574 21.11 17.78 11.31
N ILE A 575 20.60 16.69 11.89
CA ILE A 575 20.85 15.37 11.35
C ILE A 575 20.38 15.30 9.91
N VAL A 576 19.21 15.88 9.63
CA VAL A 576 18.68 15.72 8.29
C VAL A 576 19.42 16.61 7.32
N GLU A 577 20.14 17.62 7.78
CA GLU A 577 20.80 18.50 6.84
C GLU A 577 22.27 18.16 6.60
N LYS A 578 22.81 17.13 7.23
CA LYS A 578 24.16 16.70 6.93
C LYS A 578 24.23 15.20 6.71
N LEU A 579 23.21 14.64 6.08
CA LEU A 579 23.20 13.25 5.68
C LEU A 579 23.36 13.17 4.18
N ASP A 580 24.16 12.21 3.72
CA ASP A 580 24.33 11.94 2.30
C ASP A 580 23.24 10.98 1.88
N LEU A 581 22.22 11.49 1.19
CA LEU A 581 21.12 10.66 0.75
C LEU A 581 20.99 10.60 -0.76
N THR A 582 22.03 10.95 -1.50
CA THR A 582 21.95 10.85 -2.94
C THR A 582 21.87 9.40 -3.36
N LEU A 583 21.02 9.12 -4.32
CA LEU A 583 20.90 7.79 -4.90
C LEU A 583 21.75 7.77 -6.14
N GLU A 584 22.71 6.84 -6.19
CA GLU A 584 23.58 6.72 -7.33
C GLU A 584 23.32 5.39 -8.01
N ILE A 585 23.39 5.39 -9.35
CA ILE A 585 23.09 4.21 -10.12
C ILE A 585 24.11 3.13 -9.84
N GLN A 586 23.68 1.87 -9.95
CA GLN A 586 24.60 0.75 -9.75
C GLN A 586 25.78 0.82 -10.71
N MET A 602 23.37 -2.16 -18.37
CA MET A 602 22.62 -0.92 -18.51
C MET A 602 21.55 -1.04 -19.59
N ILE A 603 20.34 -0.61 -19.23
CA ILE A 603 19.18 -0.64 -20.10
C ILE A 603 18.48 0.70 -19.95
N PRO A 604 17.97 1.30 -21.02
CA PRO A 604 17.21 2.54 -20.88
C PRO A 604 15.99 2.31 -20.01
N THR A 605 16.02 2.91 -18.81
CA THR A 605 14.90 2.81 -17.87
C THR A 605 14.08 4.09 -17.86
N SER A 606 12.77 3.97 -18.06
CA SER A 606 11.88 5.12 -18.07
C SER A 606 11.70 5.72 -16.68
N ASP A 607 11.20 4.91 -15.75
CA ASP A 607 10.97 5.35 -14.38
C ASP A 607 12.23 5.94 -13.75
N PRO A 608 12.07 7.05 -13.01
CA PRO A 608 13.22 7.68 -12.35
C PRO A 608 13.55 7.09 -11.00
N ALA A 609 13.41 5.80 -10.83
CA ALA A 609 13.87 5.16 -9.62
C ALA A 609 14.48 3.81 -9.90
N ALA A 610 14.61 3.42 -11.15
CA ALA A 610 15.21 2.16 -11.48
C ALA A 610 16.73 2.28 -11.41
N ASN A 611 17.36 1.19 -10.98
CA ASN A 611 18.80 1.09 -10.96
C ASN A 611 19.43 2.09 -10.00
N LEU A 612 18.69 2.58 -9.02
CA LEU A 612 19.23 3.58 -8.10
C LEU A 612 19.35 2.97 -6.71
N HIS A 613 20.51 3.15 -6.10
CA HIS A 613 20.75 2.66 -4.76
C HIS A 613 21.48 3.74 -3.99
N PRO A 614 21.35 3.74 -2.66
CA PRO A 614 21.93 4.84 -1.87
C PRO A 614 23.43 4.96 -2.04
N ALA A 615 23.91 6.19 -2.04
CA ALA A 615 25.35 6.41 -2.05
C ALA A 615 25.99 5.91 -0.76
N LYS A 616 25.45 6.33 0.37
CA LYS A 616 25.84 5.79 1.68
C LYS A 616 24.67 5.06 2.29
N PRO A 617 24.61 3.74 2.18
CA PRO A 617 23.48 3.00 2.76
C PRO A 617 23.39 3.14 4.26
N LYS A 618 24.50 3.38 4.93
CA LYS A 618 24.48 3.57 6.36
C LYS A 618 23.96 4.95 6.75
N ASP A 619 23.81 5.86 5.78
CA ASP A 619 23.10 7.12 5.98
C ASP A 619 21.64 7.01 5.59
N PHE A 620 21.35 6.22 4.57
CA PHE A 620 19.96 5.94 4.26
C PHE A 620 19.25 5.27 5.44
N SER A 621 19.89 4.27 6.04
CA SER A 621 19.28 3.61 7.17
C SER A 621 19.14 4.55 8.35
N ALA A 622 20.08 5.47 8.52
CA ALA A 622 19.95 6.45 9.59
C ALA A 622 18.74 7.34 9.38
N PHE A 623 18.52 7.79 8.15
CA PHE A 623 17.35 8.62 7.88
C PHE A 623 16.06 7.84 8.11
N ILE A 624 16.04 6.56 7.74
CA ILE A 624 14.85 5.76 8.00
C ILE A 624 14.58 5.67 9.49
N ASN A 625 15.62 5.43 10.28
CA ASN A 625 15.44 5.39 11.73
C ASN A 625 14.93 6.72 12.25
N LEU A 626 15.47 7.83 11.74
CA LEU A 626 15.08 9.15 12.20
C LEU A 626 13.63 9.43 11.89
N VAL A 627 13.18 9.03 10.70
CA VAL A 627 11.81 9.29 10.31
C VAL A 627 10.85 8.47 11.16
N GLU A 628 11.19 7.21 11.40
CA GLU A 628 10.32 6.41 12.24
C GLU A 628 10.33 6.88 13.67
N PHE A 629 11.43 7.49 14.11
CA PHE A 629 11.50 8.01 15.47
C PHE A 629 10.71 9.30 15.61
N CYS A 630 10.78 10.17 14.61
CA CYS A 630 10.04 11.41 14.63
C CYS A 630 8.55 11.16 14.51
N ARG A 631 8.15 10.17 13.71
CA ARG A 631 6.74 9.82 13.60
C ARG A 631 6.16 9.43 14.95
N GLU A 632 6.97 8.93 15.86
CA GLU A 632 6.47 8.58 17.18
C GLU A 632 6.62 9.71 18.18
N ILE A 633 7.65 10.53 18.06
CA ILE A 633 7.89 11.54 19.08
C ILE A 633 7.22 12.86 18.76
N LEU A 634 7.42 13.41 17.56
CA LEU A 634 6.83 14.71 17.26
C LEU A 634 5.31 14.75 17.38
N PRO A 635 4.54 13.88 16.72
CA PRO A 635 3.12 14.16 16.55
C PRO A 635 2.35 14.06 17.84
N GLU A 636 2.48 12.92 18.50
CA GLU A 636 1.70 12.71 19.71
C GLU A 636 2.07 13.71 20.78
N LYS A 637 3.31 14.18 20.80
CA LYS A 637 3.67 15.15 21.81
C LYS A 637 2.93 16.44 21.55
N GLN A 638 2.73 17.21 22.60
CA GLN A 638 1.78 18.31 22.57
C GLN A 638 2.16 19.28 21.46
N ALA A 639 1.28 19.38 20.45
CA ALA A 639 1.64 20.08 19.23
C ALA A 639 1.77 21.58 19.39
N GLU A 640 1.34 22.13 20.53
CA GLU A 640 1.52 23.56 20.72
C GLU A 640 2.98 23.93 20.86
N PHE A 641 3.85 22.97 21.18
CA PHE A 641 5.28 23.20 21.09
C PHE A 641 5.74 23.20 19.65
N PHE A 642 5.15 22.34 18.83
CA PHE A 642 5.48 22.34 17.42
C PHE A 642 5.03 23.60 16.73
N GLU A 643 4.09 24.32 17.32
CA GLU A 643 3.46 25.43 16.61
C GLU A 643 4.45 26.45 16.06
N PRO A 644 5.49 26.88 16.78
CA PRO A 644 6.47 27.78 16.15
C PRO A 644 7.44 27.09 15.23
N TRP A 645 7.39 25.77 15.13
CA TRP A 645 8.30 25.04 14.28
C TRP A 645 7.74 24.74 12.92
N VAL A 646 6.46 25.01 12.67
CA VAL A 646 5.85 24.51 11.46
C VAL A 646 6.52 25.11 10.24
N TYR A 647 6.71 26.42 10.23
CA TYR A 647 7.22 27.03 9.01
C TYR A 647 8.66 26.63 8.76
N SER A 648 9.52 26.73 9.77
CA SER A 648 10.92 26.37 9.60
C SER A 648 11.06 24.92 9.20
N PHE A 649 10.40 24.03 9.93
CA PHE A 649 10.53 22.59 9.72
C PHE A 649 10.03 22.20 8.34
N SER A 650 8.82 22.60 8.00
CA SER A 650 8.30 22.36 6.67
C SER A 650 9.19 22.97 5.63
N TYR A 651 9.77 24.14 5.90
CA TYR A 651 10.56 24.81 4.88
C TYR A 651 11.82 24.05 4.55
N GLU A 652 12.56 23.64 5.58
CA GLU A 652 13.76 22.84 5.31
C GLU A 652 13.42 21.50 4.70
N LEU A 653 12.34 20.85 5.15
CA LEU A 653 11.96 19.57 4.57
C LEU A 653 11.55 19.72 3.11
N ILE A 654 10.86 20.80 2.78
CA ILE A 654 10.45 21.01 1.40
C ILE A 654 11.65 21.35 0.55
N LEU A 655 12.59 22.10 1.09
CA LEU A 655 13.83 22.37 0.37
C LEU A 655 14.55 21.08 0.05
N GLN A 656 14.75 20.24 1.06
CA GLN A 656 15.44 18.97 0.88
C GLN A 656 14.69 18.06 -0.06
N SER A 657 13.38 17.97 0.11
CA SER A 657 12.57 17.07 -0.70
C SER A 657 12.55 17.50 -2.15
N THR A 658 12.47 18.79 -2.42
CA THR A 658 12.56 19.27 -3.79
C THR A 658 13.91 18.89 -4.41
N ARG A 659 14.97 19.00 -3.63
CA ARG A 659 16.28 18.63 -4.17
C ARG A 659 16.43 17.13 -4.34
N LEU A 660 15.81 16.33 -3.46
CA LEU A 660 15.91 14.87 -3.41
C LEU A 660 14.51 14.27 -3.52
N PRO A 661 13.96 14.19 -4.73
CA PRO A 661 12.54 13.89 -4.86
C PRO A 661 12.18 12.44 -4.63
N LEU A 662 13.14 11.54 -4.70
CA LEU A 662 12.86 10.11 -4.62
C LEU A 662 13.07 9.53 -3.23
N ILE A 663 13.51 10.33 -2.27
CA ILE A 663 13.64 9.88 -0.88
C ILE A 663 12.27 10.03 -0.25
N SER A 664 11.66 8.91 0.10
CA SER A 664 10.30 8.93 0.63
C SER A 664 10.25 9.38 2.07
N GLY A 665 11.38 9.50 2.74
CA GLY A 665 11.36 9.92 4.12
C GLY A 665 10.99 11.37 4.30
N PHE A 666 11.26 12.20 3.30
CA PHE A 666 10.89 13.60 3.39
C PHE A 666 9.39 13.77 3.31
N TYR A 667 8.73 12.98 2.46
CA TYR A 667 7.28 12.97 2.42
C TYR A 667 6.70 12.37 3.70
N LYS A 668 7.23 11.26 4.17
CA LYS A 668 6.76 10.69 5.43
C LYS A 668 6.99 11.63 6.60
N LEU A 669 7.98 12.51 6.45
CA LEU A 669 8.34 13.44 7.51
C LEU A 669 7.61 14.76 7.35
N LEU A 670 7.22 15.05 6.10
CA LEU A 670 6.48 16.27 5.80
C LEU A 670 5.00 16.05 6.09
N SER A 671 4.60 14.78 6.14
CA SER A 671 3.22 14.41 6.42
C SER A 671 2.88 14.52 7.90
N ILE A 672 3.87 14.36 8.78
CA ILE A 672 3.56 14.46 10.20
C ILE A 672 3.56 15.92 10.62
N THR A 673 4.34 16.75 9.93
CA THR A 673 4.24 18.18 10.11
C THR A 673 2.85 18.67 9.78
N VAL A 674 2.34 18.32 8.61
CA VAL A 674 1.03 18.83 8.21
C VAL A 674 -0.06 18.31 9.14
N ARG A 675 0.04 17.06 9.54
CA ARG A 675 -0.97 16.48 10.41
C ARG A 675 -1.02 17.19 11.74
N ASN A 676 0.11 17.39 12.39
CA ASN A 676 0.04 18.03 13.68
C ASN A 676 0.14 19.54 13.58
N ALA A 677 0.16 20.09 12.38
CA ALA A 677 -0.23 21.48 12.20
C ALA A 677 -1.74 21.61 12.14
N LYS A 678 -2.40 20.74 11.42
CA LYS A 678 -3.85 20.69 11.41
C LYS A 678 -4.43 20.42 12.79
N LYS A 679 -3.70 19.71 13.64
CA LYS A 679 -4.15 19.62 15.04
C LYS A 679 -4.25 20.99 15.69
N ILE A 680 -3.32 21.89 15.38
CA ILE A 680 -3.25 23.19 16.04
C ILE A 680 -4.28 24.16 15.48
N LYS A 681 -4.97 23.79 14.40
CA LYS A 681 -5.71 24.74 13.59
C LYS A 681 -4.77 25.80 13.04
N TYR A 682 -3.55 25.39 12.72
CA TYR A 682 -2.56 26.35 12.24
C TYR A 682 -3.00 27.01 10.95
N PHE A 683 -3.94 26.42 10.22
CA PHE A 683 -4.32 26.91 8.91
C PHE A 683 -5.73 27.49 8.84
N GLU A 684 -6.42 27.64 9.96
CA GLU A 684 -7.81 28.07 9.90
C GLU A 684 -7.89 29.56 9.66
N GLY A 685 -8.61 29.94 8.61
CA GLY A 685 -8.72 31.33 8.24
C GLY A 685 -7.43 31.95 7.79
N VAL A 686 -6.67 31.27 6.95
CA VAL A 686 -5.39 31.80 6.50
C VAL A 686 -5.34 31.75 4.98
N SER A 687 -6.35 31.12 4.36
CA SER A 687 -6.38 31.06 2.91
C SER A 687 -6.41 32.43 2.24
N PRO A 688 -7.22 33.42 2.68
CA PRO A 688 -7.22 34.70 1.98
C PRO A 688 -5.91 35.47 2.11
N ASP A 697 -0.37 37.44 10.49
CA ASP A 697 1.08 37.37 10.41
C ASP A 697 1.51 36.74 9.09
N PRO A 698 2.57 37.28 8.49
CA PRO A 698 3.02 36.75 7.20
C PRO A 698 3.66 35.38 7.30
N GLU A 699 3.91 34.88 8.50
CA GLU A 699 4.46 33.53 8.62
C GLU A 699 3.46 32.49 8.16
N LYS A 700 2.24 32.54 8.68
CA LYS A 700 1.24 31.56 8.28
C LYS A 700 0.97 31.65 6.79
N TYR A 701 0.97 32.85 6.24
CA TYR A 701 0.71 32.99 4.81
C TYR A 701 1.86 32.46 3.99
N SER A 702 3.09 32.67 4.44
CA SER A 702 4.22 32.10 3.72
C SER A 702 4.18 30.59 3.76
N CYS A 703 3.84 30.02 4.92
CA CYS A 703 3.75 28.56 5.05
C CYS A 703 2.62 28.00 4.20
N PHE A 704 1.47 28.67 4.21
CA PHE A 704 0.34 28.26 3.37
C PHE A 704 0.70 28.30 1.90
N ALA A 705 1.32 29.39 1.45
CA ALA A 705 1.72 29.48 0.05
C ALA A 705 2.73 28.41 -0.31
N LEU A 706 3.66 28.14 0.59
CA LEU A 706 4.67 27.11 0.33
C LEU A 706 4.04 25.75 0.18
N PHE A 707 3.07 25.44 1.03
CA PHE A 707 2.42 24.14 0.91
C PHE A 707 1.50 24.08 -0.30
N VAL A 708 0.87 25.18 -0.70
CA VAL A 708 0.09 25.16 -1.92
C VAL A 708 0.96 24.80 -3.11
N LYS A 709 2.08 25.51 -3.25
CA LYS A 709 2.96 25.28 -4.38
C LYS A 709 3.55 23.88 -4.34
N PHE A 710 4.00 23.44 -3.17
CA PHE A 710 4.63 22.14 -3.07
C PHE A 710 3.65 21.01 -3.28
N GLY A 711 2.43 21.13 -2.76
CA GLY A 711 1.44 20.11 -2.99
C GLY A 711 1.09 19.96 -4.46
N LYS A 712 0.93 21.09 -5.15
CA LYS A 712 0.67 21.01 -6.58
C LYS A 712 1.82 20.30 -7.30
N GLU A 713 3.06 20.66 -6.97
CA GLU A 713 4.21 20.03 -7.61
C GLU A 713 4.28 18.54 -7.31
N VAL A 714 4.03 18.14 -6.07
CA VAL A 714 4.12 16.74 -5.71
C VAL A 714 3.02 15.96 -6.39
N ALA A 715 1.83 16.55 -6.51
CA ALA A 715 0.73 15.85 -7.16
C ALA A 715 1.03 15.59 -8.61
N VAL A 716 1.71 16.52 -9.27
CA VAL A 716 2.13 16.28 -10.64
C VAL A 716 3.24 15.24 -10.70
N LYS A 717 4.21 15.32 -9.78
CA LYS A 717 5.36 14.44 -9.83
C LYS A 717 4.99 12.98 -9.58
N MET A 718 4.14 12.72 -8.60
CA MET A 718 4.02 11.35 -8.10
C MET A 718 3.41 10.41 -9.11
N LYS A 719 2.89 10.93 -10.23
CA LYS A 719 2.33 10.04 -11.24
C LYS A 719 3.33 9.04 -11.77
N GLN A 720 4.62 9.32 -11.63
CA GLN A 720 5.67 8.42 -12.06
C GLN A 720 6.20 7.54 -10.96
N TYR A 721 5.69 7.72 -9.74
CA TYR A 721 6.13 6.92 -8.60
C TYR A 721 5.11 5.84 -8.25
N LYS A 722 5.56 4.86 -7.47
CA LYS A 722 4.70 3.76 -7.04
C LYS A 722 5.31 3.05 -5.83
N ASP A 723 5.07 1.74 -5.74
CA ASP A 723 5.59 0.92 -4.66
C ASP A 723 5.32 1.52 -3.28
N GLU A 724 6.32 2.19 -2.72
CA GLU A 724 6.19 2.79 -1.40
C GLU A 724 6.47 4.28 -1.40
N LEU A 725 7.34 4.74 -2.27
CA LEU A 725 7.43 6.17 -2.53
C LEU A 725 6.07 6.75 -2.85
N LEU A 726 5.31 6.08 -3.69
CA LEU A 726 3.97 6.56 -4.03
C LEU A 726 3.06 6.56 -2.84
N ALA A 727 3.17 5.56 -1.98
CA ALA A 727 2.36 5.56 -0.77
C ALA A 727 2.68 6.78 0.08
N SER A 728 3.95 7.09 0.25
CA SER A 728 4.31 8.25 1.08
C SER A 728 3.86 9.55 0.45
N CYS A 729 4.02 9.68 -0.87
CA CYS A 729 3.54 10.87 -1.56
C CYS A 729 2.05 11.05 -1.38
N LEU A 730 1.28 9.98 -1.61
CA LEU A 730 -0.17 10.07 -1.50
C LEU A 730 -0.57 10.41 -0.08
N THR A 731 0.11 9.84 0.90
CA THR A 731 -0.27 10.07 2.29
C THR A 731 0.03 11.50 2.71
N PHE A 732 1.11 12.10 2.20
CA PHE A 732 1.30 13.52 2.41
C PHE A 732 0.19 14.30 1.76
N LEU A 733 -0.03 14.03 0.49
CA LEU A 733 -0.87 14.87 -0.33
C LEU A 733 -2.29 14.88 0.16
N LEU A 734 -2.77 13.76 0.67
CA LEU A 734 -4.13 13.64 1.15
C LEU A 734 -4.31 14.14 2.56
N SER A 735 -3.24 14.47 3.25
CA SER A 735 -3.37 15.05 4.58
C SER A 735 -3.40 16.57 4.54
N LEU A 736 -3.16 17.17 3.39
CA LEU A 736 -3.15 18.61 3.27
C LEU A 736 -4.49 19.17 3.67
N PRO A 737 -4.55 20.41 4.16
CA PRO A 737 -5.80 20.91 4.70
C PRO A 737 -6.84 21.15 3.62
N HIS A 738 -8.10 21.13 4.04
CA HIS A 738 -9.15 21.48 3.09
C HIS A 738 -9.03 22.93 2.64
N ASN A 739 -8.36 23.78 3.40
CA ASN A 739 -8.05 25.12 2.92
C ASN A 739 -7.26 25.09 1.63
N ILE A 740 -6.43 24.09 1.44
CA ILE A 740 -5.56 24.02 0.29
C ILE A 740 -6.16 23.17 -0.80
N ILE A 741 -6.96 22.17 -0.43
CA ILE A 741 -7.68 21.42 -1.44
C ILE A 741 -8.75 22.28 -2.08
N GLU A 742 -9.41 23.12 -1.28
CA GLU A 742 -10.56 23.88 -1.72
C GLU A 742 -10.25 24.72 -2.92
N LEU A 743 -8.99 25.07 -3.13
CA LEU A 743 -8.58 25.92 -4.23
C LEU A 743 -8.46 25.17 -5.54
N ASP A 744 -8.05 23.90 -5.51
CA ASP A 744 -7.89 23.16 -6.76
C ASP A 744 -8.27 21.69 -6.63
N VAL A 745 -9.44 21.42 -6.05
CA VAL A 745 -9.94 20.06 -5.89
C VAL A 745 -9.69 19.18 -7.11
N ARG A 746 -9.76 19.76 -8.30
CA ARG A 746 -9.54 18.97 -9.49
C ARG A 746 -8.14 18.39 -9.54
N ALA A 747 -7.20 18.99 -8.81
CA ALA A 747 -5.82 18.51 -8.81
C ALA A 747 -5.59 17.39 -7.83
N TYR A 748 -6.25 17.43 -6.69
CA TYR A 748 -6.09 16.40 -5.70
C TYR A 748 -7.13 15.30 -5.83
N VAL A 749 -8.00 15.36 -6.83
CA VAL A 749 -8.88 14.23 -7.09
C VAL A 749 -8.12 13.00 -7.57
N PRO A 750 -7.19 13.10 -8.53
CA PRO A 750 -6.43 11.91 -8.92
C PRO A 750 -5.63 11.26 -7.79
N ALA A 751 -5.14 12.03 -6.83
CA ALA A 751 -4.49 11.41 -5.68
C ALA A 751 -5.49 10.61 -4.86
N LEU A 752 -6.71 11.11 -4.71
CA LEU A 752 -7.74 10.37 -4.00
C LEU A 752 -8.09 9.10 -4.73
N GLN A 753 -8.27 9.19 -6.04
CA GLN A 753 -8.59 8.00 -6.81
C GLN A 753 -7.48 6.97 -6.69
N MET A 754 -6.23 7.42 -6.76
CA MET A 754 -5.11 6.50 -6.73
C MET A 754 -4.98 5.84 -5.37
N ALA A 755 -5.22 6.59 -4.28
CA ALA A 755 -5.19 5.99 -2.96
C ALA A 755 -6.28 4.96 -2.80
N PHE A 756 -7.49 5.25 -3.30
CA PHE A 756 -8.58 4.30 -3.18
C PHE A 756 -8.29 3.04 -3.98
N LYS A 757 -7.67 3.18 -5.14
CA LYS A 757 -7.28 2.03 -5.94
C LYS A 757 -6.22 1.19 -5.27
N LEU A 758 -5.20 1.83 -4.72
CA LEU A 758 -4.10 1.12 -4.09
C LEU A 758 -4.44 0.63 -2.70
N GLY A 759 -5.51 1.10 -2.10
CA GLY A 759 -5.78 0.66 -0.77
C GLY A 759 -6.52 -0.63 -0.68
N LEU A 760 -6.91 -1.20 -1.81
CA LEU A 760 -7.50 -2.53 -1.76
C LEU A 760 -6.49 -3.54 -1.26
N SER A 761 -5.27 -3.43 -1.74
CA SER A 761 -4.20 -4.35 -1.42
C SER A 761 -3.18 -3.75 -0.46
N TYR A 762 -3.34 -2.49 -0.07
CA TYR A 762 -2.50 -1.83 0.94
C TYR A 762 -3.43 -1.00 1.83
N THR A 763 -3.88 -1.61 2.92
CA THR A 763 -4.98 -1.03 3.69
C THR A 763 -4.73 0.38 4.24
N PRO A 764 -3.53 0.76 4.69
CA PRO A 764 -3.38 2.12 5.19
C PRO A 764 -3.65 3.18 4.15
N LEU A 765 -3.46 2.88 2.87
CA LEU A 765 -3.81 3.84 1.84
C LEU A 765 -5.32 3.98 1.71
N ALA A 766 -6.05 2.88 1.88
CA ALA A 766 -7.50 2.98 1.86
C ALA A 766 -8.00 3.79 3.05
N GLU A 767 -7.40 3.61 4.21
CA GLU A 767 -7.79 4.41 5.36
C GLU A 767 -7.46 5.89 5.16
N VAL A 768 -6.30 6.17 4.56
CA VAL A 768 -5.93 7.55 4.22
C VAL A 768 -6.92 8.17 3.24
N GLY A 769 -7.33 7.42 2.23
CA GLY A 769 -8.31 7.92 1.29
C GLY A 769 -9.66 8.21 1.93
N LEU A 770 -10.14 7.28 2.74
CA LEU A 770 -11.41 7.52 3.42
C LEU A 770 -11.36 8.74 4.30
N ASN A 771 -10.31 8.89 5.08
CA ASN A 771 -10.23 10.05 5.96
C ASN A 771 -10.21 11.34 5.16
N ALA A 772 -9.41 11.39 4.09
CA ALA A 772 -9.40 12.58 3.25
C ALA A 772 -10.79 12.91 2.74
N LEU A 773 -11.46 11.93 2.15
CA LEU A 773 -12.77 12.19 1.56
C LEU A 773 -13.77 12.63 2.61
N GLU A 774 -13.74 12.03 3.78
CA GLU A 774 -14.67 12.42 4.83
C GLU A 774 -14.51 13.88 5.19
N GLU A 775 -13.30 14.34 5.51
CA GLU A 775 -13.23 15.76 5.80
C GLU A 775 -13.34 16.68 4.59
N TRP A 776 -13.07 16.21 3.38
CA TRP A 776 -13.42 17.02 2.20
C TRP A 776 -14.90 17.29 2.17
N SER A 777 -15.71 16.24 1.99
CA SER A 777 -17.14 16.43 1.91
C SER A 777 -17.68 17.20 3.11
N ILE A 778 -17.13 16.99 4.29
CA ILE A 778 -17.65 17.70 5.46
C ILE A 778 -17.33 19.19 5.41
N TYR A 779 -16.14 19.58 4.99
CA TYR A 779 -15.73 20.97 5.13
C TYR A 779 -15.82 21.79 3.85
N ILE A 780 -15.36 21.25 2.73
CA ILE A 780 -15.51 21.96 1.48
C ILE A 780 -17.00 22.10 1.17
N ASP A 781 -17.39 23.15 0.48
CA ASP A 781 -18.81 23.35 0.30
C ASP A 781 -19.35 22.45 -0.79
N ARG A 782 -20.66 22.17 -0.70
CA ARG A 782 -21.29 21.17 -1.54
C ARG A 782 -21.19 21.51 -3.01
N HIS A 783 -21.18 22.79 -3.34
CA HIS A 783 -21.24 23.16 -4.75
C HIS A 783 -19.92 22.98 -5.45
N VAL A 784 -18.83 23.09 -4.71
CA VAL A 784 -17.52 22.84 -5.29
C VAL A 784 -17.17 21.37 -5.21
N MET A 785 -17.64 20.69 -4.18
CA MET A 785 -17.40 19.26 -4.11
C MET A 785 -18.23 18.49 -5.11
N GLN A 786 -19.35 19.05 -5.54
CA GLN A 786 -20.37 18.24 -6.20
C GLN A 786 -19.91 17.56 -7.47
N PRO A 787 -19.34 18.25 -8.47
CA PRO A 787 -19.04 17.55 -9.72
C PRO A 787 -17.92 16.54 -9.62
N TYR A 788 -17.35 16.32 -8.45
CA TYR A 788 -16.21 15.44 -8.31
C TYR A 788 -16.57 14.10 -7.71
N TYR A 789 -17.77 13.95 -7.16
CA TYR A 789 -18.18 12.67 -6.66
C TYR A 789 -18.31 11.65 -7.76
N LYS A 790 -18.65 12.07 -8.97
CA LYS A 790 -18.74 11.14 -10.07
C LYS A 790 -17.38 10.63 -10.52
N ASP A 791 -16.29 11.19 -10.01
CA ASP A 791 -14.96 10.63 -10.16
C ASP A 791 -14.49 9.91 -8.91
N ILE A 792 -14.85 10.43 -7.75
CA ILE A 792 -14.34 9.88 -6.50
C ILE A 792 -15.04 8.58 -6.15
N LEU A 793 -16.37 8.59 -6.12
CA LEU A 793 -17.12 7.51 -5.48
C LEU A 793 -17.08 6.19 -6.23
N PRO A 794 -17.00 6.15 -7.56
CA PRO A 794 -16.87 4.87 -8.24
C PRO A 794 -15.66 4.07 -7.83
N CYS A 795 -14.75 4.66 -7.05
CA CYS A 795 -13.54 3.99 -6.59
C CYS A 795 -13.72 3.34 -5.23
N LEU A 796 -14.80 3.63 -4.53
CA LEU A 796 -15.13 2.95 -3.30
C LEU A 796 -15.90 1.67 -3.55
N ASP A 797 -16.17 1.37 -4.81
CA ASP A 797 -17.03 0.25 -5.17
C ASP A 797 -16.34 -1.08 -4.92
N GLY A 798 -15.04 -1.15 -5.22
CA GLY A 798 -14.31 -2.38 -5.03
C GLY A 798 -14.16 -2.80 -3.60
N TYR A 799 -14.37 -1.88 -2.67
CA TYR A 799 -14.33 -2.25 -1.27
C TYR A 799 -15.55 -3.04 -0.84
N LEU A 800 -16.65 -2.92 -1.57
CA LEU A 800 -17.85 -3.69 -1.31
C LEU A 800 -17.98 -4.87 -2.25
N LYS A 801 -17.60 -4.72 -3.53
CA LYS A 801 -17.83 -5.80 -4.46
C LYS A 801 -16.87 -6.96 -4.24
N THR A 802 -15.60 -6.80 -4.62
CA THR A 802 -14.76 -7.97 -4.52
C THR A 802 -14.15 -8.10 -3.14
N SER A 803 -13.95 -6.96 -2.48
CA SER A 803 -13.28 -6.95 -1.19
C SER A 803 -14.18 -7.40 -0.06
N ALA A 804 -15.49 -7.55 -0.28
CA ALA A 804 -16.36 -8.08 0.75
C ALA A 804 -16.46 -9.60 0.70
N LEU A 805 -15.68 -10.24 -0.17
CA LEU A 805 -15.46 -11.68 -0.12
C LEU A 805 -14.66 -12.07 1.12
N SER A 847 -7.50 -5.51 8.49
CA SER A 847 -8.30 -4.37 8.91
C SER A 847 -9.36 -4.06 7.87
N LEU A 848 -9.24 -4.69 6.69
CA LEU A 848 -10.08 -4.33 5.56
C LEU A 848 -11.55 -4.53 5.84
N GLU A 849 -11.90 -5.31 6.86
CA GLU A 849 -13.29 -5.42 7.28
C GLU A 849 -13.81 -4.10 7.83
N GLU A 850 -13.01 -3.43 8.66
CA GLU A 850 -13.43 -2.13 9.18
C GLU A 850 -13.40 -1.08 8.09
N ILE A 851 -12.55 -1.26 7.09
CA ILE A 851 -12.58 -0.38 5.93
C ILE A 851 -13.89 -0.52 5.19
N ARG A 852 -14.36 -1.75 4.99
CA ARG A 852 -15.62 -1.94 4.28
C ARG A 852 -16.79 -1.35 5.06
N ILE A 853 -16.78 -1.49 6.37
CA ILE A 853 -17.85 -0.88 7.15
C ILE A 853 -17.79 0.63 7.05
N ARG A 854 -16.58 1.21 6.96
CA ARG A 854 -16.48 2.65 6.88
C ARG A 854 -16.88 3.19 5.52
N VAL A 855 -16.59 2.44 4.46
CA VAL A 855 -17.10 2.79 3.14
C VAL A 855 -18.63 2.82 3.14
N VAL A 856 -19.25 1.82 3.78
CA VAL A 856 -20.71 1.79 3.84
C VAL A 856 -21.24 2.99 4.63
N GLN A 857 -20.63 3.28 5.77
CA GLN A 857 -21.10 4.40 6.57
C GLN A 857 -20.89 5.72 5.87
N MET A 858 -19.83 5.84 5.08
CA MET A 858 -19.61 7.05 4.30
C MET A 858 -20.67 7.21 3.23
N LEU A 859 -20.97 6.14 2.50
CA LEU A 859 -21.99 6.22 1.45
C LEU A 859 -23.36 6.54 2.02
N GLY A 860 -23.63 6.14 3.25
CA GLY A 860 -24.89 6.53 3.86
C GLY A 860 -24.88 7.88 4.50
N SER A 861 -23.71 8.35 4.93
CA SER A 861 -23.60 9.67 5.54
C SER A 861 -23.67 10.76 4.48
N LEU A 862 -23.05 10.55 3.33
CA LEU A 862 -23.43 11.32 2.17
C LEU A 862 -24.88 11.05 1.91
N GLY A 863 -25.54 11.96 1.23
CA GLY A 863 -26.97 11.82 1.08
C GLY A 863 -27.33 10.60 0.26
N GLY A 864 -28.61 10.47 0.01
CA GLY A 864 -29.02 9.62 -1.07
C GLY A 864 -28.93 10.28 -2.41
N GLN A 865 -28.73 11.59 -2.46
CA GLN A 865 -28.58 12.31 -3.71
C GLN A 865 -27.13 12.57 -4.05
N ILE A 866 -26.21 11.97 -3.31
CA ILE A 866 -24.79 11.99 -3.64
C ILE A 866 -24.27 10.58 -3.88
N ASN A 867 -24.66 9.63 -3.05
CA ASN A 867 -24.08 8.30 -3.17
C ASN A 867 -24.59 7.52 -4.37
N LYS A 868 -25.51 8.08 -5.14
CA LYS A 868 -25.87 7.50 -6.43
C LYS A 868 -24.70 7.40 -7.36
N ASN A 869 -23.67 8.18 -7.10
CA ASN A 869 -22.50 8.25 -7.97
C ASN A 869 -21.63 7.02 -7.84
N LEU A 870 -21.82 6.23 -6.80
CA LEU A 870 -21.05 5.01 -6.62
C LEU A 870 -21.19 4.12 -7.82
N LEU A 871 -22.31 4.22 -8.52
CA LEU A 871 -22.67 3.31 -9.59
C LEU A 871 -22.41 3.89 -10.96
N THR A 872 -21.38 4.71 -11.09
CA THR A 872 -21.08 5.40 -12.33
C THR A 872 -20.08 4.60 -13.16
N VAL A 873 -20.14 3.28 -13.09
CA VAL A 873 -19.36 2.48 -14.01
C VAL A 873 -19.77 2.78 -15.44
N THR A 874 -20.99 3.25 -15.64
CA THR A 874 -21.44 3.62 -16.97
C THR A 874 -20.57 4.71 -17.59
N SER A 875 -19.85 5.49 -16.77
CA SER A 875 -18.88 6.43 -17.29
C SER A 875 -17.46 6.12 -16.86
N SER A 876 -17.26 5.13 -15.99
CA SER A 876 -15.90 4.67 -15.73
C SER A 876 -15.46 3.60 -16.74
N ASP A 877 -16.10 2.44 -16.71
CA ASP A 877 -15.67 1.27 -17.49
C ASP A 877 -16.59 1.05 -18.69
N GLU A 878 -16.56 2.00 -19.63
CA GLU A 878 -17.51 1.96 -20.73
C GLU A 878 -17.16 0.93 -21.79
N MET A 879 -15.87 0.58 -21.94
CA MET A 879 -15.48 -0.29 -23.05
C MET A 879 -16.02 -1.71 -22.87
N MET A 880 -16.06 -2.22 -21.64
CA MET A 880 -16.44 -3.61 -21.34
C MET A 880 -15.57 -4.59 -22.13
N LYS A 881 -14.28 -4.55 -21.80
CA LYS A 881 -13.37 -5.63 -22.15
C LYS A 881 -13.82 -6.95 -21.54
N SER A 882 -14.32 -6.90 -20.30
CA SER A 882 -14.58 -8.11 -19.53
C SER A 882 -15.87 -8.82 -19.89
N TYR A 883 -16.81 -8.15 -20.54
CA TYR A 883 -18.12 -8.74 -20.83
C TYR A 883 -18.42 -8.85 -22.30
N VAL A 884 -17.43 -8.77 -23.17
CA VAL A 884 -17.60 -9.03 -24.59
C VAL A 884 -16.85 -10.30 -24.93
N ALA A 885 -17.40 -11.09 -25.85
CA ALA A 885 -16.67 -12.19 -26.41
C ALA A 885 -15.38 -11.68 -27.04
N TRP A 886 -14.24 -12.13 -26.49
CA TRP A 886 -12.94 -11.71 -27.00
C TRP A 886 -12.91 -11.79 -28.52
N ASP A 887 -13.40 -12.89 -29.05
CA ASP A 887 -13.63 -13.05 -30.48
C ASP A 887 -15.04 -13.57 -30.68
N ARG A 888 -15.72 -13.10 -31.72
CA ARG A 888 -17.09 -13.50 -31.97
C ARG A 888 -17.18 -14.87 -32.60
N GLU A 889 -16.16 -15.71 -32.43
CA GLU A 889 -16.15 -17.04 -33.02
C GLU A 889 -15.24 -17.91 -32.18
N LYS A 890 -15.31 -19.22 -32.40
CA LYS A 890 -14.54 -20.19 -31.64
C LYS A 890 -13.49 -20.86 -32.51
N ARG A 891 -12.24 -20.80 -32.07
CA ARG A 891 -11.10 -21.29 -32.83
C ARG A 891 -10.33 -22.38 -32.12
N LEU A 892 -10.19 -22.31 -30.81
CA LEU A 892 -9.35 -23.25 -30.09
C LEU A 892 -10.13 -24.54 -29.78
N SER A 893 -10.40 -25.28 -30.86
CA SER A 893 -11.15 -26.53 -30.80
C SER A 893 -10.24 -27.65 -30.35
N PHE A 894 -10.32 -28.01 -29.08
CA PHE A 894 -9.52 -29.07 -28.47
C PHE A 894 -10.39 -30.30 -28.31
N ALA A 895 -9.86 -31.46 -28.66
CA ALA A 895 -10.63 -32.70 -28.61
C ALA A 895 -10.06 -33.55 -27.51
N VAL A 896 -10.73 -33.57 -26.36
CA VAL A 896 -10.22 -34.19 -25.14
C VAL A 896 -10.07 -35.68 -25.38
N PRO A 897 -8.89 -36.25 -25.22
CA PRO A 897 -8.70 -37.65 -25.58
C PRO A 897 -9.21 -38.57 -24.49
N PHE A 898 -10.37 -39.15 -24.72
CA PHE A 898 -10.86 -40.19 -23.83
C PHE A 898 -10.56 -41.56 -24.45
N ARG A 899 -11.16 -42.60 -23.89
CA ARG A 899 -10.93 -43.94 -24.43
C ARG A 899 -11.63 -44.15 -25.76
N GLU A 900 -12.89 -43.73 -25.87
CA GLU A 900 -13.71 -44.07 -27.02
C GLU A 900 -14.46 -42.91 -27.65
N MET A 901 -14.59 -41.79 -26.97
CA MET A 901 -15.15 -40.58 -27.54
C MET A 901 -14.17 -39.43 -27.37
N LYS A 902 -14.24 -38.48 -28.28
CA LYS A 902 -13.32 -37.34 -28.30
C LYS A 902 -14.14 -36.07 -28.36
N PRO A 903 -14.73 -35.66 -27.24
CA PRO A 903 -15.54 -34.46 -27.24
C PRO A 903 -14.71 -33.21 -27.47
N VAL A 904 -15.32 -32.22 -28.12
CA VAL A 904 -14.64 -30.96 -28.43
C VAL A 904 -14.90 -29.97 -27.32
N ILE A 905 -13.83 -29.38 -26.79
CA ILE A 905 -13.88 -28.29 -25.84
C ILE A 905 -13.22 -27.11 -26.53
N PHE A 906 -13.89 -25.97 -26.54
CA PHE A 906 -13.29 -24.76 -27.08
C PHE A 906 -12.60 -24.04 -25.93
N LEU A 907 -11.33 -23.73 -26.12
CA LEU A 907 -10.54 -23.09 -25.09
C LEU A 907 -10.64 -21.58 -25.09
N ASP A 908 -11.32 -20.99 -26.08
CA ASP A 908 -11.60 -19.57 -26.03
C ASP A 908 -12.32 -19.20 -24.75
N VAL A 909 -13.32 -19.97 -24.37
CA VAL A 909 -14.16 -19.64 -23.23
C VAL A 909 -13.36 -19.54 -21.94
N PHE A 910 -12.13 -20.06 -21.92
CA PHE A 910 -11.31 -20.00 -20.74
C PHE A 910 -10.37 -18.82 -20.72
N LEU A 911 -10.01 -18.27 -21.87
CA LEU A 911 -8.98 -17.24 -21.91
C LEU A 911 -9.35 -16.00 -21.12
N PRO A 912 -10.51 -15.38 -21.30
CA PRO A 912 -10.84 -14.23 -20.48
C PRO A 912 -10.67 -14.43 -18.98
N ARG A 913 -10.70 -15.67 -18.52
CA ARG A 913 -10.57 -15.91 -17.09
C ARG A 913 -9.17 -16.35 -16.70
N VAL A 914 -8.52 -17.17 -17.51
CA VAL A 914 -7.16 -17.59 -17.23
C VAL A 914 -6.22 -16.41 -17.31
N THR A 915 -6.40 -15.51 -18.27
CA THR A 915 -5.49 -14.38 -18.36
C THR A 915 -5.70 -13.40 -17.22
N GLU A 916 -6.95 -13.14 -16.87
CA GLU A 916 -7.19 -12.28 -15.73
C GLU A 916 -6.63 -12.89 -14.45
N LEU A 917 -6.79 -14.20 -14.31
CA LEU A 917 -6.34 -14.92 -13.13
C LEU A 917 -4.81 -14.96 -13.06
N ALA A 918 -4.15 -15.15 -14.19
CA ALA A 918 -2.70 -15.11 -14.26
C ALA A 918 -2.18 -13.72 -13.95
N LEU A 919 -2.75 -12.69 -14.57
CA LEU A 919 -2.24 -11.34 -14.38
C LEU A 919 -2.46 -10.86 -12.96
N THR A 920 -3.62 -11.15 -12.38
CA THR A 920 -4.03 -10.50 -11.14
C THR A 920 -4.46 -11.47 -10.06
N ALA A 921 -3.98 -12.69 -10.04
CA ALA A 921 -4.51 -13.63 -9.07
C ALA A 921 -3.63 -13.65 -7.83
N SER A 922 -4.26 -13.46 -6.67
CA SER A 922 -3.57 -13.70 -5.42
C SER A 922 -3.51 -15.20 -5.19
N ASP A 923 -3.21 -15.61 -3.99
CA ASP A 923 -3.08 -17.00 -3.55
C ASP A 923 -1.79 -17.63 -4.05
N ARG A 924 -1.03 -16.96 -4.92
CA ARG A 924 0.34 -17.34 -5.23
C ARG A 924 0.45 -18.74 -5.80
N GLN A 925 -0.66 -19.44 -5.86
CA GLN A 925 -0.71 -20.79 -6.37
C GLN A 925 -1.74 -20.93 -7.46
N THR A 926 -2.85 -20.21 -7.35
CA THR A 926 -3.71 -20.02 -8.50
C THR A 926 -3.00 -19.21 -9.54
N LYS A 927 -2.16 -18.27 -9.11
CA LYS A 927 -1.37 -17.50 -10.04
C LYS A 927 -0.43 -18.41 -10.81
N VAL A 928 0.22 -19.34 -10.11
CA VAL A 928 1.14 -20.25 -10.78
C VAL A 928 0.39 -21.17 -11.72
N ALA A 929 -0.74 -21.71 -11.26
CA ALA A 929 -1.50 -22.63 -12.09
C ALA A 929 -2.02 -21.95 -13.33
N ALA A 930 -2.50 -20.72 -13.19
CA ALA A 930 -3.04 -20.00 -14.33
C ALA A 930 -1.94 -19.53 -15.25
N CYS A 931 -0.77 -19.18 -14.71
CA CYS A 931 0.36 -18.83 -15.55
C CYS A 931 0.76 -20.01 -16.42
N GLU A 932 0.85 -21.19 -15.83
CA GLU A 932 1.27 -22.36 -16.60
C GLU A 932 0.17 -22.80 -17.56
N LEU A 933 -1.09 -22.69 -17.16
CA LEU A 933 -2.16 -23.02 -18.09
C LEU A 933 -2.19 -22.05 -19.27
N LEU A 934 -2.05 -20.76 -19.01
CA LEU A 934 -2.02 -19.79 -20.09
C LEU A 934 -0.86 -20.05 -21.03
N HIS A 935 0.30 -20.42 -20.47
CA HIS A 935 1.43 -20.75 -21.30
C HIS A 935 1.11 -21.92 -22.22
N SER A 936 0.49 -22.95 -21.67
CA SER A 936 0.10 -24.08 -22.50
C SER A 936 -0.87 -23.67 -23.60
N MET A 937 -1.89 -22.89 -23.27
CA MET A 937 -2.86 -22.48 -24.27
C MET A 937 -2.20 -21.63 -25.34
N VAL A 938 -1.15 -20.88 -24.98
CA VAL A 938 -0.45 -20.07 -25.97
C VAL A 938 0.26 -20.96 -26.96
N MET A 939 0.96 -21.98 -26.46
CA MET A 939 1.58 -22.93 -27.37
C MET A 939 0.54 -23.63 -28.23
N PHE A 940 -0.62 -23.90 -27.64
CA PHE A 940 -1.72 -24.51 -28.38
C PHE A 940 -2.18 -23.62 -29.52
N MET A 941 -2.32 -22.31 -29.26
CA MET A 941 -2.70 -21.36 -30.30
C MET A 941 -1.71 -21.37 -31.44
N LEU A 942 -0.43 -21.23 -31.11
CA LEU A 942 0.59 -21.21 -32.13
C LEU A 942 0.56 -22.48 -32.96
N GLY A 943 0.36 -23.63 -32.32
CA GLY A 943 0.28 -24.87 -33.07
C GLY A 943 -0.93 -24.94 -33.98
N LYS A 944 -2.10 -24.53 -33.48
CA LYS A 944 -3.31 -24.55 -34.27
C LYS A 944 -3.20 -23.66 -35.49
N ALA A 945 -2.44 -22.57 -35.39
CA ALA A 945 -2.31 -21.63 -36.50
C ALA A 945 -1.56 -22.20 -37.69
N THR A 946 -0.92 -23.35 -37.55
CA THR A 946 0.00 -23.89 -38.57
C THR A 946 -0.32 -25.34 -38.86
N GLN A 947 -1.59 -25.64 -39.14
CA GLN A 947 -2.01 -27.02 -39.30
C GLN A 947 -2.46 -27.37 -40.72
N MET A 948 -3.48 -26.70 -41.24
CA MET A 948 -4.06 -27.10 -42.53
C MET A 948 -3.81 -26.08 -43.62
N GLY A 954 -8.31 -23.86 -44.47
CA GLY A 954 -7.34 -22.94 -43.90
C GLY A 954 -7.30 -22.93 -42.38
N ALA A 955 -6.12 -22.65 -41.84
CA ALA A 955 -5.97 -22.54 -40.40
C ALA A 955 -6.81 -21.36 -39.89
N PRO A 956 -7.32 -21.42 -38.67
CA PRO A 956 -8.26 -20.40 -38.20
C PRO A 956 -7.62 -19.03 -38.24
N PRO A 957 -8.39 -17.99 -38.53
CA PRO A 957 -7.85 -16.63 -38.37
C PRO A 957 -7.87 -16.21 -36.92
N MET A 958 -6.73 -16.31 -36.26
CA MET A 958 -6.62 -15.98 -34.85
C MET A 958 -5.90 -14.66 -34.62
N TYR A 959 -5.92 -13.79 -35.62
CA TYR A 959 -5.49 -12.41 -35.44
C TYR A 959 -6.18 -11.79 -34.23
N GLN A 960 -7.47 -12.03 -34.09
CA GLN A 960 -8.20 -11.45 -32.98
C GLN A 960 -7.81 -12.06 -31.65
N LEU A 961 -7.37 -13.31 -31.63
CA LEU A 961 -6.90 -13.92 -30.40
C LEU A 961 -5.55 -13.37 -29.98
N TYR A 962 -4.65 -13.22 -30.95
CA TYR A 962 -3.36 -12.60 -30.67
C TYR A 962 -3.54 -11.18 -30.16
N LYS A 963 -4.39 -10.40 -30.83
CA LYS A 963 -4.55 -9.01 -30.46
C LYS A 963 -4.93 -8.84 -29.02
N ARG A 964 -5.54 -9.84 -28.42
CA ARG A 964 -5.92 -9.78 -27.03
C ARG A 964 -4.97 -10.50 -26.11
N THR A 965 -4.20 -11.44 -26.64
CA THR A 965 -3.32 -12.22 -25.79
C THR A 965 -1.96 -11.56 -25.64
N PHE A 966 -1.37 -11.11 -26.74
CA PHE A 966 -0.03 -10.55 -26.68
C PHE A 966 0.11 -9.43 -25.67
N PRO A 967 -0.83 -8.51 -25.50
CA PRO A 967 -0.80 -7.65 -24.33
C PRO A 967 -0.61 -8.40 -23.03
N VAL A 968 -1.18 -9.59 -22.89
CA VAL A 968 -1.13 -10.29 -21.62
C VAL A 968 0.23 -10.92 -21.40
N LEU A 969 0.79 -11.52 -22.44
CA LEU A 969 2.14 -12.05 -22.38
C LEU A 969 3.16 -10.95 -22.12
N LEU A 970 3.00 -9.80 -22.79
CA LEU A 970 3.93 -8.70 -22.56
C LEU A 970 3.79 -8.16 -21.15
N ARG A 971 2.59 -8.19 -20.59
CA ARG A 971 2.42 -7.74 -19.21
C ARG A 971 2.81 -8.78 -18.20
N LEU A 972 2.95 -10.03 -18.62
CA LEU A 972 3.37 -11.07 -17.70
C LEU A 972 4.86 -11.29 -17.74
N ALA A 973 5.49 -10.97 -18.88
CA ALA A 973 6.93 -11.04 -19.00
C ALA A 973 7.62 -10.12 -18.03
N CYS A 974 7.12 -8.90 -17.91
CA CYS A 974 7.66 -7.93 -16.96
C CYS A 974 6.98 -8.01 -15.62
N ASP A 975 6.46 -9.16 -15.26
CA ASP A 975 5.74 -9.29 -14.01
C ASP A 975 6.67 -9.16 -12.81
N VAL A 976 6.10 -8.71 -11.70
CA VAL A 976 6.86 -8.59 -10.47
C VAL A 976 7.21 -9.95 -9.90
N ASP A 977 6.38 -10.96 -10.15
CA ASP A 977 6.69 -12.32 -9.73
C ASP A 977 7.87 -12.86 -10.52
N GLN A 978 8.85 -13.39 -9.81
CA GLN A 978 10.04 -13.92 -10.47
C GLN A 978 9.72 -15.15 -11.32
N VAL A 979 8.83 -16.01 -10.84
CA VAL A 979 8.54 -17.23 -11.59
C VAL A 979 7.73 -16.92 -12.84
N THR A 980 6.75 -16.03 -12.72
CA THR A 980 6.02 -15.58 -13.90
C THR A 980 6.95 -14.93 -14.89
N ARG A 981 7.82 -14.05 -14.41
CA ARG A 981 8.76 -13.37 -15.28
C ARG A 981 9.66 -14.36 -16.00
N GLN A 982 10.22 -15.31 -15.26
CA GLN A 982 11.10 -16.31 -15.84
C GLN A 982 10.37 -17.20 -16.83
N LEU A 983 9.09 -17.46 -16.62
CA LEU A 983 8.37 -18.34 -17.52
C LEU A 983 7.99 -17.64 -18.81
N TYR A 984 7.61 -16.37 -18.73
CA TYR A 984 7.01 -15.72 -19.88
C TYR A 984 7.98 -14.86 -20.67
N GLU A 985 8.99 -14.29 -20.04
CA GLU A 985 9.97 -13.52 -20.81
C GLU A 985 10.65 -14.35 -21.89
N PRO A 986 11.16 -15.54 -21.64
CA PRO A 986 11.59 -16.39 -22.75
C PRO A 986 10.48 -16.71 -23.71
N LEU A 987 9.25 -16.82 -23.23
CA LEU A 987 8.15 -17.06 -24.14
C LEU A 987 8.01 -15.90 -25.11
N VAL A 988 8.10 -14.66 -24.62
CA VAL A 988 7.95 -13.53 -25.50
C VAL A 988 9.09 -13.48 -26.50
N MET A 989 10.30 -13.74 -26.04
CA MET A 989 11.42 -13.70 -26.98
C MET A 989 11.27 -14.74 -28.06
N GLN A 990 10.92 -15.97 -27.69
CA GLN A 990 10.71 -17.00 -28.71
C GLN A 990 9.61 -16.59 -29.67
N LEU A 991 8.55 -15.98 -29.16
CA LEU A 991 7.47 -15.56 -30.04
C LEU A 991 7.98 -14.55 -31.06
N ILE A 992 8.80 -13.62 -30.61
CA ILE A 992 9.36 -12.62 -31.51
C ILE A 992 10.19 -13.31 -32.58
N HIS A 993 11.01 -14.27 -32.16
CA HIS A 993 11.80 -15.07 -33.09
C HIS A 993 10.92 -15.68 -34.16
N TRP A 994 9.86 -16.37 -33.75
CA TRP A 994 9.08 -17.15 -34.69
C TRP A 994 8.25 -16.26 -35.59
N PHE A 995 7.87 -15.09 -35.13
CA PHE A 995 6.99 -14.26 -35.93
C PHE A 995 7.74 -13.41 -36.91
N THR A 996 8.82 -12.76 -36.47
CA THR A 996 9.67 -12.04 -37.40
C THR A 996 10.30 -12.97 -38.40
N ASN A 997 10.32 -14.26 -38.11
CA ASN A 997 10.89 -15.26 -38.99
C ASN A 997 10.23 -15.19 -40.36
N ASN A 998 11.06 -15.34 -41.40
CA ASN A 998 10.66 -14.97 -42.75
C ASN A 998 9.46 -15.77 -43.25
N LYS A 999 9.18 -16.91 -42.64
CA LYS A 999 7.99 -17.66 -43.03
C LYS A 999 6.70 -16.94 -42.64
N LYS A 1000 6.79 -15.88 -41.83
CA LYS A 1000 5.63 -15.17 -41.30
C LYS A 1000 5.77 -13.69 -41.63
N PHE A 1001 5.00 -13.22 -42.62
CA PHE A 1001 4.92 -11.81 -43.00
C PHE A 1001 3.49 -11.28 -42.97
N GLU A 1002 2.61 -11.85 -42.17
CA GLU A 1002 1.20 -11.54 -42.26
C GLU A 1002 0.71 -10.88 -40.98
N SER A 1003 -0.59 -10.57 -40.97
CA SER A 1003 -1.17 -9.81 -39.87
C SER A 1003 -0.97 -10.50 -38.53
N GLN A 1004 -0.71 -11.80 -38.54
CA GLN A 1004 -0.34 -12.47 -37.30
C GLN A 1004 1.00 -11.97 -36.82
N ASP A 1005 1.95 -11.78 -37.73
CA ASP A 1005 3.29 -11.27 -37.43
C ASP A 1005 3.28 -9.88 -36.84
N THR A 1006 2.19 -9.15 -37.00
CA THR A 1006 2.05 -7.87 -36.35
C THR A 1006 1.82 -8.06 -34.85
N VAL A 1007 2.86 -8.60 -34.18
CA VAL A 1007 3.11 -8.38 -32.76
C VAL A 1007 3.90 -7.10 -32.57
N ALA A 1008 4.47 -6.54 -33.65
CA ALA A 1008 5.08 -5.22 -33.55
C ALA A 1008 4.08 -4.21 -33.07
N LEU A 1009 2.89 -4.22 -33.65
CA LEU A 1009 1.87 -3.30 -33.17
C LEU A 1009 1.56 -3.53 -31.71
N LEU A 1010 1.76 -4.73 -31.22
CA LEU A 1010 1.32 -5.04 -29.88
C LEU A 1010 2.38 -4.67 -28.86
N GLU A 1011 3.62 -4.48 -29.34
CA GLU A 1011 4.74 -3.92 -28.57
C GLU A 1011 4.78 -2.41 -28.66
N ALA A 1012 4.82 -1.86 -29.86
CA ALA A 1012 4.86 -0.42 -30.03
C ALA A 1012 3.58 0.24 -29.56
N ILE A 1013 2.68 -0.47 -28.90
CA ILE A 1013 1.62 0.15 -28.12
C ILE A 1013 1.94 0.12 -26.63
N LEU A 1014 2.39 -1.01 -26.15
CA LEU A 1014 2.77 -1.07 -24.76
C LEU A 1014 4.11 -0.38 -24.52
N ASP A 1015 4.84 -0.09 -25.59
CA ASP A 1015 5.98 0.81 -25.50
C ASP A 1015 5.53 2.22 -25.17
N GLY A 1016 4.45 2.66 -25.79
CA GLY A 1016 4.06 4.05 -25.82
C GLY A 1016 3.07 4.36 -24.72
N ILE A 1017 1.82 4.56 -25.06
CA ILE A 1017 0.93 5.39 -24.24
C ILE A 1017 0.75 4.85 -22.83
N VAL A 1018 1.43 3.75 -22.52
CA VAL A 1018 1.34 3.12 -21.21
C VAL A 1018 2.14 3.89 -20.16
N ASP A 1019 1.46 4.26 -19.07
CA ASP A 1019 2.09 4.99 -17.99
C ASP A 1019 1.28 4.82 -16.71
N PRO A 1020 0.00 4.47 -16.86
CA PRO A 1020 -0.92 4.25 -15.74
C PRO A 1020 -0.82 2.84 -15.17
N VAL A 1021 -0.44 1.87 -16.00
CA VAL A 1021 -0.31 0.49 -15.55
C VAL A 1021 1.05 0.27 -14.91
N ASP A 1022 2.12 0.67 -15.61
CA ASP A 1022 3.47 0.78 -15.07
C ASP A 1022 4.39 1.26 -16.19
N SER A 1023 5.64 1.52 -15.80
CA SER A 1023 6.73 1.78 -16.72
C SER A 1023 7.68 0.60 -16.84
N THR A 1024 7.54 -0.40 -15.99
CA THR A 1024 8.23 -1.66 -16.20
C THR A 1024 7.92 -2.20 -17.59
N LEU A 1025 6.69 -1.99 -18.04
CA LEU A 1025 6.30 -2.49 -19.35
C LEU A 1025 6.87 -1.64 -20.46
N ARG A 1026 7.01 -0.32 -20.24
CA ARG A 1026 7.70 0.49 -21.23
C ARG A 1026 9.13 0.05 -21.40
N ASP A 1027 9.81 -0.23 -20.30
CA ASP A 1027 11.17 -0.72 -20.41
C ASP A 1027 11.21 -2.04 -21.17
N PHE A 1028 10.33 -2.97 -20.79
CA PHE A 1028 10.35 -4.28 -21.41
C PHE A 1028 10.03 -4.20 -22.90
N CYS A 1029 9.15 -3.29 -23.31
CA CYS A 1029 8.83 -3.23 -24.71
C CYS A 1029 9.93 -2.57 -25.51
N GLY A 1030 10.78 -1.77 -24.87
CA GLY A 1030 11.99 -1.36 -25.53
C GLY A 1030 12.92 -2.52 -25.77
N ARG A 1031 13.06 -3.39 -24.77
CA ARG A 1031 13.85 -4.61 -24.99
C ARG A 1031 13.28 -5.45 -26.13
N CYS A 1032 11.95 -5.54 -26.18
CA CYS A 1032 11.29 -6.30 -27.21
C CYS A 1032 11.49 -5.69 -28.58
N ILE A 1033 11.44 -4.37 -28.68
CA ILE A 1033 11.66 -3.77 -30.00
C ILE A 1033 13.11 -3.94 -30.42
N ARG A 1034 14.04 -3.98 -29.47
CA ARG A 1034 15.42 -4.30 -29.78
C ARG A 1034 15.53 -5.70 -30.39
N GLU A 1035 14.92 -6.70 -29.74
CA GLU A 1035 14.86 -8.05 -30.34
C GLU A 1035 14.20 -8.07 -31.70
N PHE A 1036 13.08 -7.38 -31.83
CA PHE A 1036 12.36 -7.38 -33.09
C PHE A 1036 13.26 -6.88 -34.20
N LEU A 1037 13.95 -5.77 -33.97
CA LEU A 1037 14.87 -5.26 -34.98
C LEU A 1037 15.99 -6.24 -35.22
N LYS A 1038 16.56 -6.81 -34.15
CA LYS A 1038 17.74 -7.64 -34.31
C LYS A 1038 17.44 -8.86 -35.15
N TRP A 1039 16.35 -9.56 -34.84
CA TRP A 1039 16.04 -10.79 -35.55
C TRP A 1039 15.44 -10.53 -36.93
N SER A 1040 14.70 -9.43 -37.13
CA SER A 1040 14.33 -9.10 -38.49
C SER A 1040 15.56 -8.82 -39.34
N ILE A 1041 16.53 -8.09 -38.79
CA ILE A 1041 17.82 -7.93 -39.47
C ILE A 1041 18.41 -9.28 -39.81
N LYS A 1042 18.43 -10.18 -38.83
CA LYS A 1042 19.15 -11.44 -39.00
C LYS A 1042 18.50 -12.32 -40.06
N GLN A 1043 17.17 -12.39 -40.07
CA GLN A 1043 16.45 -13.42 -40.81
C GLN A 1043 15.85 -12.93 -42.12
N ILE A 1044 15.68 -11.63 -42.32
CA ILE A 1044 15.01 -11.17 -43.54
C ILE A 1044 16.02 -11.00 -44.65
N THR A 1045 15.71 -11.52 -45.83
CA THR A 1045 16.57 -11.42 -47.00
C THR A 1045 16.20 -10.19 -47.84
N PRO A 1046 17.19 -9.58 -48.49
CA PRO A 1046 16.92 -8.34 -49.23
C PRO A 1046 15.85 -8.48 -50.30
N GLN A 1047 15.70 -9.66 -50.90
CA GLN A 1047 14.69 -9.82 -51.95
C GLN A 1047 13.29 -9.57 -51.41
N GLN A 1048 13.00 -10.09 -50.22
CA GLN A 1048 11.73 -9.81 -49.56
C GLN A 1048 11.78 -8.54 -48.74
N GLN A 1049 12.94 -7.89 -48.64
CA GLN A 1049 13.03 -6.66 -47.87
C GLN A 1049 12.23 -5.53 -48.52
N GLU A 1050 12.14 -5.53 -49.84
CA GLU A 1050 11.46 -4.45 -50.57
C GLU A 1050 9.97 -4.70 -50.73
N LYS A 1051 9.45 -5.76 -50.11
CA LYS A 1051 8.02 -6.02 -50.12
C LYS A 1051 7.43 -6.19 -48.73
N SER A 1052 8.24 -6.54 -47.73
CA SER A 1052 7.69 -6.86 -46.43
C SER A 1052 7.06 -5.62 -45.80
N PRO A 1053 5.81 -5.70 -45.35
CA PRO A 1053 5.15 -4.52 -44.79
C PRO A 1053 5.69 -4.12 -43.43
N VAL A 1054 6.59 -4.89 -42.85
CA VAL A 1054 7.16 -4.60 -41.54
C VAL A 1054 8.67 -4.74 -41.56
N ASN A 1055 9.29 -4.41 -42.69
CA ASN A 1055 10.74 -4.42 -42.76
C ASN A 1055 11.30 -3.23 -41.98
N THR A 1056 12.62 -3.09 -42.06
CA THR A 1056 13.32 -2.11 -41.22
C THR A 1056 12.87 -0.70 -41.54
N LYS A 1057 12.64 -0.40 -42.81
CA LYS A 1057 12.09 0.89 -43.19
C LYS A 1057 10.82 1.18 -42.39
N SER A 1058 9.91 0.23 -42.35
CA SER A 1058 8.62 0.48 -41.73
C SER A 1058 8.74 0.57 -40.22
N LEU A 1059 9.58 -0.26 -39.60
CA LEU A 1059 9.74 -0.13 -38.16
C LEU A 1059 10.26 1.26 -37.82
N PHE A 1060 11.20 1.77 -38.61
CA PHE A 1060 11.71 3.11 -38.36
C PHE A 1060 10.67 4.19 -38.64
N LYS A 1061 9.85 4.02 -39.67
CA LYS A 1061 8.78 4.98 -39.89
C LYS A 1061 7.81 4.99 -38.72
N ARG A 1062 7.54 3.83 -38.13
CA ARG A 1062 6.70 3.78 -36.94
C ARG A 1062 7.31 4.56 -35.81
N LEU A 1063 8.60 4.35 -35.57
CA LEU A 1063 9.24 5.09 -34.50
C LEU A 1063 9.20 6.58 -34.75
N TYR A 1064 9.42 7.01 -36.00
CA TYR A 1064 9.38 8.45 -36.31
C TYR A 1064 8.00 9.02 -36.06
N SER A 1065 6.98 8.41 -36.63
CA SER A 1065 5.65 8.96 -36.47
C SER A 1065 5.21 8.95 -35.03
N LEU A 1066 5.72 8.01 -34.23
CA LEU A 1066 5.54 8.13 -32.79
C LEU A 1066 6.27 9.35 -32.27
N ALA A 1067 7.49 9.59 -32.75
CA ALA A 1067 8.35 10.62 -32.21
C ALA A 1067 7.83 12.02 -32.49
N LEU A 1068 7.02 12.20 -33.51
CA LEU A 1068 6.48 13.51 -33.84
C LEU A 1068 5.01 13.63 -33.53
N HIS A 1069 4.59 13.11 -32.48
CA HIS A 1069 3.26 13.04 -31.94
C HIS A 1069 3.06 14.08 -30.83
N PRO A 1070 1.91 14.74 -30.79
CA PRO A 1070 1.66 15.66 -29.68
C PRO A 1070 1.61 14.99 -28.32
N ASN A 1071 1.28 13.70 -28.23
CA ASN A 1071 1.15 13.09 -26.92
C ASN A 1071 2.53 12.90 -26.30
N ALA A 1072 2.63 13.20 -25.01
CA ALA A 1072 3.92 13.16 -24.35
C ALA A 1072 4.49 11.76 -24.26
N PHE A 1073 3.64 10.76 -24.06
CA PHE A 1073 4.11 9.40 -23.92
C PHE A 1073 4.24 8.66 -25.23
N LYS A 1074 3.74 9.21 -26.31
CA LYS A 1074 4.03 8.64 -27.60
C LYS A 1074 5.33 9.15 -28.15
N ARG A 1075 5.88 10.19 -27.58
CA ARG A 1075 7.22 10.65 -27.90
C ARG A 1075 8.24 10.00 -26.99
N LEU A 1076 7.90 9.84 -25.72
CA LEU A 1076 8.74 9.10 -24.80
C LEU A 1076 8.96 7.69 -25.28
N GLY A 1077 7.90 7.04 -25.77
CA GLY A 1077 8.07 5.70 -26.28
C GLY A 1077 8.98 5.67 -27.49
N ALA A 1078 8.81 6.62 -28.39
CA ALA A 1078 9.60 6.59 -29.61
C ALA A 1078 11.06 6.87 -29.38
N SER A 1079 11.40 7.57 -28.29
CA SER A 1079 12.82 7.78 -27.99
C SER A 1079 13.40 6.66 -27.16
N LEU A 1080 12.63 6.18 -26.18
CA LEU A 1080 12.98 5.02 -25.40
C LEU A 1080 13.17 3.79 -26.25
N ALA A 1081 12.55 3.75 -27.41
CA ALA A 1081 12.78 2.63 -28.32
C ALA A 1081 14.14 2.74 -28.97
N PHE A 1082 14.52 3.93 -29.39
CA PHE A 1082 15.82 4.12 -30.02
C PHE A 1082 16.95 3.92 -29.04
N ASN A 1083 16.81 4.44 -27.81
CA ASN A 1083 17.84 4.23 -26.82
C ASN A 1083 18.16 2.76 -26.64
N ASN A 1084 17.34 1.88 -27.19
CA ASN A 1084 17.53 0.44 -27.20
C ASN A 1084 17.96 -0.10 -28.55
N ILE A 1085 17.36 0.37 -29.65
CA ILE A 1085 17.66 -0.23 -30.93
C ILE A 1085 18.79 0.48 -31.64
N TYR A 1086 19.55 1.31 -30.95
CA TYR A 1086 20.88 1.52 -31.49
C TYR A 1086 21.71 0.32 -31.06
N ARG A 1087 22.98 0.27 -31.45
CA ARG A 1087 23.85 -0.89 -31.26
C ARG A 1087 23.47 -2.00 -32.22
N GLU A 1088 22.34 -1.86 -32.87
CA GLU A 1088 22.00 -2.67 -34.03
C GLU A 1088 21.69 -1.81 -35.23
N PHE A 1089 21.14 -0.62 -34.99
CA PHE A 1089 21.16 0.40 -36.02
C PHE A 1089 22.58 0.83 -36.33
N ARG A 1090 23.47 0.71 -35.36
CA ARG A 1090 24.84 1.18 -35.52
C ARG A 1090 25.58 0.36 -36.57
N GLU A 1091 25.54 -0.97 -36.44
CA GLU A 1091 26.44 -1.83 -37.22
C GLU A 1091 26.06 -1.90 -38.69
N GLU A 1092 24.77 -2.03 -39.00
CA GLU A 1092 24.40 -2.20 -40.39
C GLU A 1092 24.76 -0.95 -41.18
N GLU A 1093 25.81 -1.03 -41.99
CA GLU A 1093 26.30 0.16 -42.68
C GLU A 1093 25.25 0.73 -43.61
N SER A 1094 24.55 -0.13 -44.35
CA SER A 1094 23.51 0.37 -45.23
C SER A 1094 22.35 0.96 -44.44
N LEU A 1095 22.21 0.58 -43.17
CA LEU A 1095 21.26 1.24 -42.30
C LEU A 1095 21.76 2.62 -41.90
N VAL A 1096 22.95 2.69 -41.34
CA VAL A 1096 23.40 3.92 -40.72
C VAL A 1096 23.64 4.98 -41.77
N GLU A 1097 24.33 4.64 -42.86
CA GLU A 1097 24.57 5.61 -43.92
C GLU A 1097 23.26 6.14 -44.47
N GLN A 1098 22.26 5.26 -44.61
CA GLN A 1098 21.00 5.65 -45.22
C GLN A 1098 20.15 6.51 -44.27
N PHE A 1099 20.22 6.23 -42.97
CA PHE A 1099 19.21 6.73 -42.05
C PHE A 1099 19.68 7.80 -41.07
N VAL A 1100 20.95 7.81 -40.68
CA VAL A 1100 21.32 8.40 -39.39
C VAL A 1100 21.01 9.89 -39.34
N PHE A 1101 21.11 10.56 -40.47
CA PHE A 1101 20.81 12.00 -40.48
C PHE A 1101 19.31 12.24 -40.31
N GLU A 1102 18.48 11.43 -40.96
CA GLU A 1102 17.04 11.54 -40.78
C GLU A 1102 16.64 11.20 -39.36
N ALA A 1103 17.30 10.23 -38.77
CA ALA A 1103 17.06 9.90 -37.36
C ALA A 1103 17.41 11.07 -36.46
N LEU A 1104 18.54 11.72 -36.72
CA LEU A 1104 18.94 12.86 -35.92
C LEU A 1104 17.93 13.98 -36.04
N VAL A 1105 17.51 14.29 -37.26
CA VAL A 1105 16.60 15.39 -37.45
C VAL A 1105 15.28 15.10 -36.77
N ILE A 1106 14.81 13.86 -36.85
CA ILE A 1106 13.55 13.51 -36.21
C ILE A 1106 13.65 13.65 -34.70
N TYR A 1107 14.75 13.21 -34.11
CA TYR A 1107 14.84 13.30 -32.66
C TYR A 1107 15.12 14.71 -32.18
N MET A 1108 15.81 15.53 -32.96
CA MET A 1108 15.85 16.98 -32.72
C MET A 1108 14.46 17.61 -32.70
N GLU A 1109 13.64 17.30 -33.71
CA GLU A 1109 12.30 17.87 -33.73
C GLU A 1109 11.47 17.36 -32.55
N SER A 1110 11.65 16.10 -32.17
CA SER A 1110 10.93 15.60 -31.01
C SER A 1110 11.35 16.30 -29.74
N LEU A 1111 12.65 16.61 -29.63
CA LEU A 1111 13.11 17.40 -28.49
C LEU A 1111 12.50 18.78 -28.51
N ALA A 1112 12.34 19.35 -29.70
CA ALA A 1112 11.69 20.65 -29.83
C ALA A 1112 10.23 20.59 -29.41
N LEU A 1113 9.56 19.50 -29.73
CA LEU A 1113 8.18 19.36 -29.29
C LEU A 1113 8.09 19.13 -27.79
N ALA A 1114 9.12 18.60 -27.20
CA ALA A 1114 9.11 18.37 -25.76
C ALA A 1114 9.21 19.61 -24.96
N HIS A 1115 9.09 20.79 -25.57
CA HIS A 1115 9.22 22.04 -24.82
C HIS A 1115 8.19 22.14 -23.71
N ALA A 1116 6.96 21.72 -23.98
CA ALA A 1116 5.89 21.92 -23.02
C ALA A 1116 5.71 20.78 -22.04
N ASP A 1117 6.40 19.67 -22.20
CA ASP A 1117 6.18 18.54 -21.34
C ASP A 1117 6.66 18.85 -19.93
N GLU A 1118 5.97 18.29 -18.95
CA GLU A 1118 6.41 18.42 -17.57
C GLU A 1118 7.80 17.80 -17.42
N LYS A 1119 8.65 18.46 -16.66
CA LYS A 1119 9.99 17.94 -16.41
C LYS A 1119 9.94 16.60 -15.70
N SER A 1120 8.82 16.29 -15.04
CA SER A 1120 8.69 15.01 -14.36
C SER A 1120 8.73 13.85 -15.33
N LEU A 1121 8.05 13.97 -16.46
CA LEU A 1121 8.12 12.92 -17.46
C LEU A 1121 9.57 12.76 -17.93
N GLY A 1122 9.88 11.57 -18.43
CA GLY A 1122 11.22 11.36 -18.87
C GLY A 1122 11.50 11.81 -20.28
N THR A 1123 10.58 12.54 -20.90
CA THR A 1123 10.67 12.79 -22.33
C THR A 1123 11.92 13.56 -22.68
N ILE A 1124 12.28 14.54 -21.85
CA ILE A 1124 13.40 15.41 -22.19
C ILE A 1124 14.71 14.65 -22.07
N GLN A 1125 14.87 13.87 -21.01
CA GLN A 1125 16.11 13.12 -20.85
C GLN A 1125 16.23 12.02 -21.90
N GLN A 1126 15.14 11.34 -22.23
CA GLN A 1126 15.24 10.30 -23.25
C GLN A 1126 15.54 10.89 -24.62
N CYS A 1127 14.91 12.00 -24.98
CA CYS A 1127 15.20 12.58 -26.28
C CYS A 1127 16.62 13.10 -26.35
N CYS A 1128 17.10 13.73 -25.28
CA CYS A 1128 18.48 14.18 -25.26
C CYS A 1128 19.42 12.99 -25.41
N ASP A 1129 19.11 11.89 -24.73
CA ASP A 1129 19.96 10.72 -24.75
C ASP A 1129 20.02 10.08 -26.13
N ALA A 1130 18.89 10.05 -26.83
CA ALA A 1130 18.90 9.53 -28.20
C ALA A 1130 19.69 10.44 -29.11
N ILE A 1131 19.55 11.75 -28.94
CA ILE A 1131 20.35 12.69 -29.72
C ILE A 1131 21.84 12.41 -29.50
N ASP A 1132 22.21 12.14 -28.26
CA ASP A 1132 23.59 11.84 -27.95
C ASP A 1132 24.08 10.58 -28.67
N HIS A 1133 23.27 9.52 -28.65
CA HIS A 1133 23.67 8.30 -29.36
C HIS A 1133 23.85 8.58 -30.84
N LEU A 1134 22.95 9.36 -31.40
CA LEU A 1134 22.99 9.64 -32.82
C LEU A 1134 24.22 10.46 -33.19
N CYS A 1135 24.58 11.43 -32.35
CA CYS A 1135 25.74 12.25 -32.68
C CYS A 1135 27.02 11.49 -32.45
N ARG A 1136 27.05 10.57 -31.48
CA ARG A 1136 28.23 9.74 -31.35
C ARG A 1136 28.43 8.87 -32.57
N ILE A 1137 27.35 8.31 -33.10
CA ILE A 1137 27.46 7.55 -34.34
C ILE A 1137 27.93 8.44 -35.49
N ILE A 1138 27.38 9.64 -35.60
CA ILE A 1138 27.75 10.52 -36.71
C ILE A 1138 29.23 10.88 -36.63
N GLU A 1139 29.71 11.24 -35.45
CA GLU A 1139 31.09 11.66 -35.32
C GLU A 1139 32.05 10.50 -35.27
N LYS A 1140 31.57 9.27 -35.18
CA LYS A 1140 32.46 8.14 -35.45
C LYS A 1140 32.48 7.71 -36.90
N LYS A 1141 31.40 7.90 -37.65
CA LYS A 1141 31.37 7.53 -39.06
C LYS A 1141 31.53 8.72 -40.00
N HIS A 1142 31.94 9.88 -39.48
CA HIS A 1142 32.12 11.05 -40.34
C HIS A 1142 33.00 10.76 -41.54
N VAL A 1143 33.85 9.73 -41.44
CA VAL A 1143 34.77 9.40 -42.53
C VAL A 1143 33.98 9.07 -43.79
N SER A 1144 32.84 8.39 -43.65
CA SER A 1144 31.99 8.10 -44.78
C SER A 1144 30.81 9.04 -44.88
N LEU A 1145 30.39 9.63 -43.77
CA LEU A 1145 29.26 10.55 -43.82
C LEU A 1145 29.66 11.91 -44.34
N ASN A 1146 30.94 12.15 -44.59
CA ASN A 1146 31.37 13.41 -45.17
C ASN A 1146 31.18 13.48 -46.67
N LYS A 1147 30.84 12.39 -47.34
CA LYS A 1147 30.72 12.37 -48.79
C LYS A 1147 29.26 12.32 -49.19
N ALA A 1148 28.90 13.15 -50.16
CA ALA A 1148 27.52 13.24 -50.60
C ALA A 1148 27.09 11.98 -51.33
N LYS A 1149 25.84 11.58 -51.10
CA LYS A 1149 25.24 10.46 -51.81
C LYS A 1149 23.74 10.49 -51.55
N LYS A 1150 23.04 9.51 -52.10
CA LYS A 1150 21.60 9.42 -51.94
C LYS A 1150 21.30 8.87 -50.55
N ARG A 1151 20.71 9.72 -49.70
CA ARG A 1151 20.35 9.35 -48.35
C ARG A 1151 18.90 9.74 -48.10
N ARG A 1152 18.38 9.31 -46.96
CA ARG A 1152 17.00 9.61 -46.61
C ARG A 1152 16.88 11.06 -46.18
N LEU A 1153 16.01 11.81 -46.83
CA LEU A 1153 15.89 13.24 -46.55
C LEU A 1153 15.23 13.48 -45.19
N PRO A 1154 15.81 14.32 -44.35
CA PRO A 1154 15.12 14.73 -43.12
C PRO A 1154 13.85 15.49 -43.43
N ARG A 1155 13.01 15.60 -42.41
CA ARG A 1155 11.83 16.41 -42.57
C ARG A 1155 12.20 17.89 -42.66
N GLY A 1156 11.44 18.63 -43.45
CA GLY A 1156 11.68 20.04 -43.56
C GLY A 1156 12.92 20.42 -44.32
N PHE A 1157 13.37 19.59 -45.25
CA PHE A 1157 14.43 20.03 -46.15
C PHE A 1157 13.79 20.56 -47.42
N PRO A 1158 13.83 21.87 -47.66
CA PRO A 1158 13.55 22.38 -49.00
C PRO A 1158 14.50 21.77 -50.03
N PRO A 1159 15.75 21.47 -49.68
CA PRO A 1159 16.57 20.67 -50.59
C PRO A 1159 15.91 19.34 -50.87
N SER A 1160 16.10 18.85 -52.10
CA SER A 1160 15.36 17.66 -52.53
C SER A 1160 16.21 16.71 -53.35
N ALA A 1161 17.53 16.92 -53.44
CA ALA A 1161 18.35 16.12 -54.34
C ALA A 1161 19.39 15.27 -53.60
N SER A 1162 20.29 15.89 -52.85
CA SER A 1162 21.37 15.12 -52.23
C SER A 1162 21.52 15.54 -50.78
N LEU A 1163 22.51 14.97 -50.10
CA LEU A 1163 22.58 15.04 -48.66
C LEU A 1163 23.99 14.72 -48.18
N CYS A 1164 24.47 15.46 -47.18
CA CYS A 1164 25.81 15.29 -46.66
C CYS A 1164 25.94 15.95 -45.29
N LEU A 1165 27.06 15.65 -44.62
CA LEU A 1165 27.30 16.21 -43.29
C LEU A 1165 27.38 17.72 -43.31
N LEU A 1166 27.94 18.30 -44.38
CA LEU A 1166 27.95 19.75 -44.50
C LEU A 1166 26.53 20.30 -44.55
N ASP A 1167 25.64 19.61 -45.27
CA ASP A 1167 24.24 20.00 -45.26
C ASP A 1167 23.68 19.93 -43.86
N LEU A 1168 24.06 18.91 -43.11
CA LEU A 1168 23.59 18.82 -41.73
C LEU A 1168 24.08 20.00 -40.91
N VAL A 1169 25.34 20.39 -41.09
CA VAL A 1169 25.90 21.51 -40.34
C VAL A 1169 25.16 22.79 -40.67
N LYS A 1170 24.84 22.98 -41.95
CA LYS A 1170 24.03 24.13 -42.32
C LYS A 1170 22.67 24.08 -41.65
N TRP A 1171 22.06 22.89 -41.60
CA TRP A 1171 20.76 22.77 -40.96
C TRP A 1171 20.84 23.20 -39.51
N LEU A 1172 21.84 22.69 -38.81
CA LEU A 1172 22.02 23.01 -37.39
C LEU A 1172 22.23 24.50 -37.19
N LEU A 1173 23.12 25.09 -38.00
CA LEU A 1173 23.43 26.50 -37.87
C LEU A 1173 22.21 27.37 -38.13
N ALA A 1174 21.41 27.02 -39.14
CA ALA A 1174 20.16 27.74 -39.34
C ALA A 1174 19.24 27.56 -38.15
N HIS A 1175 19.31 26.43 -37.47
CA HIS A 1175 18.40 26.13 -36.39
C HIS A 1175 18.95 26.47 -35.02
N CYS A 1176 20.08 27.16 -34.95
CA CYS A 1176 20.62 27.54 -33.66
C CYS A 1176 19.81 28.62 -32.95
N GLY A 1177 18.91 29.30 -33.65
CA GLY A 1177 18.17 30.36 -32.99
C GLY A 1177 16.77 29.98 -32.61
N ARG A 1178 16.46 28.72 -32.66
CA ARG A 1178 15.08 28.33 -32.45
C ARG A 1178 14.64 28.59 -31.02
N PRO A 1179 13.37 28.92 -30.81
CA PRO A 1179 12.93 29.34 -29.49
C PRO A 1179 12.65 28.21 -28.54
N GLN A 1180 13.12 27.00 -28.81
CA GLN A 1180 12.92 25.88 -27.90
C GLN A 1180 14.21 25.62 -27.16
N THR A 1181 14.15 25.62 -25.83
CA THR A 1181 15.39 25.75 -25.08
C THR A 1181 16.29 24.54 -25.27
N GLU A 1182 15.77 23.35 -24.95
CA GLU A 1182 16.63 22.18 -24.95
C GLU A 1182 17.06 21.81 -26.35
N CYS A 1183 16.15 21.96 -27.32
CA CYS A 1183 16.48 21.72 -28.71
C CYS A 1183 17.54 22.69 -29.21
N ARG A 1184 17.48 23.95 -28.77
CA ARG A 1184 18.49 24.94 -29.16
C ARG A 1184 19.84 24.64 -28.53
N HIS A 1185 19.85 24.23 -27.27
CA HIS A 1185 21.10 23.89 -26.64
C HIS A 1185 21.76 22.74 -27.37
N LYS A 1186 20.98 21.72 -27.69
CA LYS A 1186 21.52 20.58 -28.44
C LYS A 1186 21.96 21.00 -29.84
N SER A 1187 21.23 21.91 -30.48
CA SER A 1187 21.63 22.39 -31.80
C SER A 1187 23.00 23.05 -31.76
N ILE A 1188 23.18 24.01 -30.86
CA ILE A 1188 24.46 24.70 -30.78
C ILE A 1188 25.56 23.72 -30.43
N GLU A 1189 25.30 22.85 -29.47
CA GLU A 1189 26.32 21.89 -29.03
C GLU A 1189 26.76 21.02 -30.18
N LEU A 1190 25.83 20.53 -30.98
CA LEU A 1190 26.22 19.63 -32.05
C LEU A 1190 26.84 20.37 -33.21
N PHE A 1191 26.48 21.63 -33.42
CA PHE A 1191 27.22 22.42 -34.40
C PHE A 1191 28.68 22.48 -34.01
N TYR A 1192 28.94 22.77 -32.74
CA TYR A 1192 30.31 22.85 -32.27
C TYR A 1192 31.01 21.51 -32.33
N LYS A 1193 30.28 20.41 -32.16
CA LYS A 1193 30.90 19.09 -32.25
C LYS A 1193 31.24 18.72 -33.68
N PHE A 1194 30.37 19.03 -34.62
CA PHE A 1194 30.52 18.51 -35.97
C PHE A 1194 31.28 19.43 -36.89
N VAL A 1195 31.49 20.70 -36.52
CA VAL A 1195 32.25 21.60 -37.40
C VAL A 1195 33.65 21.09 -37.67
N PRO A 1196 34.43 20.62 -36.69
CA PRO A 1196 35.78 20.15 -37.00
C PRO A 1196 35.84 18.94 -37.92
N LEU A 1197 34.71 18.34 -38.29
CA LEU A 1197 34.71 17.13 -39.10
C LEU A 1197 34.37 17.41 -40.55
N LEU A 1198 34.28 18.67 -40.95
CA LEU A 1198 33.93 19.04 -42.29
C LEU A 1198 35.08 18.68 -43.24
N PRO A 1199 34.83 18.64 -44.56
CA PRO A 1199 35.88 18.22 -45.49
C PRO A 1199 37.16 19.03 -45.39
N GLY A 1200 37.10 20.23 -44.81
CA GLY A 1200 38.31 20.97 -44.52
C GLY A 1200 39.00 20.58 -43.23
N ASN A 1201 38.26 20.00 -42.29
CA ASN A 1201 38.78 19.67 -40.96
C ASN A 1201 39.39 20.91 -40.30
N ARG A 1202 38.58 21.94 -40.16
CA ARG A 1202 39.03 23.25 -39.74
C ARG A 1202 38.16 23.75 -38.60
N SER A 1203 38.70 24.70 -37.85
CA SER A 1203 38.08 25.13 -36.61
C SER A 1203 36.79 25.92 -36.89
N PRO A 1204 35.90 25.97 -35.89
CA PRO A 1204 34.65 26.71 -36.09
C PRO A 1204 34.85 28.15 -36.50
N ASN A 1205 35.86 28.81 -35.94
CA ASN A 1205 36.02 30.23 -36.21
C ASN A 1205 36.38 30.46 -37.66
N LEU A 1206 37.35 29.71 -38.17
CA LEU A 1206 37.72 29.85 -39.57
C LEU A 1206 36.55 29.48 -40.48
N TRP A 1207 35.85 28.39 -40.15
CA TRP A 1207 34.73 27.97 -40.99
C TRP A 1207 33.66 29.06 -41.06
N LEU A 1208 33.29 29.63 -39.91
CA LEU A 1208 32.22 30.60 -39.90
C LEU A 1208 32.66 31.91 -40.53
N LYS A 1209 33.93 32.30 -40.33
CA LYS A 1209 34.43 33.50 -41.00
C LYS A 1209 34.43 33.30 -42.51
N ASP A 1210 34.83 32.12 -42.97
CA ASP A 1210 34.66 31.78 -44.38
C ASP A 1210 33.24 32.05 -44.84
N VAL A 1211 32.27 31.36 -44.24
CA VAL A 1211 30.88 31.49 -44.66
C VAL A 1211 30.44 32.95 -44.61
N LEU A 1212 30.81 33.63 -43.53
CA LEU A 1212 30.48 35.03 -43.31
C LEU A 1212 31.13 35.95 -44.31
N LYS A 1213 32.15 35.49 -45.04
CA LYS A 1213 32.67 36.34 -46.10
C LYS A 1213 32.05 36.02 -47.45
N GLU A 1214 31.69 34.77 -47.77
CA GLU A 1214 31.03 34.64 -49.08
C GLU A 1214 29.62 35.21 -49.01
N GLU A 1215 28.99 35.20 -47.84
CA GLU A 1215 27.75 35.96 -47.70
C GLU A 1215 27.83 36.82 -46.46
N GLY A 1216 27.31 38.03 -46.56
CA GLY A 1216 27.51 39.04 -45.54
C GLY A 1216 26.96 38.63 -44.19
N VAL A 1217 27.30 39.45 -43.19
CA VAL A 1217 26.97 39.15 -41.81
C VAL A 1217 25.46 39.08 -41.62
N SER A 1218 24.70 39.67 -42.54
CA SER A 1218 23.25 39.63 -42.45
C SER A 1218 22.76 38.19 -42.36
N PHE A 1219 23.49 37.26 -42.95
CA PHE A 1219 23.21 35.83 -42.77
C PHE A 1219 23.20 35.46 -41.30
N LEU A 1220 24.24 35.87 -40.55
CA LEU A 1220 24.28 35.58 -39.13
C LEU A 1220 23.24 36.34 -38.34
N ILE A 1221 22.97 37.60 -38.68
CA ILE A 1221 21.87 38.26 -37.97
C ILE A 1221 20.58 37.48 -38.18
N ASN A 1222 20.35 36.98 -39.39
CA ASN A 1222 19.11 36.26 -39.64
C ASN A 1222 19.06 34.95 -38.87
N THR A 1223 20.16 34.20 -38.87
CA THR A 1223 20.16 32.92 -38.16
C THR A 1223 20.03 33.12 -36.66
N PHE A 1224 20.59 34.19 -36.12
CA PHE A 1224 20.54 34.47 -34.69
C PHE A 1224 19.17 35.01 -34.31
N GLU A 1225 18.82 36.15 -34.87
CA GLU A 1225 17.61 36.87 -34.48
C GLU A 1225 16.36 36.18 -34.98
N GLY A 1226 16.37 35.68 -36.22
CA GLY A 1226 15.27 34.88 -36.72
C GLY A 1226 15.02 33.67 -35.83
N GLY A 1227 13.95 32.96 -36.11
CA GLY A 1227 13.53 31.93 -35.19
C GLY A 1227 13.74 30.49 -35.63
N GLY A 1228 14.70 30.24 -36.50
CA GLY A 1228 14.90 28.90 -37.00
C GLY A 1228 13.82 28.46 -37.97
N CYS A 1229 12.57 28.60 -37.55
CA CYS A 1229 11.41 28.28 -38.38
C CYS A 1229 10.79 29.56 -38.91
N GLY A 1230 10.73 29.69 -40.24
CA GLY A 1230 10.05 30.80 -40.87
C GLY A 1230 10.81 32.10 -40.76
N GLN A 1231 10.63 33.00 -41.72
CA GLN A 1231 11.32 34.28 -41.61
C GLN A 1231 10.54 35.32 -40.79
N PRO A 1232 9.25 35.57 -41.05
CA PRO A 1232 8.56 36.64 -40.32
C PRO A 1232 8.39 36.32 -38.84
N SER A 1233 9.50 35.95 -38.20
CA SER A 1233 9.51 35.62 -36.79
C SER A 1233 10.95 35.78 -36.32
N GLY A 1234 11.17 35.46 -35.06
CA GLY A 1234 12.39 35.85 -34.40
C GLY A 1234 12.32 37.32 -34.04
N ILE A 1235 13.32 37.79 -33.29
CA ILE A 1235 13.22 39.16 -32.84
C ILE A 1235 13.45 40.15 -33.96
N LEU A 1236 13.84 39.70 -35.14
CA LEU A 1236 13.82 40.59 -36.29
C LEU A 1236 12.41 41.08 -36.57
N ALA A 1237 11.44 40.17 -36.58
CA ALA A 1237 10.07 40.55 -36.92
C ALA A 1237 9.41 41.32 -35.81
N GLN A 1238 9.66 40.96 -34.56
CA GLN A 1238 9.16 41.70 -33.41
C GLN A 1238 10.29 42.00 -32.42
N PRO A 1239 11.07 43.05 -32.68
CA PRO A 1239 12.12 43.44 -31.74
C PRO A 1239 11.60 43.97 -30.42
N THR A 1240 10.31 44.29 -30.32
CA THR A 1240 9.76 44.84 -29.10
C THR A 1240 8.41 44.20 -28.83
N LEU A 1241 8.14 43.92 -27.55
CA LEU A 1241 6.90 43.27 -27.19
C LEU A 1241 5.70 44.13 -27.48
N LEU A 1242 5.91 45.40 -27.78
CA LEU A 1242 4.84 46.29 -28.21
C LEU A 1242 4.18 45.73 -29.45
N TYR A 1243 3.02 46.29 -29.76
CA TYR A 1243 2.22 45.89 -30.93
C TYR A 1243 2.10 44.37 -31.02
N LEU A 1244 1.69 43.74 -29.92
CA LEU A 1244 1.60 42.29 -29.86
C LEU A 1244 0.29 41.76 -30.47
N ARG A 1245 -0.37 42.54 -31.32
CA ARG A 1245 -1.48 42.08 -32.15
C ARG A 1245 -2.59 41.44 -31.32
N GLY A 1246 -3.12 42.22 -30.38
CA GLY A 1246 -4.25 41.76 -29.61
C GLY A 1246 -4.01 41.86 -28.13
N PRO A 1247 -4.70 41.02 -27.37
CA PRO A 1247 -4.72 41.18 -25.90
C PRO A 1247 -3.37 40.95 -25.24
N PHE A 1248 -3.04 41.87 -24.33
CA PHE A 1248 -1.90 41.69 -23.44
C PHE A 1248 -2.09 40.52 -22.48
N SER A 1249 -3.34 40.15 -22.20
CA SER A 1249 -3.59 38.98 -21.37
C SER A 1249 -3.17 37.69 -22.07
N LEU A 1250 -2.89 37.76 -23.37
CA LEU A 1250 -2.39 36.60 -24.09
C LEU A 1250 -0.98 36.24 -23.63
N GLN A 1251 -0.65 34.97 -23.77
CA GLN A 1251 0.69 34.49 -23.46
C GLN A 1251 1.53 34.29 -24.71
N ALA A 1252 1.35 35.16 -25.71
CA ALA A 1252 2.34 35.31 -26.76
C ALA A 1252 3.47 36.24 -26.33
N THR A 1253 3.28 36.96 -25.23
CA THR A 1253 4.37 37.74 -24.67
C THR A 1253 5.55 36.85 -24.34
N LEU A 1254 5.30 35.81 -23.57
CA LEU A 1254 6.36 34.87 -23.24
C LEU A 1254 6.89 34.14 -24.47
N CYS A 1255 6.11 34.07 -25.54
CA CYS A 1255 6.67 33.66 -26.82
C CYS A 1255 7.74 34.62 -27.31
N TRP A 1256 7.47 35.92 -27.27
CA TRP A 1256 8.52 36.85 -27.67
C TRP A 1256 9.71 36.75 -26.73
N LEU A 1257 9.44 36.50 -25.45
CA LEU A 1257 10.52 36.32 -24.49
C LEU A 1257 11.40 35.15 -24.87
N ASP A 1258 10.81 34.04 -25.29
CA ASP A 1258 11.59 32.90 -25.73
C ASP A 1258 12.40 33.22 -26.98
N LEU A 1259 11.83 33.98 -27.92
CA LEU A 1259 12.61 34.34 -29.11
C LEU A 1259 13.79 35.24 -28.76
N LEU A 1260 13.56 36.22 -27.88
CA LEU A 1260 14.63 37.07 -27.40
C LEU A 1260 15.71 36.26 -26.72
N LEU A 1261 15.29 35.31 -25.89
CA LEU A 1261 16.22 34.46 -25.16
C LEU A 1261 17.00 33.58 -26.11
N ALA A 1262 16.38 33.18 -27.22
CA ALA A 1262 17.06 32.41 -28.26
C ALA A 1262 18.19 33.22 -28.88
N ALA A 1263 17.91 34.45 -29.27
CA ALA A 1263 18.97 35.29 -29.82
C ALA A 1263 20.05 35.56 -28.79
N LEU A 1264 19.66 35.83 -27.54
CA LEU A 1264 20.63 36.06 -26.49
C LEU A 1264 21.57 34.88 -26.34
N GLU A 1265 21.01 33.69 -26.14
CA GLU A 1265 21.81 32.51 -25.88
C GLU A 1265 22.67 32.12 -27.05
N CYS A 1266 22.18 32.33 -28.28
CA CYS A 1266 22.96 31.90 -29.41
C CYS A 1266 24.10 32.87 -29.69
N TYR A 1267 23.84 34.18 -29.58
CA TYR A 1267 24.91 35.18 -29.58
C TYR A 1267 25.93 34.91 -28.49
N ASN A 1268 25.46 34.70 -27.28
CA ASN A 1268 26.36 34.50 -26.17
C ASN A 1268 27.30 33.34 -26.44
N THR A 1269 26.74 32.22 -26.87
CA THR A 1269 27.60 31.06 -27.10
C THR A 1269 28.57 31.31 -28.26
N PHE A 1270 28.11 31.95 -29.34
CA PHE A 1270 29.00 32.16 -30.48
C PHE A 1270 30.06 33.22 -30.25
N ILE A 1271 29.85 34.11 -29.29
CA ILE A 1271 30.81 35.17 -28.99
C ILE A 1271 31.80 34.71 -27.93
N GLY A 1272 31.30 34.16 -26.82
CA GLY A 1272 32.19 33.74 -25.76
C GLY A 1272 33.18 32.68 -26.18
N GLU A 1273 32.89 31.96 -27.25
CA GLU A 1273 33.78 30.93 -27.74
C GLU A 1273 34.93 31.49 -28.56
N ARG A 1274 34.94 32.79 -28.81
CA ARG A 1274 35.86 33.46 -29.72
C ARG A 1274 35.61 33.07 -31.18
N THR A 1275 34.49 32.42 -31.46
CA THR A 1275 34.19 31.96 -32.81
C THR A 1275 33.78 33.12 -33.70
N VAL A 1276 33.21 34.15 -33.12
CA VAL A 1276 32.62 35.27 -33.84
C VAL A 1276 33.22 36.56 -33.30
N GLY A 1277 33.54 37.50 -34.19
CA GLY A 1277 33.90 38.83 -33.75
C GLY A 1277 32.68 39.55 -33.19
N ALA A 1278 32.75 39.89 -31.89
CA ALA A 1278 31.66 40.65 -31.28
C ALA A 1278 31.40 41.93 -32.04
N LEU A 1279 32.46 42.66 -32.35
CA LEU A 1279 32.33 43.82 -33.22
C LEU A 1279 31.95 43.40 -34.64
N GLN A 1280 32.40 42.22 -35.08
CA GLN A 1280 32.08 41.75 -36.42
C GLN A 1280 30.59 41.59 -36.63
N VAL A 1281 29.81 41.33 -35.58
CA VAL A 1281 28.38 41.12 -35.72
C VAL A 1281 27.52 42.13 -34.98
N LEU A 1282 28.10 42.98 -34.15
CA LEU A 1282 27.31 43.94 -33.37
C LEU A 1282 27.50 45.33 -33.93
N GLY A 1283 26.38 45.98 -34.23
CA GLY A 1283 26.36 47.41 -34.51
C GLY A 1283 26.87 47.82 -35.88
N THR A 1284 27.74 47.01 -36.47
CA THR A 1284 28.41 47.39 -37.70
C THR A 1284 27.56 47.10 -38.93
N GLU A 1285 26.30 47.54 -38.89
CA GLU A 1285 25.37 47.30 -39.98
C GLU A 1285 24.14 48.16 -39.75
N ALA A 1286 23.33 48.28 -40.78
CA ALA A 1286 22.10 49.07 -40.72
C ALA A 1286 20.90 48.24 -40.32
N GLN A 1287 21.08 46.98 -39.92
CA GLN A 1287 19.96 46.20 -39.39
C GLN A 1287 20.49 45.16 -38.41
N SER A 1288 20.11 45.33 -37.15
CA SER A 1288 20.16 44.28 -36.14
C SER A 1288 19.13 44.65 -35.10
N SER A 1289 18.74 43.68 -34.29
CA SER A 1289 17.65 43.96 -33.37
C SER A 1289 17.85 43.46 -31.95
N LEU A 1290 18.88 42.68 -31.67
CA LEU A 1290 19.09 42.25 -30.29
C LEU A 1290 19.32 43.43 -29.37
N LEU A 1291 20.11 44.40 -29.81
CA LEU A 1291 20.47 45.50 -28.91
C LEU A 1291 19.24 46.27 -28.50
N LYS A 1292 18.43 46.69 -29.47
CA LYS A 1292 17.20 47.40 -29.15
C LYS A 1292 16.23 46.50 -28.41
N ALA A 1293 16.26 45.19 -28.67
CA ALA A 1293 15.32 44.31 -28.01
C ALA A 1293 15.63 44.17 -26.53
N VAL A 1294 16.91 44.01 -26.17
CA VAL A 1294 17.26 43.93 -24.76
C VAL A 1294 17.12 45.29 -24.10
N ALA A 1295 17.38 46.38 -24.84
CA ALA A 1295 17.16 47.71 -24.31
C ALA A 1295 15.70 47.92 -23.96
N PHE A 1296 14.80 47.52 -24.85
CA PHE A 1296 13.39 47.57 -24.52
C PHE A 1296 13.08 46.66 -23.35
N PHE A 1297 13.72 45.49 -23.30
CA PHE A 1297 13.41 44.54 -22.24
C PHE A 1297 13.75 45.11 -20.88
N LEU A 1298 14.89 45.80 -20.77
CA LEU A 1298 15.38 46.21 -19.47
C LEU A 1298 14.40 47.09 -18.71
N GLU A 1299 13.46 47.72 -19.42
CA GLU A 1299 12.34 48.43 -18.83
C GLU A 1299 11.03 47.66 -18.95
N SER A 1300 11.10 46.38 -19.32
CA SER A 1300 9.93 45.51 -19.44
C SER A 1300 9.71 44.64 -18.22
N ILE A 1301 10.50 44.85 -17.17
CA ILE A 1301 10.61 43.87 -16.09
C ILE A 1301 10.41 44.44 -14.70
N ALA A 1302 10.83 45.66 -14.42
CA ALA A 1302 11.14 46.05 -13.05
C ALA A 1302 10.02 46.82 -12.38
N MET A 1303 9.44 47.82 -13.07
CA MET A 1303 8.48 48.69 -12.42
C MET A 1303 7.27 47.93 -11.91
N HIS A 1304 6.83 46.91 -12.65
CA HIS A 1304 5.86 45.96 -12.16
C HIS A 1304 6.18 44.60 -12.75
N ASP A 1305 5.42 43.60 -12.34
CA ASP A 1305 5.65 42.25 -12.80
C ASP A 1305 4.89 41.95 -14.08
N ILE A 1306 3.58 41.78 -13.99
CA ILE A 1306 2.77 41.25 -15.08
C ILE A 1306 2.04 42.35 -15.82
N ILE A 1307 1.50 43.32 -15.10
CA ILE A 1307 0.67 44.35 -15.71
C ILE A 1307 1.56 45.33 -16.46
N ALA A 1308 1.67 45.15 -17.78
CA ALA A 1308 2.32 46.12 -18.62
C ALA A 1308 1.38 46.68 -19.69
N ALA A 1309 0.63 45.82 -20.37
CA ALA A 1309 -0.37 46.16 -21.39
C ALA A 1309 0.23 46.85 -22.58
N GLU A 1310 1.56 47.00 -22.65
CA GLU A 1310 2.26 47.85 -23.62
C GLU A 1310 1.61 49.23 -23.73
N LYS A 1311 0.91 49.66 -22.67
CA LYS A 1311 0.23 50.95 -22.61
C LYS A 1311 0.86 51.89 -21.59
N CYS A 1312 0.99 51.46 -20.34
CA CYS A 1312 1.68 52.24 -19.32
C CYS A 1312 2.11 51.35 -18.15
N THR A 1315 -5.26 50.82 -15.43
CA THR A 1315 -5.72 49.63 -16.13
C THR A 1315 -6.93 49.05 -15.40
N GLY A 1316 -8.13 49.36 -15.90
CA GLY A 1316 -9.34 49.04 -15.18
C GLY A 1316 -9.78 47.59 -15.25
N ALA A 1317 -10.16 47.12 -16.43
CA ALA A 1317 -10.68 45.77 -16.60
C ALA A 1317 -9.99 45.14 -17.81
N ALA A 1318 -8.82 44.57 -17.57
CA ALA A 1318 -8.03 43.92 -18.62
C ALA A 1318 -7.60 42.54 -18.17
N GLY A 1319 -8.50 41.81 -17.53
CA GLY A 1319 -8.17 40.52 -16.97
C GLY A 1319 -7.97 40.55 -15.47
N ASN A 1320 -8.88 41.18 -14.73
CA ASN A 1320 -8.72 41.27 -13.28
C ASN A 1320 -8.63 39.90 -12.63
N ARG A 1321 -9.26 38.90 -13.22
CA ARG A 1321 -9.19 37.51 -12.76
C ARG A 1321 -7.97 36.80 -13.36
N THR A 1322 -6.82 37.49 -13.28
CA THR A 1322 -5.64 37.17 -14.07
C THR A 1322 -5.09 35.77 -13.79
N SER A 1323 -5.73 35.01 -12.89
CA SER A 1323 -5.26 33.68 -12.55
C SER A 1323 -3.85 33.79 -11.99
N PRO A 1324 -3.69 34.35 -10.80
CA PRO A 1324 -2.36 34.76 -10.33
C PRO A 1324 -1.32 33.66 -10.39
N GLN A 1325 -1.75 32.41 -10.58
CA GLN A 1325 -0.80 31.32 -10.72
C GLN A 1325 -0.11 31.31 -12.08
N GLU A 1326 -0.53 32.18 -13.01
CA GLU A 1326 0.23 32.39 -14.22
C GLU A 1326 1.04 33.69 -14.20
N GLY A 1327 0.82 34.54 -13.21
CA GLY A 1327 1.71 35.68 -13.04
C GLY A 1327 3.13 35.25 -12.79
N GLU A 1328 3.33 34.27 -11.90
CA GLU A 1328 4.68 33.77 -11.70
C GLU A 1328 5.14 32.96 -12.90
N ARG A 1329 4.24 32.41 -13.69
CA ARG A 1329 4.66 31.76 -14.92
C ARG A 1329 5.33 32.76 -15.86
N TYR A 1330 4.72 33.94 -16.01
CA TYR A 1330 5.38 34.97 -16.79
C TYR A 1330 6.66 35.45 -16.09
N ASN A 1331 6.62 35.50 -14.75
CA ASN A 1331 7.78 35.95 -14.00
C ASN A 1331 8.97 35.04 -14.21
N TYR A 1332 8.75 33.73 -14.29
CA TYR A 1332 9.83 32.78 -14.47
C TYR A 1332 10.59 33.06 -15.77
N SER A 1333 9.85 33.23 -16.87
CA SER A 1333 10.48 33.45 -18.16
C SER A 1333 11.13 34.82 -18.22
N LYS A 1334 10.47 35.83 -17.67
CA LYS A 1334 11.11 37.14 -17.59
C LYS A 1334 12.42 37.06 -16.82
N CYS A 1335 12.42 36.37 -15.69
CA CYS A 1335 13.60 36.25 -14.86
C CYS A 1335 14.74 35.54 -15.58
N THR A 1336 14.42 34.46 -16.29
CA THR A 1336 15.50 33.77 -16.97
C THR A 1336 16.10 34.64 -18.06
N VAL A 1337 15.27 35.45 -18.73
CA VAL A 1337 15.85 36.36 -19.71
C VAL A 1337 16.73 37.39 -19.02
N VAL A 1338 16.32 37.84 -17.82
CA VAL A 1338 17.13 38.78 -17.06
C VAL A 1338 18.51 38.22 -16.83
N VAL A 1339 18.56 36.99 -16.32
CA VAL A 1339 19.85 36.40 -16.00
C VAL A 1339 20.69 36.27 -17.25
N ARG A 1340 20.11 35.75 -18.34
CA ARG A 1340 20.88 35.56 -19.57
C ARG A 1340 21.39 36.87 -20.12
N ILE A 1341 20.68 37.98 -19.88
CA ILE A 1341 21.22 39.28 -20.26
C ILE A 1341 22.44 39.60 -19.43
N MET A 1342 22.40 39.28 -18.13
CA MET A 1342 23.59 39.54 -17.32
C MET A 1342 24.79 38.77 -17.86
N GLU A 1343 24.63 37.48 -18.17
CA GLU A 1343 25.76 36.74 -18.73
C GLU A 1343 26.19 37.28 -20.09
N PHE A 1344 25.25 37.69 -20.94
CA PHE A 1344 25.66 38.18 -22.24
C PHE A 1344 26.44 39.48 -22.11
N THR A 1345 25.98 40.38 -21.27
CA THR A 1345 26.75 41.59 -21.01
C THR A 1345 28.15 41.23 -20.54
N THR A 1346 28.25 40.26 -19.63
CA THR A 1346 29.54 39.85 -19.11
C THR A 1346 30.45 39.32 -20.20
N THR A 1347 29.89 38.53 -21.11
CA THR A 1347 30.68 38.01 -22.22
C THR A 1347 31.18 39.14 -23.11
N LEU A 1348 30.32 40.11 -23.37
CA LEU A 1348 30.72 41.24 -24.19
C LEU A 1348 31.84 42.02 -23.52
N LEU A 1349 31.71 42.28 -22.22
CA LEU A 1349 32.71 43.06 -21.52
C LEU A 1349 34.00 42.28 -21.34
N ASN A 1350 33.95 40.96 -21.38
CA ASN A 1350 35.19 40.19 -21.36
C ASN A 1350 35.76 39.98 -22.76
N THR A 1351 35.02 40.33 -23.80
CA THR A 1351 35.61 40.49 -25.12
C THR A 1351 36.41 41.79 -25.19
N SER A 1352 37.60 41.70 -25.79
CA SER A 1352 38.66 42.69 -25.57
C SER A 1352 38.25 44.14 -25.79
N PRO A 1353 37.56 44.52 -26.87
CA PRO A 1353 37.18 45.94 -27.02
C PRO A 1353 36.01 46.27 -26.11
N GLU A 1354 36.31 46.93 -24.98
CA GLU A 1354 35.26 47.43 -24.10
C GLU A 1354 35.12 48.94 -24.17
N GLY A 1355 36.24 49.65 -24.25
CA GLY A 1355 36.18 51.07 -24.54
C GLY A 1355 35.56 51.37 -25.89
N TRP A 1356 35.80 50.49 -26.88
CA TRP A 1356 35.08 50.61 -28.14
C TRP A 1356 33.58 50.40 -27.93
N LYS A 1357 33.22 49.41 -27.12
CA LYS A 1357 31.83 49.19 -26.76
C LYS A 1357 31.23 50.30 -25.93
N LEU A 1358 32.07 51.18 -25.36
CA LEU A 1358 31.61 52.20 -24.43
C LEU A 1358 30.52 53.08 -25.04
N LEU A 1359 30.76 53.60 -26.24
CA LEU A 1359 29.86 54.55 -26.87
C LEU A 1359 28.92 53.89 -27.86
N LYS A 1360 28.90 52.56 -27.88
CA LYS A 1360 28.06 51.80 -28.80
C LYS A 1360 27.02 50.96 -28.08
N LYS A 1361 27.45 50.13 -27.14
CA LYS A 1361 26.55 49.26 -26.39
C LYS A 1361 26.08 49.93 -25.11
N ASP A 1362 25.61 51.16 -25.22
CA ASP A 1362 25.34 51.98 -24.06
C ASP A 1362 23.99 52.69 -24.07
N LEU A 1363 23.12 52.42 -25.04
CA LEU A 1363 21.74 52.86 -24.85
C LEU A 1363 21.07 52.11 -23.71
N CYS A 1364 21.70 51.04 -23.21
CA CYS A 1364 21.15 50.19 -22.17
C CYS A 1364 21.71 50.47 -20.79
N ASN A 1365 22.88 51.10 -20.70
CA ASN A 1365 23.70 50.99 -19.50
C ASN A 1365 22.95 51.48 -18.26
N THR A 1366 22.24 52.58 -18.36
CA THR A 1366 21.57 53.10 -17.17
C THR A 1366 20.44 52.18 -16.71
N HIS A 1367 19.91 51.36 -17.61
CA HIS A 1367 18.90 50.39 -17.22
C HIS A 1367 19.52 49.09 -16.74
N LEU A 1368 20.62 48.68 -17.37
CA LEU A 1368 21.34 47.50 -16.93
C LEU A 1368 21.86 47.67 -15.52
N MET A 1369 22.41 48.85 -15.22
CA MET A 1369 22.94 49.07 -13.88
C MET A 1369 21.83 49.03 -12.85
N ARG A 1370 20.68 49.62 -13.17
CA ARG A 1370 19.60 49.64 -12.19
C ARG A 1370 19.04 48.25 -11.96
N VAL A 1371 18.92 47.44 -13.01
CA VAL A 1371 18.42 46.07 -12.79
C VAL A 1371 19.47 45.24 -12.07
N LEU A 1372 20.75 45.42 -12.41
CA LEU A 1372 21.80 44.69 -11.72
C LEU A 1372 21.80 45.01 -10.24
N VAL A 1373 21.70 46.29 -9.88
CA VAL A 1373 21.68 46.61 -8.47
C VAL A 1373 20.39 46.12 -7.82
N GLN A 1374 19.29 46.09 -8.56
CA GLN A 1374 18.05 45.62 -7.95
C GLN A 1374 18.15 44.13 -7.61
N THR A 1375 18.64 43.35 -8.57
CA THR A 1375 18.83 41.90 -8.47
C THR A 1375 20.02 41.53 -7.59
N LEU A 1376 20.90 42.47 -7.30
CA LEU A 1376 21.93 42.27 -6.29
C LEU A 1376 21.40 42.57 -4.90
N CYS A 1377 20.53 43.57 -4.77
CA CYS A 1377 20.08 43.99 -3.46
C CYS A 1377 18.98 43.09 -2.95
N GLU A 1378 17.81 43.12 -3.57
CA GLU A 1378 16.79 42.12 -3.26
C GLU A 1378 16.05 41.76 -4.54
N PRO A 1379 16.55 40.76 -5.27
CA PRO A 1379 15.86 40.26 -6.46
C PRO A 1379 14.51 39.64 -6.17
N ALA A 1380 14.15 39.44 -4.90
CA ALA A 1380 12.80 39.00 -4.59
C ALA A 1380 11.77 39.98 -5.14
N SER A 1381 12.15 41.26 -5.24
CA SER A 1381 11.20 42.32 -5.57
C SER A 1381 10.70 42.25 -7.00
N ILE A 1382 11.43 41.62 -7.90
CA ILE A 1382 11.00 41.54 -9.29
C ILE A 1382 10.67 40.09 -9.62
N GLY A 1383 10.11 39.39 -8.64
CA GLY A 1383 9.45 38.11 -8.82
C GLY A 1383 10.31 36.87 -8.63
N PHE A 1384 11.62 37.01 -8.47
CA PHE A 1384 12.49 35.84 -8.37
C PHE A 1384 12.05 34.89 -7.27
N ASN A 1385 11.90 35.40 -6.04
CA ASN A 1385 11.94 34.57 -4.85
C ASN A 1385 10.61 33.88 -4.60
N ILE A 1386 10.48 32.67 -5.15
CA ILE A 1386 9.48 31.72 -4.66
C ILE A 1386 10.12 30.37 -4.38
N GLY A 1387 10.68 29.74 -5.43
CA GLY A 1387 11.11 28.36 -5.31
C GLY A 1387 12.29 28.19 -4.36
N ASP A 1388 13.19 29.17 -4.35
CA ASP A 1388 14.34 29.18 -3.45
C ASP A 1388 15.22 27.95 -3.63
N VAL A 1389 15.33 27.46 -4.86
CA VAL A 1389 15.94 26.15 -5.06
C VAL A 1389 17.23 26.25 -5.89
N GLN A 1390 17.11 26.57 -7.18
CA GLN A 1390 18.23 26.56 -8.11
C GLN A 1390 18.53 27.95 -8.66
N VAL A 1391 17.48 28.70 -9.01
CA VAL A 1391 17.69 30.02 -9.58
C VAL A 1391 18.42 30.94 -8.61
N MET A 1392 17.97 31.00 -7.36
CA MET A 1392 18.68 31.82 -6.39
C MET A 1392 19.98 31.19 -5.89
N ALA A 1393 20.21 29.92 -6.14
CA ALA A 1393 21.54 29.37 -5.89
C ALA A 1393 22.51 29.77 -6.99
N HIS A 1394 22.01 30.04 -8.19
CA HIS A 1394 22.82 30.47 -9.32
C HIS A 1394 23.00 31.98 -9.38
N LEU A 1395 22.03 32.73 -8.88
CA LEU A 1395 21.97 34.15 -9.13
C LEU A 1395 23.16 34.92 -8.58
N PRO A 1396 23.54 34.81 -7.32
CA PRO A 1396 24.59 35.69 -6.80
C PRO A 1396 25.87 35.58 -7.56
N ASP A 1397 26.19 34.41 -8.07
CA ASP A 1397 27.50 34.23 -8.66
C ASP A 1397 27.56 34.79 -10.07
N VAL A 1398 26.42 35.10 -10.69
CA VAL A 1398 26.44 35.88 -11.92
C VAL A 1398 26.35 37.37 -11.63
N CYS A 1399 25.64 37.77 -10.57
CA CYS A 1399 25.74 39.17 -10.13
C CYS A 1399 27.19 39.56 -9.90
N VAL A 1400 27.91 38.79 -9.10
CA VAL A 1400 29.28 39.15 -8.74
C VAL A 1400 30.17 39.07 -9.97
N ASN A 1401 29.88 38.16 -10.90
CA ASN A 1401 30.65 38.06 -12.13
C ASN A 1401 30.48 39.32 -12.97
N LEU A 1402 29.24 39.78 -13.10
CA LEU A 1402 28.97 40.96 -13.89
C LEU A 1402 29.67 42.17 -13.30
N MET A 1403 29.61 42.30 -11.98
CA MET A 1403 30.27 43.43 -11.34
C MET A 1403 31.78 43.35 -11.50
N LYS A 1404 32.35 42.15 -11.41
CA LYS A 1404 33.79 42.03 -11.60
C LYS A 1404 34.20 42.40 -13.01
N ALA A 1405 33.34 42.17 -14.01
CA ALA A 1405 33.66 42.65 -15.36
C ALA A 1405 33.48 44.16 -15.47
N LEU A 1406 32.41 44.68 -14.89
CA LEU A 1406 32.14 46.12 -14.95
C LEU A 1406 33.27 46.91 -14.33
N LYS A 1407 33.87 46.38 -13.27
CA LYS A 1407 34.99 47.05 -12.63
C LYS A 1407 36.13 47.27 -13.60
N MET A 1408 36.55 46.23 -14.31
CA MET A 1408 37.61 46.39 -15.30
C MET A 1408 37.19 47.35 -16.42
N SER A 1409 35.95 47.21 -16.88
CA SER A 1409 35.42 48.12 -17.89
C SER A 1409 35.26 49.52 -17.31
N PRO A 1410 35.24 50.56 -18.15
CA PRO A 1410 35.10 51.92 -17.63
C PRO A 1410 33.76 52.20 -16.95
N TYR A 1411 32.90 51.20 -16.85
CA TYR A 1411 31.63 51.36 -16.16
C TYR A 1411 31.75 51.16 -14.66
N LYS A 1412 32.98 51.07 -14.13
CA LYS A 1412 33.14 50.95 -12.69
C LYS A 1412 32.56 52.14 -11.97
N ASP A 1413 32.73 53.32 -12.54
CA ASP A 1413 32.27 54.54 -11.90
C ASP A 1413 30.74 54.56 -11.81
N ILE A 1414 30.07 54.27 -12.93
CA ILE A 1414 28.62 54.28 -12.93
C ILE A 1414 28.07 53.16 -12.05
N LEU A 1415 28.74 52.01 -12.04
CA LEU A 1415 28.29 50.96 -11.13
C LEU A 1415 28.41 51.41 -9.68
N GLU A 1416 29.53 52.04 -9.33
CA GLU A 1416 29.71 52.49 -7.96
C GLU A 1416 28.64 53.51 -7.58
N THR A 1417 28.32 54.41 -8.51
CA THR A 1417 27.26 55.38 -8.26
C THR A 1417 25.94 54.67 -7.99
N HIS A 1418 25.55 53.77 -8.91
CA HIS A 1418 24.28 53.09 -8.80
C HIS A 1418 24.22 52.21 -7.56
N LEU A 1419 25.36 51.73 -7.09
CA LEU A 1419 25.38 50.91 -5.89
C LEU A 1419 25.23 51.78 -4.65
N ARG A 1420 26.17 52.69 -4.44
CA ARG A 1420 26.18 53.46 -3.21
C ARG A 1420 25.01 54.43 -3.14
N GLU A 1421 24.25 54.59 -4.22
CA GLU A 1421 22.96 55.26 -4.08
C GLU A 1421 21.91 54.35 -3.47
N LYS A 1422 22.21 53.07 -3.28
CA LYS A 1422 21.29 52.13 -2.65
C LYS A 1422 21.81 51.51 -1.36
N ILE A 1423 23.11 51.52 -1.13
CA ILE A 1423 23.70 50.92 0.04
C ILE A 1423 24.77 51.85 0.57
N THR A 1424 24.79 52.05 1.89
CA THR A 1424 25.76 52.95 2.48
C THR A 1424 25.89 52.63 3.96
N ALA A 1425 26.92 53.21 4.57
CA ALA A 1425 27.10 53.06 6.01
C ALA A 1425 25.89 53.55 6.78
N GLN A 1426 25.27 54.64 6.33
CA GLN A 1426 24.09 55.14 7.01
C GLN A 1426 22.96 54.12 6.95
N SER A 1427 22.75 53.50 5.78
CA SER A 1427 21.71 52.49 5.66
C SER A 1427 22.00 51.31 6.58
N ILE A 1428 23.26 50.86 6.61
CA ILE A 1428 23.61 49.75 7.49
C ILE A 1428 23.34 50.13 8.93
N GLU A 1429 23.72 51.35 9.32
CA GLU A 1429 23.56 51.78 10.70
C GLU A 1429 22.10 51.81 11.09
N GLU A 1430 21.24 52.33 10.22
CA GLU A 1430 19.83 52.46 10.57
C GLU A 1430 19.11 51.11 10.53
N LEU A 1431 19.59 50.16 9.72
CA LEU A 1431 19.08 48.80 9.88
C LEU A 1431 19.42 48.21 11.24
N CYS A 1432 20.68 48.28 11.65
CA CYS A 1432 21.13 47.59 12.84
C CYS A 1432 20.84 48.34 14.12
N ALA A 1433 20.32 49.56 14.02
CA ALA A 1433 20.02 50.33 15.22
C ALA A 1433 18.68 49.95 15.85
N VAL A 1434 17.88 49.12 15.20
CA VAL A 1434 16.50 48.94 15.65
C VAL A 1434 16.35 47.70 16.51
N ASN A 1435 16.99 46.60 16.13
CA ASN A 1435 16.53 45.27 16.52
C ASN A 1435 16.73 45.00 18.00
N LEU A 1436 15.89 44.11 18.53
CA LEU A 1436 16.04 43.53 19.86
C LEU A 1436 16.36 42.04 19.80
N TYR A 1437 16.52 41.47 18.60
CA TYR A 1437 16.62 40.03 18.39
C TYR A 1437 15.38 39.30 18.92
N GLY A 1438 14.24 40.00 18.93
CA GLY A 1438 13.06 39.48 19.57
C GLY A 1438 12.10 38.81 18.61
N PRO A 1439 10.91 38.48 19.11
CA PRO A 1439 9.92 37.81 18.27
C PRO A 1439 9.22 38.74 17.32
N ASP A 1440 9.81 39.91 17.10
CA ASP A 1440 9.24 41.00 16.34
C ASP A 1440 10.22 41.40 15.23
N ALA A 1441 9.83 42.39 14.44
CA ALA A 1441 10.74 43.02 13.47
C ALA A 1441 11.34 42.01 12.50
N GLN A 1442 10.55 41.00 12.13
CA GLN A 1442 11.04 39.97 11.23
C GLN A 1442 11.40 40.54 9.88
N VAL A 1443 10.58 41.46 9.37
CA VAL A 1443 10.89 42.06 8.08
C VAL A 1443 12.16 42.88 8.16
N ASP A 1444 12.39 43.53 9.29
CA ASP A 1444 13.64 44.26 9.48
C ASP A 1444 14.81 43.30 9.46
N ARG A 1445 14.66 42.15 10.10
CA ARG A 1445 15.72 41.16 10.11
C ARG A 1445 16.01 40.67 8.70
N SER A 1446 14.97 40.37 7.93
CA SER A 1446 15.17 39.93 6.55
C SER A 1446 15.79 41.03 5.70
N ARG A 1447 15.45 42.28 5.99
CA ARG A 1447 16.04 43.40 5.25
C ARG A 1447 17.53 43.52 5.52
N LEU A 1448 17.92 43.39 6.79
CA LEU A 1448 19.34 43.38 7.10
C LEU A 1448 20.02 42.19 6.46
N ALA A 1449 19.29 41.08 6.34
CA ALA A 1449 19.82 39.91 5.67
C ALA A 1449 20.13 40.19 4.21
N ALA A 1450 19.21 40.87 3.52
CA ALA A 1450 19.48 41.21 2.12
C ALA A 1450 20.66 42.16 2.01
N VAL A 1451 20.77 43.10 2.95
CA VAL A 1451 21.89 44.02 2.91
C VAL A 1451 23.21 43.27 3.04
N VAL A 1452 23.30 42.36 4.02
CA VAL A 1452 24.57 41.67 4.24
C VAL A 1452 24.86 40.69 3.11
N SER A 1453 23.85 40.05 2.53
CA SER A 1453 24.10 39.21 1.38
C SER A 1453 24.66 40.02 0.23
N ALA A 1454 24.05 41.17 -0.03
CA ALA A 1454 24.51 42.03 -1.12
C ALA A 1454 25.94 42.48 -0.87
N CYS A 1455 26.26 42.80 0.37
CA CYS A 1455 27.61 43.24 0.68
C CYS A 1455 28.62 42.11 0.53
N LYS A 1456 28.22 40.88 0.88
CA LYS A 1456 29.10 39.75 0.66
C LYS A 1456 29.37 39.54 -0.83
N GLN A 1457 28.34 39.72 -1.65
CA GLN A 1457 28.54 39.63 -3.09
C GLN A 1457 29.46 40.72 -3.59
N LEU A 1458 29.34 41.93 -3.04
CA LEU A 1458 30.29 42.98 -3.37
C LEU A 1458 31.71 42.62 -2.95
N HIS A 1459 31.86 42.05 -1.76
CA HIS A 1459 33.17 41.65 -1.29
C HIS A 1459 33.79 40.62 -2.22
N ARG A 1460 33.00 39.63 -2.63
CA ARG A 1460 33.46 38.67 -3.63
C ARG A 1460 33.78 39.36 -4.93
N ALA A 1461 33.06 40.43 -5.24
CA ALA A 1461 33.31 41.16 -6.49
C ALA A 1461 34.61 41.93 -6.43
N GLY A 1462 35.03 42.33 -5.24
CA GLY A 1462 36.18 43.20 -5.11
C GLY A 1462 35.82 44.66 -5.05
N LEU A 1463 34.55 44.99 -4.88
CA LEU A 1463 34.10 46.37 -4.81
C LEU A 1463 33.59 46.73 -3.43
N LEU A 1464 33.82 45.90 -2.41
CA LEU A 1464 33.29 46.18 -1.09
C LEU A 1464 33.86 47.49 -0.54
N HIS A 1465 35.18 47.62 -0.56
CA HIS A 1465 35.79 48.83 -0.03
C HIS A 1465 35.40 50.06 -0.84
N ASN A 1466 35.34 49.93 -2.17
CA ASN A 1466 34.97 51.06 -2.99
C ASN A 1466 33.56 51.53 -2.67
N ILE A 1467 32.61 50.60 -2.54
CA ILE A 1467 31.27 51.03 -2.21
C ILE A 1467 31.19 51.53 -0.77
N LEU A 1468 32.08 51.06 0.10
CA LEU A 1468 31.99 51.34 1.53
C LEU A 1468 33.38 51.46 2.13
N PRO A 1469 34.00 52.63 2.02
CA PRO A 1469 35.35 52.80 2.57
C PRO A 1469 35.30 53.23 4.02
N SER A 1470 36.45 53.09 4.68
CA SER A 1470 36.55 53.37 6.11
C SER A 1470 36.81 54.85 6.35
N GLN A 1471 36.19 55.38 7.41
CA GLN A 1471 36.40 56.75 7.83
C GLN A 1471 37.37 56.86 9.00
N SER A 1472 37.99 55.78 9.39
CA SER A 1472 38.87 55.72 10.54
C SER A 1472 40.32 55.86 10.09
N THR A 1473 41.25 55.55 10.99
CA THR A 1473 42.67 55.67 10.69
C THR A 1473 43.25 54.34 10.20
N ASP A 1474 43.25 53.32 11.06
CA ASP A 1474 43.83 52.02 10.74
C ASP A 1474 42.79 50.91 10.71
N LEU A 1475 42.09 50.70 11.81
CA LEU A 1475 41.02 49.72 11.83
C LEU A 1475 39.83 50.25 11.04
N HIS A 1476 39.18 49.34 10.31
CA HIS A 1476 38.10 49.74 9.43
C HIS A 1476 36.93 50.29 10.23
N HIS A 1477 36.39 51.42 9.80
CA HIS A 1477 35.26 52.00 10.48
C HIS A 1477 34.05 51.09 10.47
N SER A 1478 33.66 50.63 9.28
CA SER A 1478 32.37 50.02 9.10
C SER A 1478 32.21 48.71 9.87
N VAL A 1479 33.31 48.08 10.27
CA VAL A 1479 33.23 46.82 11.00
C VAL A 1479 33.77 46.95 12.41
N GLY A 1480 34.80 47.77 12.61
CA GLY A 1480 35.13 48.18 13.94
C GLY A 1480 33.95 48.76 14.67
N THR A 1481 32.93 49.19 13.93
CA THR A 1481 31.63 49.50 14.50
C THR A 1481 30.63 48.35 14.38
N GLU A 1482 30.65 47.62 13.25
CA GLU A 1482 29.65 46.58 13.03
C GLU A 1482 29.77 45.47 14.07
N LEU A 1483 30.93 44.81 14.10
CA LEU A 1483 31.22 43.81 15.11
C LEU A 1483 30.85 44.29 16.49
N LEU A 1484 31.37 45.45 16.89
CA LEU A 1484 31.22 45.86 18.28
C LEU A 1484 29.78 46.20 18.57
N SER A 1485 29.29 47.30 18.03
CA SER A 1485 27.98 47.78 18.44
C SER A 1485 26.84 46.90 17.93
N LEU A 1486 27.15 45.82 17.22
CA LEU A 1486 26.09 44.98 16.71
C LEU A 1486 26.05 43.61 17.37
N VAL A 1487 27.11 42.82 17.22
CA VAL A 1487 26.98 41.39 17.50
C VAL A 1487 27.55 41.07 18.87
N TYR A 1488 28.79 41.49 19.12
CA TYR A 1488 29.39 41.29 20.44
C TYR A 1488 28.55 41.94 21.53
N LYS A 1489 28.07 43.15 21.27
CA LYS A 1489 27.22 43.83 22.23
C LYS A 1489 25.76 43.51 22.04
N GLY A 1490 25.41 42.69 21.05
CA GLY A 1490 24.03 42.40 20.77
C GLY A 1490 23.40 41.36 21.65
N ILE A 1491 24.14 40.83 22.62
CA ILE A 1491 23.69 39.70 23.42
C ILE A 1491 23.78 39.95 24.92
N ALA A 1492 24.34 41.08 25.34
CA ALA A 1492 24.53 41.36 26.77
C ALA A 1492 24.07 42.76 27.12
N PRO A 1493 22.76 43.02 27.08
CA PRO A 1493 22.27 44.36 27.44
C PRO A 1493 22.13 44.57 28.95
N GLY A 1494 22.92 45.49 29.49
CA GLY A 1494 22.76 45.91 30.87
C GLY A 1494 22.96 44.80 31.90
N ASP A 1495 22.29 44.99 33.03
CA ASP A 1495 22.24 43.97 34.07
C ASP A 1495 20.88 43.28 34.15
N GLU A 1496 19.78 43.98 33.88
CA GLU A 1496 18.49 43.32 33.84
C GLU A 1496 18.33 42.61 32.50
N ARG A 1497 17.92 41.34 32.57
CA ARG A 1497 17.93 40.43 31.43
C ARG A 1497 16.49 40.05 31.13
N GLN A 1498 15.87 40.77 30.20
CA GLN A 1498 14.54 40.43 29.74
C GLN A 1498 14.49 40.07 28.27
N CYS A 1499 15.34 40.69 27.46
CA CYS A 1499 15.49 40.32 26.06
C CYS A 1499 16.86 39.70 25.80
N LEU A 1500 17.33 38.87 26.74
CA LEU A 1500 18.55 38.10 26.50
C LEU A 1500 18.44 37.19 25.29
N PRO A 1501 17.42 36.33 25.15
CA PRO A 1501 17.53 35.19 24.22
C PRO A 1501 17.78 35.63 22.79
N SER A 1502 18.61 34.86 22.10
CA SER A 1502 19.00 35.10 20.72
C SER A 1502 18.74 33.92 19.82
N LEU A 1503 19.18 32.74 20.21
CA LEU A 1503 19.22 31.59 19.31
C LEU A 1503 17.80 31.19 18.94
N ASP A 1504 17.43 31.45 17.68
CA ASP A 1504 16.14 31.09 17.16
C ASP A 1504 16.26 30.37 15.84
N LEU A 1505 17.48 29.98 15.46
CA LEU A 1505 17.88 29.51 14.14
C LEU A 1505 17.67 30.57 13.07
N SER A 1506 17.17 31.74 13.45
CA SER A 1506 17.05 32.88 12.54
C SER A 1506 17.90 34.04 12.99
N CYS A 1507 17.72 34.48 14.24
CA CYS A 1507 18.52 35.57 14.77
C CYS A 1507 19.99 35.18 14.85
N LYS A 1508 20.27 33.96 15.31
CA LYS A 1508 21.64 33.49 15.37
C LYS A 1508 22.24 33.39 13.97
N GLN A 1509 21.46 32.91 13.00
CA GLN A 1509 21.95 32.79 11.64
C GLN A 1509 22.26 34.15 11.03
N LEU A 1510 21.39 35.13 11.26
CA LEU A 1510 21.68 36.49 10.82
C LEU A 1510 22.91 37.04 11.52
N ALA A 1511 23.04 36.82 12.82
CA ALA A 1511 24.16 37.39 13.53
C ALA A 1511 25.45 36.84 12.99
N SER A 1512 25.46 35.55 12.66
CA SER A 1512 26.67 34.96 12.11
C SER A 1512 26.96 35.50 10.71
N GLY A 1513 25.91 35.72 9.91
CA GLY A 1513 26.12 36.35 8.60
C GLY A 1513 26.71 37.75 8.72
N LEU A 1514 26.20 38.53 9.67
CA LEU A 1514 26.76 39.85 9.94
C LEU A 1514 28.21 39.73 10.34
N LEU A 1515 28.54 38.77 11.20
CA LEU A 1515 29.90 38.66 11.70
C LEU A 1515 30.86 38.25 10.59
N GLU A 1516 30.43 37.36 9.71
CA GLU A 1516 31.24 37.00 8.55
C GLU A 1516 31.50 38.21 7.67
N LEU A 1517 30.45 39.00 7.42
CA LEU A 1517 30.65 40.27 6.72
C LEU A 1517 31.71 41.09 7.41
N ALA A 1518 31.56 41.28 8.71
CA ALA A 1518 32.49 42.11 9.45
C ALA A 1518 33.92 41.65 9.24
N PHE A 1519 34.14 40.35 9.21
CA PHE A 1519 35.49 39.86 8.99
C PHE A 1519 35.93 40.02 7.56
N ALA A 1520 35.00 40.25 6.62
CA ALA A 1520 35.40 40.42 5.21
C ALA A 1520 36.08 41.78 4.93
N PHE A 1521 36.50 42.48 5.97
CA PHE A 1521 37.15 43.78 5.93
C PHE A 1521 38.59 43.60 6.40
N GLY A 1522 39.22 44.70 6.77
CA GLY A 1522 40.62 44.67 7.14
C GLY A 1522 40.96 43.81 8.36
N GLY A 1523 42.17 43.96 8.87
CA GLY A 1523 42.71 43.02 9.82
C GLY A 1523 42.02 43.11 11.17
N LEU A 1524 40.77 42.70 11.19
CA LEU A 1524 39.95 42.78 12.39
C LEU A 1524 40.20 41.63 13.35
N CYS A 1525 41.06 40.67 12.99
CA CYS A 1525 41.31 39.54 13.87
C CYS A 1525 42.13 39.94 15.07
N GLU A 1526 43.10 40.84 14.90
CA GLU A 1526 43.93 41.21 16.03
C GLU A 1526 43.13 41.81 17.17
N ARG A 1527 41.93 42.32 16.90
CA ARG A 1527 41.07 42.70 18.01
C ARG A 1527 39.93 41.72 18.21
N LEU A 1528 39.59 40.90 17.22
CA LEU A 1528 38.71 39.76 17.47
C LEU A 1528 39.23 38.94 18.63
N VAL A 1529 40.49 38.54 18.54
CA VAL A 1529 41.08 37.72 19.58
C VAL A 1529 41.10 38.46 20.90
N SER A 1530 41.54 39.72 20.88
CA SER A 1530 41.61 40.46 22.13
C SER A 1530 40.23 40.64 22.75
N LEU A 1531 39.20 40.59 21.93
CA LEU A 1531 37.83 40.62 22.45
C LEU A 1531 37.45 39.28 23.06
N LEU A 1532 37.95 38.19 22.45
CA LEU A 1532 37.71 36.86 23.00
C LEU A 1532 38.37 36.69 24.36
N LEU A 1533 39.60 37.16 24.50
CA LEU A 1533 40.36 37.02 25.72
C LEU A 1533 40.07 38.13 26.72
N ASN A 1534 38.92 38.78 26.62
CA ASN A 1534 38.56 39.85 27.51
C ASN A 1534 37.72 39.30 28.64
N PRO A 1535 38.11 39.47 29.89
CA PRO A 1535 37.27 39.02 31.01
C PRO A 1535 36.15 40.02 31.25
N ALA A 1536 34.94 39.64 30.85
CA ALA A 1536 33.78 40.52 31.02
C ALA A 1536 32.60 39.64 31.42
N VAL A 1537 32.27 39.67 32.70
CA VAL A 1537 31.15 38.88 33.20
C VAL A 1537 29.84 39.47 32.67
N LEU A 1538 28.86 38.59 32.42
CA LEU A 1538 27.55 39.03 31.97
C LEU A 1538 26.48 39.01 33.06
N SER A 1539 26.51 38.04 33.96
CA SER A 1539 25.70 38.05 35.17
C SER A 1539 24.21 38.15 34.86
N THR A 1540 23.70 37.06 34.30
CA THR A 1540 22.26 36.91 34.09
C THR A 1540 21.63 36.24 35.29
N ALA A 1541 20.37 36.59 35.56
CA ALA A 1541 19.60 35.97 36.63
C ALA A 1541 19.36 34.49 36.36
N SER A 1549 21.11 32.45 42.50
CA SER A 1549 19.97 33.13 41.91
C SER A 1549 20.39 33.87 40.64
N VAL A 1550 21.50 34.58 40.71
CA VAL A 1550 22.13 35.20 39.56
C VAL A 1550 23.41 34.46 39.25
N ILE A 1551 23.57 34.08 37.99
CA ILE A 1551 24.72 33.31 37.55
C ILE A 1551 25.61 34.24 36.74
N HIS A 1552 26.90 33.93 36.74
CA HIS A 1552 27.91 34.78 36.13
C HIS A 1552 28.71 33.99 35.12
N PHE A 1553 28.89 34.54 33.92
CA PHE A 1553 29.63 33.85 32.89
C PHE A 1553 30.31 34.86 31.99
N SER A 1554 31.41 34.42 31.38
CA SER A 1554 32.25 35.31 30.59
C SER A 1554 31.56 35.76 29.31
N HIS A 1555 31.72 37.04 28.98
CA HIS A 1555 31.24 37.53 27.69
C HIS A 1555 31.97 36.87 26.55
N GLY A 1556 33.29 36.77 26.65
CA GLY A 1556 34.05 36.08 25.63
C GLY A 1556 33.63 34.63 25.48
N GLU A 1557 33.36 33.96 26.61
CA GLU A 1557 32.92 32.56 26.57
C GLU A 1557 31.56 32.42 25.91
N TYR A 1558 30.61 33.28 26.28
CA TYR A 1558 29.30 33.24 25.66
C TYR A 1558 29.39 33.52 24.17
N PHE A 1559 30.13 34.56 23.80
CA PHE A 1559 30.33 34.92 22.40
C PHE A 1559 30.93 33.76 21.64
N TYR A 1560 31.95 33.13 22.20
CA TYR A 1560 32.58 32.02 21.52
C TYR A 1560 31.63 30.83 21.41
N SER A 1561 30.93 30.50 22.49
CA SER A 1561 29.93 29.45 22.42
C SER A 1561 28.97 29.67 21.28
N LEU A 1562 28.41 30.88 21.19
CA LEU A 1562 27.39 31.16 20.21
C LEU A 1562 27.95 31.08 18.80
N PHE A 1563 29.09 31.71 18.56
CA PHE A 1563 29.50 31.96 17.19
C PHE A 1563 30.84 31.31 16.82
N SER A 1564 31.26 30.28 17.55
CA SER A 1564 32.58 29.70 17.34
C SER A 1564 32.74 29.17 15.92
N GLU A 1565 31.70 28.52 15.41
CA GLU A 1565 31.73 27.95 14.07
C GLU A 1565 32.21 28.93 13.01
N THR A 1566 32.03 30.24 13.23
CA THR A 1566 32.54 31.28 12.34
C THR A 1566 33.75 32.01 12.91
N ILE A 1567 33.79 32.19 14.22
CA ILE A 1567 34.91 32.84 14.86
C ILE A 1567 36.20 32.16 14.46
N ASN A 1568 36.21 30.84 14.54
CA ASN A 1568 37.45 30.18 14.20
C ASN A 1568 37.60 29.90 12.72
N THR A 1569 36.56 30.05 11.89
CA THR A 1569 36.83 30.13 10.46
C THR A 1569 37.67 31.35 10.13
N GLU A 1570 37.32 32.50 10.73
CA GLU A 1570 38.18 33.68 10.59
C GLU A 1570 39.56 33.45 11.18
N LEU A 1571 39.62 32.86 12.38
CA LEU A 1571 40.92 32.63 12.99
C LEU A 1571 41.78 31.72 12.16
N LEU A 1572 41.18 30.72 11.50
CA LEU A 1572 41.96 29.90 10.58
C LEU A 1572 42.28 30.65 9.30
N LYS A 1573 41.49 31.66 8.94
CA LYS A 1573 41.84 32.46 7.79
C LYS A 1573 43.18 33.16 8.02
N ASN A 1574 43.37 33.71 9.22
CA ASN A 1574 44.70 34.23 9.57
C ASN A 1574 45.19 33.66 10.91
N LEU A 1575 45.49 32.36 10.85
CA LEU A 1575 46.06 31.64 11.98
C LEU A 1575 47.47 32.10 12.28
N ASP A 1576 48.22 32.51 11.27
CA ASP A 1576 49.62 32.80 11.45
C ASP A 1576 49.84 33.86 12.52
N LEU A 1577 48.91 34.78 12.69
CA LEU A 1577 48.96 35.70 13.81
C LEU A 1577 47.92 35.42 14.88
N ALA A 1578 46.82 34.75 14.54
CA ALA A 1578 45.83 34.41 15.56
C ALA A 1578 46.44 33.51 16.62
N VAL A 1579 47.24 32.53 16.22
CA VAL A 1579 47.77 31.57 17.17
C VAL A 1579 48.71 32.27 18.14
N LEU A 1580 49.64 33.07 17.61
CA LEU A 1580 50.58 33.72 18.51
C LEU A 1580 49.87 34.74 19.38
N GLU A 1581 48.86 35.43 18.85
CA GLU A 1581 48.11 36.38 19.66
C GLU A 1581 47.38 35.67 20.79
N LEU A 1582 46.80 34.49 20.49
CA LEU A 1582 46.19 33.69 21.54
C LEU A 1582 47.22 33.32 22.59
N MET A 1583 48.43 32.98 22.16
CA MET A 1583 49.36 32.34 23.06
C MET A 1583 50.28 33.31 23.79
N GLN A 1584 50.27 34.62 23.48
CA GLN A 1584 50.88 35.51 24.46
C GLN A 1584 50.01 35.63 25.71
N SER A 1585 48.69 35.54 25.56
CA SER A 1585 47.78 35.58 26.69
C SER A 1585 47.50 34.19 27.26
N SER A 1586 48.45 33.28 27.11
CA SER A 1586 48.27 31.88 27.46
C SER A 1586 48.65 31.57 28.90
N VAL A 1587 49.01 32.58 29.68
CA VAL A 1587 49.33 32.36 31.08
C VAL A 1587 48.34 33.03 32.02
N ASP A 1588 47.58 34.01 31.54
CA ASP A 1588 46.62 34.72 32.39
C ASP A 1588 45.19 34.26 32.20
N ASN A 1589 44.80 33.92 30.98
CA ASN A 1589 43.47 33.37 30.73
C ASN A 1589 43.48 31.85 30.83
N THR A 1590 44.28 31.20 29.98
CA THR A 1590 44.60 29.78 30.04
C THR A 1590 43.41 28.88 29.76
N LYS A 1591 42.21 29.45 29.74
CA LYS A 1591 40.98 28.69 29.59
C LYS A 1591 40.31 29.00 28.27
N MET A 1592 40.15 30.27 27.95
CA MET A 1592 39.71 30.61 26.60
C MET A 1592 40.79 30.31 25.58
N VAL A 1593 42.07 30.43 25.94
CA VAL A 1593 43.13 30.08 25.00
C VAL A 1593 43.00 28.62 24.61
N SER A 1594 42.84 27.75 25.62
CA SER A 1594 42.72 26.32 25.36
C SER A 1594 41.43 26.00 24.64
N ALA A 1595 40.31 26.58 25.08
CA ALA A 1595 39.04 26.33 24.42
C ALA A 1595 39.08 26.74 22.96
N VAL A 1596 39.73 27.87 22.67
CA VAL A 1596 39.77 28.38 21.31
C VAL A 1596 40.71 27.56 20.45
N LEU A 1597 41.87 27.18 20.99
CA LEU A 1597 42.76 26.32 20.23
C LEU A 1597 42.13 24.97 19.94
N ASN A 1598 41.45 24.39 20.93
CA ASN A 1598 40.72 23.15 20.73
C ASN A 1598 39.63 23.32 19.69
N GLY A 1599 38.89 24.42 19.75
CA GLY A 1599 37.86 24.66 18.74
C GLY A 1599 38.44 24.77 17.35
N MET A 1600 39.58 25.45 17.23
CA MET A 1600 40.24 25.60 15.95
C MET A 1600 40.69 24.25 15.41
N LEU A 1601 41.30 23.43 16.27
CA LEU A 1601 41.69 22.08 15.85
C LEU A 1601 40.49 21.23 15.50
N ASP A 1602 39.41 21.32 16.26
CA ASP A 1602 38.20 20.58 15.93
C ASP A 1602 37.64 21.00 14.59
N GLN A 1603 37.64 22.30 14.31
CA GLN A 1603 37.22 22.77 13.00
C GLN A 1603 38.10 22.22 11.89
N SER A 1604 39.42 22.28 12.08
CA SER A 1604 40.30 21.81 11.02
C SER A 1604 40.21 20.30 10.87
N PHE A 1605 39.87 19.60 11.95
CA PHE A 1605 39.70 18.16 11.95
C PHE A 1605 38.39 17.75 11.30
N ARG A 1606 37.32 18.49 11.59
CA ARG A 1606 36.05 18.25 10.94
C ARG A 1606 36.17 18.47 9.46
N GLU A 1607 36.92 19.50 9.06
CA GLU A 1607 37.10 19.78 7.66
C GLU A 1607 38.53 19.39 7.31
N ARG A 1608 39.01 18.28 7.87
CA ARG A 1608 40.33 17.80 7.51
C ARG A 1608 40.34 17.18 6.14
N ALA A 1609 39.19 17.00 5.51
CA ALA A 1609 39.12 16.64 4.11
C ALA A 1609 39.19 17.92 3.28
N ASN A 1610 40.19 17.99 2.39
CA ASN A 1610 40.55 19.12 1.54
C ASN A 1610 41.39 20.18 2.25
N GLN A 1611 41.51 20.12 3.57
CA GLN A 1611 42.33 21.04 4.35
C GLN A 1611 43.35 20.26 5.16
N LYS A 1612 43.87 19.18 4.57
CA LYS A 1612 45.01 18.49 5.15
C LYS A 1612 46.10 19.48 5.49
N HIS A 1613 46.43 20.34 4.53
CA HIS A 1613 47.45 21.36 4.73
C HIS A 1613 47.06 22.34 5.81
N GLN A 1614 45.77 22.68 5.95
CA GLN A 1614 45.40 23.61 7.00
C GLN A 1614 45.60 23.00 8.38
N GLY A 1615 45.20 21.75 8.56
CA GLY A 1615 45.49 21.08 9.82
C GLY A 1615 46.97 20.96 10.08
N LEU A 1616 47.73 20.58 9.04
CA LEU A 1616 49.18 20.54 9.14
C LEU A 1616 49.71 21.86 9.65
N LYS A 1617 49.26 22.97 9.03
CA LYS A 1617 49.84 24.28 9.30
C LYS A 1617 49.47 24.74 10.70
N LEU A 1618 48.23 24.50 11.11
CA LEU A 1618 47.82 24.85 12.47
C LEU A 1618 48.62 24.08 13.51
N ALA A 1619 48.75 22.78 13.33
CA ALA A 1619 49.53 21.98 14.27
C ALA A 1619 50.98 22.43 14.30
N THR A 1620 51.57 22.66 13.12
CA THR A 1620 52.97 23.07 13.05
C THR A 1620 53.19 24.39 13.77
N THR A 1621 52.29 25.36 13.60
CA THR A 1621 52.53 26.64 14.24
C THR A 1621 52.25 26.59 15.74
N ILE A 1622 51.31 25.76 16.18
CA ILE A 1622 51.15 25.60 17.62
C ILE A 1622 52.40 24.98 18.20
N LEU A 1623 52.96 23.99 17.52
CA LEU A 1623 54.23 23.42 17.98
C LEU A 1623 55.33 24.46 17.97
N GLN A 1624 55.36 25.32 16.95
CA GLN A 1624 56.38 26.36 16.89
C GLN A 1624 56.31 27.25 18.11
N HIS A 1625 55.10 27.64 18.51
CA HIS A 1625 54.94 28.51 19.68
C HIS A 1625 54.82 27.72 20.97
N TRP A 1626 55.00 26.40 20.92
CA TRP A 1626 54.88 25.55 22.09
C TRP A 1626 55.56 26.08 23.34
N LYS A 1627 56.59 26.91 23.20
CA LYS A 1627 57.42 27.25 24.35
C LYS A 1627 56.61 27.96 25.43
N LYS A 1628 55.48 28.57 25.07
CA LYS A 1628 54.65 29.27 26.03
C LYS A 1628 53.61 28.37 26.66
N CYS A 1629 53.59 27.10 26.27
CA CYS A 1629 52.86 26.05 26.98
C CYS A 1629 53.59 25.59 28.23
N ASP A 1630 54.82 26.06 28.46
CA ASP A 1630 55.63 25.56 29.55
C ASP A 1630 54.93 25.71 30.90
N SER A 1631 54.16 26.78 31.08
CA SER A 1631 53.46 26.96 32.34
C SER A 1631 52.39 25.91 32.57
N TRP A 1632 51.76 25.43 31.51
CA TRP A 1632 50.63 24.52 31.67
C TRP A 1632 51.02 23.22 32.34
N TRP A 1633 52.14 22.62 31.95
CA TRP A 1633 52.64 21.44 32.63
C TRP A 1633 53.85 21.82 33.47
N ALA A 1634 53.77 21.55 34.76
CA ALA A 1634 54.83 21.90 35.69
C ALA A 1634 54.53 21.16 36.99
N LYS A 1635 55.47 21.27 37.93
CA LYS A 1635 55.36 20.49 39.16
C LYS A 1635 54.09 20.83 39.92
N ASP A 1636 53.74 22.11 39.98
CA ASP A 1636 52.55 22.55 40.70
C ASP A 1636 51.43 23.01 39.78
N SER A 1637 51.52 22.73 38.49
CA SER A 1637 50.41 23.05 37.60
C SER A 1637 49.20 22.20 37.95
N PRO A 1638 48.01 22.79 38.00
CA PRO A 1638 46.83 22.00 38.32
C PRO A 1638 46.54 20.91 37.29
N LEU A 1639 46.02 19.80 37.81
CA LEU A 1639 45.86 18.61 36.99
C LEU A 1639 44.85 18.84 35.86
N GLU A 1640 43.89 19.74 36.05
CA GLU A 1640 43.02 20.09 34.93
C GLU A 1640 43.81 20.75 33.81
N THR A 1641 44.77 21.59 34.17
CA THR A 1641 45.66 22.15 33.17
C THR A 1641 46.45 21.05 32.47
N LYS A 1642 46.89 20.04 33.24
CA LYS A 1642 47.63 18.94 32.63
C LYS A 1642 46.77 18.15 31.63
N MET A 1643 45.52 17.86 32.00
CA MET A 1643 44.62 17.23 31.04
C MET A 1643 44.43 18.10 29.81
N ALA A 1644 44.36 19.42 30.01
CA ALA A 1644 44.21 20.31 28.87
C ALA A 1644 45.38 20.15 27.91
N VAL A 1645 46.59 20.13 28.44
CA VAL A 1645 47.77 19.97 27.59
C VAL A 1645 47.72 18.63 26.88
N LEU A 1646 47.29 17.59 27.59
CA LEU A 1646 47.30 16.25 27.04
C LEU A 1646 46.30 16.13 25.88
N ALA A 1647 45.10 16.66 26.07
CA ALA A 1647 44.10 16.63 25.01
C ALA A 1647 44.52 17.47 23.82
N LEU A 1648 45.11 18.63 24.10
CA LEU A 1648 45.59 19.48 23.02
C LEU A 1648 46.69 18.80 22.25
N LEU A 1649 47.62 18.16 22.96
CA LEU A 1649 48.71 17.44 22.34
C LEU A 1649 48.20 16.27 21.50
N ALA A 1650 47.19 15.57 22.01
CA ALA A 1650 46.53 14.55 21.21
C ALA A 1650 46.07 15.14 19.90
N LYS A 1651 45.14 16.11 19.97
CA LYS A 1651 44.59 16.70 18.75
C LYS A 1651 45.67 17.15 17.81
N ILE A 1652 46.72 17.79 18.32
CA ILE A 1652 47.82 18.22 17.46
C ILE A 1652 48.45 17.03 16.76
N LEU A 1653 48.65 15.94 17.49
CA LEU A 1653 49.41 14.81 16.94
C LEU A 1653 48.60 14.03 15.92
N GLN A 1654 47.33 13.79 16.19
CA GLN A 1654 46.52 13.05 15.24
C GLN A 1654 45.79 13.93 14.23
N ILE A 1655 45.95 15.25 14.29
CA ILE A 1655 45.36 16.08 13.26
C ILE A 1655 46.21 16.03 12.00
N ASP A 1656 47.51 15.84 12.17
CA ASP A 1656 48.42 15.57 11.07
C ASP A 1656 48.96 14.16 11.21
N SER A 1657 49.71 13.75 10.20
CA SER A 1657 50.50 12.52 10.31
C SER A 1657 51.75 12.84 11.12
N SER A 1658 52.75 11.97 11.03
CA SER A 1658 54.08 12.29 11.53
C SER A 1658 54.91 12.96 10.45
N VAL A 1659 54.30 13.92 9.75
CA VAL A 1659 54.91 14.49 8.56
C VAL A 1659 55.79 15.68 8.95
N SER A 1660 55.31 16.46 9.91
CA SER A 1660 56.15 17.46 10.56
C SER A 1660 56.75 16.95 11.86
N PHE A 1661 56.34 15.79 12.32
CA PHE A 1661 56.70 15.29 13.64
C PHE A 1661 57.32 13.92 13.47
N ASN A 1662 58.61 13.89 13.12
CA ASN A 1662 59.36 12.64 13.05
C ASN A 1662 60.51 12.64 14.04
N THR A 1663 61.42 13.61 13.96
CA THR A 1663 62.46 13.80 14.96
C THR A 1663 63.16 15.14 14.76
N SER A 1664 63.29 15.90 15.84
CA SER A 1664 64.10 17.12 15.87
C SER A 1664 63.74 18.08 14.75
N HIS A 1665 62.43 18.22 14.48
CA HIS A 1665 61.98 19.01 13.35
C HIS A 1665 60.82 19.94 13.64
N GLY A 1666 60.01 19.67 14.66
CA GLY A 1666 58.75 20.38 14.83
C GLY A 1666 58.60 20.92 16.23
N SER A 1667 59.69 21.49 16.78
CA SER A 1667 59.82 21.75 18.22
C SER A 1667 59.85 20.43 18.96
N PHE A 1668 60.46 19.44 18.32
CA PHE A 1668 60.44 18.08 18.85
C PHE A 1668 61.00 17.97 20.26
N PRO A 1669 62.13 18.57 20.62
CA PRO A 1669 62.57 18.47 22.02
C PRO A 1669 61.55 18.98 23.01
N GLU A 1670 60.87 20.09 22.72
CA GLU A 1670 59.91 20.61 23.68
C GLU A 1670 58.70 19.71 23.78
N VAL A 1671 58.14 19.30 22.64
CA VAL A 1671 56.96 18.43 22.69
C VAL A 1671 57.30 17.11 23.36
N PHE A 1672 58.48 16.57 23.10
CA PHE A 1672 58.86 15.30 23.70
C PHE A 1672 59.10 15.44 25.19
N THR A 1673 59.72 16.54 25.63
CA THR A 1673 59.86 16.74 27.06
C THR A 1673 58.51 16.85 27.72
N THR A 1674 57.54 17.49 27.05
CA THR A 1674 56.19 17.55 27.60
C THR A 1674 55.60 16.16 27.72
N TYR A 1675 55.75 15.36 26.66
CA TYR A 1675 55.19 14.02 26.62
C TYR A 1675 55.76 13.16 27.73
N ILE A 1676 57.08 13.18 27.90
CA ILE A 1676 57.72 12.41 28.95
C ILE A 1676 57.33 12.93 30.33
N SER A 1677 57.29 14.26 30.48
CA SER A 1677 56.99 14.85 31.77
C SER A 1677 55.60 14.47 32.23
N LEU A 1678 54.64 14.45 31.31
CA LEU A 1678 53.29 14.03 31.65
C LEU A 1678 53.19 12.53 31.84
N LEU A 1679 53.89 11.75 31.02
CA LEU A 1679 53.81 10.30 31.11
C LEU A 1679 54.54 9.75 32.32
N ALA A 1680 55.33 10.59 33.00
CA ALA A 1680 56.21 10.11 34.05
C ALA A 1680 56.01 10.82 35.38
N ASP A 1681 54.93 11.55 35.57
CA ASP A 1681 54.73 12.30 36.80
C ASP A 1681 53.86 11.51 37.77
N THR A 1682 54.37 11.30 38.98
CA THR A 1682 53.79 10.31 39.88
C THR A 1682 52.48 10.78 40.50
N LYS A 1683 52.16 12.06 40.43
CA LYS A 1683 50.90 12.55 40.99
C LYS A 1683 49.75 12.49 39.99
N LEU A 1684 50.03 12.22 38.71
CA LEU A 1684 49.00 12.05 37.70
C LEU A 1684 48.68 10.57 37.59
N ASP A 1685 47.41 10.25 37.47
CA ASP A 1685 46.95 8.90 37.78
C ASP A 1685 46.93 7.98 36.55
N LEU A 1686 46.55 6.73 36.79
CA LEU A 1686 46.75 5.68 35.82
C LEU A 1686 45.90 5.89 34.56
N HIS A 1687 44.66 6.32 34.73
CA HIS A 1687 43.83 6.51 33.53
C HIS A 1687 44.43 7.58 32.65
N LEU A 1688 44.94 8.66 33.27
CA LEU A 1688 45.61 9.72 32.54
C LEU A 1688 46.82 9.19 31.78
N LYS A 1689 47.68 8.46 32.47
CA LYS A 1689 48.77 7.81 31.78
C LYS A 1689 48.25 6.95 30.65
N GLY A 1690 47.04 6.41 30.81
CA GLY A 1690 46.47 5.55 29.80
C GLY A 1690 46.14 6.25 28.51
N GLN A 1691 45.51 7.42 28.59
CA GLN A 1691 45.31 8.07 27.30
C GLN A 1691 46.52 8.93 26.91
N ALA A 1692 47.59 8.87 27.70
CA ALA A 1692 48.87 9.31 27.18
C ALA A 1692 49.58 8.21 26.39
N VAL A 1693 49.54 6.97 26.86
CA VAL A 1693 50.21 5.85 26.20
C VAL A 1693 49.44 5.48 24.96
N THR A 1694 48.39 6.23 24.66
CA THR A 1694 47.77 6.12 23.36
C THR A 1694 48.58 6.85 22.32
N LEU A 1695 49.45 7.76 22.74
CA LEU A 1695 50.24 8.59 21.85
C LEU A 1695 51.61 8.00 21.56
N LEU A 1696 51.93 6.85 22.15
CA LEU A 1696 53.23 6.23 21.92
C LEU A 1696 53.56 5.99 20.45
N PRO A 1697 52.63 5.64 19.57
CA PRO A 1697 53.01 5.41 18.17
C PRO A 1697 53.62 6.62 17.48
N PHE A 1698 53.34 7.83 17.94
CA PHE A 1698 53.98 9.01 17.37
C PHE A 1698 55.40 9.19 17.87
N PHE A 1699 55.78 8.48 18.92
CA PHE A 1699 57.03 8.71 19.61
C PHE A 1699 57.95 7.50 19.63
N THR A 1700 57.52 6.36 19.11
CA THR A 1700 58.37 5.18 19.21
C THR A 1700 59.59 5.24 18.30
N SER A 1701 59.49 5.87 17.13
CA SER A 1701 60.62 5.94 16.22
C SER A 1701 61.65 6.95 16.69
N LEU A 1702 62.11 6.81 17.93
CA LEU A 1702 62.96 7.79 18.60
C LEU A 1702 64.21 7.14 19.16
N THR A 1703 64.92 6.40 18.31
CA THR A 1703 66.10 5.66 18.75
C THR A 1703 67.17 6.56 19.34
N GLY A 1704 67.75 6.09 20.43
CA GLY A 1704 68.97 6.68 20.96
C GLY A 1704 68.75 7.80 21.95
N GLY A 1705 69.19 7.59 23.19
CA GLY A 1705 69.25 8.66 24.17
C GLY A 1705 67.91 9.21 24.58
N SER A 1706 66.85 8.89 23.85
CA SER A 1706 65.49 9.23 24.18
C SER A 1706 64.58 8.02 24.16
N LEU A 1707 64.84 7.06 23.28
CA LEU A 1707 64.17 5.78 23.36
C LEU A 1707 64.40 5.13 24.71
N GLU A 1708 65.61 5.29 25.25
CA GLU A 1708 65.92 4.67 26.55
C GLU A 1708 65.22 5.40 27.69
N GLU A 1709 65.10 6.72 27.61
CA GLU A 1709 64.32 7.46 28.59
C GLU A 1709 62.86 7.08 28.51
N LEU A 1710 62.35 6.92 27.30
CA LEU A 1710 61.00 6.40 27.12
C LEU A 1710 60.85 5.05 27.80
N ARG A 1711 61.82 4.15 27.61
CA ARG A 1711 61.73 2.84 28.23
C ARG A 1711 61.72 2.95 29.74
N ARG A 1712 62.63 3.74 30.30
CA ARG A 1712 62.70 3.75 31.76
C ARG A 1712 61.44 4.34 32.35
N VAL A 1713 60.86 5.34 31.67
CA VAL A 1713 59.57 5.86 32.08
C VAL A 1713 58.50 4.76 32.05
N LEU A 1714 58.42 4.05 30.93
CA LEU A 1714 57.38 3.03 30.75
C LEU A 1714 57.53 1.91 31.78
N GLU A 1715 58.76 1.50 32.07
CA GLU A 1715 58.96 0.40 32.98
C GLU A 1715 58.72 0.83 34.42
N GLN A 1716 59.07 2.06 34.79
CA GLN A 1716 58.63 2.56 36.08
C GLN A 1716 57.12 2.63 36.14
N LEU A 1717 56.49 2.92 35.01
CA LEU A 1717 55.04 2.95 34.93
C LEU A 1717 54.44 1.59 35.28
N ILE A 1718 54.92 0.55 34.61
CA ILE A 1718 54.37 -0.79 34.87
C ILE A 1718 54.68 -1.24 36.29
N VAL A 1719 55.91 -1.02 36.76
CA VAL A 1719 56.26 -1.49 38.09
C VAL A 1719 55.57 -0.67 39.16
N ALA A 1720 55.09 0.51 38.83
CA ALA A 1720 54.40 1.35 39.79
C ALA A 1720 52.91 1.12 39.82
N HIS A 1721 52.33 0.61 38.74
CA HIS A 1721 50.87 0.48 38.70
C HIS A 1721 50.37 -0.91 38.33
N PHE A 1722 51.22 -1.93 38.34
CA PHE A 1722 50.79 -3.26 37.93
C PHE A 1722 51.02 -4.26 39.05
N PRO A 1723 50.32 -5.39 39.03
CA PRO A 1723 50.51 -6.42 40.04
C PRO A 1723 51.81 -7.18 39.77
N MET A 1724 52.06 -8.20 40.58
CA MET A 1724 53.21 -9.02 40.31
C MET A 1724 52.84 -10.24 39.47
N GLN A 1725 51.73 -10.89 39.79
CA GLN A 1725 51.34 -12.14 39.16
C GLN A 1725 50.11 -12.03 38.28
N SER A 1726 49.58 -10.83 38.08
CA SER A 1726 48.44 -10.56 37.20
C SER A 1726 47.14 -11.14 37.72
N ARG A 1727 47.09 -11.52 38.98
CA ARG A 1727 45.94 -12.27 39.47
C ARG A 1727 45.27 -11.67 40.68
N GLU A 1728 46.00 -10.99 41.57
CA GLU A 1728 45.35 -10.61 42.81
C GLU A 1728 44.32 -9.52 42.61
N PHE A 1729 43.94 -9.23 41.37
CA PHE A 1729 42.86 -8.29 41.12
C PHE A 1729 41.60 -9.10 40.87
N PRO A 1730 40.65 -9.14 41.80
CA PRO A 1730 39.42 -9.88 41.56
C PRO A 1730 38.69 -9.31 40.35
N PRO A 1731 38.32 -10.15 39.39
CA PRO A 1731 37.67 -9.64 38.18
C PRO A 1731 36.42 -8.84 38.52
N GLY A 1732 36.22 -7.75 37.79
CA GLY A 1732 35.14 -6.84 38.04
C GLY A 1732 35.49 -5.68 38.94
N THR A 1733 36.41 -5.87 39.87
CA THR A 1733 36.84 -4.77 40.72
C THR A 1733 37.38 -3.63 39.85
N PRO A 1734 37.07 -2.38 40.17
CA PRO A 1734 37.56 -1.27 39.34
C PRO A 1734 39.06 -1.30 39.15
N ARG A 1735 39.81 -1.77 40.14
CA ARG A 1735 41.25 -1.78 40.01
C ARG A 1735 41.69 -2.80 38.94
N PHE A 1736 41.00 -3.93 38.89
CA PHE A 1736 41.22 -4.88 37.81
C PHE A 1736 40.81 -4.32 36.46
N ASN A 1737 39.71 -3.57 36.41
CA ASN A 1737 39.28 -3.03 35.13
C ASN A 1737 40.27 -1.98 34.63
N ASN A 1738 40.85 -1.22 35.55
CA ASN A 1738 41.93 -0.32 35.20
C ASN A 1738 43.10 -1.09 34.62
N TYR A 1739 43.50 -2.18 35.29
CA TYR A 1739 44.55 -3.04 34.74
C TYR A 1739 44.24 -3.43 33.31
N VAL A 1740 43.05 -3.97 33.07
CA VAL A 1740 42.76 -4.52 31.76
C VAL A 1740 42.79 -3.43 30.71
N ASP A 1741 42.23 -2.26 31.01
CA ASP A 1741 42.21 -1.26 29.95
C ASP A 1741 43.58 -0.66 29.72
N CYS A 1742 44.39 -0.49 30.77
CA CYS A 1742 45.73 0.01 30.53
C CYS A 1742 46.54 -0.97 29.69
N MET A 1743 46.44 -2.26 29.99
CA MET A 1743 47.09 -3.25 29.13
C MET A 1743 46.54 -3.20 27.72
N LYS A 1744 45.25 -2.97 27.58
CA LYS A 1744 44.65 -2.90 26.25
C LYS A 1744 45.20 -1.72 25.48
N LYS A 1745 45.49 -0.63 26.19
CA LYS A 1745 46.03 0.55 25.51
C LYS A 1745 47.49 0.34 25.13
N PHE A 1746 48.26 -0.35 25.97
CA PHE A 1746 49.57 -0.86 25.54
C PHE A 1746 49.48 -1.74 24.31
N LEU A 1747 48.55 -2.68 24.25
CA LEU A 1747 48.50 -3.54 23.07
C LEU A 1747 48.08 -2.77 21.84
N ASP A 1748 47.19 -1.78 21.99
CA ASP A 1748 46.83 -0.93 20.86
C ASP A 1748 48.02 -0.13 20.37
N ALA A 1749 48.78 0.46 21.30
CA ALA A 1749 49.97 1.18 20.92
C ALA A 1749 50.94 0.28 20.19
N LEU A 1750 51.17 -0.92 20.72
CA LEU A 1750 52.13 -1.83 20.14
C LEU A 1750 51.71 -2.25 18.75
N GLU A 1751 50.43 -2.55 18.58
CA GLU A 1751 49.96 -3.01 17.29
C GLU A 1751 49.99 -1.89 16.26
N LEU A 1752 49.80 -0.65 16.67
CA LEU A 1752 49.95 0.46 15.73
C LEU A 1752 51.42 0.72 15.40
N SER A 1753 52.31 0.50 16.36
CA SER A 1753 53.69 0.94 16.25
C SER A 1753 54.65 -0.10 15.67
N GLN A 1754 54.38 -1.41 15.85
CA GLN A 1754 55.36 -2.45 15.56
C GLN A 1754 56.71 -2.14 16.21
N SER A 1755 56.67 -1.71 17.47
CA SER A 1755 57.92 -1.26 18.08
C SER A 1755 58.58 -2.39 18.83
N PRO A 1756 59.85 -2.70 18.55
CA PRO A 1756 60.58 -3.66 19.38
C PRO A 1756 60.66 -3.27 20.84
N MET A 1757 60.76 -1.99 21.14
CA MET A 1757 60.66 -1.50 22.52
C MET A 1757 59.38 -1.97 23.19
N LEU A 1758 58.25 -1.61 22.60
CA LEU A 1758 56.97 -1.94 23.18
C LEU A 1758 56.82 -3.45 23.27
N LEU A 1759 57.25 -4.15 22.22
CA LEU A 1759 57.11 -5.60 22.21
C LEU A 1759 57.94 -6.22 23.32
N GLU A 1760 59.15 -5.74 23.53
CA GLU A 1760 59.97 -6.30 24.60
C GLU A 1760 59.30 -6.11 25.94
N LEU A 1761 58.80 -4.90 26.21
CA LEU A 1761 58.16 -4.69 27.51
C LEU A 1761 56.90 -5.55 27.65
N MET A 1762 56.13 -5.67 26.57
CA MET A 1762 54.87 -6.38 26.65
C MET A 1762 55.07 -7.87 26.77
N THR A 1763 56.11 -8.40 26.13
CA THR A 1763 56.45 -9.80 26.32
C THR A 1763 57.01 -10.06 27.70
N GLU A 1764 57.85 -9.17 28.21
CA GLU A 1764 58.35 -9.36 29.56
C GLU A 1764 57.22 -9.30 30.59
N VAL A 1765 56.10 -8.66 30.26
CA VAL A 1765 54.93 -8.73 31.13
C VAL A 1765 54.15 -10.02 30.89
N LEU A 1766 53.91 -10.36 29.62
CA LEU A 1766 53.10 -11.52 29.26
C LEU A 1766 53.68 -12.79 29.82
N CYS A 1767 54.99 -12.93 29.72
CA CYS A 1767 55.72 -14.11 30.17
C CYS A 1767 56.31 -13.93 31.54
N ARG A 1768 55.68 -13.13 32.40
CA ARG A 1768 56.03 -13.13 33.81
C ARG A 1768 55.40 -14.32 34.51
N GLU A 1769 54.38 -14.90 33.90
CA GLU A 1769 53.70 -16.06 34.45
C GLU A 1769 53.10 -16.84 33.29
N GLN A 1770 52.48 -17.97 33.61
CA GLN A 1770 51.87 -18.83 32.61
C GLN A 1770 50.37 -18.67 32.61
N GLN A 1771 49.80 -18.65 31.42
CA GLN A 1771 48.38 -18.36 31.21
C GLN A 1771 48.02 -17.03 31.88
N HIS A 1772 48.57 -15.96 31.30
CA HIS A 1772 48.16 -14.63 31.68
C HIS A 1772 46.67 -14.45 31.48
N VAL A 1773 46.09 -13.51 32.23
CA VAL A 1773 44.63 -13.39 32.27
C VAL A 1773 44.09 -13.05 30.89
N MET A 1774 44.66 -12.07 30.24
CA MET A 1774 44.26 -11.64 28.92
C MET A 1774 45.27 -12.12 27.89
N GLU A 1775 45.82 -13.30 28.13
CA GLU A 1775 46.76 -13.90 27.20
C GLU A 1775 46.18 -14.05 25.81
N GLU A 1776 44.87 -14.26 25.71
CA GLU A 1776 44.27 -14.27 24.38
C GLU A 1776 44.41 -12.90 23.73
N LEU A 1777 44.23 -11.83 24.50
CA LEU A 1777 44.42 -10.51 23.92
C LEU A 1777 45.87 -10.29 23.51
N PHE A 1778 46.82 -10.72 24.33
CA PHE A 1778 48.22 -10.61 23.95
C PHE A 1778 48.50 -11.34 22.66
N GLN A 1779 48.04 -12.58 22.55
CA GLN A 1779 48.34 -13.37 21.36
C GLN A 1779 47.64 -12.82 20.13
N SER A 1780 46.43 -12.31 20.29
CA SER A 1780 45.78 -11.66 19.16
C SER A 1780 46.56 -10.43 18.74
N SER A 1781 47.07 -9.68 19.72
CA SER A 1781 47.94 -8.56 19.44
C SER A 1781 49.14 -8.99 18.63
N PHE A 1782 49.81 -10.05 19.08
CA PHE A 1782 51.03 -10.51 18.41
C PHE A 1782 50.74 -11.01 17.01
N ARG A 1783 49.65 -11.75 16.83
CA ARG A 1783 49.27 -12.20 15.50
C ARG A 1783 49.02 -11.02 14.58
N ARG A 1784 48.38 -9.96 15.08
CA ARG A 1784 48.10 -8.84 14.22
C ARG A 1784 49.34 -8.01 13.92
N ILE A 1785 50.28 -7.89 14.87
CA ILE A 1785 51.48 -7.13 14.54
C ILE A 1785 52.34 -7.88 13.55
N ALA A 1786 52.47 -9.20 13.69
CA ALA A 1786 53.44 -9.91 12.86
C ALA A 1786 52.91 -10.20 11.47
N ARG A 1787 51.92 -9.46 11.02
CA ARG A 1787 51.33 -9.70 9.71
C ARG A 1787 51.11 -8.44 8.89
N ARG A 1788 51.51 -7.26 9.37
CA ARG A 1788 51.13 -6.00 8.77
C ARG A 1788 52.28 -5.28 8.08
N GLY A 1789 53.35 -4.97 8.80
CA GLY A 1789 54.33 -4.02 8.32
C GLY A 1789 55.25 -4.48 7.21
N SER A 1790 56.46 -3.94 7.22
CA SER A 1790 57.48 -4.33 6.26
C SER A 1790 58.39 -5.40 6.85
N CYS A 1791 59.10 -6.09 5.95
CA CYS A 1791 59.94 -7.20 6.39
C CYS A 1791 61.03 -6.74 7.35
N VAL A 1792 61.53 -5.51 7.19
CA VAL A 1792 62.54 -5.03 8.13
C VAL A 1792 61.96 -4.94 9.53
N THR A 1793 60.75 -4.41 9.66
CA THR A 1793 60.11 -4.35 10.97
C THR A 1793 59.83 -5.73 11.51
N GLN A 1794 59.40 -6.66 10.64
CA GLN A 1794 59.10 -8.01 11.11
C GLN A 1794 60.35 -8.69 11.64
N VAL A 1795 61.45 -8.60 10.90
CA VAL A 1795 62.69 -9.21 11.37
C VAL A 1795 63.19 -8.49 12.61
N GLY A 1796 62.95 -7.18 12.71
CA GLY A 1796 63.31 -6.47 13.92
C GLY A 1796 62.55 -6.99 15.13
N LEU A 1797 61.25 -7.22 14.98
CA LEU A 1797 60.48 -7.81 16.06
C LEU A 1797 61.02 -9.18 16.43
N LEU A 1798 61.25 -10.02 15.41
CA LEU A 1798 61.70 -11.38 15.66
C LEU A 1798 63.01 -11.39 16.40
N GLU A 1799 63.99 -10.63 15.92
CA GLU A 1799 65.29 -10.61 16.56
C GLU A 1799 65.24 -9.90 17.91
N SER A 1800 64.33 -8.94 18.09
CA SER A 1800 64.16 -8.38 19.42
C SER A 1800 63.80 -9.47 20.41
N VAL A 1801 62.78 -10.27 20.07
CA VAL A 1801 62.39 -11.37 20.93
C VAL A 1801 63.54 -12.37 21.05
N TYR A 1802 64.28 -12.56 19.95
CA TYR A 1802 65.30 -13.60 19.87
C TYR A 1802 66.49 -13.29 20.78
N GLU A 1803 67.11 -12.13 20.61
CA GLU A 1803 68.17 -11.75 21.53
C GLU A 1803 67.65 -11.34 22.90
N MET A 1804 66.34 -11.31 23.11
CA MET A 1804 65.83 -11.36 24.47
C MET A 1804 65.78 -12.79 25.00
N PHE A 1805 65.56 -13.74 24.09
CA PHE A 1805 65.57 -15.18 24.37
C PHE A 1805 66.94 -15.69 24.79
N ARG A 1806 67.96 -15.38 24.00
CA ARG A 1806 69.29 -15.96 24.12
C ARG A 1806 70.26 -15.04 24.85
N LYS A 1807 69.78 -14.38 25.90
CA LYS A 1807 70.59 -13.46 26.69
C LYS A 1807 71.18 -14.17 27.90
N ASP A 1808 72.02 -13.45 28.61
CA ASP A 1808 72.61 -13.92 29.85
C ASP A 1808 71.74 -13.41 31.01
N ASP A 1809 72.28 -13.44 32.23
CA ASP A 1809 71.64 -12.94 33.44
C ASP A 1809 70.28 -13.60 33.65
N PRO A 1810 70.26 -14.92 33.82
CA PRO A 1810 69.01 -15.66 33.64
C PRO A 1810 67.93 -15.27 34.65
N ARG A 1811 66.69 -15.47 34.24
CA ARG A 1811 65.49 -15.06 34.97
C ARG A 1811 64.45 -16.19 35.00
N LEU A 1812 64.83 -17.31 35.63
CA LEU A 1812 63.87 -18.38 35.95
C LEU A 1812 63.35 -19.09 34.72
N SER A 1813 64.17 -20.00 34.19
CA SER A 1813 64.12 -20.56 32.84
C SER A 1813 62.74 -20.89 32.30
N PHE A 1814 61.78 -21.18 33.19
CA PHE A 1814 60.39 -21.19 32.75
C PHE A 1814 60.08 -19.98 31.90
N THR A 1815 60.47 -18.80 32.36
CA THR A 1815 60.18 -17.56 31.67
C THR A 1815 60.87 -17.53 30.30
N ARG A 1816 62.11 -17.98 30.24
CA ARG A 1816 62.82 -17.98 28.96
C ARG A 1816 62.18 -18.94 27.98
N GLN A 1817 61.58 -20.02 28.47
CA GLN A 1817 60.82 -20.90 27.58
C GLN A 1817 59.56 -20.22 27.08
N SER A 1818 58.86 -19.52 27.95
CA SER A 1818 57.65 -18.83 27.54
C SER A 1818 57.94 -17.78 26.48
N PHE A 1819 59.11 -17.14 26.54
CA PHE A 1819 59.49 -16.16 25.51
C PHE A 1819 59.40 -16.77 24.12
N VAL A 1820 59.72 -18.04 23.97
CA VAL A 1820 59.61 -18.66 22.66
C VAL A 1820 58.27 -19.33 22.43
N ASP A 1821 57.67 -19.91 23.47
CA ASP A 1821 56.37 -20.56 23.35
C ASP A 1821 55.28 -19.59 22.92
N ARG A 1822 55.14 -18.50 23.66
CA ARG A 1822 53.99 -17.62 23.52
C ARG A 1822 54.24 -16.49 22.54
N SER A 1823 55.38 -15.83 22.63
CA SER A 1823 55.68 -14.69 21.80
C SER A 1823 56.33 -15.11 20.49
N LEU A 1824 57.49 -15.75 20.58
CA LEU A 1824 58.31 -15.94 19.39
C LEU A 1824 57.60 -16.81 18.38
N LEU A 1825 57.02 -17.92 18.83
CA LEU A 1825 56.34 -18.83 17.90
C LEU A 1825 55.13 -18.17 17.28
N THR A 1826 54.38 -17.39 18.06
CA THR A 1826 53.27 -16.65 17.48
C THR A 1826 53.76 -15.76 16.36
N LEU A 1827 54.88 -15.08 16.60
CA LEU A 1827 55.41 -14.19 15.58
C LEU A 1827 55.81 -14.97 14.34
N LEU A 1828 56.54 -16.08 14.51
CA LEU A 1828 57.02 -16.84 13.35
C LEU A 1828 55.89 -17.50 12.59
N TRP A 1829 54.84 -17.91 13.28
CA TRP A 1829 53.76 -18.62 12.60
C TRP A 1829 52.96 -17.72 11.69
N HIS A 1830 53.26 -16.42 11.61
CA HIS A 1830 52.47 -15.52 10.78
C HIS A 1830 53.28 -14.60 9.88
N CYS A 1831 54.59 -14.44 10.10
CA CYS A 1831 55.41 -13.63 9.20
C CYS A 1831 56.01 -14.52 8.11
N SER A 1832 55.12 -15.13 7.32
CA SER A 1832 55.49 -16.22 6.42
C SER A 1832 56.10 -15.78 5.10
N LEU A 1833 55.90 -14.52 4.69
CA LEU A 1833 56.25 -14.12 3.34
C LEU A 1833 57.73 -14.33 3.07
N ASP A 1834 58.59 -13.57 3.75
CA ASP A 1834 60.03 -13.75 3.58
C ASP A 1834 60.81 -13.81 4.87
N ALA A 1835 60.32 -13.21 5.96
CA ALA A 1835 61.14 -12.98 7.14
C ALA A 1835 61.66 -14.26 7.76
N LEU A 1836 61.04 -15.40 7.45
CA LEU A 1836 61.56 -16.68 7.92
C LEU A 1836 62.99 -16.88 7.47
N ARG A 1837 63.24 -16.68 6.17
CA ARG A 1837 64.57 -16.89 5.61
C ARG A 1837 65.58 -15.97 6.27
N GLU A 1838 65.23 -14.70 6.43
CA GLU A 1838 66.14 -13.74 7.02
C GLU A 1838 66.44 -14.10 8.47
N PHE A 1839 65.40 -14.39 9.25
CA PHE A 1839 65.61 -14.68 10.66
C PHE A 1839 66.43 -15.95 10.85
N PHE A 1840 66.17 -16.99 10.06
CA PHE A 1840 66.98 -18.19 10.20
C PHE A 1840 68.40 -17.95 9.73
N SER A 1841 68.59 -17.19 8.66
CA SER A 1841 69.93 -16.86 8.22
C SER A 1841 70.70 -16.15 9.32
N THR A 1842 70.00 -15.33 10.09
CA THR A 1842 70.63 -14.69 11.24
C THR A 1842 70.92 -15.70 12.34
N ILE A 1843 70.03 -16.65 12.58
CA ILE A 1843 70.18 -17.44 13.80
C ILE A 1843 71.10 -18.63 13.60
N VAL A 1844 71.09 -19.24 12.41
CA VAL A 1844 71.58 -20.61 12.26
C VAL A 1844 73.03 -20.73 12.71
N VAL A 1845 73.87 -19.77 12.32
CA VAL A 1845 75.31 -19.90 12.52
C VAL A 1845 75.66 -20.01 14.00
N ASP A 1846 74.80 -19.52 14.90
CA ASP A 1846 75.07 -19.58 16.33
C ASP A 1846 74.09 -20.42 17.14
N ALA A 1847 72.86 -20.59 16.68
CA ALA A 1847 71.91 -21.37 17.46
C ALA A 1847 72.28 -22.85 17.45
N ILE A 1848 72.57 -23.40 16.27
CA ILE A 1848 72.89 -24.83 16.17
C ILE A 1848 74.09 -25.18 17.03
N ASP A 1849 74.94 -24.21 17.34
CA ASP A 1849 76.04 -24.50 18.25
C ASP A 1849 75.52 -24.85 19.63
N VAL A 1850 74.38 -24.31 20.03
CA VAL A 1850 73.82 -24.70 21.32
C VAL A 1850 73.31 -26.14 21.26
N LEU A 1851 72.67 -26.50 20.14
CA LEU A 1851 72.25 -27.88 19.94
C LEU A 1851 73.43 -28.83 19.85
N LYS A 1852 74.56 -28.36 19.31
CA LYS A 1852 75.65 -29.23 18.90
C LYS A 1852 76.21 -30.03 20.06
N SER A 1853 76.88 -29.38 20.98
CA SER A 1853 77.48 -30.18 22.05
C SER A 1853 77.47 -29.53 23.41
N ARG A 1854 76.92 -28.33 23.58
CA ARG A 1854 77.08 -27.62 24.85
C ARG A 1854 76.26 -28.32 25.94
N PHE A 1855 76.70 -29.53 26.26
CA PHE A 1855 76.19 -30.30 27.38
C PHE A 1855 76.83 -29.89 28.68
N THR A 1856 77.73 -28.92 28.62
CA THR A 1856 78.60 -28.53 29.72
C THR A 1856 77.78 -28.26 30.98
N LYS A 1857 78.47 -28.31 32.12
CA LYS A 1857 77.86 -28.02 33.41
C LYS A 1857 76.65 -28.90 33.67
N LEU A 1858 76.70 -30.13 33.17
CA LEU A 1858 75.60 -31.05 33.38
C LEU A 1858 75.37 -31.33 34.86
N ASN A 1859 76.35 -31.03 35.71
CA ASN A 1859 76.23 -31.20 37.14
C ASN A 1859 76.04 -29.89 37.88
N GLU A 1860 75.71 -28.81 37.17
CA GLU A 1860 75.58 -27.50 37.78
C GLU A 1860 74.14 -27.08 38.04
N SER A 1861 73.16 -27.84 37.55
CA SER A 1861 71.73 -27.52 37.71
C SER A 1861 71.39 -26.19 37.04
N THR A 1862 72.38 -25.56 36.45
CA THR A 1862 72.19 -24.44 35.54
C THR A 1862 72.16 -24.90 34.09
N PHE A 1863 72.23 -26.21 33.86
CA PHE A 1863 72.08 -26.75 32.52
C PHE A 1863 70.63 -26.76 32.08
N ASP A 1864 69.70 -26.59 33.02
CA ASP A 1864 68.31 -26.36 32.65
C ASP A 1864 68.22 -25.21 31.66
N THR A 1865 69.05 -24.19 31.88
CA THR A 1865 69.08 -23.05 30.97
C THR A 1865 69.42 -23.50 29.55
N GLN A 1866 70.49 -24.27 29.38
CA GLN A 1866 70.93 -24.61 28.02
C GLN A 1866 70.05 -25.68 27.37
N ILE A 1867 69.47 -26.59 28.14
CA ILE A 1867 68.51 -27.51 27.54
C ILE A 1867 67.24 -26.76 27.12
N THR A 1868 66.82 -25.76 27.90
CA THR A 1868 65.76 -24.86 27.46
C THR A 1868 66.15 -24.12 26.18
N LYS A 1869 67.40 -23.67 26.14
CA LYS A 1869 67.91 -23.01 24.94
C LYS A 1869 67.73 -23.92 23.73
N LYS A 1870 68.24 -25.15 23.84
CA LYS A 1870 68.21 -26.09 22.73
C LYS A 1870 66.77 -26.41 22.33
N MET A 1871 65.91 -26.58 23.33
CA MET A 1871 64.50 -26.83 23.07
C MET A 1871 63.90 -25.70 22.25
N GLY A 1872 64.17 -24.46 22.63
CA GLY A 1872 63.63 -23.33 21.91
C GLY A 1872 64.16 -23.26 20.48
N TYR A 1873 65.46 -23.51 20.31
CA TYR A 1873 66.00 -23.53 18.95
C TYR A 1873 65.31 -24.60 18.12
N TYR A 1874 65.04 -25.76 18.74
CA TYR A 1874 64.32 -26.81 18.04
C TYR A 1874 62.94 -26.34 17.62
N LYS A 1875 62.25 -25.63 18.51
CA LYS A 1875 60.92 -25.12 18.19
C LYS A 1875 60.97 -24.16 17.00
N ILE A 1876 61.96 -23.27 17.00
CA ILE A 1876 62.10 -22.30 15.92
C ILE A 1876 62.36 -23.01 14.60
N LEU A 1877 63.28 -23.96 14.62
CA LEU A 1877 63.57 -24.74 13.42
C LEU A 1877 62.33 -25.46 12.92
N ASP A 1878 61.54 -26.03 13.83
CA ASP A 1878 60.33 -26.72 13.43
C ASP A 1878 59.42 -25.74 12.70
N VAL A 1879 59.18 -24.57 13.30
CA VAL A 1879 58.24 -23.64 12.71
C VAL A 1879 58.73 -23.18 11.34
N MET A 1880 60.04 -22.97 11.19
CA MET A 1880 60.55 -22.63 9.88
C MET A 1880 60.32 -23.75 8.88
N TYR A 1881 60.67 -24.97 9.26
CA TYR A 1881 60.54 -26.07 8.32
C TYR A 1881 59.09 -26.28 7.92
N SER A 1882 58.16 -25.85 8.77
CA SER A 1882 56.75 -25.93 8.45
C SER A 1882 56.43 -24.67 7.64
N ARG A 1883 55.44 -24.76 6.76
CA ARG A 1883 55.03 -23.63 5.92
C ARG A 1883 56.23 -22.99 5.18
N LEU A 1884 57.01 -23.83 4.52
CA LEU A 1884 58.17 -23.41 3.74
C LEU A 1884 58.37 -24.48 2.69
N PRO A 1885 58.81 -24.08 1.47
CA PRO A 1885 58.93 -25.19 0.50
C PRO A 1885 60.29 -25.86 0.62
N LYS A 1886 60.48 -26.98 -0.10
CA LYS A 1886 61.78 -27.62 -0.08
C LYS A 1886 62.85 -26.76 -0.74
N ASP A 1887 62.45 -25.74 -1.48
CA ASP A 1887 63.36 -25.02 -2.35
C ASP A 1887 64.45 -24.32 -1.55
N ASP A 1888 64.07 -23.51 -0.56
CA ASP A 1888 65.04 -22.70 0.16
C ASP A 1888 65.84 -23.50 1.18
N VAL A 1889 65.28 -24.59 1.69
CA VAL A 1889 65.90 -25.31 2.81
C VAL A 1889 66.79 -26.41 2.27
N HIS A 1890 66.50 -26.88 1.06
CA HIS A 1890 67.22 -28.02 0.51
C HIS A 1890 67.27 -27.86 -1.01
N ALA A 1891 68.36 -27.27 -1.50
CA ALA A 1891 68.62 -27.12 -2.93
C ALA A 1891 70.06 -26.65 -3.10
N LYS A 1892 70.61 -26.94 -4.28
CA LYS A 1892 72.00 -26.57 -4.55
C LYS A 1892 72.19 -25.06 -4.45
N GLU A 1893 71.30 -24.29 -5.06
CA GLU A 1893 71.38 -22.83 -5.01
C GLU A 1893 70.56 -22.37 -3.80
N SER A 1894 71.25 -22.12 -2.69
CA SER A 1894 70.60 -21.69 -1.46
C SER A 1894 71.58 -20.84 -0.67
N LYS A 1895 71.04 -19.83 0.00
CA LYS A 1895 71.86 -18.86 0.73
C LYS A 1895 72.13 -19.37 2.15
N ILE A 1896 72.61 -20.60 2.19
CA ILE A 1896 72.86 -21.31 3.43
C ILE A 1896 74.35 -21.25 3.71
N ASN A 1897 74.70 -20.75 4.89
CA ASN A 1897 76.06 -20.72 5.37
C ASN A 1897 76.18 -21.60 6.60
N GLN A 1898 77.33 -22.25 6.75
CA GLN A 1898 77.55 -23.08 7.91
C GLN A 1898 79.04 -23.30 8.06
N VAL A 1899 79.41 -23.86 9.21
CA VAL A 1899 80.77 -23.74 9.75
C VAL A 1899 81.82 -24.30 8.80
N PHE A 1900 81.48 -25.27 7.96
CA PHE A 1900 82.49 -25.97 7.17
C PHE A 1900 83.16 -25.03 6.15
N HIS A 1901 82.37 -24.34 5.33
CA HIS A 1901 82.94 -23.49 4.28
C HIS A 1901 82.16 -22.20 4.09
N GLY A 1902 81.59 -21.65 5.15
CA GLY A 1902 80.79 -20.46 4.97
C GLY A 1902 79.63 -20.77 4.05
N SER A 1903 79.52 -20.03 2.94
CA SER A 1903 78.40 -20.21 2.04
C SER A 1903 78.74 -20.17 0.55
N CYS A 1904 80.02 -20.00 0.18
CA CYS A 1904 80.35 -19.96 -1.25
C CYS A 1904 79.98 -21.27 -1.92
N ILE A 1905 80.26 -22.38 -1.26
CA ILE A 1905 79.87 -23.70 -1.75
C ILE A 1905 78.80 -24.25 -0.81
N THR A 1906 77.97 -25.14 -1.34
CA THR A 1906 76.97 -25.83 -0.56
C THR A 1906 77.00 -27.34 -0.74
N GLU A 1907 77.73 -27.86 -1.73
CA GLU A 1907 77.63 -29.25 -2.20
C GLU A 1907 76.17 -29.71 -2.18
N GLY A 1908 75.30 -28.83 -2.67
CA GLY A 1908 73.87 -29.02 -2.56
C GLY A 1908 73.33 -28.54 -1.23
N ASN A 1909 73.51 -29.35 -0.18
CA ASN A 1909 72.97 -29.04 1.13
C ASN A 1909 73.79 -29.76 2.19
N GLU A 1910 73.89 -29.13 3.36
CA GLU A 1910 74.64 -29.70 4.48
C GLU A 1910 73.93 -29.60 5.81
N LEU A 1911 72.94 -28.72 5.95
CA LEU A 1911 72.29 -28.51 7.24
C LEU A 1911 71.32 -29.62 7.58
N THR A 1912 70.67 -30.20 6.56
CA THR A 1912 69.69 -31.24 6.83
C THR A 1912 70.35 -32.41 7.54
N LYS A 1913 71.50 -32.86 7.03
CA LYS A 1913 72.16 -34.02 7.60
C LYS A 1913 72.57 -33.78 9.04
N THR A 1914 73.21 -32.63 9.31
CA THR A 1914 73.71 -32.37 10.65
C THR A 1914 72.56 -32.19 11.64
N LEU A 1915 71.50 -31.48 11.23
CA LEU A 1915 70.34 -31.34 12.11
C LEU A 1915 69.69 -32.68 12.37
N ILE A 1916 69.59 -33.52 11.34
CA ILE A 1916 69.01 -34.85 11.49
C ILE A 1916 69.80 -35.65 12.51
N LYS A 1917 71.13 -35.61 12.42
CA LYS A 1917 71.96 -36.34 13.38
C LYS A 1917 71.76 -35.82 14.78
N LEU A 1918 71.85 -34.51 14.96
CA LEU A 1918 71.79 -33.92 16.29
C LEU A 1918 70.38 -33.90 16.87
N CYS A 1919 69.38 -34.26 16.08
CA CYS A 1919 68.05 -34.51 16.62
C CYS A 1919 67.82 -35.99 16.91
N TYR A 1920 68.30 -36.87 16.02
CA TYR A 1920 68.23 -38.30 16.31
C TYR A 1920 68.88 -38.63 17.63
N ASP A 1921 70.10 -38.15 17.85
CA ASP A 1921 70.70 -38.41 19.16
C ASP A 1921 70.04 -37.60 20.25
N ALA A 1922 69.34 -36.53 19.91
CA ALA A 1922 68.67 -35.71 20.91
C ALA A 1922 67.51 -36.47 21.53
N PHE A 1923 66.66 -37.05 20.70
CA PHE A 1923 65.47 -37.74 21.19
C PHE A 1923 65.60 -39.25 21.22
N THR A 1924 66.74 -39.80 20.86
CA THR A 1924 66.88 -41.25 20.72
C THR A 1924 67.62 -41.90 21.87
N GLU A 1925 68.26 -41.15 22.75
CA GLU A 1925 69.06 -41.78 23.79
C GLU A 1925 69.00 -41.01 25.10
N ASN A 1926 68.80 -41.73 26.20
CA ASN A 1926 69.05 -41.22 27.54
C ASN A 1926 69.80 -42.17 28.45
N MET A 1927 69.83 -43.47 28.13
CA MET A 1927 70.41 -44.47 29.02
C MET A 1927 69.84 -44.34 30.43
N ALA A 1928 68.51 -44.21 30.49
CA ALA A 1928 67.73 -44.04 31.73
C ALA A 1928 68.01 -42.71 32.42
N GLY A 1929 68.80 -41.84 31.81
CA GLY A 1929 69.06 -40.55 32.42
C GLY A 1929 69.85 -40.65 33.72
N GLU A 1930 69.93 -39.50 34.39
CA GLU A 1930 70.68 -39.40 35.65
C GLU A 1930 69.98 -38.64 36.75
N ASN A 1931 68.66 -38.43 36.66
CA ASN A 1931 67.78 -38.26 37.82
C ASN A 1931 67.90 -36.91 38.53
N GLN A 1932 68.21 -35.81 37.83
CA GLN A 1932 68.11 -34.50 38.46
C GLN A 1932 66.80 -33.81 38.12
N LEU A 1933 66.60 -33.52 36.83
CA LEU A 1933 65.48 -32.73 36.34
C LEU A 1933 65.00 -33.42 35.06
N LEU A 1934 63.90 -34.16 35.16
CA LEU A 1934 63.55 -35.13 34.13
C LEU A 1934 62.52 -34.60 33.14
N GLU A 1935 61.45 -33.99 33.65
CA GLU A 1935 60.40 -33.48 32.78
C GLU A 1935 60.94 -32.49 31.78
N ARG A 1936 61.92 -31.69 32.20
CA ARG A 1936 62.47 -30.68 31.30
C ARG A 1936 63.12 -31.38 30.12
N ARG A 1937 63.87 -32.45 30.41
CA ARG A 1937 64.55 -33.18 29.36
C ARG A 1937 63.55 -33.90 28.46
N ARG A 1938 62.47 -34.39 29.05
CA ARG A 1938 61.43 -34.99 28.22
C ARG A 1938 60.85 -33.98 27.25
N LEU A 1939 60.63 -32.76 27.72
CA LEU A 1939 60.16 -31.69 26.84
C LEU A 1939 61.18 -31.43 25.75
N TYR A 1940 62.46 -31.48 26.10
CA TYR A 1940 63.53 -31.33 25.10
C TYR A 1940 63.41 -32.40 24.02
N HIS A 1941 63.25 -33.65 24.43
CA HIS A 1941 63.13 -34.74 23.47
C HIS A 1941 61.88 -34.59 22.61
N CYS A 1942 60.78 -34.17 23.20
CA CYS A 1942 59.57 -33.91 22.44
C CYS A 1942 59.82 -32.85 21.38
N ALA A 1943 60.49 -31.78 21.78
CA ALA A 1943 60.81 -30.71 20.85
C ALA A 1943 61.67 -31.23 19.70
N ALA A 1944 62.71 -32.00 20.04
CA ALA A 1944 63.60 -32.55 19.03
C ALA A 1944 62.83 -33.43 18.06
N TYR A 1945 61.98 -34.30 18.60
CA TYR A 1945 61.22 -35.19 17.73
C TYR A 1945 60.38 -34.39 16.76
N ASN A 1946 59.67 -33.37 17.26
CA ASN A 1946 58.78 -32.59 16.40
C ASN A 1946 59.57 -31.87 15.31
N CYS A 1947 60.73 -31.32 15.67
CA CYS A 1947 61.59 -30.72 14.66
C CYS A 1947 61.94 -31.75 13.60
N ALA A 1948 62.19 -32.98 14.04
CA ALA A 1948 62.53 -34.05 13.10
C ALA A 1948 61.36 -34.34 12.15
N ILE A 1949 60.14 -34.43 12.68
CA ILE A 1949 59.01 -34.65 11.78
C ILE A 1949 58.94 -33.54 10.75
N SER A 1950 59.05 -32.29 11.19
CA SER A 1950 58.90 -31.20 10.25
C SER A 1950 59.98 -31.23 9.18
N VAL A 1951 61.24 -31.42 9.58
CA VAL A 1951 62.32 -31.39 8.62
C VAL A 1951 62.24 -32.58 7.66
N ILE A 1952 61.86 -33.75 8.16
CA ILE A 1952 61.75 -34.91 7.29
C ILE A 1952 60.58 -34.73 6.32
N CYS A 1953 59.44 -34.28 6.83
CA CYS A 1953 58.29 -34.03 5.98
C CYS A 1953 58.56 -32.93 4.97
N CYS A 1954 59.49 -32.04 5.27
CA CYS A 1954 59.85 -30.98 4.33
C CYS A 1954 60.85 -31.44 3.28
N VAL A 1955 61.81 -32.28 3.68
CA VAL A 1955 62.91 -32.65 2.79
C VAL A 1955 62.61 -33.95 2.06
N PHE A 1956 62.48 -35.04 2.81
CA PHE A 1956 62.25 -36.33 2.19
C PHE A 1956 60.86 -36.38 1.59
N ASN A 1957 60.78 -36.76 0.31
CA ASN A 1957 59.52 -36.90 -0.39
C ASN A 1957 59.08 -38.35 -0.57
N GLU A 1958 60.03 -39.27 -0.61
CA GLU A 1958 59.74 -40.70 -0.61
C GLU A 1958 60.10 -41.28 0.75
N LEU A 1959 59.28 -42.21 1.23
CA LEU A 1959 59.33 -42.66 2.63
C LEU A 1959 60.57 -43.53 2.83
N LYS A 1960 61.72 -42.87 2.90
CA LYS A 1960 62.99 -43.53 3.19
C LYS A 1960 63.32 -43.52 4.68
N PHE A 1961 62.70 -42.63 5.46
CA PHE A 1961 62.92 -42.62 6.89
C PHE A 1961 62.27 -43.85 7.50
N TYR A 1962 63.06 -44.64 8.22
CA TYR A 1962 62.51 -45.65 9.11
C TYR A 1962 63.60 -45.96 10.11
N GLN A 1963 63.57 -45.31 11.28
CA GLN A 1963 64.62 -45.55 12.25
C GLN A 1963 64.18 -46.59 13.28
N GLY A 1964 63.15 -46.27 14.06
CA GLY A 1964 62.76 -47.09 15.18
C GLY A 1964 63.96 -47.61 15.93
N PHE A 1965 64.76 -46.71 16.48
CA PHE A 1965 66.11 -47.07 16.94
C PHE A 1965 66.04 -48.17 17.98
N LEU A 1966 66.96 -49.14 17.86
CA LEU A 1966 66.97 -50.35 18.67
C LEU A 1966 68.26 -50.50 19.46
N PHE A 1967 68.79 -49.40 19.98
CA PHE A 1967 69.93 -49.48 20.90
C PHE A 1967 69.41 -49.81 22.29
N SER A 1968 70.27 -49.60 23.30
CA SER A 1968 69.81 -49.76 24.69
C SER A 1968 68.72 -48.76 25.04
N GLU A 1969 68.55 -47.72 24.23
CA GLU A 1969 67.45 -46.78 24.37
C GLU A 1969 66.82 -46.52 22.99
N LYS A 1970 65.49 -46.39 22.98
CA LYS A 1970 64.62 -46.21 21.82
C LYS A 1970 63.80 -44.93 21.97
N PRO A 1971 63.30 -44.36 20.86
CA PRO A 1971 62.67 -43.03 20.95
C PRO A 1971 61.43 -42.97 21.83
N GLU A 1972 60.40 -43.74 21.49
CA GLU A 1972 59.05 -43.45 21.95
C GLU A 1972 58.85 -43.75 23.42
N LYS A 1973 59.91 -43.86 24.20
CA LYS A 1973 59.80 -44.07 25.63
C LYS A 1973 60.46 -42.97 26.46
N ASN A 1974 61.37 -42.22 25.85
CA ASN A 1974 62.07 -41.15 26.54
C ASN A 1974 61.34 -39.81 26.40
N LEU A 1975 60.15 -39.85 25.81
CA LEU A 1975 59.35 -38.64 25.62
C LEU A 1975 58.01 -38.71 26.36
N LEU A 1976 57.73 -39.88 26.94
CA LEU A 1976 56.49 -40.08 27.69
C LEU A 1976 56.77 -40.17 29.18
N ILE A 1977 55.78 -39.80 29.98
CA ILE A 1977 55.93 -39.84 31.43
C ILE A 1977 55.35 -41.15 31.94
N PHE A 1978 55.96 -41.68 33.00
CA PHE A 1978 55.62 -43.00 33.51
C PHE A 1978 55.02 -42.95 34.92
N GLU A 1979 54.52 -41.80 35.32
CA GLU A 1979 53.71 -41.65 36.53
C GLU A 1979 52.62 -40.66 36.17
N ASN A 1980 51.47 -41.17 35.75
CA ASN A 1980 50.42 -40.33 35.17
C ASN A 1980 49.16 -40.28 36.02
N LEU A 1981 48.56 -41.43 36.34
CA LEU A 1981 47.24 -41.48 36.96
C LEU A 1981 46.22 -40.74 36.10
N ILE A 1982 46.11 -41.18 34.85
CA ILE A 1982 45.32 -40.44 33.86
C ILE A 1982 44.31 -41.33 33.14
N ASP A 1983 43.66 -40.75 32.14
CA ASP A 1983 42.75 -41.45 31.23
C ASP A 1983 41.57 -42.05 32.00
N LEU A 1984 40.99 -41.23 32.87
CA LEU A 1984 39.79 -41.57 33.61
C LEU A 1984 38.63 -40.74 33.08
N LYS A 1985 37.49 -41.41 32.86
CA LYS A 1985 36.31 -40.75 32.34
C LYS A 1985 35.78 -39.69 33.32
N MET A 2085 41.25 -34.52 28.19
CA MET A 2085 42.02 -35.62 27.63
C MET A 2085 43.53 -35.37 27.76
N ASP A 2086 44.18 -36.22 28.54
CA ASP A 2086 45.58 -36.06 28.89
C ASP A 2086 46.49 -36.94 28.06
N GLU A 2087 46.02 -37.45 26.92
CA GLU A 2087 46.88 -38.08 25.93
C GLU A 2087 46.78 -37.41 24.57
N LEU A 2088 45.58 -37.27 24.03
CA LEU A 2088 45.41 -36.59 22.75
C LEU A 2088 45.83 -35.14 22.86
N ASN A 2089 45.11 -34.37 23.67
CA ASN A 2089 45.57 -33.09 24.14
C ASN A 2089 46.66 -33.31 25.17
N ARG A 2090 47.24 -32.24 25.67
CA ARG A 2090 48.19 -32.28 26.78
C ARG A 2090 49.42 -33.13 26.49
N HIS A 2091 49.54 -33.69 25.28
CA HIS A 2091 50.79 -34.24 24.81
C HIS A 2091 51.19 -33.50 23.55
N GLU A 2092 52.45 -33.08 23.55
CA GLU A 2092 52.98 -32.10 22.60
C GLU A 2092 53.69 -32.72 21.42
N CYS A 2093 53.75 -34.03 21.33
CA CYS A 2093 54.13 -34.68 20.09
C CYS A 2093 52.93 -35.30 19.39
N MET A 2094 51.78 -35.34 20.06
CA MET A 2094 50.61 -36.04 19.52
C MET A 2094 50.14 -35.45 18.20
N ALA A 2095 49.80 -34.17 18.20
CA ALA A 2095 49.33 -33.55 16.96
C ALA A 2095 50.37 -33.59 15.86
N PRO A 2096 51.66 -33.40 16.19
CA PRO A 2096 52.75 -33.45 15.21
C PRO A 2096 52.89 -34.83 14.58
N LEU A 2097 52.81 -35.88 15.40
CA LEU A 2097 52.91 -37.25 14.92
C LEU A 2097 51.63 -37.65 14.19
N THR A 2098 50.51 -37.05 14.60
CA THR A 2098 49.23 -37.32 13.97
C THR A 2098 49.34 -36.88 12.52
N ALA A 2099 49.68 -35.61 12.34
CA ALA A 2099 49.86 -35.05 11.01
C ALA A 2099 50.89 -35.83 10.23
N LEU A 2100 51.89 -36.38 10.93
CA LEU A 2100 52.95 -37.12 10.25
C LEU A 2100 52.41 -38.38 9.59
N VAL A 2101 51.61 -39.15 10.32
CA VAL A 2101 51.07 -40.38 9.75
C VAL A 2101 50.06 -40.06 8.66
N LYS A 2102 49.24 -39.02 8.87
CA LYS A 2102 48.35 -38.60 7.80
C LYS A 2102 49.12 -38.19 6.55
N HIS A 2103 50.30 -37.61 6.74
CA HIS A 2103 51.13 -37.24 5.62
C HIS A 2103 51.67 -38.47 4.90
N MET A 2104 52.22 -39.42 5.66
CA MET A 2104 52.76 -40.63 5.05
C MET A 2104 51.68 -41.41 4.31
N HIS A 2105 50.42 -41.27 4.73
CA HIS A 2105 49.34 -42.01 4.07
C HIS A 2105 49.23 -41.65 2.60
N ARG A 2106 49.37 -40.37 2.27
CA ARG A 2106 49.35 -39.90 0.89
C ARG A 2106 50.73 -39.60 0.34
N SER A 2107 51.79 -40.11 0.99
CA SER A 2107 53.16 -39.90 0.53
C SER A 2107 53.70 -41.04 -0.31
N LEU A 2108 52.83 -41.84 -0.91
CA LEU A 2108 53.27 -42.95 -1.74
C LEU A 2108 53.42 -42.53 -3.21
N PRO A 2119 46.83 -59.58 1.91
CA PRO A 2119 46.66 -58.72 0.74
C PRO A 2119 47.43 -57.42 0.88
N ARG A 2120 47.50 -56.91 2.11
CA ARG A 2120 48.21 -55.68 2.41
C ARG A 2120 49.43 -55.98 3.26
N ASP A 2121 50.55 -55.37 2.90
CA ASP A 2121 51.85 -55.71 3.44
C ASP A 2121 52.02 -55.16 4.85
N LEU A 2122 53.26 -55.20 5.36
CA LEU A 2122 53.59 -54.74 6.70
C LEU A 2122 54.78 -53.79 6.61
N PRO A 2123 54.56 -52.55 6.15
CA PRO A 2123 55.67 -51.59 6.01
C PRO A 2123 56.40 -51.39 7.33
N SER A 2124 57.67 -50.97 7.22
CA SER A 2124 58.58 -51.02 8.36
C SER A 2124 58.11 -50.11 9.50
N TRP A 2125 57.68 -48.89 9.16
CA TRP A 2125 57.24 -47.97 10.20
C TRP A 2125 55.98 -48.47 10.90
N MET A 2126 55.01 -48.97 10.14
CA MET A 2126 53.82 -49.49 10.79
C MET A 2126 54.11 -50.77 11.57
N LYS A 2127 55.12 -51.54 11.16
CA LYS A 2127 55.55 -52.68 11.96
C LYS A 2127 56.18 -52.25 13.28
N PHE A 2128 57.00 -51.20 13.23
CA PHE A 2128 57.52 -50.61 14.46
C PHE A 2128 56.39 -50.15 15.36
N LEU A 2129 55.37 -49.55 14.77
CA LEU A 2129 54.17 -49.21 15.51
C LEU A 2129 53.50 -50.47 16.05
N HIS A 2130 53.45 -51.50 15.22
CA HIS A 2130 52.61 -52.67 15.42
C HIS A 2130 53.10 -53.53 16.58
N GLY A 2131 54.40 -53.81 16.61
CA GLY A 2131 54.93 -54.65 17.68
C GLY A 2131 54.83 -53.98 19.04
N LYS A 2132 55.24 -52.71 19.12
CA LYS A 2132 55.17 -52.00 20.38
C LYS A 2132 53.74 -51.71 20.80
N LEU A 2133 52.80 -51.73 19.87
CA LEU A 2133 51.40 -51.68 20.27
C LEU A 2133 50.95 -53.03 20.83
N GLY A 2134 51.37 -54.13 20.19
CA GLY A 2134 50.92 -55.45 20.57
C GLY A 2134 51.75 -56.15 21.62
N ASN A 2135 52.70 -55.47 22.26
CA ASN A 2135 53.50 -56.06 23.32
C ASN A 2135 52.94 -55.64 24.68
N PRO A 2136 52.32 -56.54 25.44
CA PRO A 2136 51.85 -56.14 26.77
C PRO A 2136 52.96 -56.10 27.80
N ILE A 2137 54.14 -55.66 27.38
CA ILE A 2137 55.18 -55.24 28.31
C ILE A 2137 55.72 -53.86 27.98
N VAL A 2138 55.50 -53.35 26.78
CA VAL A 2138 55.58 -51.91 26.58
C VAL A 2138 54.63 -51.24 27.55
N PRO A 2139 55.08 -50.30 28.36
CA PRO A 2139 54.25 -49.81 29.46
C PRO A 2139 52.93 -49.20 28.99
N LEU A 2140 51.99 -49.15 29.93
CA LEU A 2140 50.62 -48.79 29.58
C LEU A 2140 50.54 -47.41 28.97
N ASN A 2141 51.34 -46.46 29.45
CA ASN A 2141 51.30 -45.11 28.89
C ASN A 2141 51.69 -45.12 27.42
N ILE A 2142 52.75 -45.84 27.08
CA ILE A 2142 53.16 -45.95 25.69
C ILE A 2142 52.06 -46.58 24.86
N ARG A 2143 51.45 -47.65 25.38
CA ARG A 2143 50.40 -48.32 24.63
C ARG A 2143 49.19 -47.41 24.43
N LEU A 2144 48.80 -46.66 25.45
CA LEU A 2144 47.69 -45.73 25.30
C LEU A 2144 48.01 -44.67 24.26
N PHE A 2145 49.25 -44.18 24.25
CA PHE A 2145 49.64 -43.18 23.27
C PHE A 2145 49.56 -43.73 21.85
N LEU A 2146 50.09 -44.93 21.64
CA LEU A 2146 49.99 -45.55 20.31
C LEU A 2146 48.53 -45.73 19.93
N ALA A 2147 47.71 -46.17 20.87
CA ALA A 2147 46.30 -46.41 20.59
C ALA A 2147 45.58 -45.11 20.24
N LYS A 2148 45.93 -44.03 20.93
CA LYS A 2148 45.32 -42.75 20.62
C LYS A 2148 45.70 -42.29 19.23
N LEU A 2149 46.94 -42.51 18.82
CA LEU A 2149 47.30 -42.22 17.44
C LEU A 2149 46.43 -43.01 16.48
N VAL A 2150 46.23 -44.29 16.78
CA VAL A 2150 45.42 -45.13 15.91
C VAL A 2150 44.00 -44.60 15.83
N ILE A 2151 43.43 -44.24 16.98
CA ILE A 2151 42.06 -43.72 16.99
C ILE A 2151 41.98 -42.46 16.13
N ASN A 2152 42.92 -41.55 16.34
CA ASN A 2152 42.83 -40.25 15.69
C ASN A 2152 43.06 -40.35 14.19
N THR A 2153 43.82 -41.36 13.75
CA THR A 2153 44.06 -41.57 12.33
C THR A 2153 43.37 -42.83 11.86
N GLU A 2154 42.25 -43.15 12.51
CA GLU A 2154 41.37 -44.26 12.16
C GLU A 2154 41.13 -44.40 10.66
N GLU A 2155 41.22 -43.30 9.91
CA GLU A 2155 41.05 -43.39 8.45
C GLU A 2155 42.23 -44.08 7.78
N VAL A 2156 43.43 -43.95 8.34
CA VAL A 2156 44.60 -44.55 7.70
C VAL A 2156 44.55 -46.07 7.80
N PHE A 2157 44.11 -46.58 8.95
CA PHE A 2157 44.20 -48.00 9.26
C PHE A 2157 43.05 -48.83 8.71
N ARG A 2158 42.35 -48.32 7.70
CA ARG A 2158 41.31 -49.15 7.07
C ARG A 2158 41.90 -50.34 6.35
N PRO A 2159 42.85 -50.21 5.42
CA PRO A 2159 43.41 -51.42 4.80
C PRO A 2159 44.11 -52.31 5.79
N TYR A 2160 44.74 -51.74 6.81
CA TYR A 2160 45.55 -52.50 7.75
C TYR A 2160 44.77 -52.91 8.99
N ALA A 2161 43.46 -52.69 8.99
CA ALA A 2161 42.64 -53.09 10.13
C ALA A 2161 42.77 -54.57 10.41
N LYS A 2162 42.92 -55.39 9.37
CA LYS A 2162 43.09 -56.83 9.54
C LYS A 2162 44.25 -57.15 10.47
N HIS A 2163 45.26 -56.27 10.51
CA HIS A 2163 46.39 -56.46 11.41
C HIS A 2163 46.22 -55.70 12.71
N TRP A 2164 45.72 -54.46 12.63
CA TRP A 2164 45.65 -53.61 13.81
C TRP A 2164 44.48 -53.94 14.72
N LEU A 2165 43.59 -54.85 14.32
CA LEU A 2165 42.44 -55.16 15.15
C LEU A 2165 42.86 -55.80 16.47
N SER A 2166 43.84 -56.72 16.40
CA SER A 2166 44.19 -57.49 17.59
C SER A 2166 44.82 -56.67 18.71
N PRO A 2167 45.84 -55.83 18.48
CA PRO A 2167 46.60 -55.27 19.62
C PRO A 2167 45.78 -54.32 20.48
N LEU A 2168 45.10 -53.38 19.84
CA LEU A 2168 44.29 -52.47 20.63
C LEU A 2168 43.09 -53.16 21.24
N LEU A 2169 42.70 -54.31 20.70
CA LEU A 2169 41.60 -55.07 21.29
C LEU A 2169 42.05 -55.83 22.52
N GLN A 2170 43.28 -56.33 22.54
CA GLN A 2170 43.79 -56.90 23.78
C GLN A 2170 44.12 -55.82 24.79
N LEU A 2171 44.44 -54.61 24.32
CA LEU A 2171 44.50 -53.47 25.23
C LEU A 2171 43.13 -53.14 25.78
N ALA A 2172 42.09 -53.35 24.99
CA ALA A 2172 40.72 -53.07 25.40
C ALA A 2172 40.29 -53.90 26.60
N ALA A 2173 41.05 -54.92 26.96
CA ALA A 2173 40.70 -55.82 28.04
C ALA A 2173 40.56 -55.05 29.35
N SER A 2174 40.02 -55.72 30.36
CA SER A 2174 39.82 -55.10 31.66
C SER A 2174 41.11 -54.96 32.45
N GLU A 2175 42.17 -55.62 32.01
CA GLU A 2175 43.41 -55.69 32.79
C GLU A 2175 44.38 -54.63 32.31
N ASN A 2176 44.78 -53.76 33.23
CA ASN A 2176 45.77 -52.71 32.98
C ASN A 2176 45.45 -51.92 31.71
N ASN A 2177 44.33 -51.21 31.77
CA ASN A 2177 43.91 -50.33 30.69
C ASN A 2177 43.74 -48.89 31.16
N GLY A 2178 43.90 -48.63 32.45
CA GLY A 2178 43.66 -47.31 32.97
C GLY A 2178 42.26 -47.14 33.49
N GLY A 2179 42.12 -46.41 34.60
CA GLY A 2179 40.82 -46.03 35.11
C GLY A 2179 40.04 -47.17 35.75
N GLU A 2180 38.82 -46.85 36.12
CA GLU A 2180 37.88 -47.79 36.71
C GLU A 2180 36.71 -47.99 35.75
N GLY A 2181 36.35 -49.25 35.54
CA GLY A 2181 35.23 -49.55 34.70
C GLY A 2181 35.49 -49.16 33.27
N ILE A 2182 34.41 -48.91 32.54
CA ILE A 2182 34.48 -48.52 31.14
C ILE A 2182 34.69 -47.01 31.05
N HIS A 2183 35.64 -46.60 30.23
CA HIS A 2183 35.97 -45.20 30.09
C HIS A 2183 35.90 -44.76 28.63
N TYR A 2184 36.13 -43.47 28.43
CA TYR A 2184 35.98 -42.89 27.10
C TYR A 2184 36.99 -43.48 26.12
N MET A 2185 38.18 -43.83 26.60
CA MET A 2185 39.18 -44.45 25.73
C MET A 2185 38.68 -45.80 25.22
N VAL A 2186 38.08 -46.59 26.11
CA VAL A 2186 37.48 -47.85 25.70
C VAL A 2186 36.38 -47.60 24.69
N VAL A 2187 35.51 -46.63 24.97
CA VAL A 2187 34.41 -46.36 24.06
C VAL A 2187 34.96 -46.03 22.68
N GLU A 2188 36.03 -45.24 22.64
CA GLU A 2188 36.60 -44.82 21.36
C GLU A 2188 37.16 -46.01 20.59
N ILE A 2189 38.00 -46.82 21.25
CA ILE A 2189 38.59 -47.96 20.55
C ILE A 2189 37.53 -48.96 20.12
N VAL A 2190 36.52 -49.18 20.96
CA VAL A 2190 35.47 -50.10 20.58
C VAL A 2190 34.69 -49.56 19.38
N ALA A 2191 34.40 -48.27 19.37
CA ALA A 2191 33.69 -47.71 18.23
C ALA A 2191 34.50 -47.89 16.95
N THR A 2192 35.81 -47.67 17.04
CA THR A 2192 36.66 -47.91 15.88
C THR A 2192 36.58 -49.35 15.39
N ILE A 2193 36.78 -50.31 16.29
CA ILE A 2193 36.83 -51.70 15.87
C ILE A 2193 35.48 -52.13 15.31
N LEU A 2194 34.38 -51.71 15.93
CA LEU A 2194 33.08 -52.08 15.40
C LEU A 2194 32.80 -51.39 14.07
N SER A 2195 33.37 -50.21 13.85
CA SER A 2195 33.32 -49.62 12.52
C SER A 2195 34.16 -50.37 11.52
N TRP A 2196 35.14 -51.14 11.98
CA TRP A 2196 36.00 -51.93 11.10
C TRP A 2196 35.30 -53.19 10.58
N THR A 2197 34.03 -53.39 10.91
CA THR A 2197 33.32 -54.57 10.43
C THR A 2197 33.17 -54.51 8.91
N GLY A 2198 33.15 -55.69 8.28
CA GLY A 2198 33.21 -55.76 6.85
C GLY A 2198 34.61 -55.66 6.29
N LEU A 2199 35.61 -55.52 7.14
CA LEU A 2199 37.01 -55.44 6.79
C LEU A 2199 37.85 -56.43 7.58
N ALA A 2200 37.51 -56.67 8.84
CA ALA A 2200 38.18 -57.65 9.68
C ALA A 2200 37.27 -57.96 10.85
N THR A 2201 37.33 -59.20 11.31
CA THR A 2201 36.43 -59.72 12.32
C THR A 2201 37.23 -60.47 13.38
N PRO A 2202 36.68 -60.61 14.59
CA PRO A 2202 37.33 -61.44 15.61
C PRO A 2202 37.24 -62.93 15.36
N THR A 2203 36.59 -63.36 14.27
CA THR A 2203 36.50 -64.79 13.97
C THR A 2203 37.85 -65.34 13.53
N GLY A 2204 37.98 -66.65 13.63
CA GLY A 2204 39.10 -67.35 13.05
C GLY A 2204 40.36 -67.35 13.87
N VAL A 2205 40.44 -66.53 14.91
CA VAL A 2205 41.63 -66.51 15.76
C VAL A 2205 41.22 -66.84 17.19
N PRO A 2206 41.68 -67.99 17.70
CA PRO A 2206 41.13 -68.49 18.97
C PRO A 2206 41.33 -67.54 20.14
N LYS A 2207 42.56 -67.09 20.38
CA LYS A 2207 42.79 -66.17 21.49
C LYS A 2207 42.08 -64.85 21.25
N ASP A 2208 41.86 -64.49 19.99
CA ASP A 2208 41.09 -63.31 19.67
C ASP A 2208 39.66 -63.43 20.20
N GLU A 2209 39.02 -64.60 20.01
CA GLU A 2209 37.71 -64.76 20.65
C GLU A 2209 37.86 -64.89 22.17
N VAL A 2210 38.97 -65.47 22.63
CA VAL A 2210 39.19 -65.65 24.06
C VAL A 2210 39.20 -64.31 24.77
N LEU A 2211 39.70 -63.27 24.11
CA LEU A 2211 39.66 -61.93 24.67
C LEU A 2211 38.37 -61.19 24.32
N ALA A 2212 37.73 -61.49 23.19
CA ALA A 2212 36.46 -60.84 22.87
C ALA A 2212 35.38 -61.19 23.89
N ASN A 2213 35.30 -62.46 24.30
CA ASN A 2213 34.25 -62.85 25.24
C ASN A 2213 34.46 -62.22 26.61
N ARG A 2214 35.71 -62.14 27.06
CA ARG A 2214 35.96 -61.43 28.32
C ARG A 2214 35.77 -59.94 28.17
N LEU A 2215 35.90 -59.42 26.95
CA LEU A 2215 35.48 -58.04 26.72
C LEU A 2215 34.00 -57.87 27.00
N LEU A 2216 33.17 -58.79 26.47
CA LEU A 2216 31.75 -58.73 26.77
C LEU A 2216 31.51 -58.82 28.26
N ASN A 2217 32.18 -59.76 28.93
CA ASN A 2217 32.03 -59.89 30.37
C ASN A 2217 32.36 -58.58 31.07
N PHE A 2218 33.44 -57.92 30.64
CA PHE A 2218 33.90 -56.72 31.30
C PHE A 2218 32.88 -55.59 31.17
N LEU A 2219 32.47 -55.29 29.94
CA LEU A 2219 31.48 -54.24 29.76
C LEU A 2219 30.18 -54.57 30.48
N MET A 2220 29.75 -55.83 30.43
CA MET A 2220 28.52 -56.20 31.09
C MET A 2220 28.61 -56.00 32.59
N LYS A 2221 29.72 -56.43 33.20
CA LYS A 2221 29.89 -56.30 34.63
C LYS A 2221 29.96 -54.84 35.04
N HIS A 2222 30.46 -53.98 34.17
CA HIS A 2222 30.53 -52.56 34.52
C HIS A 2222 29.61 -51.73 33.65
N VAL A 2223 28.40 -52.20 33.37
CA VAL A 2223 27.52 -51.48 32.47
C VAL A 2223 26.70 -50.45 33.22
N PHE A 2224 26.44 -50.68 34.50
CA PHE A 2224 25.64 -49.74 35.26
C PHE A 2224 26.41 -48.45 35.49
N HIS A 2225 25.67 -47.35 35.57
CA HIS A 2225 26.22 -46.08 35.93
C HIS A 2225 25.11 -45.27 36.58
N PRO A 2226 25.41 -44.46 37.60
CA PRO A 2226 24.37 -43.64 38.22
C PRO A 2226 23.75 -42.63 37.26
N LYS A 2227 24.40 -42.35 36.14
CA LYS A 2227 23.86 -41.45 35.14
C LYS A 2227 23.11 -42.23 34.07
N ARG A 2228 21.85 -41.80 33.83
CA ARG A 2228 20.97 -42.52 32.93
C ARG A 2228 21.46 -42.47 31.49
N ALA A 2229 21.90 -41.30 31.02
CA ALA A 2229 22.34 -41.18 29.64
C ALA A 2229 23.54 -42.07 29.35
N VAL A 2230 24.50 -42.11 30.27
CA VAL A 2230 25.68 -42.92 30.02
C VAL A 2230 25.38 -44.39 30.22
N PHE A 2231 24.45 -44.74 31.10
CA PHE A 2231 24.00 -46.13 31.16
C PHE A 2231 23.41 -46.54 29.82
N ARG A 2232 22.60 -45.66 29.24
CA ARG A 2232 22.12 -45.90 27.89
C ARG A 2232 23.29 -46.14 26.95
N HIS A 2233 24.27 -45.23 26.96
CA HIS A 2233 25.36 -45.33 25.99
C HIS A 2233 26.12 -46.64 26.13
N ASN A 2234 26.33 -47.08 27.37
CA ASN A 2234 26.93 -48.39 27.57
C ASN A 2234 26.06 -49.48 26.95
N LEU A 2235 24.75 -49.34 27.05
CA LEU A 2235 23.87 -50.33 26.45
C LEU A 2235 24.02 -50.38 24.93
N GLU A 2236 24.09 -49.22 24.27
CA GLU A 2236 24.31 -49.29 22.82
C GLU A 2236 25.68 -49.86 22.50
N ILE A 2237 26.70 -49.53 23.31
CA ILE A 2237 28.03 -50.07 23.06
C ILE A 2237 27.96 -51.59 23.04
N ILE A 2238 27.39 -52.17 24.09
CA ILE A 2238 27.38 -53.61 24.21
C ILE A 2238 26.46 -54.27 23.20
N LYS A 2239 25.37 -53.62 22.81
CA LYS A 2239 24.53 -54.26 21.81
C LYS A 2239 25.20 -54.23 20.44
N THR A 2240 25.91 -53.16 20.12
CA THR A 2240 26.67 -53.14 18.88
C THR A 2240 27.72 -54.23 18.88
N LEU A 2241 28.40 -54.42 20.02
CA LEU A 2241 29.37 -55.51 20.14
C LEU A 2241 28.71 -56.86 19.87
N VAL A 2242 27.62 -57.15 20.59
CA VAL A 2242 27.03 -58.49 20.53
C VAL A 2242 26.30 -58.72 19.21
N GLU A 2243 25.93 -57.66 18.49
CA GLU A 2243 25.41 -57.88 17.15
C GLU A 2243 26.52 -58.13 16.15
N CYS A 2244 27.58 -57.32 16.18
CA CYS A 2244 28.57 -57.40 15.11
C CYS A 2244 29.49 -58.60 15.25
N TRP A 2245 29.66 -59.14 16.45
CA TRP A 2245 30.51 -60.31 16.64
C TRP A 2245 29.69 -61.55 16.96
N LYS A 2246 28.45 -61.61 16.49
CA LYS A 2246 27.48 -62.57 17.00
C LYS A 2246 27.97 -64.00 16.92
N ASP A 2247 28.81 -64.32 15.94
CA ASP A 2247 29.23 -65.68 15.70
C ASP A 2247 30.48 -66.09 16.46
N CYS A 2248 30.97 -65.26 17.39
CA CYS A 2248 32.23 -65.56 18.04
C CYS A 2248 32.19 -65.54 19.56
N LEU A 2249 31.29 -64.81 20.18
CA LEU A 2249 31.24 -64.74 21.63
C LEU A 2249 29.90 -65.27 22.11
N SER A 2250 29.87 -65.69 23.36
CA SER A 2250 28.70 -66.31 23.97
C SER A 2250 28.34 -65.57 25.24
N ILE A 2251 27.10 -65.10 25.32
CA ILE A 2251 26.63 -64.39 26.51
C ILE A 2251 26.70 -65.32 27.70
N PRO A 2252 27.17 -64.87 28.87
CA PRO A 2252 27.19 -65.76 30.03
C PRO A 2252 25.82 -66.24 30.46
N TYR A 2253 24.79 -65.39 30.33
CA TYR A 2253 23.45 -65.63 30.83
C TYR A 2253 23.42 -65.71 32.34
N ARG A 2254 24.53 -65.48 33.03
CA ARG A 2254 24.62 -65.61 34.48
C ARG A 2254 24.63 -64.25 35.18
N LEU A 2255 25.64 -63.43 34.89
CA LEU A 2255 25.75 -62.15 35.59
C LEU A 2255 24.49 -61.33 35.40
N ILE A 2256 23.83 -61.50 34.26
CA ILE A 2256 22.50 -60.93 34.10
C ILE A 2256 21.58 -61.41 35.20
N PHE A 2257 21.68 -62.70 35.55
CA PHE A 2257 20.85 -63.25 36.61
C PHE A 2257 21.20 -62.62 37.95
N GLU A 2258 22.49 -62.47 38.25
CA GLU A 2258 22.76 -61.76 39.50
C GLU A 2258 22.40 -60.29 39.45
N LYS A 2259 22.19 -59.72 38.27
CA LYS A 2259 21.74 -58.34 38.18
C LYS A 2259 20.24 -58.18 38.38
N PHE A 2260 19.41 -59.04 37.78
CA PHE A 2260 17.99 -58.92 38.03
C PHE A 2260 17.49 -59.78 39.18
N SER A 2261 18.39 -60.49 39.85
CA SER A 2261 17.99 -61.40 40.91
C SER A 2261 18.02 -60.69 42.26
N GLY A 2262 17.77 -61.43 43.32
CA GLY A 2262 17.90 -60.90 44.65
C GLY A 2262 16.69 -60.10 45.07
N LYS A 2263 16.22 -60.33 46.28
CA LYS A 2263 15.12 -59.55 46.82
C LYS A 2263 15.53 -58.08 46.92
N ASP A 2264 14.65 -57.20 46.49
CA ASP A 2264 14.90 -55.78 46.61
C ASP A 2264 13.70 -55.10 47.23
N PRO A 2265 13.90 -54.25 48.22
CA PRO A 2265 12.77 -53.49 48.77
C PRO A 2265 12.30 -52.47 47.76
N ASN A 2266 13.22 -51.64 47.29
CA ASN A 2266 12.94 -50.65 46.27
C ASN A 2266 14.26 -50.22 45.65
N SER A 2267 14.53 -50.66 44.41
CA SER A 2267 15.80 -50.35 43.80
C SER A 2267 15.74 -50.65 42.32
N LYS A 2268 16.32 -49.77 41.52
CA LYS A 2268 16.37 -50.06 40.09
C LYS A 2268 17.42 -51.06 39.77
N ASP A 2269 17.95 -51.82 40.72
CA ASP A 2269 19.12 -52.64 40.46
C ASP A 2269 18.83 -53.66 39.36
N ASN A 2270 17.69 -54.35 39.46
CA ASN A 2270 17.35 -55.38 38.50
C ASN A 2270 17.08 -54.80 37.12
N SER A 2271 16.95 -53.49 37.01
CA SER A 2271 16.76 -52.85 35.72
C SER A 2271 17.91 -53.18 34.79
N VAL A 2272 19.13 -53.18 35.31
CA VAL A 2272 20.29 -53.43 34.46
C VAL A 2272 20.25 -54.85 33.91
N GLY A 2273 19.91 -55.82 34.75
CA GLY A 2273 19.85 -57.19 34.27
C GLY A 2273 18.78 -57.38 33.24
N ILE A 2274 17.58 -56.85 33.49
CA ILE A 2274 16.49 -57.03 32.54
C ILE A 2274 16.77 -56.27 31.24
N GLN A 2275 17.42 -55.12 31.31
CA GLN A 2275 17.81 -54.40 30.10
C GLN A 2275 18.82 -55.20 29.29
N LEU A 2276 19.79 -55.80 29.97
CA LEU A 2276 20.75 -56.65 29.27
C LEU A 2276 20.05 -57.81 28.59
N LEU A 2277 19.11 -58.42 29.29
CA LEU A 2277 18.36 -59.53 28.73
C LEU A 2277 17.56 -59.09 27.52
N GLY A 2278 16.97 -57.90 27.57
CA GLY A 2278 16.27 -57.37 26.41
C GLY A 2278 17.19 -57.14 25.25
N ILE A 2279 18.41 -56.67 25.53
CA ILE A 2279 19.41 -56.47 24.47
C ILE A 2279 19.71 -57.80 23.80
N VAL A 2280 19.97 -58.83 24.61
CA VAL A 2280 20.36 -60.12 24.04
C VAL A 2280 19.19 -60.74 23.27
N MET A 2281 17.95 -60.43 23.65
CA MET A 2281 16.83 -60.88 22.84
C MET A 2281 16.71 -60.10 21.54
N ALA A 2282 16.80 -58.77 21.58
CA ALA A 2282 16.69 -57.99 20.36
C ALA A 2282 17.80 -58.33 19.39
N ASN A 2283 18.93 -58.80 19.88
CA ASN A 2283 19.98 -59.30 19.01
C ASN A 2283 19.71 -60.72 18.53
N ASP A 2284 18.52 -61.26 18.84
CA ASP A 2284 18.08 -62.57 18.39
C ASP A 2284 18.98 -63.68 18.93
N LEU A 2285 19.02 -63.78 20.26
CA LEU A 2285 19.73 -64.83 20.96
C LEU A 2285 18.80 -65.54 21.94
N PRO A 2286 18.97 -66.82 22.15
CA PRO A 2286 18.11 -67.56 23.07
C PRO A 2286 18.50 -67.32 24.52
N PRO A 2287 17.54 -67.11 25.41
CA PRO A 2287 17.88 -67.01 26.84
C PRO A 2287 18.29 -68.36 27.39
N TYR A 2288 19.43 -68.40 28.07
CA TYR A 2288 19.86 -69.57 28.80
C TYR A 2288 19.96 -70.76 27.84
N ASP A 2289 20.86 -70.63 26.87
CA ASP A 2289 20.97 -71.56 25.75
C ASP A 2289 21.73 -72.83 26.13
N PRO A 2290 22.96 -72.76 26.66
CA PRO A 2290 23.58 -73.98 27.15
C PRO A 2290 23.09 -74.33 28.55
N GLN A 2291 22.60 -73.31 29.26
CA GLN A 2291 22.27 -73.40 30.69
C GLN A 2291 23.29 -74.30 31.40
N CYS A 2292 24.55 -74.03 31.11
CA CYS A 2292 25.65 -74.92 31.48
C CYS A 2292 25.78 -74.98 33.00
N GLY A 2293 25.55 -76.17 33.55
CA GLY A 2293 25.82 -76.43 34.96
C GLY A 2293 24.78 -75.93 35.93
N ILE A 2294 23.63 -75.45 35.46
CA ILE A 2294 22.60 -74.95 36.37
C ILE A 2294 21.29 -74.89 35.60
N GLN A 2295 20.20 -75.29 36.27
CA GLN A 2295 18.88 -75.25 35.65
C GLN A 2295 18.37 -73.82 35.64
N SER A 2296 17.63 -73.47 34.59
CA SER A 2296 17.16 -72.11 34.39
C SER A 2296 15.75 -71.87 34.90
N SER A 2297 15.12 -72.88 35.49
CA SER A 2297 13.84 -72.62 36.13
C SER A 2297 13.99 -71.62 37.26
N GLU A 2298 15.08 -71.74 38.03
CA GLU A 2298 15.34 -70.77 39.09
C GLU A 2298 15.57 -69.38 38.52
N TYR A 2299 16.32 -69.28 37.42
CA TYR A 2299 16.54 -68.00 36.77
C TYR A 2299 15.22 -67.38 36.33
N PHE A 2300 14.37 -68.17 35.69
CA PHE A 2300 13.09 -67.66 35.19
C PHE A 2300 12.20 -67.22 36.34
N GLN A 2301 12.21 -67.97 37.44
CA GLN A 2301 11.48 -67.55 38.63
C GLN A 2301 12.00 -66.21 39.12
N ALA A 2302 13.32 -66.03 39.12
CA ALA A 2302 13.89 -64.77 39.58
C ALA A 2302 13.43 -63.62 38.68
N LEU A 2303 13.43 -63.87 37.37
CA LEU A 2303 12.97 -62.87 36.41
C LEU A 2303 11.52 -62.50 36.65
N VAL A 2304 10.66 -63.51 36.81
CA VAL A 2304 9.23 -63.28 36.94
C VAL A 2304 8.89 -62.68 38.30
N ASN A 2305 9.75 -62.88 39.31
CA ASN A 2305 9.52 -62.24 40.59
C ASN A 2305 9.46 -60.74 40.48
N ASN A 2306 10.08 -60.17 39.44
CA ASN A 2306 10.28 -58.74 39.37
C ASN A 2306 8.97 -57.96 39.22
N MET A 2307 7.87 -58.58 38.81
CA MET A 2307 6.63 -57.83 38.75
C MET A 2307 6.04 -57.58 40.13
N SER A 2308 6.51 -58.28 41.16
CA SER A 2308 6.08 -57.99 42.52
C SER A 2308 6.51 -56.60 42.95
N PHE A 2309 7.54 -56.04 42.32
CA PHE A 2309 8.01 -54.72 42.66
C PHE A 2309 6.97 -53.67 42.30
N VAL A 2310 6.86 -52.64 43.13
CA VAL A 2310 5.78 -51.66 43.00
C VAL A 2310 6.32 -50.25 43.01
N ARG A 2311 7.12 -49.92 44.03
CA ARG A 2311 7.54 -48.54 44.25
C ARG A 2311 8.25 -47.95 43.04
N TYR A 2312 8.91 -48.78 42.24
CA TYR A 2312 9.67 -48.31 41.09
C TYR A 2312 9.15 -49.00 39.84
N LYS A 2313 8.82 -48.19 38.82
CA LYS A 2313 8.11 -48.72 37.66
C LYS A 2313 8.98 -49.62 36.82
N GLU A 2314 10.20 -49.16 36.51
CA GLU A 2314 10.99 -49.72 35.43
C GLU A 2314 11.20 -51.21 35.63
N VAL A 2315 11.52 -51.62 36.86
CA VAL A 2315 11.89 -53.00 37.13
C VAL A 2315 10.78 -53.95 36.72
N TYR A 2316 9.53 -53.60 37.01
CA TYR A 2316 8.45 -54.54 36.69
C TYR A 2316 7.91 -54.33 35.29
N ALA A 2317 7.85 -53.10 34.81
CA ALA A 2317 7.36 -52.88 33.45
C ALA A 2317 8.26 -53.56 32.44
N ALA A 2318 9.56 -53.27 32.50
CA ALA A 2318 10.48 -53.88 31.55
C ALA A 2318 10.55 -55.38 31.74
N ALA A 2319 10.41 -55.84 32.99
CA ALA A 2319 10.29 -57.28 33.22
C ALA A 2319 9.15 -57.84 32.41
N ALA A 2320 7.99 -57.18 32.45
CA ALA A 2320 6.83 -57.68 31.75
C ALA A 2320 7.09 -57.76 30.25
N GLU A 2321 7.62 -56.69 29.65
CA GLU A 2321 7.74 -56.75 28.19
C GLU A 2321 8.86 -57.69 27.75
N VAL A 2322 9.95 -57.79 28.52
CA VAL A 2322 10.98 -58.75 28.15
C VAL A 2322 10.46 -60.17 28.32
N LEU A 2323 9.59 -60.39 29.30
CA LEU A 2323 8.91 -61.67 29.40
C LEU A 2323 8.06 -61.92 28.17
N GLY A 2324 7.40 -60.88 27.67
CA GLY A 2324 6.65 -61.01 26.44
C GLY A 2324 7.54 -61.47 25.30
N LEU A 2325 8.71 -60.86 25.19
CA LEU A 2325 9.68 -61.29 24.19
C LEU A 2325 10.08 -62.75 24.40
N ILE A 2326 10.26 -63.16 25.65
CA ILE A 2326 10.69 -64.52 25.92
C ILE A 2326 9.62 -65.50 25.47
N LEU A 2327 8.37 -65.22 25.82
CA LEU A 2327 7.27 -66.10 25.43
C LEU A 2327 7.12 -66.14 23.92
N ARG A 2328 7.24 -64.99 23.27
CA ARG A 2328 7.14 -64.99 21.81
C ARG A 2328 8.27 -65.78 21.18
N TYR A 2329 9.50 -65.57 21.65
CA TYR A 2329 10.63 -66.27 21.08
C TYR A 2329 10.50 -67.77 21.27
N VAL A 2330 9.98 -68.18 22.43
CA VAL A 2330 9.82 -69.60 22.65
C VAL A 2330 8.67 -70.14 21.80
N MET A 2331 7.68 -69.30 21.46
CA MET A 2331 6.55 -69.78 20.66
C MET A 2331 7.02 -70.50 19.39
N GLU A 2332 7.92 -69.86 18.64
CA GLU A 2332 8.33 -70.44 17.36
C GLU A 2332 9.09 -71.74 17.55
N ARG A 2333 9.85 -71.86 18.64
CA ARG A 2333 10.50 -73.14 19.01
C ARG A 2333 10.46 -73.31 20.53
N LYS A 2334 9.39 -73.94 21.01
CA LYS A 2334 9.12 -74.05 22.43
C LYS A 2334 9.53 -75.36 23.09
N ASN A 2335 8.81 -76.44 22.80
CA ASN A 2335 9.25 -77.82 22.93
C ASN A 2335 9.57 -78.26 24.36
N ILE A 2336 9.77 -77.34 25.30
CA ILE A 2336 10.18 -77.82 26.62
C ILE A 2336 9.55 -77.08 27.81
N LEU A 2337 9.28 -75.79 27.65
CA LEU A 2337 9.06 -74.96 28.83
C LEU A 2337 7.99 -73.90 28.67
N GLU A 2338 7.38 -73.78 27.50
CA GLU A 2338 6.45 -72.69 27.25
C GLU A 2338 5.29 -72.72 28.23
N GLU A 2339 4.73 -73.90 28.49
CA GLU A 2339 3.57 -73.98 29.38
C GLU A 2339 3.95 -73.59 30.80
N SER A 2340 5.08 -74.08 31.29
CA SER A 2340 5.49 -73.79 32.66
C SER A 2340 5.77 -72.30 32.84
N LEU A 2341 6.53 -71.71 31.92
CA LEU A 2341 6.81 -70.29 32.03
C LEU A 2341 5.55 -69.45 31.86
N CYS A 2342 4.65 -69.86 30.95
CA CYS A 2342 3.40 -69.14 30.79
C CYS A 2342 2.58 -69.17 32.07
N GLU A 2343 2.56 -70.33 32.74
CA GLU A 2343 1.89 -70.41 34.03
C GLU A 2343 2.57 -69.52 35.06
N LEU A 2344 3.91 -69.48 35.05
CA LEU A 2344 4.61 -68.60 35.98
C LEU A 2344 4.20 -67.15 35.76
N VAL A 2345 4.18 -66.74 34.49
CA VAL A 2345 3.80 -65.37 34.14
C VAL A 2345 2.39 -65.11 34.63
N ALA A 2346 1.46 -66.00 34.30
CA ALA A 2346 0.05 -65.76 34.63
C ALA A 2346 -0.16 -65.71 36.12
N LYS A 2347 0.45 -66.64 36.87
CA LYS A 2347 0.21 -66.67 38.30
C LYS A 2347 0.80 -65.45 38.99
N GLN A 2348 2.01 -65.04 38.58
CA GLN A 2348 2.59 -63.83 39.16
C GLN A 2348 1.78 -62.60 38.81
N LEU A 2349 1.24 -62.55 37.58
CA LEU A 2349 0.30 -61.50 37.25
C LEU A 2349 -0.92 -61.56 38.16
N LYS A 2350 -1.37 -62.77 38.49
CA LYS A 2350 -2.62 -62.94 39.19
C LYS A 2350 -2.53 -62.52 40.65
N GLN A 2351 -1.42 -62.80 41.34
CA GLN A 2351 -1.37 -62.39 42.75
C GLN A 2351 -1.57 -60.88 42.87
N HIS A 2352 -0.80 -60.09 42.14
CA HIS A 2352 -0.94 -58.65 42.28
C HIS A 2352 -2.12 -58.10 41.51
N GLN A 2353 -2.79 -58.95 40.70
CA GLN A 2353 -4.02 -58.52 40.07
C GLN A 2353 -5.07 -58.14 41.10
N ASN A 2354 -5.06 -58.80 42.26
CA ASN A 2354 -6.07 -58.63 43.27
C ASN A 2354 -5.61 -57.67 44.37
N THR A 2355 -4.57 -56.89 44.09
CA THR A 2355 -3.94 -56.03 45.08
C THR A 2355 -4.07 -54.55 44.72
N MET A 2356 -3.56 -54.16 43.55
CA MET A 2356 -3.61 -52.75 43.14
C MET A 2356 -4.53 -52.56 41.95
N GLU A 2357 -4.62 -53.60 41.11
CA GLU A 2357 -5.36 -53.56 39.85
C GLU A 2357 -4.78 -52.49 38.93
N ASP A 2358 -3.73 -51.82 39.39
CA ASP A 2358 -3.12 -50.76 38.60
C ASP A 2358 -2.05 -51.33 37.69
N LYS A 2359 -1.06 -52.01 38.26
CA LYS A 2359 0.02 -52.60 37.50
C LYS A 2359 -0.40 -53.89 36.80
N PHE A 2360 -1.55 -54.46 37.16
CA PHE A 2360 -2.14 -55.54 36.38
C PHE A 2360 -2.21 -55.23 34.90
N ILE A 2361 -2.95 -54.20 34.54
CA ILE A 2361 -3.13 -53.88 33.13
C ILE A 2361 -1.81 -53.44 32.50
N VAL A 2362 -0.97 -52.73 33.25
CA VAL A 2362 0.30 -52.29 32.70
C VAL A 2362 1.12 -53.50 32.27
N CYS A 2363 1.28 -54.45 33.18
CA CYS A 2363 2.07 -55.63 32.88
C CYS A 2363 1.40 -56.47 31.79
N LEU A 2364 0.08 -56.54 31.80
CA LEU A 2364 -0.61 -57.40 30.84
C LEU A 2364 -0.50 -56.86 29.43
N ASN A 2365 -0.68 -55.55 29.25
CA ASN A 2365 -0.43 -54.98 27.93
C ASN A 2365 1.03 -55.13 27.55
N LYS A 2366 1.95 -54.91 28.50
CA LYS A 2366 3.36 -54.98 28.17
C LYS A 2366 3.77 -56.38 27.73
N VAL A 2367 3.11 -57.41 28.26
CA VAL A 2367 3.43 -58.75 27.80
C VAL A 2367 2.69 -59.08 26.51
N THR A 2368 1.46 -58.61 26.38
CA THR A 2368 0.68 -58.86 25.18
C THR A 2368 1.24 -58.12 23.98
N LYS A 2369 2.14 -57.14 24.21
CA LYS A 2369 2.79 -56.45 23.12
C LYS A 2369 3.43 -57.41 22.14
N SER A 2370 3.93 -58.54 22.65
CA SER A 2370 4.49 -59.58 21.82
C SER A 2370 3.85 -60.94 22.02
N PHE A 2371 3.05 -61.13 23.07
CA PHE A 2371 2.42 -62.42 23.35
C PHE A 2371 0.93 -62.20 23.54
N PRO A 2372 0.16 -62.16 22.46
CA PRO A 2372 -1.30 -62.04 22.58
C PRO A 2372 -1.92 -63.16 23.41
N PRO A 2373 -1.60 -64.44 23.16
CA PRO A 2373 -2.43 -65.52 23.73
C PRO A 2373 -2.51 -65.51 25.24
N LEU A 2374 -1.64 -64.78 25.92
CA LEU A 2374 -1.66 -64.80 27.38
C LEU A 2374 -2.95 -64.22 27.93
N ALA A 2375 -3.48 -63.17 27.29
CA ALA A 2375 -4.68 -62.52 27.80
C ALA A 2375 -5.95 -63.26 27.42
N ASP A 2376 -5.87 -64.34 26.65
CA ASP A 2376 -7.06 -65.13 26.35
C ASP A 2376 -7.76 -65.56 27.63
N ARG A 2377 -6.99 -65.83 28.68
CA ARG A 2377 -7.58 -66.08 30.00
C ARG A 2377 -7.87 -64.81 30.76
N PHE A 2378 -7.53 -63.64 30.21
CA PHE A 2378 -7.65 -62.38 30.92
C PHE A 2378 -8.69 -61.44 30.31
N MET A 2379 -9.38 -61.87 29.25
CA MET A 2379 -10.32 -60.97 28.59
C MET A 2379 -11.47 -60.61 29.51
N ASN A 2380 -11.95 -61.57 30.30
CA ASN A 2380 -12.97 -61.26 31.29
C ASN A 2380 -12.45 -60.25 32.31
N ALA A 2381 -11.20 -60.41 32.72
CA ALA A 2381 -10.61 -59.47 33.68
C ALA A 2381 -10.60 -58.06 33.12
N VAL A 2382 -10.12 -57.90 31.89
CA VAL A 2382 -10.00 -56.55 31.34
C VAL A 2382 -11.38 -55.97 31.07
N PHE A 2383 -12.32 -56.79 30.59
CA PHE A 2383 -13.67 -56.31 30.34
C PHE A 2383 -14.31 -55.81 31.63
N PHE A 2384 -14.10 -56.55 32.74
CA PHE A 2384 -14.63 -56.09 34.02
C PHE A 2384 -13.95 -54.80 34.47
N LEU A 2385 -12.63 -54.72 34.36
CA LEU A 2385 -11.93 -53.58 34.93
C LEU A 2385 -11.99 -52.35 34.05
N LEU A 2386 -12.54 -52.47 32.84
CA LEU A 2386 -12.58 -51.34 31.92
C LEU A 2386 -13.18 -50.07 32.50
N PRO A 2387 -14.35 -50.07 33.16
CA PRO A 2387 -14.94 -48.79 33.58
C PRO A 2387 -14.31 -48.19 34.83
N LYS A 2388 -13.14 -48.68 35.22
CA LYS A 2388 -12.57 -48.28 36.50
C LYS A 2388 -11.90 -46.91 36.44
N PHE A 2389 -11.28 -46.57 35.31
CA PHE A 2389 -10.42 -45.40 35.22
C PHE A 2389 -10.97 -44.35 34.26
N HIS A 2390 -10.17 -43.29 34.07
CA HIS A 2390 -10.44 -42.29 33.04
C HIS A 2390 -9.16 -41.80 32.38
N GLY A 2391 -8.00 -42.38 32.70
CA GLY A 2391 -6.76 -41.94 32.10
C GLY A 2391 -6.13 -43.02 31.24
N VAL A 2392 -4.80 -43.06 31.25
CA VAL A 2392 -4.06 -43.94 30.35
C VAL A 2392 -4.42 -45.40 30.59
N LEU A 2393 -4.86 -45.72 31.80
CA LEU A 2393 -5.20 -47.10 32.09
C LEU A 2393 -6.42 -47.57 31.29
N LYS A 2394 -7.38 -46.66 31.05
CA LYS A 2394 -8.51 -46.98 30.19
C LYS A 2394 -8.03 -47.42 28.81
N THR A 2395 -7.24 -46.57 28.15
CA THR A 2395 -6.80 -46.94 26.82
C THR A 2395 -5.91 -48.17 26.87
N LEU A 2396 -5.21 -48.36 27.99
CA LEU A 2396 -4.26 -49.47 28.11
C LEU A 2396 -5.00 -50.81 28.08
N CYS A 2397 -6.02 -50.93 28.92
CA CYS A 2397 -6.84 -52.12 28.87
C CYS A 2397 -7.57 -52.22 27.53
N LEU A 2398 -7.80 -51.10 26.86
CA LEU A 2398 -8.32 -51.21 25.49
C LEU A 2398 -7.31 -51.85 24.53
N GLU A 2399 -6.01 -51.54 24.65
CA GLU A 2399 -5.14 -52.17 23.66
C GLU A 2399 -5.01 -53.65 23.95
N VAL A 2400 -5.01 -54.05 25.22
CA VAL A 2400 -4.98 -55.48 25.45
C VAL A 2400 -6.24 -56.14 24.90
N VAL A 2401 -7.39 -55.44 24.97
CA VAL A 2401 -8.60 -55.98 24.37
C VAL A 2401 -8.44 -56.12 22.86
N LEU A 2402 -7.86 -55.11 22.22
CA LEU A 2402 -7.67 -55.13 20.78
C LEU A 2402 -6.73 -56.25 20.36
N CYS A 2403 -5.76 -56.58 21.21
CA CYS A 2403 -4.74 -57.56 20.82
C CYS A 2403 -5.34 -58.89 20.41
N ARG A 2404 -6.52 -59.23 20.92
CA ARG A 2404 -7.16 -60.50 20.64
C ARG A 2404 -8.64 -60.20 20.45
N VAL A 2405 -9.04 -60.00 19.19
CA VAL A 2405 -10.43 -59.74 18.84
C VAL A 2405 -10.93 -60.72 17.79
N GLU A 2406 -10.15 -60.98 16.75
CA GLU A 2406 -10.54 -61.99 15.78
C GLU A 2406 -10.71 -63.35 16.45
N GLY A 2407 -9.94 -63.62 17.50
CA GLY A 2407 -10.04 -64.91 18.16
C GLY A 2407 -11.39 -65.15 18.79
N MET A 2408 -11.91 -64.17 19.52
CA MET A 2408 -13.09 -64.36 20.34
C MET A 2408 -14.33 -63.80 19.63
N THR A 2409 -15.42 -64.55 19.70
CA THR A 2409 -16.67 -64.18 19.06
C THR A 2409 -17.75 -63.71 20.02
N GLU A 2410 -17.67 -64.11 21.29
CA GLU A 2410 -18.58 -63.61 22.32
C GLU A 2410 -18.15 -62.19 22.63
N LEU A 2411 -18.53 -61.28 21.75
CA LEU A 2411 -17.97 -59.95 21.69
C LEU A 2411 -19.07 -58.93 21.47
N TYR A 2412 -18.74 -57.67 21.70
CA TYR A 2412 -19.59 -56.51 21.45
C TYR A 2412 -20.73 -56.45 22.46
N PHE A 2413 -20.95 -57.55 23.16
CA PHE A 2413 -21.91 -57.59 24.25
C PHE A 2413 -21.27 -57.08 25.53
N GLN A 2414 -20.06 -57.55 25.81
CA GLN A 2414 -19.26 -56.94 26.86
C GLN A 2414 -19.01 -55.47 26.53
N LEU A 2415 -18.79 -55.16 25.25
CA LEU A 2415 -18.50 -53.78 24.87
C LEU A 2415 -19.70 -52.89 25.14
N LYS A 2416 -20.88 -53.30 24.68
CA LYS A 2416 -22.06 -52.49 24.96
C LYS A 2416 -22.35 -52.43 26.46
N SER A 2417 -22.13 -53.52 27.19
CA SER A 2417 -22.38 -53.50 28.63
C SER A 2417 -21.45 -52.51 29.33
N LYS A 2418 -20.17 -52.52 28.98
CA LYS A 2418 -19.22 -51.55 29.50
C LYS A 2418 -19.33 -50.21 28.80
N ASP A 2419 -20.35 -50.03 27.96
CA ASP A 2419 -20.73 -48.72 27.44
C ASP A 2419 -19.67 -48.23 26.49
N PHE A 2420 -19.43 -49.04 25.44
CA PHE A 2420 -18.31 -48.84 24.54
C PHE A 2420 -18.45 -47.57 23.74
N VAL A 2421 -19.60 -47.34 23.10
CA VAL A 2421 -19.72 -46.19 22.20
C VAL A 2421 -19.58 -44.89 22.95
N GLN A 2422 -19.82 -44.89 24.25
CA GLN A 2422 -19.60 -43.66 25.01
C GLN A 2422 -18.12 -43.34 25.13
N VAL A 2423 -17.28 -44.35 25.31
CA VAL A 2423 -15.89 -44.08 25.63
C VAL A 2423 -15.19 -43.44 24.44
N MET A 2424 -15.52 -43.87 23.23
CA MET A 2424 -14.88 -43.28 22.05
C MET A 2424 -15.38 -41.87 21.79
N ARG A 2425 -16.56 -41.51 22.27
CA ARG A 2425 -17.06 -40.17 22.10
C ARG A 2425 -16.38 -39.16 23.02
N HIS A 2426 -15.25 -39.53 23.59
CA HIS A 2426 -14.42 -38.60 24.33
C HIS A 2426 -13.27 -38.14 23.46
N ARG A 2427 -12.99 -36.85 23.49
CA ARG A 2427 -11.88 -36.31 22.71
C ARG A 2427 -10.58 -36.89 23.25
N ASP A 2428 -9.99 -37.79 22.47
CA ASP A 2428 -8.68 -38.38 22.72
C ASP A 2428 -8.20 -38.95 21.40
N ASP A 2429 -6.89 -39.00 21.21
CA ASP A 2429 -6.44 -39.54 19.94
C ASP A 2429 -6.12 -41.03 20.03
N GLU A 2430 -5.35 -41.43 21.04
CA GLU A 2430 -5.04 -42.84 21.22
C GLU A 2430 -6.26 -43.63 21.68
N ARG A 2431 -7.04 -43.07 22.60
CA ARG A 2431 -8.21 -43.78 23.10
C ARG A 2431 -9.25 -43.97 22.01
N GLN A 2432 -9.36 -43.03 21.08
CA GLN A 2432 -10.27 -43.18 19.96
C GLN A 2432 -9.71 -44.03 18.85
N LYS A 2433 -8.40 -43.93 18.59
CA LYS A 2433 -7.81 -44.75 17.53
C LYS A 2433 -7.87 -46.21 17.88
N VAL A 2434 -7.68 -46.55 19.16
CA VAL A 2434 -7.78 -47.95 19.55
C VAL A 2434 -9.22 -48.42 19.43
N CYS A 2435 -10.19 -47.56 19.74
CA CYS A 2435 -11.59 -47.93 19.58
C CYS A 2435 -11.92 -48.22 18.13
N LEU A 2436 -11.50 -47.32 17.24
CA LEU A 2436 -11.77 -47.51 15.82
C LEU A 2436 -11.06 -48.75 15.28
N ASP A 2437 -9.86 -49.04 15.78
CA ASP A 2437 -9.16 -50.23 15.32
C ASP A 2437 -9.83 -51.50 15.85
N ILE A 2438 -10.29 -51.45 17.10
CA ILE A 2438 -11.10 -52.54 17.63
C ILE A 2438 -12.25 -52.81 16.69
N ILE A 2439 -12.96 -51.75 16.30
CA ILE A 2439 -14.15 -51.90 15.49
C ILE A 2439 -13.79 -52.44 14.11
N TYR A 2440 -12.69 -51.94 13.54
CA TYR A 2440 -12.32 -52.39 12.20
C TYR A 2440 -12.00 -53.88 12.18
N LYS A 2441 -11.26 -54.37 13.18
CA LYS A 2441 -10.98 -55.80 13.23
C LYS A 2441 -12.25 -56.59 13.54
N MET A 2442 -13.07 -56.06 14.45
CA MET A 2442 -14.27 -56.74 14.91
C MET A 2442 -15.31 -56.86 13.82
N MET A 2443 -15.22 -56.02 12.79
CA MET A 2443 -16.36 -55.82 11.89
C MET A 2443 -16.86 -57.08 11.20
N PRO A 2444 -16.05 -57.93 10.59
CA PRO A 2444 -16.65 -59.03 9.83
C PRO A 2444 -17.15 -60.14 10.73
N LYS A 2445 -17.71 -59.72 11.86
CA LYS A 2445 -18.28 -60.62 12.86
C LYS A 2445 -19.48 -59.99 13.54
N LEU A 2446 -19.95 -58.84 13.06
CA LEU A 2446 -20.96 -58.05 13.74
C LEU A 2446 -22.26 -58.14 12.94
N LYS A 2447 -23.36 -58.40 13.64
CA LYS A 2447 -24.64 -58.56 12.95
C LYS A 2447 -25.12 -57.21 12.41
N PRO A 2448 -25.80 -57.20 11.27
CA PRO A 2448 -26.14 -55.91 10.63
C PRO A 2448 -26.83 -54.93 11.55
N VAL A 2449 -27.68 -55.39 12.46
CA VAL A 2449 -28.25 -54.47 13.44
C VAL A 2449 -27.15 -53.88 14.33
N GLU A 2450 -26.24 -54.73 14.79
CA GLU A 2450 -25.17 -54.25 15.65
C GLU A 2450 -24.28 -53.27 14.90
N LEU A 2451 -23.99 -53.57 13.65
CA LEU A 2451 -23.14 -52.71 12.86
C LEU A 2451 -23.80 -51.36 12.66
N ARG A 2452 -25.12 -51.36 12.42
CA ARG A 2452 -25.85 -50.11 12.34
C ARG A 2452 -25.71 -49.31 13.63
N GLU A 2453 -25.83 -49.99 14.76
CA GLU A 2453 -25.70 -49.26 16.01
C GLU A 2453 -24.32 -48.63 16.12
N LEU A 2454 -23.29 -49.39 15.78
CA LEU A 2454 -21.93 -48.88 15.93
C LEU A 2454 -21.68 -47.73 14.97
N LEU A 2455 -22.36 -47.71 13.84
CA LEU A 2455 -22.06 -46.75 12.79
C LEU A 2455 -22.44 -45.33 13.17
N ASN A 2456 -23.14 -45.12 14.26
CA ASN A 2456 -23.57 -43.78 14.63
C ASN A 2456 -22.49 -43.01 15.38
N PRO A 2457 -21.78 -43.60 16.33
CA PRO A 2457 -20.61 -42.92 16.90
C PRO A 2457 -19.39 -42.93 15.99
N VAL A 2458 -19.37 -43.77 14.95
CA VAL A 2458 -18.25 -43.79 14.03
C VAL A 2458 -18.19 -42.52 13.21
N VAL A 2459 -19.33 -42.09 12.68
CA VAL A 2459 -19.35 -41.07 11.64
C VAL A 2459 -19.33 -39.67 12.23
N GLU A 2460 -19.07 -39.60 13.53
CA GLU A 2460 -18.99 -38.35 14.25
C GLU A 2460 -17.56 -37.85 14.18
N PHE A 2461 -16.87 -38.24 13.11
CA PHE A 2461 -15.50 -37.84 12.86
C PHE A 2461 -15.45 -36.67 11.89
N VAL A 2462 -16.61 -36.05 11.65
CA VAL A 2462 -16.70 -34.90 10.77
C VAL A 2462 -15.78 -33.87 11.38
N SER A 2463 -14.87 -33.37 10.57
CA SER A 2463 -13.88 -32.38 11.00
C SER A 2463 -13.07 -32.80 12.22
N HIS A 2464 -12.98 -34.11 12.48
CA HIS A 2464 -12.16 -34.58 13.58
C HIS A 2464 -10.73 -34.10 13.41
N PRO A 2465 -10.13 -33.53 14.44
CA PRO A 2465 -8.75 -33.02 14.32
C PRO A 2465 -7.70 -34.11 14.47
N SER A 2466 -7.79 -35.13 13.61
CA SER A 2466 -6.87 -36.26 13.69
C SER A 2466 -6.07 -36.49 12.43
N THR A 2467 -6.73 -36.91 11.35
CA THR A 2467 -6.13 -37.43 10.11
C THR A 2467 -5.55 -38.81 10.36
N THR A 2468 -5.53 -39.26 11.61
CA THR A 2468 -5.22 -40.66 11.89
C THR A 2468 -6.34 -41.41 12.59
N CYS A 2469 -7.27 -40.71 13.26
CA CYS A 2469 -8.55 -41.32 13.56
C CYS A 2469 -9.44 -41.33 12.33
N ARG A 2470 -9.38 -40.26 11.53
CA ARG A 2470 -10.16 -40.20 10.30
C ARG A 2470 -9.75 -41.28 9.33
N GLU A 2471 -8.45 -41.54 9.20
CA GLU A 2471 -8.07 -42.55 8.24
C GLU A 2471 -8.43 -43.94 8.69
N GLN A 2472 -8.85 -44.11 9.96
CA GLN A 2472 -9.43 -45.37 10.38
C GLN A 2472 -10.93 -45.38 10.18
N MET A 2473 -11.62 -44.26 10.45
CA MET A 2473 -13.01 -44.17 10.04
C MET A 2473 -13.17 -44.50 8.58
N TYR A 2474 -12.29 -43.99 7.75
CA TYR A 2474 -12.46 -44.21 6.32
C TYR A 2474 -12.20 -45.65 5.95
N ASN A 2475 -11.30 -46.36 6.62
CA ASN A 2475 -11.16 -47.79 6.32
C ASN A 2475 -12.34 -48.59 6.85
N ILE A 2476 -12.91 -48.16 7.97
CA ILE A 2476 -14.14 -48.78 8.44
C ILE A 2476 -15.19 -48.71 7.35
N LEU A 2477 -15.39 -47.51 6.81
CA LEU A 2477 -16.45 -47.28 5.85
C LEU A 2477 -16.10 -47.85 4.48
N MET A 2478 -14.83 -47.90 4.15
CA MET A 2478 -14.42 -48.56 2.91
C MET A 2478 -14.74 -50.04 2.96
N TRP A 2479 -14.53 -50.68 4.12
CA TRP A 2479 -15.01 -52.05 4.31
C TRP A 2479 -16.52 -52.12 4.10
N ILE A 2480 -17.26 -51.28 4.83
CA ILE A 2480 -18.71 -51.32 4.78
C ILE A 2480 -19.19 -51.17 3.34
N HIS A 2481 -18.68 -50.18 2.65
CA HIS A 2481 -19.08 -49.94 1.28
C HIS A 2481 -18.70 -51.12 0.40
N ASP A 2482 -17.54 -51.72 0.62
CA ASP A 2482 -17.11 -52.73 -0.32
C ASP A 2482 -17.86 -54.04 -0.14
N ASN A 2483 -18.46 -54.27 1.03
CA ASN A 2483 -19.12 -55.54 1.24
C ASN A 2483 -20.62 -55.47 1.45
N TYR A 2484 -21.18 -54.30 1.71
CA TYR A 2484 -22.63 -54.14 1.85
C TYR A 2484 -23.25 -53.55 0.58
N ARG A 2485 -23.02 -54.21 -0.55
CA ARG A 2485 -23.41 -53.66 -1.84
C ARG A 2485 -24.41 -54.56 -2.55
N ASP A 2486 -25.37 -55.10 -1.81
CA ASP A 2486 -26.36 -56.02 -2.37
C ASP A 2486 -27.72 -55.58 -1.89
N PRO A 2487 -28.27 -54.50 -2.44
CA PRO A 2487 -29.46 -53.88 -1.84
C PRO A 2487 -30.69 -54.79 -1.83
N GLU A 2488 -30.72 -55.82 -2.67
CA GLU A 2488 -31.81 -56.80 -2.64
C GLU A 2488 -31.41 -58.10 -1.96
N SER A 2489 -30.14 -58.26 -1.60
CA SER A 2489 -29.63 -59.46 -0.96
C SER A 2489 -29.31 -59.15 0.49
N GLU A 2490 -29.67 -60.05 1.40
CA GLU A 2490 -29.61 -59.77 2.82
C GLU A 2490 -30.39 -58.50 3.16
N THR A 2491 -31.49 -58.28 2.43
CA THR A 2491 -32.31 -57.11 2.65
C THR A 2491 -32.79 -57.09 4.09
N ASP A 2492 -32.57 -55.97 4.76
CA ASP A 2492 -32.78 -55.89 6.20
C ASP A 2492 -33.56 -54.66 6.62
N ASN A 2493 -33.83 -53.74 5.72
CA ASN A 2493 -34.53 -52.48 5.98
C ASN A 2493 -33.71 -51.56 6.86
N ASP A 2494 -32.58 -52.02 7.39
CA ASP A 2494 -31.54 -51.14 7.92
C ASP A 2494 -30.17 -51.47 7.38
N SER A 2495 -29.94 -52.67 6.86
CA SER A 2495 -28.75 -52.89 6.07
C SER A 2495 -28.66 -51.90 4.95
N GLN A 2496 -29.80 -51.43 4.43
CA GLN A 2496 -29.78 -50.29 3.53
C GLN A 2496 -29.29 -49.04 4.25
N GLU A 2497 -29.71 -48.82 5.51
CA GLU A 2497 -29.30 -47.63 6.24
C GLU A 2497 -27.80 -47.61 6.45
N ILE A 2498 -27.23 -48.78 6.73
CA ILE A 2498 -25.80 -48.88 6.91
C ILE A 2498 -25.08 -48.39 5.66
N PHE A 2499 -25.48 -48.92 4.52
CA PHE A 2499 -24.82 -48.54 3.28
C PHE A 2499 -25.11 -47.10 2.92
N LYS A 2500 -26.29 -46.61 3.27
CA LYS A 2500 -26.61 -45.22 2.97
C LYS A 2500 -25.67 -44.28 3.70
N LEU A 2501 -25.51 -44.49 5.01
CA LEU A 2501 -24.66 -43.58 5.76
C LEU A 2501 -23.19 -43.81 5.44
N ALA A 2502 -22.82 -45.04 5.11
CA ALA A 2502 -21.46 -45.32 4.66
C ALA A 2502 -21.13 -44.58 3.37
N LYS A 2503 -21.97 -44.73 2.35
CA LYS A 2503 -21.71 -44.03 1.10
C LYS A 2503 -21.76 -42.53 1.29
N ASP A 2504 -22.65 -42.05 2.13
CA ASP A 2504 -22.72 -40.61 2.35
C ASP A 2504 -21.41 -40.08 2.89
N VAL A 2505 -20.84 -40.76 3.89
CA VAL A 2505 -19.61 -40.20 4.44
C VAL A 2505 -18.42 -40.47 3.54
N LEU A 2506 -18.49 -41.50 2.70
CA LEU A 2506 -17.41 -41.71 1.75
C LEU A 2506 -17.43 -40.67 0.64
N ILE A 2507 -18.60 -40.16 0.31
CA ILE A 2507 -18.69 -39.02 -0.60
C ILE A 2507 -18.20 -37.76 0.08
N GLN A 2508 -18.60 -37.55 1.33
CA GLN A 2508 -18.14 -36.38 2.06
C GLN A 2508 -16.66 -36.42 2.36
N GLY A 2509 -16.04 -37.57 2.23
CA GLY A 2509 -14.61 -37.62 2.40
C GLY A 2509 -13.80 -37.14 1.23
N LEU A 2510 -14.47 -36.76 0.15
CA LEU A 2510 -13.79 -36.29 -1.04
C LEU A 2510 -13.26 -34.88 -0.87
N ILE A 2511 -13.57 -34.19 0.23
CA ILE A 2511 -13.22 -32.79 0.40
C ILE A 2511 -12.45 -32.59 1.69
N ASP A 2512 -11.64 -33.59 2.05
CA ASP A 2512 -11.02 -33.66 3.36
C ASP A 2512 -9.87 -32.65 3.50
N GLU A 2513 -9.65 -32.19 4.75
CA GLU A 2513 -8.54 -31.26 5.00
C GLU A 2513 -7.21 -31.86 4.55
N ASN A 2514 -6.95 -33.10 4.93
CA ASN A 2514 -5.68 -33.73 4.59
C ASN A 2514 -5.64 -34.08 3.12
N PRO A 2515 -4.65 -33.57 2.37
CA PRO A 2515 -4.52 -34.01 0.97
C PRO A 2515 -4.22 -35.47 0.83
N GLY A 2516 -3.54 -36.08 1.78
CA GLY A 2516 -3.33 -37.52 1.72
C GLY A 2516 -4.63 -38.28 1.84
N LEU A 2517 -5.47 -37.91 2.80
CA LEU A 2517 -6.78 -38.53 2.94
C LEU A 2517 -7.66 -38.27 1.74
N GLN A 2518 -7.63 -37.04 1.22
CA GLN A 2518 -8.41 -36.75 0.03
C GLN A 2518 -7.92 -37.60 -1.14
N LEU A 2519 -6.62 -37.83 -1.22
CA LEU A 2519 -6.10 -38.71 -2.26
C LEU A 2519 -6.61 -40.12 -2.08
N ILE A 2520 -6.61 -40.60 -0.83
CA ILE A 2520 -7.07 -41.97 -0.55
C ILE A 2520 -8.53 -42.11 -0.96
N ILE A 2521 -9.37 -41.18 -0.54
CA ILE A 2521 -10.79 -41.27 -0.83
C ILE A 2521 -11.05 -41.08 -2.31
N ARG A 2522 -10.35 -40.16 -2.96
CA ARG A 2522 -10.56 -39.95 -4.38
C ARG A 2522 -10.19 -41.20 -5.15
N ASN A 2523 -9.09 -41.84 -4.79
CA ASN A 2523 -8.71 -43.04 -5.52
C ASN A 2523 -9.52 -44.25 -5.11
N PHE A 2524 -10.15 -44.22 -3.94
CA PHE A 2524 -11.16 -45.21 -3.64
C PHE A 2524 -12.33 -45.07 -4.59
N TRP A 2525 -12.79 -43.84 -4.80
CA TRP A 2525 -13.98 -43.63 -5.61
C TRP A 2525 -13.70 -43.89 -7.07
N SER A 2526 -12.53 -43.50 -7.53
CA SER A 2526 -12.20 -43.62 -8.95
C SER A 2526 -11.98 -45.04 -9.39
N HIS A 2527 -11.93 -45.99 -8.47
CA HIS A 2527 -11.71 -47.39 -8.79
C HIS A 2527 -12.83 -47.91 -9.68
N GLU A 2528 -12.47 -48.77 -10.63
CA GLU A 2528 -13.38 -49.12 -11.72
C GLU A 2528 -14.68 -49.73 -11.27
N THR A 2529 -14.75 -50.28 -10.06
CA THR A 2529 -15.97 -50.90 -9.57
C THR A 2529 -16.92 -49.89 -8.93
N ARG A 2530 -16.44 -48.70 -8.60
CA ARG A 2530 -17.23 -47.73 -7.88
C ARG A 2530 -17.55 -46.48 -8.70
N LEU A 2531 -16.91 -46.31 -9.84
CA LEU A 2531 -17.20 -45.28 -10.84
C LEU A 2531 -16.80 -45.84 -12.18
N PRO A 2532 -17.73 -45.99 -13.12
CA PRO A 2532 -17.43 -46.69 -14.36
C PRO A 2532 -16.22 -46.13 -15.10
N SER A 2533 -15.60 -47.00 -15.89
CA SER A 2533 -14.56 -46.57 -16.82
C SER A 2533 -15.14 -45.92 -18.06
N ASN A 2534 -16.31 -46.34 -18.49
CA ASN A 2534 -16.91 -45.72 -19.66
C ASN A 2534 -17.12 -44.24 -19.38
N THR A 2535 -16.87 -43.40 -20.37
CA THR A 2535 -16.91 -41.96 -20.07
C THR A 2535 -18.34 -41.46 -19.91
N LEU A 2536 -19.26 -41.91 -20.77
CA LEU A 2536 -20.64 -41.46 -20.61
C LEU A 2536 -21.31 -42.08 -19.40
N ASP A 2537 -21.13 -43.37 -19.19
CA ASP A 2537 -21.67 -43.98 -17.98
C ASP A 2537 -21.02 -43.39 -16.73
N ARG A 2538 -19.74 -43.06 -16.82
CA ARG A 2538 -19.09 -42.37 -15.72
C ARG A 2538 -19.71 -41.01 -15.50
N LEU A 2539 -20.02 -40.30 -16.58
CA LEU A 2539 -20.65 -38.98 -16.47
C LEU A 2539 -21.97 -39.08 -15.74
N LEU A 2540 -22.80 -40.05 -16.12
CA LEU A 2540 -24.07 -40.24 -15.43
C LEU A 2540 -23.86 -40.64 -13.97
N ALA A 2541 -22.89 -41.52 -13.71
CA ALA A 2541 -22.66 -41.97 -12.34
C ALA A 2541 -22.06 -40.91 -11.44
N LEU A 2542 -21.37 -39.92 -12.00
CA LEU A 2542 -20.89 -38.80 -11.20
C LEU A 2542 -22.01 -38.09 -10.48
N ASN A 2543 -23.16 -37.94 -11.14
CA ASN A 2543 -24.28 -37.25 -10.50
C ASN A 2543 -24.75 -37.99 -9.26
N SER A 2544 -24.62 -39.31 -9.22
CA SER A 2544 -24.96 -40.05 -8.02
C SER A 2544 -24.01 -39.75 -6.87
N LEU A 2545 -22.86 -39.17 -7.15
CA LEU A 2545 -21.90 -38.84 -6.11
C LEU A 2545 -22.13 -37.49 -5.47
N TYR A 2546 -23.11 -36.72 -5.95
CA TYR A 2546 -23.36 -35.40 -5.40
C TYR A 2546 -24.10 -35.53 -4.09
N SER A 2547 -23.62 -34.84 -3.08
CA SER A 2547 -24.41 -34.63 -1.89
C SER A 2547 -24.29 -33.19 -1.46
N PRO A 2548 -25.38 -32.56 -1.00
CA PRO A 2548 -25.32 -31.14 -0.66
C PRO A 2548 -24.20 -30.77 0.27
N LYS A 2549 -23.51 -31.74 0.83
CA LYS A 2549 -22.39 -31.44 1.70
C LYS A 2549 -21.14 -31.04 0.93
N ILE A 2550 -21.06 -31.43 -0.35
CA ILE A 2550 -19.87 -31.18 -1.16
C ILE A 2550 -20.23 -30.40 -2.40
N GLU A 2551 -21.30 -29.61 -2.35
CA GLU A 2551 -21.68 -28.88 -3.54
C GLU A 2551 -20.63 -27.86 -3.92
N VAL A 2552 -19.96 -27.27 -2.92
CA VAL A 2552 -18.93 -26.29 -3.21
C VAL A 2552 -17.85 -26.89 -4.10
N HIS A 2553 -17.32 -28.04 -3.67
CA HIS A 2553 -16.25 -28.70 -4.41
C HIS A 2553 -16.76 -29.67 -5.47
N PHE A 2554 -18.08 -29.80 -5.59
CA PHE A 2554 -18.67 -30.72 -6.56
C PHE A 2554 -18.14 -30.53 -7.99
N LEU A 2555 -18.06 -29.27 -8.43
CA LEU A 2555 -17.58 -28.96 -9.77
C LEU A 2555 -16.14 -29.42 -10.02
N SER A 2556 -15.26 -29.17 -9.05
CA SER A 2556 -13.86 -29.54 -9.18
C SER A 2556 -13.62 -31.04 -9.20
N LEU A 2557 -14.47 -31.78 -8.49
CA LEU A 2557 -14.37 -33.21 -8.41
C LEU A 2557 -14.91 -33.89 -9.65
N ALA A 2558 -16.03 -33.41 -10.17
CA ALA A 2558 -16.65 -34.12 -11.28
C ALA A 2558 -15.82 -34.02 -12.55
N THR A 2559 -15.23 -32.86 -12.80
CA THR A 2559 -14.31 -32.78 -13.91
C THR A 2559 -13.03 -33.53 -13.62
N ASN A 2560 -12.59 -33.56 -12.36
CA ASN A 2560 -11.46 -34.40 -11.99
C ASN A 2560 -11.68 -35.82 -12.45
N PHE A 2561 -12.66 -36.49 -11.85
CA PHE A 2561 -13.02 -37.85 -12.24
C PHE A 2561 -13.23 -37.96 -13.74
N LEU A 2562 -13.84 -36.96 -14.35
CA LEU A 2562 -14.21 -37.11 -15.74
C LEU A 2562 -13.06 -36.88 -16.70
N LEU A 2563 -11.98 -36.27 -16.23
CA LEU A 2563 -10.88 -35.85 -17.07
C LEU A 2563 -9.64 -36.68 -16.83
N GLU A 2564 -9.59 -37.41 -15.73
CA GLU A 2564 -8.54 -38.35 -15.44
C GLU A 2564 -8.81 -39.72 -16.06
N MET A 2565 -9.83 -39.83 -16.90
CA MET A 2565 -9.92 -40.95 -17.83
C MET A 2565 -9.07 -40.73 -19.06
N THR A 2566 -8.55 -39.52 -19.25
CA THR A 2566 -7.57 -39.26 -20.30
C THR A 2566 -6.22 -39.87 -19.97
N SER A 2567 -5.88 -39.96 -18.67
CA SER A 2567 -4.57 -40.45 -18.26
C SER A 2567 -4.37 -41.90 -18.65
N MET A 2568 -5.44 -42.67 -18.81
CA MET A 2568 -5.35 -44.02 -19.32
C MET A 2568 -5.63 -44.10 -20.82
N SER A 2569 -5.87 -42.98 -21.47
CA SER A 2569 -6.28 -42.99 -22.86
C SER A 2569 -5.11 -43.29 -23.81
N PRO A 2570 -5.38 -43.83 -25.00
CA PRO A 2570 -4.31 -44.06 -25.98
C PRO A 2570 -4.00 -42.88 -26.89
N ASP A 2571 -4.05 -41.67 -26.35
CA ASP A 2571 -3.46 -40.49 -26.97
C ASP A 2571 -2.88 -39.53 -25.94
N TYR A 2572 -2.84 -39.93 -24.67
CA TYR A 2572 -2.33 -39.07 -23.61
C TYR A 2572 -0.91 -38.56 -23.87
N PRO A 2573 0.06 -39.38 -24.27
CA PRO A 2573 1.43 -38.86 -24.41
C PRO A 2573 1.80 -38.35 -25.80
N ASN A 2574 0.86 -38.24 -26.72
CA ASN A 2574 1.18 -37.72 -28.04
C ASN A 2574 1.50 -36.23 -27.94
N PRO A 2575 2.39 -35.73 -28.81
CA PRO A 2575 2.66 -34.28 -28.86
C PRO A 2575 1.53 -33.47 -29.45
N MET A 2576 0.48 -34.13 -29.93
CA MET A 2576 -0.77 -33.54 -30.45
C MET A 2576 -0.52 -32.43 -31.46
N PHE A 2577 0.67 -32.35 -32.04
CA PHE A 2577 0.99 -31.32 -33.02
C PHE A 2577 2.13 -31.81 -33.89
N GLU A 2578 2.32 -31.16 -35.03
CA GLU A 2578 3.40 -31.51 -35.95
C GLU A 2578 4.33 -30.32 -36.22
N ILE A 2783 6.09 -25.93 -29.85
CA ILE A 2783 4.65 -25.75 -29.96
C ILE A 2783 3.94 -27.07 -29.69
N GLN A 2784 4.72 -28.14 -29.59
CA GLN A 2784 4.20 -29.48 -29.35
C GLN A 2784 4.24 -29.74 -27.84
N ILE A 2785 3.08 -29.61 -27.19
CA ILE A 2785 3.01 -29.44 -25.74
C ILE A 2785 2.23 -30.57 -25.07
N LYS A 2786 2.29 -31.78 -25.65
CA LYS A 2786 2.14 -32.97 -24.82
C LYS A 2786 0.83 -33.07 -24.05
N HIS A 2787 -0.26 -33.51 -24.70
CA HIS A 2787 -1.65 -33.36 -24.25
C HIS A 2787 -1.79 -33.22 -22.75
N SER A 2788 -1.08 -34.06 -22.00
CA SER A 2788 -1.06 -33.94 -20.55
C SER A 2788 -0.69 -32.54 -20.12
N SER A 2789 0.30 -31.94 -20.76
CA SER A 2789 0.76 -30.64 -20.31
C SER A 2789 -0.27 -29.56 -20.56
N LEU A 2790 -1.37 -29.87 -21.24
CA LEU A 2790 -2.54 -29.01 -21.29
C LEU A 2790 -3.61 -29.43 -20.30
N ILE A 2791 -3.93 -30.72 -20.23
CA ILE A 2791 -5.01 -31.16 -19.36
C ILE A 2791 -4.65 -30.93 -17.91
N THR A 2792 -3.52 -31.46 -17.48
CA THR A 2792 -3.15 -31.38 -16.07
C THR A 2792 -3.06 -29.97 -15.52
N PRO A 2793 -2.61 -28.94 -16.27
CA PRO A 2793 -2.75 -27.58 -15.73
C PRO A 2793 -4.16 -27.05 -15.84
N LEU A 2794 -4.91 -27.46 -16.86
CA LEU A 2794 -6.32 -27.10 -16.95
C LEU A 2794 -7.07 -27.59 -15.73
N GLN A 2795 -6.90 -28.86 -15.39
CA GLN A 2795 -7.50 -29.40 -14.19
C GLN A 2795 -6.87 -28.82 -12.93
N ALA A 2796 -5.59 -28.51 -12.97
CA ALA A 2796 -4.92 -27.96 -11.81
C ALA A 2796 -5.46 -26.59 -11.45
N VAL A 2797 -5.93 -25.84 -12.43
CA VAL A 2797 -6.56 -24.57 -12.10
C VAL A 2797 -8.06 -24.74 -11.88
N ALA A 2798 -8.68 -25.73 -12.53
CA ALA A 2798 -10.10 -25.97 -12.28
C ALA A 2798 -10.34 -26.44 -10.88
N GLN A 2799 -9.39 -27.09 -10.23
CA GLN A 2799 -9.64 -27.46 -8.85
C GLN A 2799 -9.05 -26.47 -7.87
N ARG A 2800 -8.76 -25.26 -8.32
CA ARG A 2800 -8.46 -24.11 -7.48
C ARG A 2800 -9.35 -22.90 -7.75
N ASP A 2801 -10.08 -22.88 -8.86
CA ASP A 2801 -10.95 -21.76 -9.21
C ASP A 2801 -12.36 -22.26 -9.52
N PRO A 2802 -13.39 -21.69 -8.88
CA PRO A 2802 -14.74 -22.20 -9.12
C PRO A 2802 -15.31 -21.83 -10.47
N ILE A 2803 -14.97 -20.67 -11.02
CA ILE A 2803 -15.50 -20.28 -12.32
C ILE A 2803 -14.89 -21.11 -13.43
N ILE A 2804 -13.60 -21.44 -13.31
CA ILE A 2804 -12.98 -22.32 -14.29
C ILE A 2804 -13.54 -23.73 -14.15
N ALA A 2805 -13.79 -24.18 -12.93
CA ALA A 2805 -14.45 -25.46 -12.76
C ALA A 2805 -15.82 -25.47 -13.44
N LYS A 2806 -16.56 -24.38 -13.28
CA LYS A 2806 -17.87 -24.24 -13.90
C LYS A 2806 -17.80 -24.35 -15.40
N GLN A 2807 -16.89 -23.62 -16.03
CA GLN A 2807 -16.80 -23.63 -17.48
C GLN A 2807 -16.27 -24.95 -18.00
N LEU A 2808 -15.39 -25.60 -17.24
CA LEU A 2808 -14.88 -26.90 -17.66
C LEU A 2808 -15.94 -27.98 -17.57
N PHE A 2809 -16.72 -28.02 -16.50
CA PHE A 2809 -17.78 -29.00 -16.43
C PHE A 2809 -18.83 -28.76 -17.47
N SER A 2810 -19.17 -27.50 -17.73
CA SER A 2810 -20.14 -27.19 -18.75
C SER A 2810 -19.65 -27.63 -20.12
N SER A 2811 -18.40 -27.35 -20.45
CA SER A 2811 -17.86 -27.73 -21.75
C SER A 2811 -17.78 -29.23 -21.90
N LEU A 2812 -17.25 -29.90 -20.89
CA LEU A 2812 -17.13 -31.35 -20.93
C LEU A 2812 -18.49 -32.00 -21.05
N PHE A 2813 -19.42 -31.59 -20.20
CA PHE A 2813 -20.79 -32.10 -20.27
C PHE A 2813 -21.36 -31.94 -21.66
N SER A 2814 -21.25 -30.74 -22.23
CA SER A 2814 -21.91 -30.52 -23.49
C SER A 2814 -21.21 -31.29 -24.61
N GLY A 2815 -19.90 -31.47 -24.50
CA GLY A 2815 -19.18 -32.23 -25.52
C GLY A 2815 -19.53 -33.70 -25.49
N ILE A 2816 -19.62 -34.27 -24.30
CA ILE A 2816 -20.00 -35.68 -24.19
C ILE A 2816 -21.43 -35.89 -24.66
N LEU A 2817 -22.34 -35.01 -24.22
CA LEU A 2817 -23.72 -35.11 -24.65
C LEU A 2817 -23.86 -34.91 -26.15
N LYS A 2818 -22.92 -34.22 -26.79
CA LYS A 2818 -22.92 -34.23 -28.24
C LYS A 2818 -22.30 -35.50 -28.80
N GLU A 2819 -21.35 -36.09 -28.09
CA GLU A 2819 -20.72 -37.31 -28.58
C GLU A 2819 -21.69 -38.47 -28.66
N MET A 2820 -22.61 -38.59 -27.70
CA MET A 2820 -23.45 -39.78 -27.78
C MET A 2820 -24.35 -39.75 -29.01
N ASP A 2821 -24.49 -38.60 -29.66
CA ASP A 2821 -25.47 -38.48 -30.73
C ASP A 2821 -25.08 -39.30 -31.95
N LYS A 2822 -23.80 -39.41 -32.24
CA LYS A 2822 -23.35 -40.32 -33.29
C LYS A 2822 -23.21 -41.75 -32.79
N PHE A 2823 -23.35 -41.95 -31.49
CA PHE A 2823 -22.93 -43.18 -30.85
C PHE A 2823 -24.07 -43.98 -30.28
N LYS A 2824 -25.21 -43.36 -29.99
CA LYS A 2824 -26.32 -44.04 -29.34
C LYS A 2824 -27.61 -43.80 -30.10
N THR A 2825 -28.59 -44.66 -29.82
CA THR A 2825 -29.88 -44.63 -30.48
C THR A 2825 -30.85 -43.79 -29.67
N LEU A 2826 -31.98 -43.46 -30.29
CA LEU A 2826 -32.87 -42.44 -29.73
C LEU A 2826 -33.48 -42.88 -28.41
N SER A 2827 -33.83 -44.15 -28.28
CA SER A 2827 -34.42 -44.61 -27.03
C SER A 2827 -33.42 -44.53 -25.89
N GLU A 2828 -32.18 -44.96 -26.14
CA GLU A 2828 -31.16 -44.83 -25.13
C GLU A 2828 -30.90 -43.37 -24.79
N LYS A 2829 -30.84 -42.52 -25.80
CA LYS A 2829 -30.61 -41.11 -25.54
C LYS A 2829 -31.70 -40.52 -24.68
N ASN A 2830 -32.95 -40.86 -24.97
CA ASN A 2830 -34.04 -40.33 -24.19
C ASN A 2830 -33.99 -40.82 -22.77
N ASN A 2831 -33.65 -42.10 -22.56
CA ASN A 2831 -33.49 -42.57 -21.19
C ASN A 2831 -32.39 -41.81 -20.47
N ILE A 2832 -31.27 -41.55 -21.15
CA ILE A 2832 -30.17 -40.85 -20.52
C ILE A 2832 -30.57 -39.43 -20.16
N THR A 2833 -31.26 -38.74 -21.07
CA THR A 2833 -31.63 -37.36 -20.80
C THR A 2833 -32.70 -37.28 -19.73
N GLN A 2834 -33.62 -38.24 -19.68
CA GLN A 2834 -34.57 -38.28 -18.56
C GLN A 2834 -33.85 -38.48 -17.24
N LYS A 2835 -32.87 -39.39 -17.20
CA LYS A 2835 -32.10 -39.55 -15.97
C LYS A 2835 -31.36 -38.29 -15.61
N LEU A 2836 -30.77 -37.62 -16.59
CA LEU A 2836 -30.03 -36.39 -16.31
C LEU A 2836 -30.95 -35.31 -15.81
N LEU A 2837 -32.13 -35.18 -16.40
CA LEU A 2837 -33.09 -34.19 -15.94
C LEU A 2837 -33.52 -34.49 -14.52
N GLN A 2838 -33.80 -35.75 -14.21
CA GLN A 2838 -34.14 -36.12 -12.84
C GLN A 2838 -33.01 -35.79 -11.88
N ASP A 2839 -31.78 -36.08 -12.29
CA ASP A 2839 -30.62 -35.73 -11.47
C ASP A 2839 -30.54 -34.24 -11.24
N PHE A 2840 -30.77 -33.43 -12.27
CA PHE A 2840 -30.63 -31.98 -12.13
C PHE A 2840 -31.70 -31.40 -11.24
N ASN A 2841 -32.94 -31.87 -11.40
CA ASN A 2841 -34.00 -31.42 -10.51
C ASN A 2841 -33.66 -31.78 -9.09
N ARG A 2842 -33.09 -32.97 -8.88
CA ARG A 2842 -32.68 -33.37 -7.54
C ARG A 2842 -31.57 -32.47 -7.01
N PHE A 2843 -30.61 -32.12 -7.84
CA PHE A 2843 -29.56 -31.19 -7.42
C PHE A 2843 -30.17 -29.90 -6.92
N LEU A 2844 -31.17 -29.40 -7.65
CA LEU A 2844 -31.76 -28.11 -7.32
C LEU A 2844 -32.62 -28.18 -6.07
N ASN A 2845 -33.38 -29.25 -5.93
CA ASN A 2845 -34.26 -29.37 -4.78
C ASN A 2845 -33.48 -29.62 -3.51
N THR A 2846 -32.56 -30.60 -3.52
CA THR A 2846 -31.90 -31.01 -2.30
C THR A 2846 -30.76 -30.09 -1.89
N THR A 2847 -30.37 -29.16 -2.74
CA THR A 2847 -29.33 -28.20 -2.41
C THR A 2847 -29.75 -27.40 -1.19
N PHE A 2848 -28.82 -27.18 -0.28
CA PHE A 2848 -29.14 -26.31 0.83
C PHE A 2848 -28.23 -25.10 0.90
N SER A 2849 -27.01 -25.20 0.41
CA SER A 2849 -26.10 -24.06 0.29
C SER A 2849 -26.00 -23.76 -1.19
N PHE A 2850 -26.74 -22.77 -1.64
CA PHE A 2850 -26.81 -22.51 -3.07
C PHE A 2850 -25.48 -21.88 -3.49
N PHE A 2851 -24.60 -22.69 -4.02
CA PHE A 2851 -23.33 -22.20 -4.52
C PHE A 2851 -23.57 -21.58 -5.89
N PRO A 2852 -23.26 -20.30 -6.08
CA PRO A 2852 -23.61 -19.65 -7.32
C PRO A 2852 -22.98 -20.31 -8.53
N PRO A 2853 -21.71 -20.72 -8.48
CA PRO A 2853 -21.17 -21.48 -9.62
C PRO A 2853 -21.88 -22.78 -9.91
N PHE A 2854 -22.26 -23.55 -8.89
CA PHE A 2854 -22.94 -24.81 -9.17
C PHE A 2854 -24.34 -24.59 -9.71
N VAL A 2855 -25.06 -23.64 -9.13
CA VAL A 2855 -26.43 -23.39 -9.57
C VAL A 2855 -26.45 -22.88 -10.99
N SER A 2856 -25.62 -21.86 -11.28
CA SER A 2856 -25.58 -21.34 -12.63
C SER A 2856 -25.01 -22.35 -13.61
N CYS A 2857 -24.18 -23.29 -13.13
CA CYS A 2857 -23.67 -24.32 -14.03
C CYS A 2857 -24.76 -25.26 -14.46
N ILE A 2858 -25.57 -25.72 -13.50
CA ILE A 2858 -26.68 -26.61 -13.85
C ILE A 2858 -27.66 -25.90 -14.78
N GLN A 2859 -27.97 -24.63 -14.49
CA GLN A 2859 -28.97 -23.93 -15.30
C GLN A 2859 -28.43 -23.54 -16.67
N ASP A 2860 -27.13 -23.32 -16.82
CA ASP A 2860 -26.58 -23.11 -18.14
C ASP A 2860 -26.53 -24.39 -18.95
N ILE A 2861 -26.09 -25.49 -18.35
CA ILE A 2861 -26.11 -26.77 -19.05
C ILE A 2861 -27.51 -27.11 -19.51
N SER A 2862 -28.49 -26.83 -18.65
CA SER A 2862 -29.88 -27.09 -19.00
C SER A 2862 -30.31 -26.20 -20.15
N CYS A 2863 -30.11 -24.90 -20.01
CA CYS A 2863 -30.46 -23.92 -21.02
C CYS A 2863 -29.85 -24.25 -22.37
N GLN A 2864 -28.82 -25.09 -22.41
CA GLN A 2864 -28.19 -25.40 -23.67
C GLN A 2864 -28.78 -26.61 -24.40
N HIS A 2865 -29.55 -27.47 -23.73
CA HIS A 2865 -30.04 -28.71 -24.34
C HIS A 2865 -31.56 -28.77 -24.26
N ALA A 2866 -32.20 -29.03 -25.40
CA ALA A 2866 -33.65 -29.00 -25.48
C ALA A 2866 -34.30 -30.04 -24.58
N ALA A 2867 -33.57 -31.07 -24.19
CA ALA A 2867 -34.16 -32.11 -23.36
C ALA A 2867 -34.28 -31.70 -21.91
N LEU A 2868 -33.35 -30.89 -21.41
CA LEU A 2868 -33.38 -30.47 -20.01
C LEU A 2868 -33.94 -29.07 -19.86
N LEU A 2869 -34.57 -28.51 -20.88
CA LEU A 2869 -35.27 -27.26 -20.70
C LEU A 2869 -36.40 -27.40 -19.70
N SER A 2870 -36.91 -28.61 -19.51
CA SER A 2870 -38.05 -28.87 -18.66
C SER A 2870 -37.70 -28.87 -17.21
N LEU A 2871 -36.57 -28.32 -16.81
CA LEU A 2871 -36.20 -28.29 -15.41
C LEU A 2871 -37.34 -27.68 -14.60
N ASP A 2872 -37.45 -28.08 -13.35
CA ASP A 2872 -38.60 -27.69 -12.56
C ASP A 2872 -38.63 -26.19 -12.34
N PRO A 2873 -39.68 -25.50 -12.79
CA PRO A 2873 -39.66 -24.04 -12.70
C PRO A 2873 -39.54 -23.51 -11.29
N ALA A 2874 -40.23 -24.10 -10.32
CA ALA A 2874 -40.15 -23.61 -8.95
C ALA A 2874 -38.75 -23.81 -8.41
N ALA A 2875 -38.09 -24.88 -8.82
CA ALA A 2875 -36.71 -25.13 -8.44
C ALA A 2875 -35.77 -24.11 -9.05
N VAL A 2876 -35.94 -23.80 -10.34
CA VAL A 2876 -35.13 -22.78 -10.99
C VAL A 2876 -35.27 -21.44 -10.28
N SER A 2877 -36.52 -21.04 -10.02
CA SER A 2877 -36.76 -19.79 -9.32
C SER A 2877 -36.09 -19.78 -7.96
N ALA A 2878 -36.31 -20.81 -7.16
CA ALA A 2878 -35.79 -20.79 -5.81
C ALA A 2878 -34.27 -20.75 -5.82
N GLY A 2879 -33.65 -21.48 -6.74
CA GLY A 2879 -32.21 -21.48 -6.82
C GLY A 2879 -31.64 -20.12 -7.18
N CYS A 2880 -32.20 -19.48 -8.21
CA CYS A 2880 -31.67 -18.19 -8.64
C CYS A 2880 -31.96 -17.10 -7.62
N LEU A 2881 -33.12 -17.09 -7.02
CA LEU A 2881 -33.39 -16.11 -5.99
C LEU A 2881 -32.44 -16.28 -4.82
N ALA A 2882 -32.19 -17.53 -4.42
CA ALA A 2882 -31.39 -17.79 -3.22
C ALA A 2882 -29.91 -17.59 -3.47
N SER A 2883 -29.44 -17.77 -4.69
CA SER A 2883 -28.03 -17.55 -4.99
C SER A 2883 -27.77 -16.27 -5.74
N LEU A 2884 -28.79 -15.44 -5.94
CA LEU A 2884 -28.66 -14.18 -6.67
C LEU A 2884 -28.04 -14.41 -8.04
N GLN A 2885 -28.47 -15.45 -8.70
CA GLN A 2885 -28.09 -15.77 -10.06
C GLN A 2885 -29.28 -15.60 -10.97
N GLN A 2886 -30.03 -14.52 -10.76
CA GLN A 2886 -31.32 -14.36 -11.42
C GLN A 2886 -31.26 -14.40 -12.94
N PRO A 2887 -30.30 -13.79 -13.61
CA PRO A 2887 -30.31 -13.81 -15.08
C PRO A 2887 -30.16 -15.18 -15.70
N VAL A 2888 -29.52 -16.12 -15.01
CA VAL A 2888 -29.38 -17.47 -15.54
C VAL A 2888 -30.72 -18.17 -15.58
N GLY A 2889 -31.47 -18.06 -14.48
CA GLY A 2889 -32.79 -18.63 -14.44
C GLY A 2889 -33.75 -17.96 -15.38
N ILE A 2890 -33.61 -16.65 -15.54
CA ILE A 2890 -34.41 -15.93 -16.52
C ILE A 2890 -34.15 -16.46 -17.91
N ARG A 2891 -32.89 -16.70 -18.26
CA ARG A 2891 -32.58 -17.25 -19.56
C ARG A 2891 -33.14 -18.66 -19.74
N LEU A 2892 -33.07 -19.47 -18.69
CA LEU A 2892 -33.58 -20.82 -18.78
C LEU A 2892 -35.08 -20.83 -19.01
N LEU A 2893 -35.82 -20.12 -18.16
CA LEU A 2893 -37.27 -20.06 -18.30
C LEU A 2893 -37.67 -19.42 -19.60
N GLU A 2894 -36.93 -18.44 -20.07
CA GLU A 2894 -37.26 -17.84 -21.36
C GLU A 2894 -37.09 -18.83 -22.49
N GLU A 2895 -36.02 -19.62 -22.49
CA GLU A 2895 -35.83 -20.59 -23.57
C GLU A 2895 -36.89 -21.69 -23.50
N ALA A 2896 -37.29 -22.09 -22.30
CA ALA A 2896 -38.37 -23.05 -22.19
C ALA A 2896 -39.69 -22.47 -22.65
N LEU A 2897 -39.89 -21.17 -22.49
CA LEU A 2897 -41.11 -20.56 -22.98
C LEU A 2897 -41.05 -20.31 -24.47
N LEU A 2898 -39.87 -20.32 -25.06
CA LEU A 2898 -39.74 -20.14 -26.50
C LEU A 2898 -39.85 -21.46 -27.25
N ARG A 2899 -38.94 -22.40 -26.97
CA ARG A 2899 -38.77 -23.57 -27.81
C ARG A 2899 -39.00 -24.87 -27.06
N LEU A 2900 -40.06 -24.95 -26.26
CA LEU A 2900 -40.36 -26.20 -25.57
C LEU A 2900 -41.77 -26.70 -25.87
N LEU A 2901 -42.76 -25.83 -25.76
CA LEU A 2901 -44.13 -26.18 -26.12
C LEU A 2901 -44.51 -25.40 -27.37
N PRO A 2902 -44.63 -26.05 -28.53
CA PRO A 2902 -44.99 -25.40 -29.79
C PRO A 2902 -46.49 -25.21 -29.96
N LEU A 2916 -52.48 -26.39 -12.71
CA LEU A 2916 -52.22 -25.15 -13.43
C LEU A 2916 -51.24 -25.36 -14.61
N PRO A 2917 -51.50 -24.72 -15.74
CA PRO A 2917 -50.77 -25.02 -16.98
C PRO A 2917 -49.28 -24.84 -16.81
N PRO A 2918 -48.47 -25.63 -17.51
CA PRO A 2918 -47.01 -25.51 -17.36
C PRO A 2918 -46.43 -24.22 -17.90
N ASP A 2919 -46.97 -23.70 -19.01
CA ASP A 2919 -46.50 -22.41 -19.50
C ASP A 2919 -46.88 -21.30 -18.53
N VAL A 2920 -48.07 -21.35 -17.93
CA VAL A 2920 -48.38 -20.27 -16.99
C VAL A 2920 -47.56 -20.44 -15.73
N LEU A 2921 -47.19 -21.67 -15.37
CA LEU A 2921 -46.28 -21.84 -14.25
C LEU A 2921 -44.94 -21.21 -14.54
N ARG A 2922 -44.45 -21.37 -15.76
CA ARG A 2922 -43.19 -20.74 -16.12
C ARG A 2922 -43.31 -19.23 -16.20
N TRP A 2923 -44.46 -18.72 -16.66
CA TRP A 2923 -44.63 -17.27 -16.71
C TRP A 2923 -44.64 -16.69 -15.31
N VAL A 2924 -45.30 -17.37 -14.39
CA VAL A 2924 -45.35 -16.92 -13.01
C VAL A 2924 -43.95 -16.90 -12.42
N GLU A 2925 -43.14 -17.92 -12.70
CA GLU A 2925 -41.79 -17.96 -12.14
C GLU A 2925 -40.88 -16.94 -12.82
N LEU A 2926 -41.05 -16.71 -14.11
CA LEU A 2926 -40.28 -15.68 -14.81
C LEU A 2926 -40.61 -14.31 -14.27
N ALA A 2927 -41.88 -14.04 -13.99
CA ALA A 2927 -42.26 -12.79 -13.34
C ALA A 2927 -41.69 -12.68 -11.93
N LYS A 2928 -41.69 -13.77 -11.18
CA LYS A 2928 -41.08 -13.74 -9.88
C LYS A 2928 -39.60 -13.41 -9.95
N LEU A 2929 -38.93 -13.84 -11.02
CA LEU A 2929 -37.51 -13.56 -11.16
C LEU A 2929 -37.26 -12.12 -11.61
N TYR A 2930 -38.02 -11.65 -12.59
CA TYR A 2930 -37.88 -10.27 -13.06
C TYR A 2930 -38.20 -9.27 -11.97
N ARG A 2931 -39.17 -9.56 -11.13
CA ARG A 2931 -39.46 -8.60 -10.08
C ARG A 2931 -38.28 -8.43 -9.15
N SER A 2932 -37.60 -9.51 -8.83
CA SER A 2932 -36.46 -9.44 -7.94
C SER A 2932 -35.27 -8.78 -8.57
N ILE A 2933 -35.16 -8.82 -9.90
CA ILE A 2933 -34.04 -8.20 -10.58
C ILE A 2933 -34.26 -6.72 -10.85
N GLY A 2934 -35.39 -6.16 -10.43
CA GLY A 2934 -35.81 -4.82 -10.82
C GLY A 2934 -36.95 -4.89 -11.80
N GLU A 2935 -36.83 -4.27 -12.96
CA GLU A 2935 -37.58 -4.62 -14.16
C GLU A 2935 -39.10 -4.67 -13.99
N TYR A 2936 -39.66 -3.61 -13.44
CA TYR A 2936 -41.10 -3.54 -13.29
C TYR A 2936 -41.81 -3.30 -14.60
N ASP A 2937 -41.15 -2.71 -15.57
CA ASP A 2937 -41.77 -2.51 -16.87
C ASP A 2937 -42.08 -3.83 -17.54
N VAL A 2938 -41.09 -4.69 -17.68
CA VAL A 2938 -41.31 -5.99 -18.31
C VAL A 2938 -42.15 -6.90 -17.43
N LEU A 2939 -42.06 -6.77 -16.11
CA LEU A 2939 -42.94 -7.53 -15.24
C LEU A 2939 -44.42 -7.18 -15.44
N ARG A 2940 -44.72 -5.90 -15.58
CA ARG A 2940 -46.07 -5.49 -15.90
C ARG A 2940 -46.48 -5.92 -17.30
N GLY A 2941 -45.54 -5.94 -18.23
CA GLY A 2941 -45.86 -6.44 -19.55
C GLY A 2941 -46.08 -7.94 -19.60
N ILE A 2942 -45.58 -8.69 -18.63
CA ILE A 2942 -45.88 -10.12 -18.53
C ILE A 2942 -47.27 -10.31 -17.96
N PHE A 2943 -47.58 -9.60 -16.88
CA PHE A 2943 -48.88 -9.76 -16.27
C PHE A 2943 -49.99 -9.27 -17.17
N THR A 2944 -49.76 -8.21 -17.92
CA THR A 2944 -50.84 -7.70 -18.74
C THR A 2944 -51.10 -8.55 -19.97
N SER A 2945 -50.23 -9.49 -20.30
CA SER A 2945 -50.28 -10.19 -21.58
C SER A 2945 -50.40 -11.69 -21.49
N GLU A 2946 -49.83 -12.31 -20.46
CA GLU A 2946 -49.77 -13.76 -20.38
C GLU A 2946 -50.34 -14.30 -19.08
N ILE A 2947 -50.87 -13.46 -18.22
CA ILE A 2947 -51.46 -13.95 -16.98
C ILE A 2947 -52.86 -13.36 -16.82
N GLY A 2948 -52.98 -12.05 -16.96
CA GLY A 2948 -54.28 -11.41 -16.89
C GLY A 2948 -55.19 -11.84 -18.02
N THR A 2949 -56.43 -12.21 -17.69
CA THR A 2949 -57.40 -12.58 -18.71
C THR A 2949 -58.66 -11.72 -18.69
N LYS A 2950 -58.97 -11.06 -17.59
CA LYS A 2950 -60.12 -10.18 -17.51
C LYS A 2950 -59.76 -8.79 -18.01
N GLN A 2951 -60.78 -7.99 -18.28
CA GLN A 2951 -60.57 -6.60 -18.64
C GLN A 2951 -60.44 -5.70 -17.43
N ILE A 2952 -60.61 -6.24 -16.23
CA ILE A 2952 -60.40 -5.48 -15.00
C ILE A 2952 -58.98 -5.59 -14.49
N THR A 2953 -58.18 -6.46 -15.06
CA THR A 2953 -56.76 -6.51 -14.74
C THR A 2953 -55.93 -5.73 -15.74
N GLN A 2954 -56.57 -5.16 -16.76
CA GLN A 2954 -55.90 -4.24 -17.68
C GLN A 2954 -56.03 -2.81 -17.23
N SER A 2955 -57.22 -2.41 -16.80
CA SER A 2955 -57.38 -1.07 -16.26
C SER A 2955 -56.66 -0.91 -14.93
N ALA A 2956 -56.61 -1.96 -14.13
CA ALA A 2956 -55.85 -1.88 -12.88
C ALA A 2956 -54.37 -1.72 -13.15
N LEU A 2957 -53.84 -2.41 -14.15
CA LEU A 2957 -52.43 -2.28 -14.45
C LEU A 2957 -52.12 -0.94 -15.07
N LEU A 2958 -53.03 -0.43 -15.89
CA LEU A 2958 -52.84 0.89 -16.47
C LEU A 2958 -52.82 1.96 -15.39
N ALA A 2959 -53.74 1.85 -14.42
CA ALA A 2959 -53.74 2.79 -13.31
C ALA A 2959 -52.46 2.67 -12.49
N GLU A 2960 -52.02 1.45 -12.22
CA GLU A 2960 -50.80 1.26 -11.46
C GLU A 2960 -49.58 1.79 -12.20
N ALA A 2961 -49.60 1.77 -13.52
CA ALA A 2961 -48.49 2.32 -14.30
C ALA A 2961 -48.50 3.83 -14.37
N ARG A 2962 -49.67 4.47 -14.25
CA ARG A 2962 -49.73 5.92 -14.16
C ARG A 2962 -49.26 6.46 -12.82
N SER A 2963 -49.00 5.59 -11.85
CA SER A 2963 -48.85 5.90 -10.43
C SER A 2963 -50.17 6.29 -9.80
N ASP A 2964 -51.25 5.69 -10.25
CA ASP A 2964 -52.56 5.85 -9.64
C ASP A 2964 -52.90 4.65 -8.77
N TYR A 2965 -52.09 4.45 -7.74
CA TYR A 2965 -52.23 3.27 -6.91
C TYR A 2965 -53.58 3.23 -6.23
N SER A 2966 -54.24 4.37 -6.05
CA SER A 2966 -55.57 4.34 -5.46
C SER A 2966 -56.53 3.56 -6.33
N GLU A 2967 -56.62 3.93 -7.60
CA GLU A 2967 -57.52 3.23 -8.49
C GLU A 2967 -57.05 1.82 -8.75
N ALA A 2968 -55.75 1.61 -8.90
CA ALA A 2968 -55.27 0.25 -9.10
C ALA A 2968 -55.72 -0.65 -7.97
N ALA A 2969 -55.45 -0.25 -6.73
CA ALA A 2969 -55.81 -1.11 -5.60
C ALA A 2969 -57.32 -1.27 -5.49
N LYS A 2970 -58.06 -0.21 -5.74
CA LYS A 2970 -59.51 -0.30 -5.64
C LYS A 2970 -60.07 -1.30 -6.65
N GLN A 2971 -59.59 -1.25 -7.89
CA GLN A 2971 -60.04 -2.20 -8.90
C GLN A 2971 -59.59 -3.61 -8.57
N TYR A 2972 -58.39 -3.77 -8.03
CA TYR A 2972 -57.94 -5.12 -7.66
C TYR A 2972 -58.82 -5.71 -6.58
N ASP A 2973 -59.17 -4.92 -5.57
CA ASP A 2973 -60.06 -5.43 -4.54
C ASP A 2973 -61.40 -5.80 -5.13
N GLU A 2974 -61.95 -4.92 -5.96
CA GLU A 2974 -63.22 -5.21 -6.63
C GLU A 2974 -63.18 -6.55 -7.34
N ALA A 2975 -62.15 -6.78 -8.15
CA ALA A 2975 -62.06 -8.02 -8.87
C ALA A 2975 -61.84 -9.20 -7.93
N LEU A 2976 -61.10 -9.00 -6.85
CA LEU A 2976 -60.81 -10.12 -5.97
C LEU A 2976 -62.06 -10.66 -5.32
N ASN A 2977 -62.92 -9.79 -4.82
CA ASN A 2977 -64.13 -10.25 -4.14
C ASN A 2977 -65.38 -10.00 -4.98
N LYS A 2978 -65.27 -10.28 -6.27
CA LYS A 2978 -66.42 -10.36 -7.17
C LYS A 2978 -66.82 -11.80 -7.32
N GLN A 2979 -68.10 -12.06 -7.59
CA GLN A 2979 -68.53 -13.41 -7.91
C GLN A 2979 -69.26 -13.56 -9.24
N ASP A 2980 -69.83 -12.48 -9.79
CA ASP A 2980 -70.65 -12.59 -10.99
C ASP A 2980 -69.77 -12.46 -12.23
N TRP A 2981 -68.92 -13.45 -12.44
CA TRP A 2981 -68.09 -13.46 -13.63
C TRP A 2981 -68.96 -13.91 -14.79
N VAL A 2982 -69.37 -12.95 -15.63
CA VAL A 2982 -70.32 -13.24 -16.70
C VAL A 2982 -69.73 -14.24 -17.68
N ASP A 2983 -68.46 -14.06 -18.04
CA ASP A 2983 -67.78 -15.00 -18.91
C ASP A 2983 -66.59 -15.58 -18.16
N GLY A 2984 -66.50 -16.91 -18.13
CA GLY A 2984 -65.33 -17.52 -17.57
C GLY A 2984 -65.25 -17.38 -16.05
N GLU A 2985 -64.02 -17.25 -15.57
CA GLU A 2985 -63.68 -17.28 -14.17
C GLU A 2985 -62.22 -16.91 -14.10
N PRO A 2986 -61.77 -16.17 -13.09
CA PRO A 2986 -60.34 -15.87 -13.00
C PRO A 2986 -59.56 -17.15 -12.87
N THR A 2987 -58.44 -17.21 -13.57
CA THR A 2987 -57.53 -18.32 -13.34
C THR A 2987 -56.79 -18.09 -12.03
N GLU A 2988 -56.24 -19.17 -11.49
CA GLU A 2988 -55.64 -19.06 -10.16
C GLU A 2988 -54.39 -18.22 -10.19
N ALA A 2989 -53.64 -18.26 -11.29
CA ALA A 2989 -52.54 -17.34 -11.49
C ALA A 2989 -53.03 -15.90 -11.40
N GLU A 2990 -54.13 -15.60 -12.09
CA GLU A 2990 -54.67 -14.25 -12.08
C GLU A 2990 -55.12 -13.85 -10.69
N LYS A 2991 -55.76 -14.74 -9.95
CA LYS A 2991 -56.22 -14.35 -8.63
C LYS A 2991 -55.05 -14.05 -7.71
N ASP A 2992 -53.99 -14.85 -7.77
CA ASP A 2992 -52.84 -14.58 -6.92
C ASP A 2992 -52.12 -13.32 -7.34
N PHE A 2993 -52.05 -13.05 -8.65
CA PHE A 2993 -51.52 -11.76 -9.06
C PHE A 2993 -52.35 -10.61 -8.53
N TRP A 2994 -53.66 -10.70 -8.63
CA TRP A 2994 -54.48 -9.61 -8.10
C TRP A 2994 -54.18 -9.39 -6.65
N GLU A 2995 -54.08 -10.46 -5.89
CA GLU A 2995 -54.00 -10.24 -4.47
C GLU A 2995 -52.59 -9.93 -4.00
N LEU A 2996 -51.60 -10.01 -4.88
CA LEU A 2996 -50.30 -9.47 -4.50
C LEU A 2996 -50.02 -8.10 -5.10
N ALA A 2997 -50.66 -7.76 -6.19
CA ALA A 2997 -50.61 -6.40 -6.69
C ALA A 2997 -51.39 -5.44 -5.83
N SER A 2998 -52.48 -5.88 -5.22
CA SER A 2998 -53.15 -5.02 -4.25
C SER A 2998 -52.27 -4.77 -3.04
N LEU A 2999 -51.45 -5.74 -2.67
CA LEU A 2999 -50.46 -5.51 -1.63
C LEU A 2999 -49.46 -4.46 -2.06
N ASP A 3000 -48.97 -4.55 -3.29
CA ASP A 3000 -48.04 -3.51 -3.75
C ASP A 3000 -48.67 -2.14 -3.69
N CYS A 3001 -49.92 -2.01 -4.13
CA CYS A 3001 -50.55 -0.72 -4.17
C CYS A 3001 -50.79 -0.17 -2.78
N TYR A 3002 -51.19 -1.02 -1.83
CA TYR A 3002 -51.34 -0.54 -0.45
C TYR A 3002 -50.00 -0.20 0.18
N ASN A 3003 -48.92 -0.74 -0.34
CA ASN A 3003 -47.59 -0.37 0.10
C ASN A 3003 -47.11 0.93 -0.50
N HIS A 3004 -47.54 1.23 -1.73
CA HIS A 3004 -47.12 2.44 -2.43
C HIS A 3004 -47.88 3.66 -1.94
N LEU A 3005 -49.19 3.56 -1.88
CA LEU A 3005 -49.90 4.37 -0.93
C LEU A 3005 -49.36 3.98 0.43
N ALA A 3006 -49.47 4.84 1.41
CA ALA A 3006 -48.90 4.38 2.67
C ALA A 3006 -49.74 3.25 3.24
N GLU A 3007 -51.01 3.51 3.56
CA GLU A 3007 -52.03 2.48 3.80
C GLU A 3007 -51.51 1.30 4.62
N TRP A 3008 -50.84 1.60 5.70
CA TRP A 3008 -50.36 0.51 6.53
C TRP A 3008 -51.51 -0.21 7.20
N LYS A 3009 -52.53 0.54 7.60
CA LYS A 3009 -53.73 -0.07 8.14
C LYS A 3009 -54.29 -1.11 7.19
N SER A 3010 -54.49 -0.74 5.92
CA SER A 3010 -55.04 -1.70 4.97
C SER A 3010 -54.07 -2.85 4.74
N LEU A 3011 -52.80 -2.54 4.48
CA LEU A 3011 -51.83 -3.53 4.09
C LEU A 3011 -51.69 -4.62 5.12
N GLU A 3012 -51.86 -4.32 6.40
CA GLU A 3012 -51.84 -5.38 7.40
C GLU A 3012 -53.23 -5.87 7.75
N TYR A 3013 -54.20 -4.98 7.91
CA TYR A 3013 -55.59 -5.26 8.25
C TYR A 3013 -56.10 -6.40 7.39
N CYS A 3014 -55.70 -6.37 6.13
CA CYS A 3014 -55.97 -7.50 5.28
C CYS A 3014 -54.84 -7.58 4.28
N SER A 3015 -55.11 -8.24 3.18
CA SER A 3015 -54.26 -8.25 2.01
C SER A 3015 -52.95 -8.97 2.30
N THR A 3016 -52.58 -9.12 3.57
CA THR A 3016 -51.49 -10.03 3.89
C THR A 3016 -51.93 -11.04 4.93
N ALA A 3017 -52.50 -10.55 6.02
CA ALA A 3017 -53.03 -11.38 7.08
C ALA A 3017 -54.47 -11.74 6.79
N SER A 3018 -54.69 -12.27 5.60
CA SER A 3018 -55.89 -13.03 5.29
C SER A 3018 -55.38 -14.42 4.91
N ILE A 3019 -55.05 -15.20 5.93
CA ILE A 3019 -54.57 -16.57 5.75
C ILE A 3019 -55.20 -17.55 6.72
N ASP A 3020 -55.85 -17.07 7.78
CA ASP A 3020 -56.69 -17.89 8.63
C ASP A 3020 -58.07 -17.28 8.66
N SER A 3021 -59.09 -18.14 8.61
CA SER A 3021 -60.47 -17.65 8.50
C SER A 3021 -60.87 -16.81 9.70
N GLU A 3022 -60.45 -17.20 10.90
CA GLU A 3022 -60.83 -16.47 12.09
C GLU A 3022 -60.33 -15.04 12.01
N ASN A 3023 -61.21 -14.09 12.38
CA ASN A 3023 -60.99 -12.70 12.01
C ASN A 3023 -59.64 -12.18 12.48
N PRO A 3024 -59.25 -12.32 13.75
CA PRO A 3024 -57.84 -12.14 14.09
C PRO A 3024 -57.06 -13.42 13.84
N PRO A 3025 -56.32 -13.49 12.74
CA PRO A 3025 -55.67 -14.75 12.39
C PRO A 3025 -54.53 -15.08 13.34
N ASP A 3026 -54.24 -16.37 13.46
CA ASP A 3026 -53.11 -16.84 14.26
C ASP A 3026 -51.85 -16.77 13.39
N LEU A 3027 -51.39 -15.57 13.20
CA LEU A 3027 -50.23 -15.34 12.35
C LEU A 3027 -48.98 -15.90 12.90
N ASN A 3028 -48.95 -16.66 13.99
CA ASN A 3028 -47.68 -17.20 14.46
C ASN A 3028 -47.33 -18.50 13.75
N LYS A 3029 -48.12 -19.54 14.01
CA LYS A 3029 -47.75 -20.91 13.67
C LYS A 3029 -48.60 -21.53 12.58
N ILE A 3030 -49.65 -20.86 12.12
CA ILE A 3030 -50.29 -21.20 10.86
C ILE A 3030 -49.54 -20.44 9.78
N TRP A 3031 -48.44 -19.82 10.15
CA TRP A 3031 -47.81 -18.86 9.28
C TRP A 3031 -46.50 -19.33 8.68
N SER A 3032 -45.61 -19.86 9.50
CA SER A 3032 -44.25 -20.11 9.03
C SER A 3032 -44.13 -21.42 8.27
N GLU A 3033 -45.20 -22.22 8.17
CA GLU A 3033 -45.02 -23.58 7.73
C GLU A 3033 -44.99 -23.80 6.21
N PRO A 3034 -45.76 -23.09 5.38
CA PRO A 3034 -45.64 -23.31 3.94
C PRO A 3034 -44.44 -22.59 3.37
N PHE A 3035 -43.74 -23.26 2.47
CA PHE A 3035 -42.59 -22.69 1.77
C PHE A 3035 -43.00 -21.53 0.88
N TYR A 3036 -44.31 -21.41 0.64
CA TYR A 3036 -44.96 -20.20 0.20
C TYR A 3036 -45.05 -19.27 1.40
N GLN A 3037 -45.98 -18.32 1.41
CA GLN A 3037 -46.23 -17.50 2.60
C GLN A 3037 -45.03 -16.69 2.99
N GLU A 3038 -43.94 -16.80 2.25
CA GLU A 3038 -42.84 -15.86 2.29
C GLU A 3038 -42.98 -14.82 1.21
N THR A 3039 -44.23 -14.50 0.83
CA THR A 3039 -44.60 -13.33 0.08
C THR A 3039 -45.58 -12.45 0.83
N TYR A 3040 -46.07 -12.88 1.98
CA TYR A 3040 -46.88 -12.01 2.80
C TYR A 3040 -46.19 -11.65 4.10
N LEU A 3041 -45.15 -12.37 4.47
CA LEU A 3041 -44.35 -11.99 5.62
C LEU A 3041 -43.69 -10.64 5.43
N PRO A 3042 -43.03 -10.34 4.30
CA PRO A 3042 -42.44 -9.00 4.15
C PRO A 3042 -43.47 -7.91 4.31
N TYR A 3043 -44.65 -8.11 3.75
CA TYR A 3043 -45.68 -7.09 3.84
C TYR A 3043 -46.26 -6.97 5.22
N MET A 3044 -46.48 -8.09 5.93
CA MET A 3044 -47.05 -7.92 7.26
C MET A 3044 -46.06 -7.23 8.19
N ILE A 3045 -44.77 -7.58 8.10
CA ILE A 3045 -43.84 -6.92 8.99
C ILE A 3045 -43.66 -5.47 8.60
N ARG A 3046 -43.54 -5.17 7.30
CA ARG A 3046 -43.45 -3.77 6.88
C ARG A 3046 -44.63 -2.97 7.39
N SER A 3047 -45.84 -3.49 7.21
CA SER A 3047 -47.03 -2.73 7.58
C SER A 3047 -47.16 -2.58 9.07
N LYS A 3048 -47.01 -3.67 9.82
CA LYS A 3048 -47.15 -3.60 11.26
C LYS A 3048 -46.09 -2.71 11.89
N LEU A 3049 -44.85 -2.84 11.41
CA LEU A 3049 -43.79 -1.99 11.89
C LEU A 3049 -44.02 -0.53 11.54
N LYS A 3050 -44.50 -0.24 10.33
CA LYS A 3050 -44.78 1.15 10.00
C LYS A 3050 -45.87 1.72 10.89
N LEU A 3051 -46.87 0.91 11.23
CA LEU A 3051 -47.87 1.36 12.20
C LEU A 3051 -47.24 1.66 13.55
N LEU A 3052 -46.43 0.74 14.07
CA LEU A 3052 -45.85 0.94 15.39
C LEU A 3052 -44.98 2.18 15.41
N LEU A 3053 -44.11 2.32 14.41
CA LEU A 3053 -43.29 3.52 14.31
C LEU A 3053 -44.13 4.76 14.27
N GLN A 3054 -45.29 4.69 13.65
CA GLN A 3054 -46.13 5.87 13.56
C GLN A 3054 -46.76 6.21 14.89
N GLY A 3055 -46.91 5.24 15.79
CA GLY A 3055 -47.37 5.51 17.13
C GLY A 3055 -48.51 4.64 17.64
N GLU A 3056 -49.05 3.72 16.85
CA GLU A 3056 -50.08 2.84 17.36
C GLU A 3056 -49.55 2.00 18.50
N ALA A 3057 -50.39 1.80 19.51
CA ALA A 3057 -50.05 0.98 20.67
C ALA A 3057 -50.61 -0.41 20.46
N ASP A 3058 -49.71 -1.36 20.21
CA ASP A 3058 -50.09 -2.74 19.93
C ASP A 3058 -48.94 -3.62 20.37
N GLN A 3059 -49.16 -4.92 20.27
CA GLN A 3059 -48.10 -5.87 20.55
C GLN A 3059 -48.07 -7.01 19.55
N SER A 3060 -48.88 -6.96 18.50
CA SER A 3060 -49.07 -8.14 17.67
C SER A 3060 -47.81 -8.54 16.94
N LEU A 3061 -46.93 -7.58 16.65
CA LEU A 3061 -45.76 -7.94 15.86
C LEU A 3061 -44.63 -8.49 16.71
N LEU A 3062 -44.26 -7.81 17.79
CA LEU A 3062 -43.11 -8.29 18.56
C LEU A 3062 -43.38 -9.63 19.20
N THR A 3063 -44.62 -9.92 19.59
CA THR A 3063 -44.93 -11.27 20.04
C THR A 3063 -44.59 -12.28 18.97
N PHE A 3064 -45.01 -11.97 17.74
CA PHE A 3064 -44.71 -12.86 16.63
C PHE A 3064 -43.21 -13.00 16.46
N ILE A 3065 -42.46 -11.92 16.61
CA ILE A 3065 -41.03 -11.96 16.28
C ILE A 3065 -40.25 -12.72 17.34
N ASP A 3066 -40.57 -12.49 18.61
CA ASP A 3066 -39.87 -13.26 19.64
C ASP A 3066 -40.24 -14.73 19.57
N LYS A 3067 -41.50 -15.03 19.26
CA LYS A 3067 -41.88 -16.43 19.02
C LYS A 3067 -41.09 -17.02 17.87
N ALA A 3068 -40.89 -16.24 16.80
CA ALA A 3068 -40.19 -16.72 15.60
C ALA A 3068 -38.68 -16.76 15.76
N MET A 3069 -38.14 -16.08 16.77
CA MET A 3069 -36.72 -16.22 17.09
C MET A 3069 -36.43 -17.33 18.07
N HIS A 3070 -37.40 -17.69 18.91
CA HIS A 3070 -37.16 -18.81 19.81
C HIS A 3070 -36.86 -20.10 19.06
N GLY A 3071 -37.24 -20.19 17.79
CA GLY A 3071 -36.99 -21.36 16.97
C GLY A 3071 -36.04 -21.04 15.83
N GLU A 3072 -35.12 -21.95 15.54
CA GLU A 3072 -34.23 -21.75 14.42
C GLU A 3072 -34.94 -22.16 13.13
N LEU A 3073 -34.26 -21.91 12.01
CA LEU A 3073 -34.80 -22.16 10.67
C LEU A 3073 -35.99 -21.25 10.40
N GLN A 3074 -36.43 -20.54 11.43
CA GLN A 3074 -37.30 -19.39 11.28
C GLN A 3074 -36.59 -18.10 11.69
N LYS A 3075 -35.91 -18.10 12.83
CA LYS A 3075 -35.00 -16.99 13.13
C LYS A 3075 -33.91 -16.89 12.09
N ALA A 3076 -33.56 -17.98 11.42
CA ALA A 3076 -32.50 -17.92 10.41
C ALA A 3076 -32.93 -17.07 9.23
N ILE A 3077 -34.06 -17.42 8.60
CA ILE A 3077 -34.56 -16.59 7.51
C ILE A 3077 -34.86 -15.19 8.02
N LEU A 3078 -35.27 -15.08 9.28
CA LEU A 3078 -35.61 -13.79 9.87
C LEU A 3078 -34.43 -12.82 9.97
N GLU A 3079 -33.39 -13.25 10.69
CA GLU A 3079 -32.20 -12.41 10.89
C GLU A 3079 -31.47 -12.03 9.60
N LEU A 3080 -31.47 -12.92 8.62
CA LEU A 3080 -30.77 -12.67 7.37
C LEU A 3080 -31.64 -12.02 6.29
N HIS A 3081 -32.77 -11.44 6.69
CA HIS A 3081 -33.65 -10.79 5.72
C HIS A 3081 -34.36 -9.55 6.27
N TYR A 3082 -34.60 -9.52 7.58
CA TYR A 3082 -35.28 -8.40 8.20
C TYR A 3082 -34.47 -7.85 9.35
N SER A 3083 -33.15 -7.77 9.20
CA SER A 3083 -32.33 -7.30 10.31
C SER A 3083 -32.61 -5.84 10.64
N GLN A 3084 -32.76 -5.00 9.63
CA GLN A 3084 -33.08 -3.60 9.88
C GLN A 3084 -34.40 -3.48 10.62
N GLU A 3085 -35.38 -4.28 10.22
CA GLU A 3085 -36.67 -4.26 10.89
C GLU A 3085 -36.53 -4.69 12.33
N LEU A 3086 -35.67 -5.68 12.59
CA LEU A 3086 -35.45 -6.08 13.98
C LEU A 3086 -34.80 -4.96 14.79
N SER A 3087 -33.86 -4.23 14.20
CA SER A 3087 -33.27 -3.10 14.91
C SER A 3087 -34.32 -2.05 15.24
N LEU A 3088 -35.18 -1.76 14.27
CA LEU A 3088 -36.23 -0.78 14.50
C LEU A 3088 -37.23 -1.28 15.52
N LEU A 3089 -37.37 -2.60 15.67
CA LEU A 3089 -38.28 -3.12 16.68
C LEU A 3089 -37.68 -3.03 18.06
N TYR A 3090 -36.42 -3.38 18.18
CA TYR A 3090 -35.80 -3.36 19.49
C TYR A 3090 -35.49 -1.96 19.98
N LEU A 3091 -35.44 -0.98 19.08
CA LEU A 3091 -35.49 0.40 19.56
C LEU A 3091 -36.79 0.67 20.31
N LEU A 3092 -37.91 0.18 19.78
CA LEU A 3092 -39.19 0.37 20.45
C LEU A 3092 -39.24 -0.37 21.78
N GLN A 3093 -38.76 -1.61 21.79
CA GLN A 3093 -38.68 -2.36 23.05
C GLN A 3093 -37.56 -1.87 23.93
N ASP A 3094 -36.83 -0.86 23.47
CA ASP A 3094 -36.08 0.08 24.29
C ASP A 3094 -34.75 -0.47 24.76
N ASP A 3095 -34.34 -1.62 24.27
CA ASP A 3095 -33.00 -2.15 24.55
C ASP A 3095 -32.13 -1.83 23.34
N VAL A 3096 -31.37 -0.74 23.45
CA VAL A 3096 -30.57 -0.27 22.34
C VAL A 3096 -29.46 -1.23 21.97
N ASP A 3097 -29.06 -2.13 22.87
CA ASP A 3097 -27.94 -3.02 22.57
C ASP A 3097 -28.33 -4.11 21.58
N ARG A 3098 -29.52 -4.68 21.75
CA ARG A 3098 -30.04 -5.59 20.73
C ARG A 3098 -30.18 -4.91 19.38
N ALA A 3099 -30.70 -3.69 19.39
CA ALA A 3099 -30.86 -2.94 18.17
C ALA A 3099 -29.52 -2.69 17.50
N LYS A 3100 -28.51 -2.35 18.29
CA LYS A 3100 -27.20 -2.12 17.73
C LYS A 3100 -26.66 -3.38 17.09
N TYR A 3101 -26.81 -4.51 17.77
CA TYR A 3101 -26.39 -5.79 17.23
C TYR A 3101 -27.01 -6.04 15.86
N TYR A 3102 -28.33 -5.93 15.80
CA TYR A 3102 -29.03 -6.19 14.55
C TYR A 3102 -28.68 -5.18 13.49
N ILE A 3103 -28.32 -3.96 13.84
CA ILE A 3103 -27.99 -3.04 12.76
C ILE A 3103 -26.60 -3.32 12.20
N GLN A 3104 -25.62 -3.70 13.03
CA GLN A 3104 -24.39 -4.11 12.37
C GLN A 3104 -24.62 -5.36 11.54
N ASN A 3105 -25.52 -6.22 11.98
CA ASN A 3105 -25.86 -7.39 11.17
C ASN A 3105 -26.46 -6.98 9.84
N GLY A 3106 -27.35 -5.99 9.86
CA GLY A 3106 -27.94 -5.52 8.62
C GLY A 3106 -26.94 -4.87 7.70
N ILE A 3107 -25.97 -4.15 8.25
CA ILE A 3107 -24.90 -3.59 7.44
C ILE A 3107 -24.14 -4.69 6.72
N GLN A 3108 -23.79 -5.74 7.46
CA GLN A 3108 -23.04 -6.84 6.85
C GLN A 3108 -23.86 -7.55 5.80
N SER A 3109 -25.15 -7.69 6.05
CA SER A 3109 -26.05 -8.27 5.06
C SER A 3109 -26.13 -7.41 3.81
N PHE A 3110 -26.19 -6.09 3.96
CA PHE A 3110 -26.13 -5.23 2.78
C PHE A 3110 -24.88 -5.51 2.00
N MET A 3111 -23.74 -5.55 2.68
CA MET A 3111 -22.48 -5.65 1.96
C MET A 3111 -22.43 -6.94 1.18
N GLN A 3112 -22.87 -8.04 1.81
CA GLN A 3112 -22.86 -9.33 1.15
C GLN A 3112 -23.83 -9.39 -0.03
N ASN A 3113 -25.06 -8.91 0.15
CA ASN A 3113 -26.00 -8.92 -0.97
C ASN A 3113 -25.52 -8.05 -2.10
N TYR A 3114 -25.09 -6.82 -1.80
CA TYR A 3114 -24.58 -5.96 -2.85
C TYR A 3114 -23.41 -6.61 -3.57
N SER A 3115 -22.61 -7.38 -2.85
CA SER A 3115 -21.47 -8.05 -3.46
C SER A 3115 -21.90 -9.13 -4.40
N SER A 3116 -22.99 -9.82 -4.10
CA SER A 3116 -23.40 -10.96 -4.91
C SER A 3116 -24.06 -10.57 -6.21
N ILE A 3117 -24.43 -9.30 -6.38
CA ILE A 3117 -25.12 -8.84 -7.58
C ILE A 3117 -24.11 -8.54 -8.65
N ASP A 3118 -24.41 -8.94 -9.88
CA ASP A 3118 -23.53 -8.63 -10.98
C ASP A 3118 -23.49 -7.13 -11.15
N VAL A 3119 -22.35 -6.62 -11.61
CA VAL A 3119 -22.29 -5.19 -11.86
C VAL A 3119 -23.14 -4.79 -13.05
N LEU A 3120 -23.65 -5.74 -13.81
CA LEU A 3120 -24.47 -5.40 -14.94
C LEU A 3120 -25.93 -5.20 -14.59
N LEU A 3121 -26.33 -5.59 -13.40
CA LEU A 3121 -27.70 -5.36 -12.92
C LEU A 3121 -27.74 -4.00 -12.24
N HIS A 3122 -27.76 -2.95 -13.05
CA HIS A 3122 -27.70 -1.62 -12.48
C HIS A 3122 -28.89 -1.35 -11.59
N GLN A 3123 -30.08 -1.71 -12.03
CA GLN A 3123 -31.27 -1.37 -11.27
C GLN A 3123 -31.31 -2.16 -9.97
N SER A 3124 -30.85 -3.39 -10.00
CA SER A 3124 -30.82 -4.19 -8.79
C SER A 3124 -29.81 -3.68 -7.79
N ARG A 3125 -28.69 -3.13 -8.26
CA ARG A 3125 -27.70 -2.57 -7.35
C ARG A 3125 -28.10 -1.20 -6.85
N LEU A 3126 -28.74 -0.42 -7.70
CA LEU A 3126 -29.29 0.85 -7.28
C LEU A 3126 -30.32 0.65 -6.21
N THR A 3127 -31.18 -0.35 -6.33
CA THR A 3127 -32.16 -0.55 -5.28
C THR A 3127 -31.49 -0.92 -3.97
N LYS A 3128 -30.45 -1.74 -4.00
CA LYS A 3128 -29.78 -2.10 -2.76
C LYS A 3128 -29.09 -0.90 -2.14
N LEU A 3129 -28.42 -0.10 -2.95
CA LEU A 3129 -27.76 1.10 -2.47
C LEU A 3129 -28.74 2.10 -1.94
N GLN A 3130 -29.95 2.14 -2.45
CA GLN A 3130 -30.89 3.13 -1.97
C GLN A 3130 -31.29 2.88 -0.53
N SER A 3131 -31.07 1.67 -0.04
CA SER A 3131 -31.49 1.30 1.29
C SER A 3131 -30.41 1.52 2.32
N VAL A 3132 -29.44 2.39 2.04
CA VAL A 3132 -28.29 2.51 2.92
C VAL A 3132 -28.38 3.79 3.71
N GLN A 3133 -29.09 4.80 3.21
CA GLN A 3133 -29.19 6.01 4.01
C GLN A 3133 -29.99 5.76 5.28
N ALA A 3134 -31.14 5.12 5.13
CA ALA A 3134 -32.00 4.81 6.26
C ALA A 3134 -31.40 3.71 7.11
N LEU A 3135 -30.49 2.95 6.52
CA LEU A 3135 -29.81 1.86 7.21
C LEU A 3135 -28.66 2.44 8.03
N THR A 3136 -28.19 3.62 7.63
CA THR A 3136 -27.11 4.29 8.33
C THR A 3136 -27.66 5.26 9.37
N GLU A 3137 -28.87 5.77 9.14
CA GLU A 3137 -29.46 6.71 10.07
C GLU A 3137 -29.91 6.01 11.33
N ILE A 3138 -30.26 4.72 11.24
CA ILE A 3138 -30.48 3.98 12.47
C ILE A 3138 -29.22 3.94 13.31
N GLN A 3139 -28.07 3.71 12.68
CA GLN A 3139 -26.81 3.70 13.39
C GLN A 3139 -26.45 5.08 13.93
N GLU A 3140 -26.68 6.11 13.14
CA GLU A 3140 -26.41 7.46 13.60
C GLU A 3140 -27.26 7.81 14.80
N PHE A 3141 -28.50 7.32 14.84
CA PHE A 3141 -29.33 7.62 16.00
C PHE A 3141 -28.96 6.77 17.20
N ILE A 3142 -28.56 5.52 16.98
CA ILE A 3142 -28.09 4.73 18.11
C ILE A 3142 -26.87 5.38 18.73
N SER A 3143 -25.91 5.78 17.90
CA SER A 3143 -24.71 6.44 18.40
C SER A 3143 -25.06 7.75 19.08
N PHE A 3144 -25.97 8.54 18.50
CA PHE A 3144 -26.38 9.76 19.16
C PHE A 3144 -27.02 9.49 20.51
N ILE A 3145 -27.73 8.38 20.65
CA ILE A 3145 -28.50 8.16 21.87
C ILE A 3145 -27.67 7.42 22.90
N SER A 3146 -26.55 6.84 22.50
CA SER A 3146 -25.59 6.22 23.40
C SER A 3146 -24.60 7.21 23.96
N LYS A 3147 -24.85 8.50 23.80
CA LYS A 3147 -24.08 9.55 24.44
C LYS A 3147 -25.03 10.43 25.23
N GLN A 3148 -24.88 10.41 26.55
CA GLN A 3148 -25.46 11.46 27.37
C GLN A 3148 -24.78 12.80 27.16
N GLY A 3149 -23.55 12.79 26.64
CA GLY A 3149 -22.85 14.04 26.42
C GLY A 3149 -23.60 14.95 25.46
N ASN A 3150 -24.13 14.38 24.38
CA ASN A 3150 -24.88 15.14 23.41
C ASN A 3150 -26.37 15.13 23.69
N LEU A 3151 -26.79 14.68 24.85
CA LEU A 3151 -28.12 14.98 25.36
C LEU A 3151 -27.89 15.75 26.66
N SER A 3152 -27.62 17.04 26.50
CA SER A 3152 -27.43 17.95 27.62
C SER A 3152 -28.02 19.33 27.37
N SER A 3153 -28.29 19.68 26.11
CA SER A 3153 -28.75 21.01 25.74
C SER A 3153 -29.02 20.97 24.23
N GLN A 3154 -29.30 22.14 23.67
CA GLN A 3154 -29.68 22.23 22.27
C GLN A 3154 -28.52 22.07 21.30
N VAL A 3155 -27.28 22.20 21.76
CA VAL A 3155 -26.16 22.35 20.82
C VAL A 3155 -25.97 21.13 19.93
N PRO A 3156 -25.94 19.91 20.43
CA PRO A 3156 -25.72 18.76 19.54
C PRO A 3156 -26.98 18.26 18.85
N LEU A 3157 -28.13 18.41 19.50
CA LEU A 3157 -29.38 18.14 18.82
C LEU A 3157 -29.52 19.02 17.59
N LYS A 3158 -29.09 20.27 17.67
CA LYS A 3158 -29.24 21.15 16.52
C LYS A 3158 -28.34 20.71 15.39
N ARG A 3159 -27.14 20.21 15.67
CA ARG A 3159 -26.34 19.77 14.54
C ARG A 3159 -26.85 18.45 13.97
N LEU A 3160 -27.46 17.60 14.79
CA LEU A 3160 -28.11 16.40 14.24
C LEU A 3160 -29.26 16.79 13.31
N LEU A 3161 -30.17 17.64 13.78
CA LEU A 3161 -31.24 18.13 12.92
C LEU A 3161 -30.68 18.79 11.67
N ASN A 3162 -29.58 19.52 11.80
CA ASN A 3162 -29.04 20.21 10.64
C ASN A 3162 -28.48 19.24 9.63
N THR A 3163 -27.76 18.22 10.09
CA THR A 3163 -27.28 17.18 9.18
C THR A 3163 -28.45 16.54 8.46
N TRP A 3164 -29.51 16.24 9.20
CA TRP A 3164 -30.63 15.53 8.61
C TRP A 3164 -31.35 16.38 7.58
N THR A 3165 -31.68 17.62 7.91
CA THR A 3165 -32.27 18.48 6.90
C THR A 3165 -31.32 18.75 5.75
N ASN A 3166 -30.02 18.58 5.95
CA ASN A 3166 -29.13 18.77 4.82
C ASN A 3166 -29.13 17.57 3.88
N ARG A 3167 -29.23 16.35 4.41
CA ARG A 3167 -29.26 15.18 3.54
C ARG A 3167 -30.66 14.61 3.52
N TYR A 3168 -31.32 14.82 2.40
CA TYR A 3168 -32.56 14.21 2.02
C TYR A 3168 -32.29 13.20 0.93
N PRO A 3169 -33.23 12.33 0.63
CA PRO A 3169 -33.08 11.51 -0.56
C PRO A 3169 -33.24 12.39 -1.78
N ASP A 3170 -33.17 11.81 -2.95
CA ASP A 3170 -33.39 12.59 -4.13
C ASP A 3170 -34.88 12.88 -4.27
N ALA A 3171 -35.21 14.08 -4.71
CA ALA A 3171 -36.61 14.48 -4.71
C ALA A 3171 -37.37 13.99 -5.92
N LYS A 3172 -36.69 13.55 -6.96
CA LYS A 3172 -37.36 13.07 -8.15
C LYS A 3172 -36.77 11.76 -8.64
N MET A 3173 -35.77 11.25 -7.94
CA MET A 3173 -34.98 10.16 -8.46
C MET A 3173 -35.00 8.93 -7.60
N ASP A 3174 -35.43 9.04 -6.35
CA ASP A 3174 -35.64 7.81 -5.63
C ASP A 3174 -37.01 7.80 -4.97
N PRO A 3175 -37.71 6.68 -5.05
CA PRO A 3175 -39.16 6.68 -4.96
C PRO A 3175 -39.61 6.68 -3.52
N MET A 3176 -40.93 6.69 -3.36
CA MET A 3176 -41.52 7.02 -2.08
C MET A 3176 -41.28 5.97 -1.02
N ASN A 3177 -40.81 4.77 -1.40
CA ASN A 3177 -40.42 3.79 -0.40
C ASN A 3177 -39.30 4.34 0.44
N ILE A 3178 -38.30 4.89 -0.23
CA ILE A 3178 -37.10 5.42 0.39
C ILE A 3178 -37.42 6.66 1.19
N TRP A 3179 -38.17 7.57 0.60
CA TRP A 3179 -38.59 8.74 1.32
C TRP A 3179 -39.34 8.35 2.57
N ASP A 3180 -40.27 7.41 2.45
CA ASP A 3180 -41.08 7.02 3.59
C ASP A 3180 -40.26 6.35 4.66
N ASP A 3181 -39.32 5.48 4.28
CA ASP A 3181 -38.43 4.88 5.25
C ASP A 3181 -37.70 5.96 6.02
N ILE A 3182 -37.04 6.89 5.34
CA ILE A 3182 -36.19 7.75 6.15
C ILE A 3182 -37.05 8.70 6.96
N ILE A 3183 -38.14 9.20 6.42
CA ILE A 3183 -38.88 10.22 7.14
C ILE A 3183 -39.61 9.62 8.34
N THR A 3184 -40.18 8.42 8.20
CA THR A 3184 -40.83 7.85 9.37
C THR A 3184 -39.81 7.36 10.36
N ASN A 3185 -38.67 6.90 9.90
CA ASN A 3185 -37.58 6.57 10.80
C ASN A 3185 -37.15 7.81 11.58
N ARG A 3186 -37.02 8.94 10.91
CA ARG A 3186 -36.56 10.14 11.57
C ARG A 3186 -37.62 10.66 12.53
N CYS A 3187 -38.88 10.59 12.18
CA CYS A 3187 -39.88 11.07 13.12
C CYS A 3187 -39.95 10.14 14.32
N PHE A 3188 -39.73 8.85 14.14
CA PHE A 3188 -39.65 8.00 15.32
C PHE A 3188 -38.40 8.31 16.14
N PHE A 3189 -37.30 8.64 15.47
CA PHE A 3189 -36.10 9.03 16.20
C PHE A 3189 -36.35 10.28 17.03
N LEU A 3190 -36.93 11.30 16.40
CA LEU A 3190 -37.21 12.54 17.11
C LEU A 3190 -38.22 12.33 18.21
N SER A 3191 -39.14 11.39 18.03
CA SER A 3191 -40.06 11.09 19.11
C SER A 3191 -39.37 10.39 20.26
N LYS A 3192 -38.38 9.54 19.98
CA LYS A 3192 -37.67 8.91 21.08
C LYS A 3192 -36.67 9.86 21.72
N ILE A 3193 -36.26 10.92 21.03
CA ILE A 3193 -35.41 11.93 21.62
C ILE A 3193 -36.19 12.88 22.50
N GLU A 3194 -37.33 13.40 22.04
CA GLU A 3194 -38.06 14.34 22.87
C GLU A 3194 -38.65 13.71 24.10
N GLU A 3195 -38.47 12.40 24.31
CA GLU A 3195 -38.84 11.82 25.59
C GLU A 3195 -37.73 12.00 26.62
N LYS A 3196 -36.47 11.87 26.21
CA LYS A 3196 -35.35 12.01 27.13
C LYS A 3196 -34.77 13.43 26.98
N LEU A 3197 -35.24 14.32 27.84
CA LEU A 3197 -34.84 15.72 27.76
C LEU A 3197 -34.29 16.26 29.06
N ASP A 3226 -35.53 25.38 23.59
CA ASP A 3226 -36.94 25.16 23.36
C ASP A 3226 -37.21 23.86 22.63
N ILE A 3227 -36.61 22.76 23.12
CA ILE A 3227 -36.95 21.45 22.61
C ILE A 3227 -38.43 21.17 22.88
N SER A 3228 -39.00 20.28 22.06
CA SER A 3228 -40.43 20.07 21.88
C SER A 3228 -41.08 21.26 21.19
N SER A 3229 -40.30 22.21 20.73
CA SER A 3229 -40.75 23.17 19.73
C SER A 3229 -39.65 23.43 18.74
N LEU A 3230 -38.49 22.83 18.93
CA LEU A 3230 -37.39 22.86 18.00
C LEU A 3230 -37.36 21.64 17.12
N ILE A 3231 -37.66 20.48 17.69
CA ILE A 3231 -37.79 19.27 16.88
C ILE A 3231 -39.20 19.09 16.36
N ARG A 3232 -40.20 19.65 17.02
CA ARG A 3232 -41.56 19.56 16.53
C ARG A 3232 -41.71 20.30 15.21
N SER A 3233 -40.83 21.26 14.92
CA SER A 3233 -40.85 21.95 13.64
C SER A 3233 -39.92 21.32 12.63
N CYS A 3234 -38.86 20.63 13.07
CA CYS A 3234 -38.11 19.83 12.12
C CYS A 3234 -38.97 18.70 11.57
N LYS A 3235 -39.79 18.08 12.42
CA LYS A 3235 -40.72 17.08 11.92
C LYS A 3235 -41.57 17.66 10.80
N PHE A 3236 -42.11 18.84 11.03
CA PHE A 3236 -42.95 19.48 10.03
C PHE A 3236 -42.19 19.77 8.76
N SER A 3237 -40.96 20.25 8.88
CA SER A 3237 -40.20 20.58 7.68
C SER A 3237 -39.89 19.33 6.87
N MET A 3238 -39.47 18.25 7.53
CA MET A 3238 -39.24 17.01 6.80
C MET A 3238 -40.50 16.54 6.11
N LYS A 3239 -41.65 16.61 6.81
CA LYS A 3239 -42.88 16.09 6.22
C LYS A 3239 -43.33 16.92 5.03
N MET A 3240 -43.22 18.25 5.11
CA MET A 3240 -43.61 19.07 3.97
C MET A 3240 -42.66 18.85 2.80
N LYS A 3241 -41.38 18.61 3.07
CA LYS A 3241 -40.49 18.27 1.97
C LYS A 3241 -40.88 16.94 1.34
N MET A 3242 -41.31 15.99 2.15
CA MET A 3242 -41.74 14.70 1.63
C MET A 3242 -42.97 14.83 0.75
N ILE A 3243 -43.90 15.69 1.13
CA ILE A 3243 -45.08 15.92 0.29
C ILE A 3243 -44.70 16.61 -0.99
N ASP A 3244 -43.75 17.53 -0.93
CA ASP A 3244 -43.29 18.15 -2.16
C ASP A 3244 -42.71 17.13 -3.12
N SER A 3245 -41.86 16.25 -2.63
CA SER A 3245 -41.31 15.25 -3.52
C SER A 3245 -42.37 14.28 -3.99
N ALA A 3246 -43.28 13.87 -3.10
CA ALA A 3246 -44.33 12.93 -3.49
C ALA A 3246 -45.23 13.50 -4.53
N ARG A 3247 -45.38 14.82 -4.57
CA ARG A 3247 -46.12 15.45 -5.66
C ARG A 3247 -45.28 15.53 -6.92
N LYS A 3248 -44.00 15.80 -6.78
CA LYS A 3248 -43.14 15.86 -7.96
C LYS A 3248 -43.09 14.52 -8.67
N GLN A 3249 -43.16 13.41 -7.92
CA GLN A 3249 -43.09 12.09 -8.48
C GLN A 3249 -44.44 11.57 -8.95
N ASN A 3250 -45.47 12.40 -8.90
CA ASN A 3250 -46.80 12.10 -9.39
C ASN A 3250 -47.52 11.07 -8.54
N ASN A 3251 -47.19 10.98 -7.26
CA ASN A 3251 -48.01 10.24 -6.32
C ASN A 3251 -48.95 11.24 -5.68
N PHE A 3252 -50.07 11.48 -6.35
CA PHE A 3252 -50.98 12.50 -5.90
C PHE A 3252 -51.89 12.04 -4.79
N SER A 3253 -51.86 10.77 -4.45
CA SER A 3253 -52.68 10.28 -3.36
C SER A 3253 -51.89 10.09 -2.08
N LEU A 3254 -50.61 9.80 -2.19
CA LEU A 3254 -49.74 9.92 -1.03
C LEU A 3254 -49.63 11.37 -0.60
N ALA A 3255 -49.59 12.30 -1.55
CA ALA A 3255 -49.53 13.70 -1.18
C ALA A 3255 -50.78 14.14 -0.44
N MET A 3256 -51.95 13.79 -0.96
CA MET A 3256 -53.19 14.08 -0.24
C MET A 3256 -53.19 13.46 1.14
N LYS A 3257 -52.78 12.22 1.27
CA LYS A 3257 -52.83 11.60 2.59
C LYS A 3257 -51.90 12.28 3.56
N LEU A 3258 -50.70 12.64 3.10
CA LEU A 3258 -49.74 13.26 4.00
C LEU A 3258 -50.20 14.66 4.43
N LEU A 3259 -50.79 15.41 3.49
CA LEU A 3259 -51.33 16.71 3.86
C LEU A 3259 -52.49 16.56 4.83
N LYS A 3260 -53.37 15.59 4.61
CA LYS A 3260 -54.49 15.42 5.52
C LYS A 3260 -54.00 15.03 6.90
N GLU A 3261 -52.85 14.36 7.01
CA GLU A 3261 -52.31 14.15 8.33
C GLU A 3261 -51.46 15.31 8.84
N LEU A 3262 -51.23 16.32 8.02
CA LEU A 3262 -50.41 17.45 8.44
C LEU A 3262 -51.22 18.71 8.62
N HIS A 3263 -52.53 18.58 8.88
CA HIS A 3263 -53.35 19.77 9.08
C HIS A 3263 -53.37 20.20 10.54
N LYS A 3264 -53.77 19.29 11.42
CA LYS A 3264 -53.88 19.58 12.85
C LYS A 3264 -52.55 20.02 13.45
N GLU A 3265 -51.43 19.54 12.90
CA GLU A 3265 -50.13 20.04 13.30
C GLU A 3265 -49.93 21.49 12.90
N SER A 3266 -50.53 21.92 11.80
CA SER A 3266 -50.55 23.33 11.45
C SER A 3266 -51.82 23.96 11.99
N LYS A 3267 -52.18 25.14 11.47
CA LYS A 3267 -53.24 26.01 11.98
C LYS A 3267 -52.82 26.67 13.28
N THR A 3268 -51.64 26.38 13.80
CA THR A 3268 -51.17 26.96 15.04
C THR A 3268 -50.12 28.02 14.84
N ARG A 3269 -49.16 27.80 13.95
CA ARG A 3269 -48.05 28.71 13.82
C ARG A 3269 -48.26 29.80 12.78
N ASP A 3270 -49.22 29.66 11.88
CA ASP A 3270 -49.62 30.73 10.97
C ASP A 3270 -48.53 31.05 9.94
N ASP A 3271 -47.34 30.49 10.12
CA ASP A 3271 -46.42 30.29 9.03
C ASP A 3271 -46.66 28.93 8.41
N TRP A 3272 -46.77 27.94 9.29
CA TRP A 3272 -47.17 26.61 8.88
C TRP A 3272 -48.46 26.63 8.08
N LEU A 3273 -49.44 27.42 8.49
CA LEU A 3273 -50.72 27.38 7.79
C LEU A 3273 -50.58 27.89 6.37
N VAL A 3274 -49.82 28.96 6.16
CA VAL A 3274 -49.72 29.49 4.81
C VAL A 3274 -48.90 28.56 3.94
N SER A 3275 -47.83 27.99 4.50
CA SER A 3275 -47.07 27.01 3.73
C SER A 3275 -47.94 25.82 3.37
N TRP A 3276 -48.73 25.37 4.33
CA TRP A 3276 -49.63 24.24 4.14
C TRP A 3276 -50.63 24.50 3.03
N VAL A 3277 -51.34 25.63 3.10
CA VAL A 3277 -52.38 25.86 2.11
C VAL A 3277 -51.76 26.13 0.75
N GLN A 3278 -50.65 26.81 0.71
CA GLN A 3278 -50.09 27.06 -0.60
C GLN A 3278 -49.25 25.91 -1.09
N SER A 3279 -49.13 24.85 -0.32
CA SER A 3279 -48.65 23.57 -0.81
C SER A 3279 -49.78 22.70 -1.32
N TYR A 3280 -50.89 22.69 -0.61
CA TYR A 3280 -52.12 22.09 -1.07
C TYR A 3280 -52.58 22.68 -2.40
N CYS A 3281 -52.35 23.98 -2.61
CA CYS A 3281 -52.67 24.60 -3.90
C CYS A 3281 -51.79 24.05 -5.01
N ARG A 3282 -50.49 23.95 -4.78
CA ARG A 3282 -49.61 23.37 -5.77
C ARG A 3282 -50.04 21.96 -6.11
N LEU A 3283 -50.35 21.17 -5.09
CA LEU A 3283 -50.78 19.81 -5.34
C LEU A 3283 -52.06 19.78 -6.16
N SER A 3284 -53.01 20.66 -5.88
CA SER A 3284 -54.25 20.64 -6.66
C SER A 3284 -54.02 21.10 -8.08
N HIS A 3285 -53.08 22.00 -8.30
CA HIS A 3285 -52.76 22.35 -9.68
C HIS A 3285 -52.19 21.16 -10.41
N CYS A 3286 -51.24 20.46 -9.78
CA CYS A 3286 -50.62 19.31 -10.44
C CYS A 3286 -51.61 18.18 -10.67
N ARG A 3287 -52.53 18.00 -9.79
CA ARG A 3287 -53.53 16.96 -9.95
C ARG A 3287 -54.44 17.24 -10.98
N SER A 3288 -54.25 18.19 -11.89
CA SER A 3288 -55.28 18.59 -12.85
C SER A 3288 -54.79 18.37 -14.27
N ARG A 3289 -55.14 17.21 -14.85
CA ARG A 3289 -55.00 16.92 -16.27
C ARG A 3289 -56.26 16.25 -16.79
N SER A 3290 -57.40 16.88 -16.53
CA SER A 3290 -58.70 16.26 -16.72
C SER A 3290 -59.75 17.32 -17.02
N GLN A 3291 -60.52 17.13 -18.09
CA GLN A 3291 -61.10 18.25 -18.84
C GLN A 3291 -62.19 19.00 -18.06
N GLY A 3292 -63.30 18.34 -17.80
CA GLY A 3292 -64.40 18.92 -17.08
C GLY A 3292 -64.33 18.74 -15.58
N CYS A 3293 -63.26 18.12 -15.09
CA CYS A 3293 -63.01 17.99 -13.67
C CYS A 3293 -62.00 19.01 -13.17
N SER A 3294 -61.25 19.61 -14.09
CA SER A 3294 -60.23 20.59 -13.72
C SER A 3294 -60.86 21.78 -13.00
N GLU A 3295 -61.99 22.28 -13.50
CA GLU A 3295 -62.55 23.49 -12.95
C GLU A 3295 -63.05 23.27 -11.54
N GLN A 3296 -63.66 22.12 -11.25
CA GLN A 3296 -64.18 21.89 -9.91
C GLN A 3296 -63.16 21.25 -8.98
N VAL A 3297 -61.97 20.93 -9.47
CA VAL A 3297 -60.85 20.77 -8.55
C VAL A 3297 -60.35 22.14 -8.10
N LEU A 3298 -60.20 23.04 -9.06
CA LEU A 3298 -59.59 24.30 -8.71
C LEU A 3298 -60.55 25.26 -8.03
N THR A 3299 -61.85 25.05 -8.14
CA THR A 3299 -62.77 25.84 -7.34
C THR A 3299 -62.63 25.53 -5.85
N VAL A 3300 -62.49 24.25 -5.52
CA VAL A 3300 -62.20 23.90 -4.14
C VAL A 3300 -60.91 24.57 -3.71
N LEU A 3301 -59.95 24.60 -4.62
CA LEU A 3301 -58.71 25.28 -4.30
C LEU A 3301 -58.95 26.75 -3.97
N LYS A 3302 -59.74 27.42 -4.80
CA LYS A 3302 -59.95 28.85 -4.63
C LYS A 3302 -60.65 29.14 -3.32
N THR A 3303 -61.61 28.30 -2.93
CA THR A 3303 -62.29 28.52 -1.65
C THR A 3303 -61.33 28.40 -0.48
N VAL A 3304 -60.52 27.33 -0.45
CA VAL A 3304 -59.63 27.19 0.70
C VAL A 3304 -58.56 28.29 0.70
N SER A 3305 -58.15 28.76 -0.48
CA SER A 3305 -57.24 29.89 -0.53
C SER A 3305 -57.93 31.16 -0.05
N LEU A 3306 -59.23 31.27 -0.32
CA LEU A 3306 -60.09 32.33 0.20
C LEU A 3306 -60.31 32.21 1.69
N LEU A 3307 -60.02 31.05 2.27
CA LEU A 3307 -60.23 30.81 3.70
C LEU A 3307 -59.17 31.62 4.43
N ASP A 3308 -59.40 32.93 4.47
CA ASP A 3308 -58.48 33.91 5.00
C ASP A 3308 -58.97 34.45 6.33
N GLU A 3309 -59.59 33.55 7.12
CA GLU A 3309 -60.17 33.95 8.40
C GLU A 3309 -59.11 34.52 9.32
N ASN A 3310 -58.02 33.77 9.52
CA ASN A 3310 -56.83 34.28 10.17
C ASN A 3310 -55.74 34.62 9.18
N ASN A 3311 -55.93 34.26 7.91
CA ASN A 3311 -54.98 34.52 6.83
C ASN A 3311 -55.26 35.84 6.14
N VAL A 3312 -55.38 36.91 6.91
CA VAL A 3312 -55.64 38.21 6.34
C VAL A 3312 -54.31 38.85 6.01
N SER A 3313 -53.59 39.26 7.05
CA SER A 3313 -52.25 39.79 6.89
C SER A 3313 -51.28 39.23 7.92
N SER A 3314 -51.76 38.39 8.83
CA SER A 3314 -50.84 37.60 9.65
C SER A 3314 -50.06 36.71 8.70
N TYR A 3315 -48.77 37.01 8.55
CA TYR A 3315 -47.90 36.24 7.67
C TYR A 3315 -48.41 36.27 6.23
N LEU A 3316 -49.04 37.37 5.84
CA LEU A 3316 -49.22 37.72 4.44
C LEU A 3316 -48.81 39.15 4.17
N SER A 3317 -48.54 39.95 5.19
CA SER A 3317 -47.77 41.18 5.01
C SER A 3317 -46.38 40.88 4.50
N LYS A 3318 -45.86 39.67 4.77
CA LYS A 3318 -44.51 39.27 4.37
C LYS A 3318 -44.53 39.17 2.86
N ASN A 3319 -44.03 40.21 2.19
CA ASN A 3319 -44.08 40.22 0.75
C ASN A 3319 -43.41 38.99 0.17
N ILE A 3320 -42.28 38.69 0.64
CA ILE A 3320 -41.61 37.47 0.24
C ILE A 3320 -42.05 36.38 1.20
N LEU A 3321 -42.01 35.15 0.72
CA LEU A 3321 -42.25 33.94 1.50
C LEU A 3321 -43.71 33.74 1.86
N ALA A 3322 -44.58 34.73 1.65
CA ALA A 3322 -45.99 34.38 1.67
C ALA A 3322 -46.81 35.11 0.62
N PHE A 3323 -46.56 36.39 0.41
CA PHE A 3323 -47.49 37.19 -0.39
C PHE A 3323 -47.32 36.92 -1.87
N ARG A 3324 -46.08 36.96 -2.33
CA ARG A 3324 -45.80 36.68 -3.73
C ARG A 3324 -46.24 35.27 -4.09
N ASP A 3325 -46.01 34.32 -3.20
CA ASP A 3325 -46.45 32.95 -3.45
C ASP A 3325 -47.96 32.84 -3.51
N GLN A 3326 -48.66 33.45 -2.56
CA GLN A 3326 -50.12 33.40 -2.62
C GLN A 3326 -50.62 33.95 -3.94
N ASN A 3327 -49.99 35.00 -4.45
CA ASN A 3327 -50.53 35.60 -5.67
C ASN A 3327 -50.17 34.79 -6.90
N ILE A 3328 -48.98 34.19 -6.96
CA ILE A 3328 -48.69 33.32 -8.10
C ILE A 3328 -49.61 32.11 -8.07
N LEU A 3329 -49.95 31.62 -6.87
CA LEU A 3329 -50.85 30.49 -6.77
C LEU A 3329 -52.26 30.85 -7.22
N LEU A 3330 -52.82 31.96 -6.72
CA LEU A 3330 -54.14 32.36 -7.19
C LEU A 3330 -54.15 32.68 -8.66
N GLY A 3331 -53.08 33.30 -9.16
CA GLY A 3331 -53.04 33.58 -10.57
C GLY A 3331 -53.08 32.30 -11.39
N THR A 3332 -52.32 31.31 -10.97
CA THR A 3332 -52.34 30.04 -11.67
C THR A 3332 -53.70 29.39 -11.57
N THR A 3333 -54.34 29.46 -10.41
CA THR A 3333 -55.67 28.88 -10.28
C THR A 3333 -56.64 29.53 -11.25
N TYR A 3334 -56.62 30.85 -11.34
CA TYR A 3334 -57.57 31.53 -12.21
C TYR A 3334 -57.27 31.27 -13.67
N ARG A 3335 -55.99 31.21 -14.05
CA ARG A 3335 -55.70 30.84 -15.42
C ARG A 3335 -56.04 29.38 -15.69
N ILE A 3336 -55.95 28.51 -14.69
CA ILE A 3336 -56.37 27.14 -14.87
C ILE A 3336 -57.85 27.08 -15.18
N ILE A 3337 -58.65 27.77 -14.37
CA ILE A 3337 -60.10 27.73 -14.57
C ILE A 3337 -60.47 28.41 -15.88
N ALA A 3338 -59.79 29.50 -16.23
CA ALA A 3338 -60.09 30.18 -17.48
C ALA A 3338 -59.77 29.30 -18.69
N ASN A 3339 -58.58 28.69 -18.69
CA ASN A 3339 -58.21 27.77 -19.75
C ASN A 3339 -59.18 26.60 -19.79
N ALA A 3340 -59.63 26.13 -18.64
CA ALA A 3340 -60.58 25.02 -18.60
C ALA A 3340 -61.90 25.41 -19.23
N LEU A 3341 -62.39 26.62 -18.96
CA LEU A 3341 -63.66 27.04 -19.54
C LEU A 3341 -63.52 27.40 -21.00
N SER A 3342 -62.32 27.76 -21.43
CA SER A 3342 -62.15 28.24 -22.80
C SER A 3342 -61.77 27.13 -23.76
N SER A 3343 -60.82 26.28 -23.37
CA SER A 3343 -60.26 25.28 -24.27
C SER A 3343 -61.35 24.43 -24.88
N GLU A 3344 -62.18 23.88 -24.05
CA GLU A 3344 -63.44 23.47 -24.62
C GLU A 3344 -64.50 24.43 -24.10
N PRO A 3345 -65.61 24.61 -24.83
CA PRO A 3345 -66.55 25.67 -24.47
C PRO A 3345 -67.11 25.50 -23.07
N ALA A 3346 -67.91 26.46 -22.67
CA ALA A 3346 -68.58 26.35 -21.39
C ALA A 3346 -69.69 25.33 -21.42
N CYS A 3347 -69.78 24.53 -22.48
CA CYS A 3347 -70.84 23.55 -22.66
C CYS A 3347 -70.79 22.47 -21.57
N LEU A 3348 -69.88 22.62 -20.63
CA LEU A 3348 -69.87 21.79 -19.43
C LEU A 3348 -70.87 22.28 -18.39
N ALA A 3349 -71.42 23.48 -18.57
CA ALA A 3349 -72.31 24.05 -17.56
C ALA A 3349 -73.52 23.17 -17.34
N GLU A 3350 -74.14 22.69 -18.41
CA GLU A 3350 -75.37 21.93 -18.32
C GLU A 3350 -75.18 20.56 -17.71
N ILE A 3351 -73.93 20.17 -17.43
CA ILE A 3351 -73.65 18.87 -16.84
C ILE A 3351 -72.72 19.04 -15.64
N GLU A 3352 -72.51 20.27 -15.20
CA GLU A 3352 -71.60 20.54 -14.08
C GLU A 3352 -72.28 21.34 -12.98
N GLU A 3353 -73.40 20.85 -12.47
CA GLU A 3353 -73.82 21.14 -11.09
C GLU A 3353 -73.91 22.64 -10.82
N ASP A 3354 -74.90 23.28 -11.47
CA ASP A 3354 -74.98 24.74 -11.55
C ASP A 3354 -74.79 25.45 -10.21
N LYS A 3355 -74.95 24.76 -9.08
CA LYS A 3355 -74.59 25.37 -7.80
C LYS A 3355 -73.13 25.84 -7.81
N ALA A 3356 -72.24 25.06 -8.44
CA ALA A 3356 -70.85 25.43 -8.55
C ALA A 3356 -70.54 26.19 -9.84
N ARG A 3357 -71.50 26.35 -10.75
CA ARG A 3357 -71.34 27.34 -11.80
C ARG A 3357 -71.68 28.73 -11.33
N ARG A 3358 -72.52 28.84 -10.31
CA ARG A 3358 -72.82 30.15 -9.75
C ARG A 3358 -71.60 30.77 -9.09
N ILE A 3359 -70.81 29.98 -8.34
CA ILE A 3359 -69.58 30.52 -7.76
C ILE A 3359 -68.60 30.93 -8.85
N LEU A 3360 -68.57 30.20 -9.95
CA LEU A 3360 -67.73 30.60 -11.08
C LEU A 3360 -68.15 31.96 -11.61
N GLU A 3361 -69.44 32.10 -11.93
CA GLU A 3361 -69.99 33.37 -12.37
C GLU A 3361 -69.62 34.48 -11.39
N LEU A 3362 -69.70 34.17 -10.09
CA LEU A 3362 -69.36 35.13 -9.05
C LEU A 3362 -67.91 35.54 -9.12
N SER A 3363 -67.01 34.57 -9.31
CA SER A 3363 -65.59 34.86 -9.35
C SER A 3363 -65.24 35.71 -10.55
N GLY A 3364 -65.97 35.55 -11.65
CA GLY A 3364 -65.84 36.45 -12.78
C GLY A 3364 -66.25 37.86 -12.39
N SER A 3365 -66.39 38.71 -13.41
CA SER A 3365 -66.68 40.11 -13.16
C SER A 3365 -68.02 40.55 -13.72
N SER A 3366 -68.21 40.55 -15.05
CA SER A 3366 -69.38 41.20 -15.61
C SER A 3366 -70.62 40.33 -15.56
N SER A 3367 -70.44 39.02 -15.58
CA SER A 3367 -71.50 38.07 -15.25
C SER A 3367 -72.68 38.19 -16.22
N GLU A 3368 -72.40 37.85 -17.48
CA GLU A 3368 -73.45 37.71 -18.48
C GLU A 3368 -73.47 36.32 -19.11
N ASP A 3369 -72.35 35.90 -19.69
CA ASP A 3369 -72.34 34.70 -20.53
C ASP A 3369 -70.93 34.16 -20.62
N SER A 3370 -70.73 33.23 -21.55
CA SER A 3370 -69.54 32.38 -21.53
C SER A 3370 -68.27 33.19 -21.71
N GLU A 3371 -68.12 33.83 -22.87
CA GLU A 3371 -66.90 34.58 -23.15
C GLU A 3371 -66.71 35.73 -22.17
N LYS A 3372 -67.81 36.27 -21.64
CA LYS A 3372 -67.70 37.38 -20.70
C LYS A 3372 -67.05 36.93 -19.41
N VAL A 3373 -67.56 35.85 -18.81
CA VAL A 3373 -66.94 35.37 -17.58
C VAL A 3373 -65.55 34.82 -17.88
N ILE A 3374 -65.33 34.31 -19.09
CA ILE A 3374 -64.00 33.86 -19.47
C ILE A 3374 -63.00 35.01 -19.38
N ALA A 3375 -63.35 36.15 -19.97
CA ALA A 3375 -62.49 37.31 -19.90
C ALA A 3375 -62.32 37.78 -18.47
N GLY A 3376 -63.37 37.67 -17.66
CA GLY A 3376 -63.25 38.08 -16.27
C GLY A 3376 -62.25 37.24 -15.51
N LEU A 3377 -62.29 35.92 -15.74
CA LEU A 3377 -61.33 35.03 -15.11
C LEU A 3377 -59.92 35.37 -15.57
N TYR A 3378 -59.74 35.63 -16.87
CA TYR A 3378 -58.43 35.99 -17.38
C TYR A 3378 -57.92 37.24 -16.72
N GLN A 3379 -58.78 38.23 -16.57
CA GLN A 3379 -58.36 39.51 -16.02
C GLN A 3379 -57.98 39.38 -14.54
N ARG A 3380 -58.74 38.58 -13.78
CA ARG A 3380 -58.39 38.35 -12.39
C ARG A 3380 -57.06 37.62 -12.25
N ALA A 3381 -56.83 36.64 -13.13
CA ALA A 3381 -55.54 35.96 -13.14
C ALA A 3381 -54.41 36.92 -13.44
N PHE A 3382 -54.62 37.80 -14.42
CA PHE A 3382 -53.57 38.75 -14.78
C PHE A 3382 -53.27 39.69 -13.63
N GLN A 3383 -54.32 40.12 -12.92
CA GLN A 3383 -54.11 40.99 -11.77
C GLN A 3383 -53.28 40.29 -10.71
N HIS A 3384 -53.62 39.04 -10.38
CA HIS A 3384 -52.89 38.34 -9.33
C HIS A 3384 -51.44 38.08 -9.73
N LEU A 3385 -51.21 37.64 -10.96
CA LEU A 3385 -49.84 37.37 -11.36
C LEU A 3385 -49.01 38.65 -11.33
N SER A 3386 -49.60 39.76 -11.82
CA SER A 3386 -48.88 41.02 -11.80
C SER A 3386 -48.58 41.44 -10.38
N GLU A 3387 -49.52 41.24 -9.47
CA GLU A 3387 -49.30 41.63 -8.09
C GLU A 3387 -48.15 40.83 -7.50
N ALA A 3388 -48.09 39.54 -7.77
CA ALA A 3388 -46.98 38.74 -7.26
C ALA A 3388 -45.65 39.20 -7.82
N VAL A 3389 -45.61 39.53 -9.11
CA VAL A 3389 -44.35 39.98 -9.70
C VAL A 3389 -43.91 41.29 -9.07
N GLN A 3390 -44.81 42.27 -9.02
CA GLN A 3390 -44.48 43.55 -8.41
C GLN A 3390 -44.21 43.43 -6.93
N ALA A 3391 -44.63 42.33 -6.31
CA ALA A 3391 -44.13 42.01 -5.00
C ALA A 3391 -42.71 41.45 -5.05
N ALA A 3392 -42.37 40.74 -6.13
CA ALA A 3392 -41.02 40.19 -6.23
C ALA A 3392 -39.97 41.24 -6.53
N GLU A 3393 -40.37 42.42 -7.00
CA GLU A 3393 -39.40 43.48 -7.27
C GLU A 3393 -38.65 43.89 -6.03
N GLU A 3394 -39.25 43.73 -4.85
CA GLU A 3394 -38.71 44.22 -3.59
C GLU A 3394 -37.64 43.25 -3.10
N GLU A 3395 -36.43 43.42 -3.60
CA GLU A 3395 -35.30 42.58 -3.23
C GLU A 3395 -34.36 43.37 -2.33
N ALA A 3396 -33.80 42.68 -1.34
CA ALA A 3396 -32.90 43.32 -0.40
C ALA A 3396 -31.51 43.49 -1.02
N PRO A 3405 -36.09 32.46 -1.39
CA PRO A 3405 -35.77 33.48 -2.39
C PRO A 3405 -35.25 32.87 -3.67
N ALA A 3406 -34.51 33.64 -4.46
CA ALA A 3406 -33.88 33.16 -5.69
C ALA A 3406 -34.86 32.44 -6.61
N ALA A 3407 -34.99 31.13 -6.41
CA ALA A 3407 -35.90 30.31 -7.22
C ALA A 3407 -37.31 30.90 -7.27
N GLY A 3408 -37.70 31.57 -6.19
CA GLY A 3408 -39.02 32.18 -6.12
C GLY A 3408 -39.21 33.36 -7.04
N VAL A 3409 -38.20 34.23 -7.12
CA VAL A 3409 -38.36 35.41 -7.96
C VAL A 3409 -38.37 35.01 -9.44
N ILE A 3410 -37.58 34.01 -9.81
CA ILE A 3410 -37.65 33.51 -11.18
C ILE A 3410 -39.00 32.86 -11.41
N ASP A 3411 -39.55 32.21 -10.39
CA ASP A 3411 -40.86 31.59 -10.51
C ASP A 3411 -41.92 32.64 -10.84
N ALA A 3412 -41.92 33.74 -10.08
CA ALA A 3412 -42.94 34.77 -10.30
C ALA A 3412 -42.78 35.42 -11.66
N TYR A 3413 -41.54 35.80 -11.99
CA TYR A 3413 -41.25 36.39 -13.29
C TYR A 3413 -41.70 35.48 -14.43
N MET A 3414 -41.30 34.22 -14.35
CA MET A 3414 -41.57 33.30 -15.45
C MET A 3414 -43.05 33.02 -15.55
N THR A 3415 -43.74 32.92 -14.41
CA THR A 3415 -45.17 32.65 -14.45
C THR A 3415 -45.92 33.77 -15.13
N LEU A 3416 -45.65 35.02 -14.75
CA LEU A 3416 -46.29 36.13 -15.44
C LEU A 3416 -45.92 36.17 -16.90
N ALA A 3417 -44.63 36.00 -17.20
CA ALA A 3417 -44.14 36.12 -18.57
C ALA A 3417 -44.84 35.13 -19.47
N ASP A 3418 -44.89 33.87 -19.05
CA ASP A 3418 -45.57 32.89 -19.87
C ASP A 3418 -47.05 33.22 -19.98
N PHE A 3419 -47.74 33.39 -18.85
CA PHE A 3419 -49.17 33.73 -18.88
C PHE A 3419 -49.49 34.71 -20.00
N CYS A 3420 -48.79 35.84 -20.00
CA CYS A 3420 -49.02 36.81 -21.05
C CYS A 3420 -48.64 36.26 -22.42
N ASP A 3421 -47.58 35.44 -22.48
CA ASP A 3421 -47.16 34.90 -23.77
C ASP A 3421 -48.23 34.01 -24.39
N GLN A 3422 -48.82 33.14 -23.58
CA GLN A 3422 -49.92 32.33 -24.08
C GLN A 3422 -51.10 33.18 -24.49
N GLN A 3423 -51.34 34.31 -23.82
CA GLN A 3423 -52.38 35.20 -24.30
C GLN A 3423 -52.05 35.71 -25.70
N LEU A 3424 -50.82 36.18 -25.90
CA LEU A 3424 -50.44 36.67 -27.22
C LEU A 3424 -50.56 35.58 -28.27
N ARG A 3425 -50.11 34.37 -27.95
CA ARG A 3425 -50.16 33.29 -28.91
C ARG A 3425 -51.59 32.95 -29.29
N LYS A 3426 -52.48 32.87 -28.31
CA LYS A 3426 -53.84 32.51 -28.65
C LYS A 3426 -54.52 33.62 -29.41
N GLU A 3427 -54.06 34.86 -29.24
CA GLU A 3427 -54.51 35.90 -30.16
C GLU A 3427 -54.00 35.63 -31.57
N GLU A 3428 -52.69 35.41 -31.70
CA GLU A 3428 -52.05 35.37 -33.02
C GLU A 3428 -52.56 34.22 -33.85
N GLU A 3429 -53.00 33.15 -33.21
CA GLU A 3429 -53.52 32.02 -33.97
C GLU A 3429 -54.64 32.45 -34.90
N ASN A 3430 -55.39 33.48 -34.54
CA ASN A 3430 -56.44 34.03 -35.39
C ASN A 3430 -56.57 35.53 -35.19
N LEU A 3439 -54.46 44.26 -23.95
CA LEU A 3439 -53.23 43.48 -24.11
C LEU A 3439 -52.10 44.34 -24.67
N GLN A 3440 -52.23 45.66 -24.55
CA GLN A 3440 -51.19 46.55 -25.00
C GLN A 3440 -50.08 46.71 -23.97
N ALA A 3441 -50.14 45.94 -22.88
CA ALA A 3441 -49.09 45.95 -21.87
C ALA A 3441 -48.50 44.57 -21.66
N TYR A 3442 -48.88 43.61 -22.50
CA TYR A 3442 -48.32 42.26 -22.44
C TYR A 3442 -46.94 42.11 -23.06
N PRO A 3443 -46.67 42.56 -24.31
CA PRO A 3443 -45.34 42.28 -24.89
C PRO A 3443 -44.20 42.89 -24.10
N ALA A 3444 -44.32 44.15 -23.71
CA ALA A 3444 -43.27 44.77 -22.93
C ALA A 3444 -43.10 44.06 -21.59
N LEU A 3445 -44.21 43.67 -20.98
CA LEU A 3445 -44.15 42.97 -19.69
C LEU A 3445 -43.45 41.63 -19.84
N VAL A 3446 -43.77 40.91 -20.92
CA VAL A 3446 -43.11 39.63 -21.20
C VAL A 3446 -41.61 39.80 -21.33
N VAL A 3447 -41.21 40.75 -22.18
CA VAL A 3447 -39.80 40.96 -22.43
C VAL A 3447 -39.09 41.31 -21.13
N GLU A 3448 -39.62 42.28 -20.40
CA GLU A 3448 -38.91 42.75 -19.21
C GLU A 3448 -38.82 41.65 -18.17
N LYS A 3449 -39.93 40.92 -17.95
CA LYS A 3449 -39.96 39.93 -16.89
C LYS A 3449 -39.08 38.72 -17.22
N MET A 3450 -39.22 38.14 -18.43
CA MET A 3450 -38.40 36.95 -18.65
C MET A 3450 -36.97 37.31 -19.01
N LEU A 3451 -36.69 38.55 -19.40
CA LEU A 3451 -35.31 38.86 -19.63
C LEU A 3451 -34.61 39.17 -18.31
N LYS A 3452 -35.35 39.68 -17.33
CA LYS A 3452 -34.82 39.68 -15.97
C LYS A 3452 -34.68 38.26 -15.44
N ALA A 3453 -35.51 37.35 -15.95
CA ALA A 3453 -35.31 35.93 -15.64
C ALA A 3453 -33.98 35.42 -16.18
N LEU A 3454 -33.63 35.79 -17.41
CA LEU A 3454 -32.31 35.49 -17.97
C LEU A 3454 -31.20 36.19 -17.20
N LYS A 3455 -31.40 37.44 -16.81
CA LYS A 3455 -30.40 38.11 -15.98
C LYS A 3455 -30.22 37.35 -14.67
N LEU A 3456 -31.25 36.62 -14.25
CA LEU A 3456 -31.09 35.58 -13.25
C LEU A 3456 -30.77 34.28 -13.96
N ASN A 3457 -30.31 33.28 -13.20
CA ASN A 3457 -29.83 32.06 -13.84
C ASN A 3457 -31.02 31.14 -14.09
N SER A 3458 -31.74 31.40 -15.19
CA SER A 3458 -32.95 30.66 -15.53
C SER A 3458 -32.78 29.94 -16.85
N ASN A 3459 -32.73 28.61 -16.81
CA ASN A 3459 -32.75 27.85 -18.05
C ASN A 3459 -34.13 27.85 -18.69
N GLU A 3460 -35.18 27.92 -17.89
CA GLU A 3460 -36.50 28.05 -18.49
C GLU A 3460 -36.62 29.30 -19.33
N ALA A 3461 -35.79 30.30 -19.07
CA ALA A 3461 -35.78 31.52 -19.86
C ALA A 3461 -34.67 31.55 -20.90
N ARG A 3462 -33.58 30.84 -20.67
CA ARG A 3462 -32.59 30.67 -21.72
C ARG A 3462 -33.15 29.87 -22.86
N LEU A 3463 -33.98 28.90 -22.55
CA LEU A 3463 -34.65 28.07 -23.53
C LEU A 3463 -35.77 28.79 -24.24
N LYS A 3464 -36.16 29.96 -23.79
CA LYS A 3464 -37.27 30.70 -24.38
C LYS A 3464 -36.84 32.04 -24.94
N PHE A 3465 -35.61 32.44 -24.70
CA PHE A 3465 -35.08 33.65 -25.32
C PHE A 3465 -35.40 33.77 -26.81
N PRO A 3466 -35.46 32.72 -27.61
CA PRO A 3466 -35.89 32.92 -28.99
C PRO A 3466 -37.35 33.30 -29.13
N ARG A 3467 -38.10 33.32 -28.03
CA ARG A 3467 -39.42 33.93 -28.12
C ARG A 3467 -39.32 35.44 -28.06
N LEU A 3468 -38.31 35.98 -27.38
CA LEU A 3468 -38.10 37.42 -27.41
C LEU A 3468 -37.88 37.91 -28.82
N LEU A 3469 -37.04 37.20 -29.57
CA LEU A 3469 -36.64 37.59 -30.91
C LEU A 3469 -37.81 37.55 -31.88
N GLN A 3470 -38.92 36.96 -31.48
CA GLN A 3470 -40.16 37.01 -32.25
C GLN A 3470 -41.27 37.77 -31.54
N ILE A 3471 -41.04 38.17 -30.29
CA ILE A 3471 -41.80 39.27 -29.70
C ILE A 3471 -41.52 40.56 -30.46
N ILE A 3472 -40.25 40.81 -30.75
CA ILE A 3472 -39.86 42.08 -31.35
C ILE A 3472 -39.99 42.08 -32.86
N GLU A 3473 -40.52 41.00 -33.45
CA GLU A 3473 -40.65 40.96 -34.90
C GLU A 3473 -42.00 41.51 -35.35
N ARG A 3474 -43.08 40.83 -35.00
CA ARG A 3474 -44.41 41.42 -35.12
C ARG A 3474 -44.71 42.08 -33.79
N TYR A 3475 -45.52 43.11 -33.83
CA TYR A 3475 -45.51 44.13 -32.80
C TYR A 3475 -44.08 44.66 -32.79
N PRO A 3476 -43.63 45.32 -33.86
CA PRO A 3476 -42.19 45.62 -33.95
C PRO A 3476 -41.74 46.72 -33.04
N GLU A 3477 -42.67 47.39 -32.37
CA GLU A 3477 -42.32 48.52 -31.52
C GLU A 3477 -41.29 48.15 -30.46
N GLU A 3478 -41.51 47.03 -29.73
CA GLU A 3478 -40.70 46.80 -28.53
C GLU A 3478 -39.27 46.52 -28.82
N THR A 3479 -38.87 46.66 -30.08
CA THR A 3479 -37.47 46.66 -30.45
C THR A 3479 -36.82 47.89 -29.84
N LEU A 3480 -37.62 48.71 -29.19
CA LEU A 3480 -37.16 49.96 -28.62
C LEU A 3480 -36.26 49.64 -27.44
N SER A 3481 -35.78 50.67 -26.76
CA SER A 3481 -34.74 50.50 -25.75
C SER A 3481 -35.11 49.44 -24.72
N LEU A 3482 -36.36 49.01 -24.69
CA LEU A 3482 -36.79 48.02 -23.71
C LEU A 3482 -35.92 46.78 -23.78
N MET A 3483 -35.95 46.07 -24.91
CA MET A 3483 -35.02 44.96 -25.06
C MET A 3483 -33.58 45.45 -24.97
N THR A 3484 -33.28 46.57 -25.64
CA THR A 3484 -31.89 47.00 -25.72
C THR A 3484 -31.32 47.35 -24.36
N LYS A 3485 -32.09 48.08 -23.54
CA LYS A 3485 -31.57 48.47 -22.24
C LYS A 3485 -31.61 47.31 -21.26
N GLU A 3486 -32.64 46.46 -21.35
CA GLU A 3486 -32.75 45.36 -20.39
C GLU A 3486 -31.69 44.31 -20.64
N ILE A 3487 -31.35 44.06 -21.91
CA ILE A 3487 -30.52 42.92 -22.26
C ILE A 3487 -29.08 43.13 -21.81
N SER A 3488 -28.57 44.35 -21.92
CA SER A 3488 -27.18 44.65 -21.64
C SER A 3488 -26.79 44.37 -20.20
N SER A 3489 -27.74 44.09 -19.33
CA SER A 3489 -27.44 43.71 -17.96
C SER A 3489 -27.20 42.22 -17.81
N VAL A 3490 -27.37 41.45 -18.88
CA VAL A 3490 -27.37 39.98 -18.80
C VAL A 3490 -25.96 39.46 -19.02
N PRO A 3491 -25.49 38.51 -18.22
CA PRO A 3491 -24.25 37.82 -18.58
C PRO A 3491 -24.42 37.20 -19.96
N CYS A 3492 -23.35 37.07 -20.73
CA CYS A 3492 -23.56 36.45 -22.01
C CYS A 3492 -22.97 35.06 -22.29
N TRP A 3493 -23.69 34.04 -21.80
CA TRP A 3493 -23.35 32.64 -22.01
C TRP A 3493 -24.60 31.82 -22.32
N GLN A 3494 -25.74 32.21 -21.73
CA GLN A 3494 -27.02 31.54 -22.00
C GLN A 3494 -27.20 31.75 -23.49
N PHE A 3495 -27.22 33.02 -23.87
CA PHE A 3495 -27.25 33.44 -25.27
C PHE A 3495 -26.37 32.62 -26.21
N ILE A 3496 -25.44 31.82 -25.69
CA ILE A 3496 -24.50 31.15 -26.59
C ILE A 3496 -25.24 30.22 -27.52
N SER A 3497 -26.13 29.41 -26.97
CA SER A 3497 -26.90 28.48 -27.77
C SER A 3497 -27.78 29.17 -28.77
N TRP A 3498 -28.03 30.47 -28.60
CA TRP A 3498 -28.87 31.23 -29.49
C TRP A 3498 -28.07 32.18 -30.35
N ILE A 3499 -26.74 32.05 -30.33
CA ILE A 3499 -25.89 32.94 -31.14
C ILE A 3499 -26.20 32.80 -32.63
N SER A 3500 -26.66 31.64 -33.04
CA SER A 3500 -27.00 31.43 -34.45
C SER A 3500 -28.22 32.22 -34.85
N HIS A 3501 -29.05 32.61 -33.89
CA HIS A 3501 -30.23 33.44 -34.09
C HIS A 3501 -29.84 34.89 -34.12
N MET A 3502 -29.06 35.26 -33.11
CA MET A 3502 -28.60 36.63 -33.00
C MET A 3502 -27.86 37.06 -34.27
N VAL A 3503 -26.71 36.43 -34.54
CA VAL A 3503 -25.88 36.91 -35.63
C VAL A 3503 -26.65 36.88 -36.94
N ALA A 3504 -27.75 36.12 -37.00
CA ALA A 3504 -28.57 36.06 -38.19
C ALA A 3504 -29.54 37.23 -38.27
N LEU A 3505 -29.99 37.74 -37.13
CA LEU A 3505 -30.79 38.96 -37.15
C LEU A 3505 -29.94 40.21 -36.96
N LEU A 3506 -28.62 40.09 -37.09
CA LEU A 3506 -27.78 41.27 -37.07
C LEU A 3506 -27.81 42.09 -38.35
N ASP A 3507 -28.49 41.65 -39.41
CA ASP A 3507 -28.58 42.49 -40.60
C ASP A 3507 -29.97 43.05 -40.82
N LYS A 3508 -31.00 42.21 -40.79
CA LYS A 3508 -32.32 42.68 -41.15
C LYS A 3508 -32.86 43.54 -40.02
N ASP A 3509 -34.05 44.10 -40.25
CA ASP A 3509 -34.55 45.21 -39.45
C ASP A 3509 -34.51 44.87 -37.96
N GLN A 3510 -34.54 45.92 -37.14
CA GLN A 3510 -34.34 45.81 -35.69
C GLN A 3510 -33.14 44.92 -35.36
N ALA A 3511 -32.09 45.05 -36.14
CA ALA A 3511 -30.87 44.31 -35.84
C ALA A 3511 -30.24 44.74 -34.54
N VAL A 3512 -30.52 45.95 -34.07
CA VAL A 3512 -30.05 46.40 -32.77
C VAL A 3512 -30.77 45.57 -31.72
N ALA A 3513 -30.40 45.74 -30.46
CA ALA A 3513 -30.89 45.04 -29.28
C ALA A 3513 -30.21 43.69 -29.10
N VAL A 3514 -29.46 43.22 -30.08
CA VAL A 3514 -28.47 42.17 -29.87
C VAL A 3514 -27.06 42.65 -30.13
N GLN A 3515 -26.91 43.77 -30.85
CA GLN A 3515 -25.61 44.22 -31.26
C GLN A 3515 -24.65 44.25 -30.09
N HIS A 3516 -25.11 44.73 -28.94
CA HIS A 3516 -24.21 44.77 -27.81
C HIS A 3516 -23.81 43.37 -27.39
N SER A 3517 -24.77 42.45 -27.34
CA SER A 3517 -24.47 41.11 -26.84
C SER A 3517 -23.49 40.39 -27.75
N VAL A 3518 -23.77 40.41 -29.05
CA VAL A 3518 -22.84 39.85 -30.03
C VAL A 3518 -21.48 40.55 -29.95
N GLU A 3519 -21.50 41.87 -29.90
CA GLU A 3519 -20.28 42.66 -29.91
C GLU A 3519 -19.38 42.32 -28.74
N GLU A 3520 -19.97 42.06 -27.58
CA GLU A 3520 -19.10 41.82 -26.44
C GLU A 3520 -18.74 40.35 -26.36
N ILE A 3521 -19.55 39.48 -26.96
CA ILE A 3521 -19.20 38.07 -26.93
C ILE A 3521 -18.00 37.83 -27.82
N THR A 3522 -17.90 38.55 -28.94
CA THR A 3522 -16.70 38.39 -29.75
C THR A 3522 -15.45 38.78 -28.99
N ASP A 3523 -15.59 39.52 -27.89
CA ASP A 3523 -14.45 39.79 -27.03
C ASP A 3523 -14.26 38.69 -26.01
N ASN A 3524 -15.27 38.45 -25.20
CA ASN A 3524 -15.09 37.58 -24.05
C ASN A 3524 -14.95 36.11 -24.47
N TYR A 3525 -15.80 35.64 -25.38
CA TYR A 3525 -15.83 34.24 -25.83
C TYR A 3525 -15.92 34.18 -27.34
N PRO A 3526 -14.85 34.49 -28.06
CA PRO A 3526 -14.84 34.20 -29.48
C PRO A 3526 -14.60 32.71 -29.67
N GLN A 3527 -14.85 32.23 -30.88
CA GLN A 3527 -14.82 30.80 -31.17
C GLN A 3527 -16.02 30.09 -30.59
N ALA A 3528 -16.84 30.82 -29.84
CA ALA A 3528 -18.24 30.48 -29.64
C ALA A 3528 -19.10 31.11 -30.69
N ILE A 3529 -18.54 32.01 -31.49
CA ILE A 3529 -19.31 32.76 -32.46
C ILE A 3529 -18.69 32.77 -33.84
N VAL A 3530 -17.48 32.22 -34.04
CA VAL A 3530 -16.82 32.40 -35.33
C VAL A 3530 -17.55 31.65 -36.43
N TYR A 3531 -17.87 30.40 -36.19
CA TYR A 3531 -18.58 29.63 -37.20
C TYR A 3531 -20.01 30.13 -37.41
N PRO A 3532 -20.81 30.42 -36.36
CA PRO A 3532 -22.13 31.01 -36.61
C PRO A 3532 -22.06 32.33 -37.35
N PHE A 3533 -21.08 33.15 -37.00
CA PHE A 3533 -20.90 34.43 -37.67
C PHE A 3533 -20.51 34.24 -39.13
N ILE A 3534 -19.64 33.28 -39.42
CA ILE A 3534 -19.25 33.05 -40.82
C ILE A 3534 -20.46 32.57 -41.61
N ILE A 3535 -21.21 31.63 -41.05
CA ILE A 3535 -22.35 31.07 -41.76
C ILE A 3535 -23.36 32.14 -42.07
N SER A 3536 -23.69 32.95 -41.06
CA SER A 3536 -24.63 34.04 -41.27
C SER A 3536 -24.07 35.05 -42.25
N SER A 3537 -22.86 35.52 -42.00
CA SER A 3537 -22.22 36.54 -42.80
C SER A 3537 -22.11 36.16 -44.27
N GLU A 3538 -22.07 34.88 -44.59
CA GLU A 3538 -21.77 34.48 -45.95
C GLU A 3538 -22.97 34.49 -46.86
N SER A 3539 -24.13 34.97 -46.41
CA SER A 3539 -25.21 35.17 -47.37
C SER A 3539 -26.17 36.31 -47.09
N TYR A 3540 -26.01 37.11 -46.04
CA TYR A 3540 -26.95 38.20 -45.85
C TYR A 3540 -26.44 39.50 -46.45
N SER A 3541 -27.37 40.21 -47.11
CA SER A 3541 -27.13 41.47 -47.78
C SER A 3541 -28.00 42.55 -47.18
N PHE A 3542 -27.44 43.74 -47.02
CA PHE A 3542 -28.16 44.87 -46.46
C PHE A 3542 -28.95 45.54 -47.59
N LYS A 3543 -30.13 44.99 -47.88
CA LYS A 3543 -31.03 45.61 -48.84
C LYS A 3543 -31.90 46.65 -48.14
N ASP A 3544 -31.22 47.49 -47.37
CA ASP A 3544 -31.87 48.47 -46.51
C ASP A 3544 -31.71 49.89 -47.03
N THR A 3545 -30.47 50.32 -47.26
CA THR A 3545 -30.13 51.63 -47.81
C THR A 3545 -30.51 52.78 -46.90
N SER A 3546 -31.19 52.53 -45.78
CA SER A 3546 -31.53 53.59 -44.84
C SER A 3546 -30.87 53.38 -43.48
N THR A 3547 -31.13 52.26 -42.83
CA THR A 3547 -30.43 51.92 -41.60
C THR A 3547 -29.50 50.72 -41.76
N GLY A 3548 -29.46 50.10 -42.94
CA GLY A 3548 -28.39 49.16 -43.21
C GLY A 3548 -27.04 49.81 -43.05
N HIS A 3549 -26.93 51.08 -43.43
CA HIS A 3549 -25.69 51.81 -43.23
C HIS A 3549 -25.40 52.06 -41.78
N LYS A 3550 -26.25 51.59 -40.86
CA LYS A 3550 -26.02 51.73 -39.44
C LYS A 3550 -25.54 50.43 -38.82
N ASN A 3551 -25.87 49.29 -39.44
CA ASN A 3551 -25.50 47.98 -38.96
C ASN A 3551 -24.35 47.36 -39.74
N LYS A 3552 -24.20 47.69 -41.02
CA LYS A 3552 -23.16 47.07 -41.83
C LYS A 3552 -21.77 47.40 -41.31
N GLU A 3553 -21.55 48.63 -40.88
CA GLU A 3553 -20.26 48.95 -40.30
C GLU A 3553 -20.03 48.18 -39.02
N PHE A 3554 -21.10 47.90 -38.27
CA PHE A 3554 -20.97 47.02 -37.11
C PHE A 3554 -20.60 45.60 -37.51
N VAL A 3555 -21.28 45.06 -38.52
CA VAL A 3555 -21.01 43.66 -38.88
C VAL A 3555 -19.60 43.55 -39.40
N ALA A 3556 -19.13 44.53 -40.17
CA ALA A 3556 -17.76 44.53 -40.63
C ALA A 3556 -16.79 44.68 -39.47
N ARG A 3557 -17.15 45.45 -38.46
CA ARG A 3557 -16.29 45.59 -37.30
C ARG A 3557 -16.13 44.26 -36.59
N ILE A 3558 -17.22 43.53 -36.40
CA ILE A 3558 -17.12 42.22 -35.77
C ILE A 3558 -16.35 41.26 -36.67
N LYS A 3559 -16.57 41.33 -37.97
CA LYS A 3559 -15.86 40.53 -38.95
C LYS A 3559 -14.36 40.69 -38.75
N SER A 3560 -13.90 41.93 -38.69
CA SER A 3560 -12.47 42.18 -38.49
C SER A 3560 -12.01 41.84 -37.08
N LYS A 3561 -12.92 41.87 -36.11
CA LYS A 3561 -12.54 41.51 -34.75
C LYS A 3561 -12.42 40.01 -34.57
N LEU A 3562 -13.00 39.23 -35.48
CA LEU A 3562 -12.97 37.78 -35.41
C LEU A 3562 -12.09 37.12 -36.48
N ASP A 3563 -11.74 37.84 -37.54
CA ASP A 3563 -10.76 37.34 -38.51
C ASP A 3563 -9.37 37.62 -37.97
N GLN A 3564 -9.05 36.94 -36.86
CA GLN A 3564 -7.94 37.33 -36.00
C GLN A 3564 -6.59 37.29 -36.71
N GLY A 3565 -6.12 36.10 -37.05
CA GLY A 3565 -4.87 35.97 -37.76
C GLY A 3565 -5.10 35.14 -39.01
N GLY A 3566 -6.31 34.63 -39.13
CA GLY A 3566 -6.61 33.69 -40.18
C GLY A 3566 -6.40 32.25 -39.80
N VAL A 3567 -6.31 31.93 -38.52
CA VAL A 3567 -6.20 30.52 -38.16
C VAL A 3567 -7.52 29.80 -38.40
N ILE A 3568 -8.64 30.40 -38.03
CA ILE A 3568 -9.93 29.76 -38.28
C ILE A 3568 -10.17 29.63 -39.77
N GLN A 3569 -9.84 30.65 -40.53
CA GLN A 3569 -10.07 30.56 -41.96
C GLN A 3569 -9.12 29.60 -42.63
N ASP A 3570 -7.89 29.48 -42.12
CA ASP A 3570 -7.00 28.44 -42.61
C ASP A 3570 -7.53 27.06 -42.29
N PHE A 3571 -8.09 26.89 -41.10
CA PHE A 3571 -8.69 25.61 -40.74
C PHE A 3571 -9.79 25.26 -41.72
N ILE A 3572 -10.68 26.20 -42.00
CA ILE A 3572 -11.76 25.94 -42.92
C ILE A 3572 -11.25 25.64 -44.31
N ASN A 3573 -10.28 26.41 -44.79
CA ASN A 3573 -9.76 26.22 -46.13
C ASN A 3573 -8.90 24.99 -46.24
N ALA A 3574 -8.47 24.42 -45.12
CA ALA A 3574 -7.78 23.15 -45.15
C ALA A 3574 -8.76 22.01 -45.15
N LEU A 3575 -9.79 22.10 -44.31
CA LEU A 3575 -10.81 21.07 -44.27
C LEU A 3575 -11.49 20.92 -45.62
N ASP A 3576 -11.81 22.03 -46.28
CA ASP A 3576 -12.54 21.87 -47.52
C ASP A 3576 -11.67 21.38 -48.65
N GLN A 3577 -10.37 21.23 -48.42
CA GLN A 3577 -9.52 20.53 -49.37
C GLN A 3577 -9.87 19.06 -49.43
N LEU A 3578 -10.25 18.49 -48.28
CA LEU A 3578 -10.63 17.09 -48.20
C LEU A 3578 -11.88 16.78 -49.00
N SER A 3579 -12.62 17.80 -49.44
CA SER A 3579 -13.79 17.56 -50.26
C SER A 3579 -13.38 16.99 -51.61
N ASN A 3580 -14.21 16.10 -52.13
CA ASN A 3580 -13.90 15.48 -53.40
C ASN A 3580 -14.11 16.49 -54.52
N PRO A 3581 -13.07 16.82 -55.30
CA PRO A 3581 -13.23 17.91 -56.29
C PRO A 3581 -14.23 17.57 -57.38
N GLU A 3582 -14.27 16.33 -57.83
CA GLU A 3582 -15.28 15.98 -58.82
C GLU A 3582 -16.67 16.08 -58.22
N LEU A 3583 -16.79 15.82 -56.92
CA LEU A 3583 -18.05 16.04 -56.23
C LEU A 3583 -18.43 17.52 -56.24
N LEU A 3584 -17.45 18.40 -56.08
CA LEU A 3584 -17.73 19.82 -56.19
C LEU A 3584 -18.14 20.19 -57.62
N PHE A 3585 -17.51 19.57 -58.61
CA PHE A 3585 -17.96 19.74 -59.99
C PHE A 3585 -19.41 19.36 -60.15
N LYS A 3586 -19.78 18.17 -59.66
CA LYS A 3586 -21.16 17.70 -59.76
C LYS A 3586 -22.11 18.64 -59.04
N ASP A 3587 -21.70 19.14 -57.88
CA ASP A 3587 -22.56 20.07 -57.14
C ASP A 3587 -22.76 21.35 -57.92
N TRP A 3588 -21.70 21.86 -58.56
CA TRP A 3588 -21.83 23.07 -59.35
C TRP A 3588 -22.74 22.83 -60.55
N SER A 3589 -22.60 21.68 -61.21
CA SER A 3589 -23.43 21.36 -62.35
C SER A 3589 -24.88 21.13 -61.94
N ASN A 3590 -25.09 20.61 -60.73
CA ASN A 3590 -26.44 20.58 -60.17
C ASN A 3590 -26.96 21.99 -59.97
N ASP A 3591 -26.09 22.91 -59.57
CA ASP A 3591 -26.50 24.30 -59.42
C ASP A 3591 -26.91 24.88 -60.76
N VAL A 3592 -26.20 24.52 -61.83
CA VAL A 3592 -26.55 24.95 -63.18
C VAL A 3592 -27.89 24.35 -63.60
N ARG A 3593 -28.05 23.04 -63.43
CA ARG A 3593 -29.28 22.36 -63.84
C ARG A 3593 -30.48 22.90 -63.09
N ALA A 3594 -30.32 23.19 -61.80
CA ALA A 3594 -31.38 23.78 -61.00
C ALA A 3594 -31.61 25.25 -61.32
N GLU A 3595 -30.73 25.86 -62.11
CA GLU A 3595 -30.91 27.24 -62.54
C GLU A 3595 -31.78 27.25 -63.79
N LEU A 3596 -33.09 27.08 -63.57
CA LEU A 3596 -34.13 27.18 -64.60
C LEU A 3596 -33.94 26.16 -65.72
N ALA A 3597 -34.15 24.89 -65.36
CA ALA A 3597 -34.01 23.82 -66.34
C ALA A 3597 -35.20 23.78 -67.31
N LYS A 3598 -36.43 23.75 -66.79
CA LYS A 3598 -37.61 23.59 -67.62
C LYS A 3598 -37.93 24.80 -68.48
N THR A 3599 -37.31 25.95 -68.21
CA THR A 3599 -37.65 27.21 -68.83
C THR A 3599 -36.37 27.93 -69.24
N PRO A 3600 -36.45 28.86 -70.20
CA PRO A 3600 -35.29 29.70 -70.49
C PRO A 3600 -34.82 30.48 -69.27
N VAL A 3601 -33.51 30.64 -69.16
CA VAL A 3601 -32.86 31.27 -68.02
C VAL A 3601 -32.53 32.71 -68.41
N ASN A 3602 -33.30 33.66 -67.89
CA ASN A 3602 -33.07 35.07 -68.18
C ASN A 3602 -32.13 35.73 -67.18
N LYS A 3603 -31.70 35.02 -66.14
CA LYS A 3603 -30.84 35.60 -65.11
C LYS A 3603 -29.38 35.39 -65.51
N LYS A 3604 -28.67 36.48 -65.80
CA LYS A 3604 -27.27 36.38 -66.17
C LYS A 3604 -26.34 37.07 -65.18
N ASN A 3605 -26.88 37.62 -64.09
CA ASN A 3605 -26.02 38.09 -63.01
C ASN A 3605 -25.47 36.93 -62.20
N ILE A 3606 -26.17 35.79 -62.23
CA ILE A 3606 -25.84 34.63 -61.42
C ILE A 3606 -24.78 33.78 -62.11
N GLU A 3607 -24.24 34.27 -63.20
CA GLU A 3607 -23.25 33.45 -63.88
C GLU A 3607 -21.85 33.58 -63.25
N LYS A 3608 -21.74 34.10 -62.01
CA LYS A 3608 -20.49 34.01 -61.26
C LYS A 3608 -20.15 32.59 -60.85
N MET A 3609 -21.08 31.66 -61.04
CA MET A 3609 -20.83 30.28 -60.65
C MET A 3609 -19.62 29.70 -61.38
N TYR A 3610 -19.35 30.16 -62.61
CA TYR A 3610 -18.19 29.63 -63.32
C TYR A 3610 -16.88 30.09 -62.69
N GLU A 3611 -16.76 31.38 -62.38
CA GLU A 3611 -15.54 31.81 -61.69
C GLU A 3611 -15.44 31.13 -60.34
N ARG A 3612 -16.58 30.85 -59.70
CA ARG A 3612 -16.54 30.13 -58.44
C ARG A 3612 -15.95 28.75 -58.60
N MET A 3613 -16.38 27.99 -59.61
CA MET A 3613 -15.75 26.70 -59.87
C MET A 3613 -14.27 26.86 -60.21
N TYR A 3614 -13.96 27.71 -61.18
CA TYR A 3614 -12.60 27.80 -61.70
C TYR A 3614 -11.62 28.39 -60.72
N ALA A 3615 -12.09 29.01 -59.62
CA ALA A 3615 -11.16 29.53 -58.63
C ALA A 3615 -10.30 28.42 -58.04
N ALA A 3616 -10.92 27.32 -57.58
CA ALA A 3616 -10.19 26.21 -57.00
C ALA A 3616 -10.13 25.00 -57.90
N LEU A 3617 -11.22 24.67 -58.57
CA LEU A 3617 -11.23 23.61 -59.56
C LEU A 3617 -10.61 24.17 -60.84
N GLY A 3618 -9.67 23.44 -61.41
CA GLY A 3618 -8.75 24.06 -62.34
C GLY A 3618 -7.79 24.96 -61.58
N ASP A 3619 -7.16 25.88 -62.31
CA ASP A 3619 -6.31 26.88 -61.68
C ASP A 3619 -5.18 26.25 -60.87
N PRO A 3620 -4.17 25.68 -61.54
CA PRO A 3620 -3.09 25.00 -60.80
C PRO A 3620 -2.33 25.92 -59.85
N LYS A 3621 -2.36 27.22 -60.08
CA LYS A 3621 -1.79 28.19 -59.15
C LYS A 3621 -2.88 28.55 -58.15
N ALA A 3622 -2.59 28.38 -56.86
CA ALA A 3622 -3.60 28.51 -55.82
C ALA A 3622 -2.89 28.60 -54.47
N PRO A 3623 -3.60 29.04 -53.40
CA PRO A 3623 -2.93 29.18 -52.09
C PRO A 3623 -2.35 27.90 -51.51
N GLY A 3624 -3.20 26.91 -51.24
CA GLY A 3624 -2.82 25.80 -50.37
C GLY A 3624 -3.24 24.42 -50.82
N LEU A 3625 -3.13 24.14 -52.11
CA LEU A 3625 -3.61 22.87 -52.63
C LEU A 3625 -2.74 21.72 -52.15
N GLY A 3626 -3.28 20.51 -52.27
CA GLY A 3626 -2.52 19.29 -52.12
C GLY A 3626 -2.52 18.49 -53.41
N ALA A 3627 -1.77 17.39 -53.39
CA ALA A 3627 -1.62 16.58 -54.58
C ALA A 3627 -2.95 16.02 -55.04
N PHE A 3628 -3.84 15.73 -54.08
CA PHE A 3628 -5.12 15.11 -54.39
C PHE A 3628 -5.92 15.98 -55.35
N ARG A 3629 -5.96 17.28 -55.10
CA ARG A 3629 -6.69 18.18 -55.98
C ARG A 3629 -5.85 18.69 -57.14
N ARG A 3630 -4.53 18.78 -56.98
CA ARG A 3630 -3.71 19.23 -58.10
C ARG A 3630 -3.64 18.20 -59.21
N LYS A 3631 -3.80 16.91 -58.91
CA LYS A 3631 -3.93 15.94 -59.99
C LYS A 3631 -5.18 16.23 -60.81
N PHE A 3632 -6.29 16.52 -60.15
CA PHE A 3632 -7.50 16.97 -60.83
C PHE A 3632 -7.22 18.19 -61.68
N ILE A 3633 -6.52 19.17 -61.11
CA ILE A 3633 -6.27 20.41 -61.84
C ILE A 3633 -5.47 20.12 -63.11
N GLN A 3634 -4.41 19.33 -62.98
CA GLN A 3634 -3.54 19.04 -64.10
C GLN A 3634 -4.27 18.25 -65.18
N THR A 3635 -5.10 17.29 -64.79
CA THR A 3635 -5.70 16.42 -65.79
C THR A 3635 -6.98 17.03 -66.39
N PHE A 3636 -8.02 17.19 -65.59
CA PHE A 3636 -9.29 17.69 -66.11
C PHE A 3636 -9.49 19.18 -65.91
N GLY A 3637 -8.89 19.76 -64.88
CA GLY A 3637 -9.03 21.19 -64.65
C GLY A 3637 -8.19 22.07 -65.53
N LYS A 3638 -7.31 21.46 -66.33
CA LYS A 3638 -6.39 22.22 -67.16
C LYS A 3638 -7.07 22.83 -68.38
N GLU A 3639 -7.57 21.99 -69.27
CA GLU A 3639 -8.06 22.43 -70.57
C GLU A 3639 -9.50 22.05 -70.84
N PHE A 3640 -9.94 20.86 -70.41
CA PHE A 3640 -11.29 20.43 -70.73
C PHE A 3640 -12.31 21.42 -70.20
N ASP A 3641 -11.93 22.20 -69.19
CA ASP A 3641 -12.76 23.34 -68.77
C ASP A 3641 -12.94 24.31 -69.91
N LYS A 3642 -11.88 24.57 -70.66
CA LYS A 3642 -11.92 25.49 -71.78
C LYS A 3642 -12.37 24.82 -73.08
N HIS A 3643 -12.53 23.50 -73.09
CA HIS A 3643 -12.92 22.75 -74.27
C HIS A 3643 -14.40 22.38 -74.28
N PHE A 3644 -14.93 21.87 -73.17
CA PHE A 3644 -16.35 21.54 -73.05
C PHE A 3644 -17.03 22.65 -72.26
N GLY A 3645 -17.31 23.76 -72.94
CA GLY A 3645 -17.83 24.90 -72.24
C GLY A 3645 -16.72 25.83 -71.81
N LYS A 3646 -15.96 26.33 -72.79
CA LYS A 3646 -14.93 27.33 -72.57
C LYS A 3646 -15.34 28.33 -71.49
N GLY A 3647 -14.38 28.68 -70.64
CA GLY A 3647 -14.67 29.66 -69.61
C GLY A 3647 -14.86 31.06 -70.13
N GLY A 3648 -14.39 31.34 -71.35
CA GLY A 3648 -14.46 32.67 -71.91
C GLY A 3648 -15.68 32.93 -72.76
N SER A 3649 -15.99 32.03 -73.68
CA SER A 3649 -17.07 32.25 -74.64
C SER A 3649 -18.15 31.19 -74.57
N LYS A 3650 -17.78 29.92 -74.46
CA LYS A 3650 -18.76 28.84 -74.47
C LYS A 3650 -19.45 28.68 -73.12
N LEU A 3651 -19.27 29.62 -72.19
CA LEU A 3651 -19.79 29.47 -70.85
C LEU A 3651 -21.29 29.73 -70.76
N LEU A 3652 -21.86 30.57 -71.63
CA LEU A 3652 -23.22 31.07 -71.44
C LEU A 3652 -24.26 30.40 -72.32
N ARG A 3653 -23.89 29.36 -73.07
CA ARG A 3653 -24.85 28.73 -73.97
C ARG A 3653 -25.79 27.84 -73.18
N MET A 3654 -27.09 28.05 -73.34
CA MET A 3654 -28.11 27.43 -72.50
C MET A 3654 -28.74 26.28 -73.27
N LYS A 3655 -28.32 25.06 -72.94
CA LYS A 3655 -28.84 23.86 -73.57
C LYS A 3655 -29.56 22.95 -72.59
N LEU A 3656 -28.95 22.70 -71.43
CA LEU A 3656 -29.56 22.02 -70.29
C LEU A 3656 -29.72 20.52 -70.55
N SER A 3657 -29.45 20.10 -71.77
CA SER A 3657 -29.32 18.69 -72.14
C SER A 3657 -28.04 18.43 -72.92
N ASP A 3658 -27.63 19.36 -73.78
CA ASP A 3658 -26.34 19.22 -74.46
C ASP A 3658 -25.20 19.27 -73.46
N PHE A 3659 -25.27 20.18 -72.49
CA PHE A 3659 -24.29 20.17 -71.41
C PHE A 3659 -24.38 18.89 -70.61
N ASN A 3660 -25.61 18.39 -70.40
CA ASN A 3660 -25.78 17.17 -69.63
C ASN A 3660 -25.07 15.99 -70.29
N ASP A 3661 -25.19 15.87 -71.61
CA ASP A 3661 -24.52 14.76 -72.28
C ASP A 3661 -23.01 14.99 -72.35
N ILE A 3662 -22.58 16.23 -72.64
CA ILE A 3662 -21.15 16.49 -72.72
C ILE A 3662 -20.48 16.27 -71.38
N THR A 3663 -21.24 16.37 -70.29
CA THR A 3663 -20.67 16.21 -68.95
C THR A 3663 -20.96 14.86 -68.30
N ASN A 3664 -21.83 14.02 -68.85
CA ASN A 3664 -21.88 12.68 -68.28
C ASN A 3664 -20.66 11.86 -68.66
N MET A 3665 -19.97 12.19 -69.76
CA MET A 3665 -18.62 11.64 -69.95
C MET A 3665 -17.66 12.18 -68.90
N LEU A 3666 -17.78 13.44 -68.53
CA LEU A 3666 -17.00 13.94 -67.39
C LEU A 3666 -17.26 13.09 -66.16
N LEU A 3667 -18.53 12.84 -65.86
CA LEU A 3667 -18.90 11.93 -64.79
C LEU A 3667 -18.17 10.60 -64.92
N LEU A 3668 -18.36 9.90 -66.04
CA LEU A 3668 -17.93 8.51 -66.15
C LEU A 3668 -16.43 8.37 -66.41
N LYS A 3669 -15.70 9.46 -66.61
CA LYS A 3669 -14.24 9.34 -66.63
C LYS A 3669 -13.59 9.87 -65.36
N MET A 3670 -14.03 11.02 -64.85
CA MET A 3670 -13.51 11.49 -63.55
C MET A 3670 -13.78 10.47 -62.46
N ASN A 3671 -14.98 9.88 -62.43
CA ASN A 3671 -15.26 8.92 -61.38
C ASN A 3671 -14.33 7.71 -61.48
N LYS A 3672 -14.06 7.25 -62.70
CA LYS A 3672 -13.10 6.16 -62.87
C LYS A 3672 -11.72 6.57 -62.36
N ASP A 3673 -11.28 7.78 -62.71
CA ASP A 3673 -9.89 8.20 -62.56
C ASP A 3673 -9.70 9.14 -61.38
N SER A 3674 -10.58 9.04 -60.38
CA SER A 3674 -10.47 9.83 -59.16
C SER A 3674 -9.75 9.07 -58.05
N LYS A 3675 -8.78 8.23 -58.42
CA LYS A 3675 -7.97 7.47 -57.46
C LYS A 3675 -8.86 6.68 -56.51
N PRO A 3676 -9.43 5.55 -56.96
CA PRO A 3676 -10.35 4.77 -56.12
C PRO A 3676 -9.74 4.41 -54.77
N PRO A 3677 -8.42 4.15 -54.68
CA PRO A 3677 -7.78 4.27 -53.36
C PRO A 3677 -7.80 5.71 -52.91
N GLY A 3678 -8.49 5.99 -51.80
CA GLY A 3678 -8.90 7.35 -51.51
C GLY A 3678 -7.77 8.35 -51.34
N ASN A 3679 -7.04 8.32 -50.23
CA ASN A 3679 -6.05 9.34 -49.90
C ASN A 3679 -5.37 9.03 -48.58
N LEU A 3680 -4.37 9.84 -48.28
CA LEU A 3680 -3.80 10.00 -46.95
C LEU A 3680 -3.62 11.49 -46.73
N LYS A 3681 -3.13 11.87 -45.56
CA LYS A 3681 -3.23 13.27 -45.16
C LYS A 3681 -2.19 14.14 -45.88
N GLU A 3682 -0.99 13.62 -46.12
CA GLU A 3682 0.06 14.45 -46.71
C GLU A 3682 -0.27 14.85 -48.13
N CYS A 3683 -1.14 14.11 -48.80
CA CYS A 3683 -1.52 14.43 -50.17
C CYS A 3683 -2.71 15.35 -50.26
N SER A 3684 -3.74 15.14 -49.44
CA SER A 3684 -4.93 15.97 -49.60
C SER A 3684 -4.74 17.37 -49.00
N PRO A 3685 -4.56 17.56 -47.67
CA PRO A 3685 -4.29 18.91 -47.18
C PRO A 3685 -2.84 19.27 -46.92
N TRP A 3686 -2.70 20.41 -46.25
CA TRP A 3686 -1.56 20.78 -45.44
C TRP A 3686 -1.75 20.52 -43.96
N MET A 3687 -2.96 20.14 -43.51
CA MET A 3687 -3.16 19.79 -42.11
C MET A 3687 -2.15 18.76 -41.65
N SER A 3688 -1.45 18.13 -42.59
CA SER A 3688 -0.34 17.26 -42.24
C SER A 3688 0.77 18.01 -41.53
N ASP A 3689 1.11 19.21 -42.01
CA ASP A 3689 2.18 20.00 -41.44
C ASP A 3689 1.79 20.69 -40.14
N PHE A 3690 0.52 20.70 -39.79
CA PHE A 3690 0.04 21.44 -38.64
C PHE A 3690 0.69 20.91 -37.38
N LYS A 3691 1.59 21.68 -36.81
CA LYS A 3691 1.97 21.56 -35.42
C LYS A 3691 1.49 22.81 -34.72
N VAL A 3692 1.45 22.76 -33.39
CA VAL A 3692 1.02 23.91 -32.58
C VAL A 3692 1.83 25.17 -32.93
N GLU A 3693 1.48 25.85 -34.01
CA GLU A 3693 2.33 26.97 -34.41
C GLU A 3693 2.21 28.22 -33.54
N PHE A 3694 3.19 29.10 -33.67
CA PHE A 3694 3.23 30.35 -32.90
C PHE A 3694 2.45 31.49 -33.55
N LEU A 3695 2.80 32.72 -33.21
CA LEU A 3695 2.11 33.91 -33.73
C LEU A 3695 0.59 33.81 -33.57
N ARG A 3696 -0.09 33.23 -34.54
CA ARG A 3696 -1.53 33.09 -34.45
C ARG A 3696 -2.09 31.72 -34.91
N ASN A 3697 -1.41 30.62 -34.58
CA ASN A 3697 -1.98 29.33 -34.98
C ASN A 3697 -2.63 28.62 -33.80
N GLU A 3698 -3.59 29.33 -33.18
CA GLU A 3698 -4.33 28.84 -32.02
C GLU A 3698 -5.77 28.51 -32.42
N LEU A 3699 -6.27 27.36 -31.94
CA LEU A 3699 -7.45 26.74 -32.52
C LEU A 3699 -8.01 25.74 -31.51
N GLU A 3700 -9.33 25.66 -31.41
CA GLU A 3700 -10.00 24.70 -30.56
C GLU A 3700 -10.76 23.69 -31.39
N ILE A 3701 -10.90 22.49 -30.87
CA ILE A 3701 -11.75 21.53 -31.56
C ILE A 3701 -13.18 22.06 -31.53
N PRO A 3702 -13.85 22.18 -32.66
CA PRO A 3702 -15.12 22.90 -32.69
C PRO A 3702 -16.19 22.21 -31.86
N GLY A 3703 -17.29 22.92 -31.67
CA GLY A 3703 -18.44 22.37 -31.00
C GLY A 3703 -18.30 22.20 -29.53
N GLN A 3704 -17.43 22.96 -28.89
CA GLN A 3704 -17.19 22.77 -27.48
C GLN A 3704 -17.96 23.73 -26.60
N TYR A 3705 -18.46 24.83 -27.16
CA TYR A 3705 -19.24 25.80 -26.41
C TYR A 3705 -20.68 25.34 -26.48
N ASP A 3706 -21.16 24.70 -25.42
CA ASP A 3706 -22.57 24.43 -25.29
C ASP A 3706 -23.22 25.60 -24.58
N GLY A 3707 -24.38 26.02 -25.10
CA GLY A 3707 -25.02 27.18 -24.51
C GLY A 3707 -25.43 26.94 -23.08
N ARG A 3708 -25.43 25.69 -22.66
CA ARG A 3708 -26.01 25.32 -21.38
C ARG A 3708 -25.03 25.77 -20.30
N GLY A 3709 -25.27 25.32 -19.08
CA GLY A 3709 -24.27 25.42 -18.06
C GLY A 3709 -23.82 26.83 -17.71
N LYS A 3710 -22.84 26.87 -16.83
CA LYS A 3710 -22.20 28.02 -16.23
C LYS A 3710 -21.50 28.85 -17.31
N PRO A 3711 -20.78 29.93 -16.98
CA PRO A 3711 -19.95 30.56 -18.02
C PRO A 3711 -18.96 29.54 -18.56
N LEU A 3712 -18.34 29.88 -19.67
CA LEU A 3712 -17.71 28.89 -20.49
C LEU A 3712 -16.21 28.96 -20.26
N PRO A 3713 -15.63 28.10 -19.42
CA PRO A 3713 -14.20 28.22 -19.11
C PRO A 3713 -13.35 27.36 -20.05
N GLU A 3714 -12.39 27.99 -20.70
CA GLU A 3714 -11.67 27.36 -21.79
C GLU A 3714 -10.63 26.37 -21.34
N TYR A 3715 -11.05 25.33 -20.65
CA TYR A 3715 -10.38 24.05 -20.66
C TYR A 3715 -10.74 23.26 -21.90
N HIS A 3716 -11.38 23.92 -22.87
CA HIS A 3716 -11.78 23.28 -24.10
C HIS A 3716 -10.55 22.78 -24.84
N VAL A 3717 -10.66 21.56 -25.36
CA VAL A 3717 -9.53 20.93 -26.00
C VAL A 3717 -9.13 21.70 -27.23
N ARG A 3718 -7.85 21.63 -27.58
CA ARG A 3718 -7.28 22.44 -28.64
C ARG A 3718 -6.67 21.55 -29.70
N ILE A 3719 -6.76 21.97 -30.95
CA ILE A 3719 -6.28 21.14 -32.05
C ILE A 3719 -4.76 21.15 -32.04
N ALA A 3720 -4.17 20.04 -31.61
CA ALA A 3720 -2.72 19.90 -31.55
C ALA A 3720 -2.15 19.08 -32.68
N GLY A 3721 -2.94 18.78 -33.70
CA GLY A 3721 -2.44 18.00 -34.81
C GLY A 3721 -3.41 16.97 -35.29
N PHE A 3722 -3.16 16.42 -36.48
CA PHE A 3722 -4.08 15.53 -37.16
C PHE A 3722 -3.40 14.18 -37.39
N ASP A 3723 -4.13 13.10 -37.16
CA ASP A 3723 -3.62 11.78 -37.47
C ASP A 3723 -3.53 11.61 -38.97
N GLU A 3724 -2.41 11.06 -39.43
CA GLU A 3724 -2.07 11.00 -40.85
C GLU A 3724 -2.76 9.80 -41.53
N ARG A 3725 -4.09 9.81 -41.49
CA ARG A 3725 -4.83 8.65 -41.99
C ARG A 3725 -6.27 9.05 -42.22
N VAL A 3726 -6.70 9.05 -43.48
CA VAL A 3726 -8.02 9.51 -43.88
C VAL A 3726 -8.77 8.33 -44.46
N THR A 3727 -9.95 8.02 -43.90
CA THR A 3727 -10.71 6.85 -44.30
C THR A 3727 -11.99 7.34 -44.96
N VAL A 3728 -12.01 7.34 -46.29
CA VAL A 3728 -13.21 7.77 -47.00
C VAL A 3728 -14.34 6.81 -46.66
N MET A 3729 -15.51 7.37 -46.37
CA MET A 3729 -16.69 6.57 -46.08
C MET A 3729 -17.51 6.38 -47.36
N ALA A 3730 -17.77 5.13 -47.72
CA ALA A 3730 -18.52 4.81 -48.93
C ALA A 3730 -19.88 5.53 -48.96
N SER A 3731 -20.00 6.50 -49.85
CA SER A 3731 -21.24 7.26 -50.00
C SER A 3731 -21.27 7.98 -51.35
N LEU A 3732 -22.39 8.65 -51.63
CA LEU A 3732 -22.55 9.37 -52.88
C LEU A 3732 -21.76 10.68 -52.84
N ARG A 3733 -21.37 11.08 -51.64
CA ARG A 3733 -20.62 12.31 -51.44
C ARG A 3733 -19.17 12.06 -51.07
N ARG A 3734 -18.81 10.84 -50.70
CA ARG A 3734 -17.44 10.52 -50.29
C ARG A 3734 -16.99 11.42 -49.14
N PRO A 3735 -17.60 11.32 -47.97
CA PRO A 3735 -17.16 12.19 -46.88
C PRO A 3735 -16.08 11.61 -46.01
N LYS A 3736 -14.98 12.34 -45.82
CA LYS A 3736 -13.80 11.81 -45.18
C LYS A 3736 -13.99 11.68 -43.69
N ARG A 3737 -13.16 10.86 -43.07
CA ARG A 3737 -13.27 10.61 -41.65
C ARG A 3737 -11.90 10.76 -40.98
N ILE A 3738 -11.63 11.96 -40.49
CA ILE A 3738 -10.33 12.35 -39.95
C ILE A 3738 -10.26 12.10 -38.47
N ILE A 3739 -9.06 12.12 -37.93
CA ILE A 3739 -8.84 12.01 -36.50
C ILE A 3739 -8.03 13.20 -36.09
N ILE A 3740 -8.60 14.04 -35.28
CA ILE A 3740 -7.93 15.23 -34.78
C ILE A 3740 -7.32 14.87 -33.45
N ARG A 3741 -6.11 15.32 -33.23
CA ARG A 3741 -5.42 15.01 -31.99
C ARG A 3741 -5.44 16.29 -31.15
N GLY A 3742 -6.09 16.24 -30.05
CA GLY A 3742 -6.17 17.42 -29.23
C GLY A 3742 -5.14 17.42 -28.16
N HIS A 3743 -4.93 18.58 -27.56
CA HIS A 3743 -3.86 18.68 -26.60
C HIS A 3743 -4.10 17.87 -25.35
N ASP A 3744 -5.32 17.41 -25.11
CA ASP A 3744 -5.52 16.59 -23.93
C ASP A 3744 -5.11 15.16 -24.16
N GLU A 3745 -4.32 14.91 -25.21
CA GLU A 3745 -3.69 13.62 -25.44
C GLU A 3745 -4.71 12.54 -25.76
N ARG A 3746 -5.57 12.85 -26.74
CA ARG A 3746 -6.64 11.94 -27.13
C ARG A 3746 -6.91 12.13 -28.61
N GLU A 3747 -7.56 11.14 -29.21
CA GLU A 3747 -7.93 11.17 -30.61
C GLU A 3747 -9.41 11.49 -30.69
N HIS A 3748 -9.75 12.50 -31.47
CA HIS A 3748 -11.14 12.89 -31.62
C HIS A 3748 -11.55 12.71 -33.06
N PRO A 3749 -12.11 11.57 -33.44
CA PRO A 3749 -12.51 11.40 -34.82
C PRO A 3749 -13.73 12.21 -35.17
N PHE A 3750 -13.75 12.72 -36.40
CA PHE A 3750 -14.87 13.52 -36.88
C PHE A 3750 -15.12 13.24 -38.36
N LEU A 3751 -16.33 13.53 -38.82
CA LEU A 3751 -16.69 13.30 -40.22
C LEU A 3751 -16.88 14.62 -40.97
N VAL A 3752 -15.95 14.94 -41.84
CA VAL A 3752 -16.01 16.16 -42.62
C VAL A 3752 -17.05 16.06 -43.74
N LYS A 3753 -18.27 16.47 -43.43
CA LYS A 3753 -19.36 16.42 -44.40
C LYS A 3753 -18.92 17.54 -45.34
N GLY A 3754 -18.78 17.25 -46.63
CA GLY A 3754 -18.28 18.27 -47.52
C GLY A 3754 -19.27 19.33 -47.94
N GLY A 3755 -20.15 19.01 -48.86
CA GLY A 3755 -20.93 20.06 -49.48
C GLY A 3755 -22.34 20.13 -48.94
N GLU A 3756 -22.58 19.43 -47.84
CA GLU A 3756 -23.89 19.34 -47.23
C GLU A 3756 -24.00 20.34 -46.09
N ASP A 3757 -25.17 20.97 -45.96
CA ASP A 3757 -25.40 21.97 -44.92
C ASP A 3757 -25.84 21.31 -43.62
N LEU A 3758 -25.04 21.50 -42.57
CA LEU A 3758 -25.26 20.80 -41.32
C LEU A 3758 -26.07 21.60 -40.33
N ARG A 3759 -26.74 22.65 -40.78
CA ARG A 3759 -27.48 23.46 -39.84
C ARG A 3759 -28.75 22.75 -39.37
N GLN A 3760 -29.40 22.01 -40.25
CA GLN A 3760 -30.58 21.26 -39.83
C GLN A 3760 -30.22 20.20 -38.82
N ASP A 3761 -29.14 19.46 -39.06
CA ASP A 3761 -28.70 18.49 -38.08
C ASP A 3761 -28.30 19.15 -36.79
N GLN A 3762 -27.72 20.34 -36.87
CA GLN A 3762 -27.34 21.02 -35.65
C GLN A 3762 -28.57 21.39 -34.82
N ARG A 3763 -29.62 21.87 -35.47
CA ARG A 3763 -30.82 22.23 -34.73
C ARG A 3763 -31.57 21.01 -34.25
N VAL A 3764 -31.56 19.91 -35.00
CA VAL A 3764 -32.17 18.69 -34.50
C VAL A 3764 -31.42 18.18 -33.28
N GLU A 3765 -30.10 18.26 -33.28
CA GLU A 3765 -29.39 17.86 -32.09
C GLU A 3765 -29.62 18.84 -30.95
N GLN A 3766 -29.92 20.10 -31.27
CA GLN A 3766 -30.38 21.03 -30.24
C GLN A 3766 -31.68 20.59 -29.62
N LEU A 3767 -32.62 20.18 -30.46
CA LEU A 3767 -33.91 19.72 -29.97
C LEU A 3767 -33.74 18.50 -29.11
N PHE A 3768 -32.84 17.59 -29.50
CA PHE A 3768 -32.59 16.41 -28.69
C PHE A 3768 -31.96 16.78 -27.37
N GLN A 3769 -31.18 17.85 -27.32
CA GLN A 3769 -30.67 18.30 -26.04
C GLN A 3769 -31.77 18.90 -25.17
N VAL A 3770 -32.68 19.67 -25.76
CA VAL A 3770 -33.83 20.19 -25.03
C VAL A 3770 -34.66 19.03 -24.47
N MET A 3771 -34.94 18.03 -25.31
CA MET A 3771 -35.66 16.84 -24.89
C MET A 3771 -34.94 16.10 -23.80
N ASN A 3772 -33.62 16.05 -23.85
CA ASN A 3772 -32.91 15.42 -22.76
C ASN A 3772 -33.12 16.18 -21.48
N GLY A 3773 -33.20 17.50 -21.55
CA GLY A 3773 -33.51 18.26 -20.34
C GLY A 3773 -34.90 17.95 -19.81
N ILE A 3774 -35.88 17.88 -20.70
CA ILE A 3774 -37.24 17.53 -20.33
C ILE A 3774 -37.29 16.16 -19.69
N LEU A 3775 -36.61 15.18 -20.30
CA LEU A 3775 -36.58 13.84 -19.75
C LEU A 3775 -35.90 13.81 -18.41
N ALA A 3776 -34.80 14.53 -18.26
CA ALA A 3776 -34.12 14.53 -16.99
C ALA A 3776 -34.96 15.18 -15.91
N GLN A 3777 -35.88 16.06 -16.27
CA GLN A 3777 -36.74 16.63 -15.26
C GLN A 3777 -37.84 15.67 -14.82
N ASP A 3778 -38.42 14.89 -15.72
CA ASP A 3778 -39.53 14.02 -15.39
C ASP A 3778 -39.05 12.89 -14.51
N SER A 3779 -39.78 12.63 -13.43
CA SER A 3779 -39.32 11.61 -12.50
C SER A 3779 -39.35 10.23 -13.10
N ALA A 3780 -40.40 9.90 -13.86
CA ALA A 3780 -40.52 8.55 -14.39
C ALA A 3780 -39.45 8.25 -15.40
N CYS A 3781 -39.15 9.19 -16.30
CA CYS A 3781 -38.07 8.99 -17.24
C CYS A 3781 -36.71 9.15 -16.59
N SER A 3782 -36.59 10.01 -15.59
CA SER A 3782 -35.33 10.16 -14.88
C SER A 3782 -34.96 8.91 -14.11
N GLN A 3783 -35.94 8.13 -13.69
CA GLN A 3783 -35.66 6.88 -13.01
C GLN A 3783 -35.34 5.74 -13.95
N ARG A 3784 -35.78 5.78 -15.20
CA ARG A 3784 -35.36 4.82 -16.20
C ARG A 3784 -34.08 5.22 -16.88
N ALA A 3785 -33.45 6.30 -16.43
CA ALA A 3785 -32.25 6.86 -17.04
C ALA A 3785 -32.45 7.10 -18.53
N LEU A 3786 -33.61 7.62 -18.90
CA LEU A 3786 -33.97 7.80 -20.29
C LEU A 3786 -33.30 9.06 -20.82
N GLN A 3787 -32.40 8.91 -21.77
CA GLN A 3787 -31.63 10.03 -22.30
C GLN A 3787 -31.20 9.68 -23.69
N LEU A 3788 -31.56 10.50 -24.65
CA LEU A 3788 -31.11 10.33 -26.02
C LEU A 3788 -29.60 10.40 -26.11
N ARG A 3789 -29.03 9.68 -27.06
CA ARG A 3789 -27.59 9.77 -27.31
C ARG A 3789 -27.39 10.75 -28.45
N THR A 3790 -26.76 11.87 -28.16
CA THR A 3790 -26.52 12.93 -29.11
C THR A 3790 -25.05 12.99 -29.45
N TYR A 3791 -24.75 13.64 -30.55
CA TYR A 3791 -23.39 13.87 -31.00
C TYR A 3791 -23.31 15.31 -31.49
N SER A 3792 -22.10 15.76 -31.74
CA SER A 3792 -21.85 17.17 -32.03
C SER A 3792 -21.80 17.41 -33.53
N VAL A 3793 -22.75 18.15 -34.05
CA VAL A 3793 -22.71 18.63 -35.41
C VAL A 3793 -22.32 20.09 -35.36
N VAL A 3794 -21.32 20.47 -36.13
CA VAL A 3794 -20.82 21.84 -36.18
C VAL A 3794 -20.76 22.31 -37.62
N PRO A 3795 -21.72 23.07 -38.11
CA PRO A 3795 -21.55 23.67 -39.43
C PRO A 3795 -20.51 24.77 -39.37
N MET A 3796 -19.75 24.90 -40.44
CA MET A 3796 -18.73 25.92 -40.54
C MET A 3796 -18.92 26.79 -41.76
N THR A 3797 -19.98 26.57 -42.52
CA THR A 3797 -20.21 27.21 -43.80
C THR A 3797 -21.52 26.63 -44.33
N SER A 3798 -22.06 27.25 -45.37
CA SER A 3798 -23.21 26.69 -46.04
C SER A 3798 -22.88 25.38 -46.74
N ARG A 3799 -21.60 25.06 -46.89
CA ARG A 3799 -21.19 23.82 -47.52
C ARG A 3799 -19.96 23.27 -46.86
N LEU A 3800 -19.98 23.14 -45.55
CA LEU A 3800 -18.91 22.45 -44.86
C LEU A 3800 -19.41 22.16 -43.46
N GLY A 3801 -18.59 21.49 -42.69
CA GLY A 3801 -18.99 21.22 -41.33
C GLY A 3801 -18.45 19.89 -40.89
N LEU A 3802 -18.26 19.76 -39.57
CA LEU A 3802 -17.75 18.53 -38.99
C LEU A 3802 -18.60 18.06 -37.81
N ILE A 3803 -19.01 16.79 -37.84
CA ILE A 3803 -19.81 16.21 -36.77
C ILE A 3803 -19.04 15.06 -36.11
N GLU A 3804 -19.05 15.04 -34.78
CA GLU A 3804 -18.34 14.03 -34.01
C GLU A 3804 -18.78 12.57 -34.22
N TRP A 3805 -17.79 11.72 -34.46
CA TRP A 3805 -17.98 10.29 -34.64
C TRP A 3805 -17.74 9.61 -33.31
N LEU A 3806 -18.74 8.88 -32.84
CA LEU A 3806 -18.73 8.29 -31.52
C LEU A 3806 -18.04 6.93 -31.55
N GLU A 3807 -17.42 6.60 -30.45
CA GLU A 3807 -16.52 5.47 -30.37
C GLU A 3807 -17.24 4.16 -30.08
N ASN A 3808 -16.83 3.12 -30.78
CA ASN A 3808 -17.30 1.75 -30.58
C ASN A 3808 -18.76 1.61 -30.94
N THR A 3809 -19.12 2.05 -32.12
CA THR A 3809 -20.47 1.93 -32.64
C THR A 3809 -20.41 1.38 -34.04
N VAL A 3810 -21.34 0.48 -34.36
CA VAL A 3810 -21.45 -0.11 -35.67
C VAL A 3810 -22.89 -0.03 -36.11
N THR A 3811 -23.14 0.28 -37.38
CA THR A 3811 -24.52 0.49 -37.77
C THR A 3811 -25.32 -0.78 -37.56
N LEU A 3812 -26.63 -0.62 -37.49
CA LEU A 3812 -27.47 -1.78 -37.22
C LEU A 3812 -27.45 -2.74 -38.39
N LYS A 3813 -27.51 -2.23 -39.60
CA LYS A 3813 -27.47 -3.10 -40.76
C LYS A 3813 -26.28 -4.02 -40.71
N ASP A 3814 -25.13 -3.50 -40.35
CA ASP A 3814 -23.93 -4.33 -40.35
C ASP A 3814 -23.91 -5.28 -39.18
N LEU A 3815 -24.44 -4.88 -38.04
CA LEU A 3815 -24.52 -5.82 -36.91
C LEU A 3815 -25.40 -7.01 -37.26
N LEU A 3816 -26.53 -6.79 -37.93
CA LEU A 3816 -27.38 -7.90 -38.35
C LEU A 3816 -26.73 -8.72 -39.44
N LEU A 3817 -26.10 -8.07 -40.40
CA LEU A 3817 -25.46 -8.80 -41.50
C LEU A 3817 -24.23 -9.56 -41.05
N ASN A 3818 -23.71 -9.28 -39.88
CA ASN A 3818 -22.48 -9.98 -39.50
C ASN A 3818 -22.72 -11.18 -38.60
N THR A 3819 -23.95 -11.41 -38.15
CA THR A 3819 -24.28 -12.65 -37.47
C THR A 3819 -24.83 -13.72 -38.39
N MET A 3820 -25.23 -13.35 -39.59
CA MET A 3820 -25.60 -14.34 -40.58
C MET A 3820 -24.40 -15.24 -40.88
N SER A 3821 -24.69 -16.49 -41.23
CA SER A 3821 -23.65 -17.35 -41.75
C SER A 3821 -23.29 -16.92 -43.17
N GLN A 3822 -22.28 -17.55 -43.76
CA GLN A 3822 -21.94 -17.23 -45.15
C GLN A 3822 -23.08 -17.60 -46.09
N GLU A 3823 -23.57 -18.82 -46.00
CA GLU A 3823 -24.67 -19.21 -46.89
C GLU A 3823 -25.93 -18.43 -46.58
N GLU A 3824 -26.21 -18.18 -45.29
CA GLU A 3824 -27.36 -17.37 -44.92
C GLU A 3824 -27.28 -15.99 -45.53
N LYS A 3825 -26.13 -15.34 -45.37
CA LYS A 3825 -25.92 -14.01 -45.90
C LYS A 3825 -25.95 -14.00 -47.43
N ALA A 3826 -25.38 -15.03 -48.05
CA ALA A 3826 -25.38 -15.11 -49.50
C ALA A 3826 -26.79 -15.24 -50.03
N ALA A 3827 -27.60 -16.08 -49.40
CA ALA A 3827 -29.00 -16.19 -49.78
C ALA A 3827 -29.71 -14.86 -49.60
N TYR A 3828 -29.45 -14.17 -48.50
CA TYR A 3828 -30.14 -12.89 -48.29
C TYR A 3828 -29.73 -11.87 -49.33
N LEU A 3829 -28.45 -11.85 -49.71
CA LEU A 3829 -27.97 -10.83 -50.63
C LEU A 3829 -28.40 -11.11 -52.06
N SER A 3830 -28.02 -12.28 -52.59
CA SER A 3830 -28.28 -12.63 -53.98
C SER A 3830 -29.05 -13.95 -54.03
N ASP A 3831 -30.36 -13.85 -54.14
CA ASP A 3831 -31.24 -15.00 -54.31
C ASP A 3831 -32.61 -14.48 -54.73
N PRO A 3832 -33.17 -14.97 -55.84
CA PRO A 3832 -34.51 -14.50 -56.23
C PRO A 3832 -35.57 -14.79 -55.20
N ARG A 3833 -35.31 -15.71 -54.27
CA ARG A 3833 -36.20 -15.93 -53.14
C ARG A 3833 -36.04 -14.88 -52.06
N ALA A 3834 -34.87 -14.25 -51.94
CA ALA A 3834 -34.59 -13.34 -50.85
C ALA A 3834 -35.46 -12.08 -50.96
N PRO A 3835 -35.79 -11.46 -49.83
CA PRO A 3835 -36.70 -10.30 -49.84
C PRO A 3835 -36.21 -9.15 -50.70
N PRO A 3836 -34.95 -8.75 -50.63
CA PRO A 3836 -34.54 -7.55 -51.39
C PRO A 3836 -34.86 -7.61 -52.87
N CYS A 3837 -34.83 -8.80 -53.47
CA CYS A 3837 -35.18 -8.96 -54.87
C CYS A 3837 -36.63 -9.38 -55.08
N GLU A 3838 -37.16 -10.21 -54.17
CA GLU A 3838 -38.53 -10.67 -54.29
C GLU A 3838 -39.53 -9.53 -54.12
N TYR A 3839 -39.20 -8.51 -53.34
CA TYR A 3839 -40.08 -7.35 -53.22
C TYR A 3839 -40.18 -6.63 -54.54
N LYS A 3840 -39.05 -6.44 -55.22
CA LYS A 3840 -39.10 -5.82 -56.54
C LYS A 3840 -39.84 -6.70 -57.52
N ASP A 3841 -39.66 -8.02 -57.42
CA ASP A 3841 -40.42 -8.92 -58.29
C ASP A 3841 -41.91 -8.77 -58.06
N TRP A 3842 -42.33 -8.69 -56.79
CA TRP A 3842 -43.76 -8.59 -56.47
C TRP A 3842 -44.33 -7.26 -56.94
N LEU A 3843 -43.61 -6.17 -56.69
CA LEU A 3843 -44.05 -4.87 -57.16
C LEU A 3843 -44.16 -4.86 -58.68
N THR A 3844 -43.19 -5.49 -59.35
CA THR A 3844 -43.22 -5.60 -60.80
C THR A 3844 -44.43 -6.38 -61.26
N LYS A 3845 -44.71 -7.49 -60.58
CA LYS A 3845 -45.77 -8.39 -61.00
C LYS A 3845 -47.13 -7.73 -60.87
N MET A 3846 -47.42 -7.13 -59.72
CA MET A 3846 -48.75 -6.58 -59.54
C MET A 3846 -48.78 -5.07 -59.72
N SER A 3847 -47.86 -4.55 -60.52
CA SER A 3847 -47.98 -3.22 -61.10
C SER A 3847 -46.95 -3.13 -62.21
N GLY A 3848 -47.41 -2.81 -63.42
CA GLY A 3848 -46.53 -2.78 -64.56
C GLY A 3848 -45.49 -1.68 -64.44
N LYS A 3849 -44.64 -1.62 -65.46
CA LYS A 3849 -43.54 -0.65 -65.56
C LYS A 3849 -42.83 -0.49 -64.21
N HIS A 3850 -42.16 -1.57 -63.80
CA HIS A 3850 -41.45 -1.58 -62.52
C HIS A 3850 -40.45 -0.44 -62.43
N ASP A 3851 -40.69 0.46 -61.50
CA ASP A 3851 -39.93 1.70 -61.38
C ASP A 3851 -40.30 2.28 -60.02
N VAL A 3852 -39.87 3.51 -59.75
CA VAL A 3852 -40.35 4.22 -58.57
C VAL A 3852 -41.85 4.45 -58.65
N GLY A 3853 -42.39 4.51 -59.85
CA GLY A 3853 -43.81 4.66 -60.03
C GLY A 3853 -44.61 3.40 -59.83
N ALA A 3854 -43.94 2.28 -59.55
CA ALA A 3854 -44.67 1.07 -59.22
C ALA A 3854 -45.48 1.24 -57.94
N TYR A 3855 -44.93 1.92 -56.95
CA TYR A 3855 -45.62 2.09 -55.68
C TYR A 3855 -46.94 2.81 -55.85
N MET A 3856 -46.94 3.85 -56.68
CA MET A 3856 -48.15 4.65 -56.87
C MET A 3856 -49.28 3.82 -57.44
N LEU A 3857 -48.96 2.97 -58.43
CA LEU A 3857 -49.97 2.08 -58.98
C LEU A 3857 -50.35 0.96 -58.04
N MET A 3858 -49.40 0.46 -57.25
CA MET A 3858 -49.73 -0.66 -56.37
C MET A 3858 -50.55 -0.25 -55.16
N TYR A 3859 -50.44 1.00 -54.72
CA TYR A 3859 -51.28 1.46 -53.62
C TYR A 3859 -52.74 1.33 -53.96
N LYS A 3860 -53.10 1.56 -55.23
CA LYS A 3860 -54.49 1.46 -55.66
C LYS A 3860 -54.83 0.09 -56.22
N GLY A 3861 -53.89 -0.59 -56.86
CA GLY A 3861 -54.20 -1.90 -57.40
C GLY A 3861 -54.26 -2.95 -56.32
N ALA A 3862 -53.30 -2.92 -55.41
CA ALA A 3862 -53.22 -3.94 -54.39
C ALA A 3862 -54.38 -3.79 -53.41
N ASN A 3863 -54.63 -4.86 -52.67
CA ASN A 3863 -55.69 -4.87 -51.70
C ASN A 3863 -55.08 -5.24 -50.35
N ARG A 3864 -55.86 -5.02 -49.29
CA ARG A 3864 -55.35 -5.26 -47.94
C ARG A 3864 -54.88 -6.70 -47.75
N THR A 3865 -55.44 -7.64 -48.50
CA THR A 3865 -55.17 -9.05 -48.21
C THR A 3865 -53.87 -9.53 -48.82
N GLU A 3866 -53.67 -9.27 -50.11
CA GLU A 3866 -52.50 -9.83 -50.78
C GLU A 3866 -51.23 -9.18 -50.26
N THR A 3867 -51.27 -7.90 -49.93
CA THR A 3867 -50.10 -7.23 -49.37
C THR A 3867 -49.74 -7.81 -48.01
N VAL A 3868 -50.72 -8.00 -47.13
CA VAL A 3868 -50.43 -8.52 -45.81
C VAL A 3868 -49.86 -9.92 -45.90
N THR A 3869 -50.48 -10.79 -46.70
CA THR A 3869 -50.04 -12.18 -46.72
C THR A 3869 -48.72 -12.32 -47.46
N SER A 3870 -48.51 -11.53 -48.51
CA SER A 3870 -47.21 -11.52 -49.15
C SER A 3870 -46.12 -11.07 -48.20
N PHE A 3871 -46.41 -10.05 -47.39
CA PHE A 3871 -45.42 -9.55 -46.45
C PHE A 3871 -45.08 -10.59 -45.39
N ARG A 3872 -46.10 -11.21 -44.80
CA ARG A 3872 -45.84 -12.26 -43.84
C ARG A 3872 -45.05 -13.39 -44.47
N LYS A 3873 -45.30 -13.67 -45.75
CA LYS A 3873 -44.54 -14.70 -46.45
C LYS A 3873 -43.07 -14.31 -46.55
N ARG A 3874 -42.78 -13.11 -47.04
CA ARG A 3874 -41.39 -12.79 -47.31
C ARG A 3874 -40.60 -12.51 -46.04
N GLU A 3875 -41.26 -12.16 -44.94
CA GLU A 3875 -40.55 -12.01 -43.69
C GLU A 3875 -39.97 -13.34 -43.21
N SER A 3876 -40.61 -14.46 -43.55
CA SER A 3876 -40.12 -15.74 -43.09
C SER A 3876 -38.77 -16.09 -43.68
N LYS A 3877 -38.39 -15.45 -44.78
CA LYS A 3877 -37.11 -15.73 -45.40
C LYS A 3877 -35.96 -15.30 -44.50
N VAL A 3878 -36.03 -14.10 -43.95
CA VAL A 3878 -34.96 -13.59 -43.09
C VAL A 3878 -35.06 -14.25 -41.72
N PRO A 3879 -33.94 -14.57 -41.08
CA PRO A 3879 -34.01 -15.34 -39.83
C PRO A 3879 -34.81 -14.64 -38.74
N ALA A 3880 -35.43 -15.45 -37.89
CA ALA A 3880 -36.30 -14.89 -36.87
C ALA A 3880 -35.52 -14.02 -35.90
N ASP A 3881 -34.31 -14.43 -35.56
CA ASP A 3881 -33.53 -13.73 -34.54
C ASP A 3881 -32.13 -13.52 -35.07
N LEU A 3882 -31.95 -12.51 -35.89
CA LEU A 3882 -30.59 -12.07 -36.14
C LEU A 3882 -30.09 -11.30 -34.94
N LEU A 3883 -30.95 -10.48 -34.37
CA LEU A 3883 -30.54 -9.54 -33.36
C LEU A 3883 -30.32 -10.23 -32.03
N LYS A 3884 -31.13 -11.23 -31.72
CA LYS A 3884 -30.89 -12.02 -30.51
C LYS A 3884 -29.57 -12.76 -30.57
N ARG A 3885 -29.26 -13.33 -31.73
CA ARG A 3885 -27.99 -13.98 -31.90
C ARG A 3885 -26.84 -13.00 -31.81
N ALA A 3886 -27.01 -11.78 -32.31
CA ALA A 3886 -25.95 -10.79 -32.15
C ALA A 3886 -25.69 -10.47 -30.70
N PHE A 3887 -26.73 -10.19 -29.93
CA PHE A 3887 -26.52 -9.89 -28.52
C PHE A 3887 -26.08 -11.09 -27.72
N VAL A 3888 -26.25 -12.31 -28.22
CA VAL A 3888 -25.75 -13.45 -27.48
C VAL A 3888 -24.36 -13.88 -27.93
N ARG A 3889 -23.96 -13.53 -29.16
CA ARG A 3889 -22.57 -13.75 -29.53
C ARG A 3889 -21.67 -12.73 -28.88
N MET A 3890 -22.08 -11.48 -28.82
CA MET A 3890 -21.20 -10.47 -28.25
C MET A 3890 -21.38 -10.32 -26.76
N SER A 3891 -21.81 -11.38 -26.09
CA SER A 3891 -22.03 -11.37 -24.65
C SER A 3891 -21.53 -12.68 -24.09
N THR A 3892 -20.67 -12.61 -23.10
CA THR A 3892 -20.08 -13.82 -22.54
C THR A 3892 -21.00 -14.52 -21.56
N SER A 3893 -21.94 -13.82 -20.97
CA SER A 3893 -22.75 -14.36 -19.89
C SER A 3893 -24.22 -14.02 -20.07
N PRO A 3894 -25.11 -14.72 -19.37
CA PRO A 3894 -26.52 -14.35 -19.42
C PRO A 3894 -26.81 -12.98 -18.85
N GLU A 3895 -26.06 -12.52 -17.86
CA GLU A 3895 -26.25 -11.16 -17.36
C GLU A 3895 -25.88 -10.13 -18.40
N ALA A 3896 -24.79 -10.35 -19.12
CA ALA A 3896 -24.41 -9.43 -20.17
C ALA A 3896 -25.42 -9.44 -21.30
N PHE A 3897 -25.92 -10.62 -21.65
CA PHE A 3897 -26.90 -10.75 -22.72
C PHE A 3897 -28.20 -10.06 -22.31
N LEU A 3898 -28.48 -10.08 -21.01
CA LEU A 3898 -29.68 -9.45 -20.47
C LEU A 3898 -29.52 -7.93 -20.45
N ALA A 3899 -28.39 -7.47 -19.92
CA ALA A 3899 -28.10 -6.05 -19.83
C ALA A 3899 -28.16 -5.42 -21.22
N LEU A 3900 -27.47 -6.04 -22.16
CA LEU A 3900 -27.43 -5.55 -23.53
C LEU A 3900 -28.83 -5.41 -24.09
N ARG A 3901 -29.67 -6.40 -23.85
CA ARG A 3901 -30.98 -6.39 -24.46
C ARG A 3901 -31.91 -5.37 -23.83
N SER A 3902 -31.84 -5.22 -22.51
CA SER A 3902 -32.66 -4.20 -21.89
C SER A 3902 -32.26 -2.83 -22.39
N HIS A 3903 -30.96 -2.57 -22.52
CA HIS A 3903 -30.52 -1.27 -22.99
C HIS A 3903 -30.89 -1.02 -24.43
N PHE A 3904 -30.69 -1.99 -25.29
CA PHE A 3904 -31.09 -1.82 -26.68
C PHE A 3904 -32.56 -1.50 -26.79
N ALA A 3905 -33.42 -2.28 -26.14
CA ALA A 3905 -34.84 -2.05 -26.33
C ALA A 3905 -35.31 -0.75 -25.70
N SER A 3906 -34.81 -0.43 -24.51
CA SER A 3906 -35.17 0.82 -23.88
C SER A 3906 -34.77 2.02 -24.74
N SER A 3907 -33.53 2.05 -25.18
CA SER A 3907 -33.09 3.17 -25.98
C SER A 3907 -33.82 3.24 -27.31
N HIS A 3908 -34.15 2.10 -27.89
CA HIS A 3908 -34.89 2.18 -29.13
C HIS A 3908 -36.29 2.72 -28.92
N ALA A 3909 -36.96 2.33 -27.86
CA ALA A 3909 -38.29 2.88 -27.61
C ALA A 3909 -38.22 4.38 -27.47
N LEU A 3910 -37.23 4.86 -26.73
CA LEU A 3910 -37.12 6.31 -26.53
C LEU A 3910 -36.84 7.04 -27.84
N ILE A 3911 -35.97 6.50 -28.69
CA ILE A 3911 -35.71 7.30 -29.88
C ILE A 3911 -36.90 7.20 -30.82
N CYS A 3912 -37.66 6.12 -30.77
CA CYS A 3912 -38.87 6.03 -31.58
C CYS A 3912 -39.86 7.12 -31.19
N ILE A 3913 -40.17 7.22 -29.90
CA ILE A 3913 -41.13 8.24 -29.49
C ILE A 3913 -40.60 9.66 -29.66
N SER A 3914 -39.28 9.88 -29.66
CA SER A 3914 -38.75 11.24 -29.85
C SER A 3914 -38.72 11.63 -31.31
N HIS A 3915 -38.26 10.72 -32.16
CA HIS A 3915 -38.32 10.94 -33.59
C HIS A 3915 -39.75 11.12 -34.08
N TRP A 3916 -40.73 10.50 -33.44
CA TRP A 3916 -42.10 10.73 -33.90
C TRP A 3916 -42.55 12.14 -33.61
N ILE A 3917 -42.27 12.64 -32.42
CA ILE A 3917 -42.70 13.99 -32.07
C ILE A 3917 -42.03 15.00 -32.97
N LEU A 3918 -40.74 14.84 -33.24
CA LEU A 3918 -40.12 15.76 -34.18
C LEU A 3918 -40.52 15.48 -35.61
N GLY A 3919 -41.12 14.34 -35.90
CA GLY A 3919 -41.48 14.04 -37.26
C GLY A 3919 -40.33 13.57 -38.10
N ILE A 3920 -39.44 12.76 -37.57
CA ILE A 3920 -38.25 12.34 -38.29
C ILE A 3920 -38.52 11.02 -39.00
N GLY A 3921 -38.31 10.99 -40.30
CA GLY A 3921 -38.84 9.94 -41.14
C GLY A 3921 -37.96 8.88 -41.76
N ASP A 3922 -36.79 9.22 -42.27
CA ASP A 3922 -36.03 8.30 -43.12
C ASP A 3922 -35.19 7.36 -42.29
N ARG A 3923 -35.84 6.54 -41.49
CA ARG A 3923 -35.12 5.66 -40.57
C ARG A 3923 -34.96 4.28 -41.20
N HIS A 3924 -34.02 4.15 -42.15
CA HIS A 3924 -33.71 2.83 -42.65
C HIS A 3924 -32.76 2.16 -41.68
N LEU A 3925 -32.21 1.00 -42.06
CA LEU A 3925 -31.47 0.22 -41.10
C LEU A 3925 -30.10 0.79 -40.83
N ASN A 3926 -29.65 1.72 -41.63
CA ASN A 3926 -28.28 2.14 -41.57
C ASN A 3926 -28.20 3.55 -41.03
N ASN A 3927 -29.30 4.04 -40.45
CA ASN A 3927 -29.43 5.29 -39.71
C ASN A 3927 -29.49 5.08 -38.24
N PHE A 3928 -29.30 3.87 -37.78
CA PHE A 3928 -29.21 3.53 -36.38
C PHE A 3928 -27.81 3.01 -36.14
N MET A 3929 -27.17 3.48 -35.10
CA MET A 3929 -25.90 2.93 -34.74
C MET A 3929 -25.94 2.41 -33.34
N VAL A 3930 -25.38 1.24 -33.14
CA VAL A 3930 -25.47 0.52 -31.89
C VAL A 3930 -24.13 0.65 -31.19
N ALA A 3931 -24.17 1.03 -29.94
CA ALA A 3931 -22.95 1.03 -29.16
C ALA A 3931 -22.64 -0.40 -28.76
N MET A 3932 -21.58 -0.97 -29.32
CA MET A 3932 -21.15 -2.30 -28.91
C MET A 3932 -20.83 -2.35 -27.44
N GLU A 3933 -20.45 -1.24 -26.87
CA GLU A 3933 -20.03 -1.21 -25.49
C GLU A 3933 -21.18 -1.42 -24.51
N THR A 3934 -22.37 -0.89 -24.80
CA THR A 3934 -23.50 -1.02 -23.90
C THR A 3934 -24.78 -1.54 -24.53
N GLY A 3935 -24.84 -1.66 -25.84
CA GLY A 3935 -26.04 -2.06 -26.50
C GLY A 3935 -26.91 -0.93 -26.97
N GLY A 3936 -26.74 0.27 -26.44
CA GLY A 3936 -27.66 1.34 -26.72
C GLY A 3936 -27.66 1.74 -28.18
N VAL A 3937 -28.69 2.47 -28.56
CA VAL A 3937 -28.90 2.85 -29.95
C VAL A 3937 -28.72 4.35 -30.10
N ILE A 3938 -28.26 4.77 -31.26
CA ILE A 3938 -28.04 6.16 -31.61
C ILE A 3938 -28.68 6.38 -32.97
N GLY A 3939 -29.49 7.41 -33.11
CA GLY A 3939 -30.05 7.78 -34.39
C GLY A 3939 -29.20 8.87 -35.01
N ILE A 3940 -29.03 8.81 -36.32
CA ILE A 3940 -28.07 9.63 -37.04
C ILE A 3940 -28.71 10.14 -38.33
N ASP A 3941 -28.04 11.07 -38.98
CA ASP A 3941 -28.31 11.47 -40.36
C ASP A 3941 -29.73 12.04 -40.54
N PHE A 3942 -29.93 13.25 -40.01
CA PHE A 3942 -31.24 13.91 -40.06
C PHE A 3942 -31.37 14.83 -41.26
N GLY A 3943 -31.77 14.25 -42.38
CA GLY A 3943 -32.13 15.05 -43.54
C GLY A 3943 -33.61 15.34 -43.61
N HIS A 3944 -34.43 14.41 -43.14
CA HIS A 3944 -35.88 14.55 -43.15
C HIS A 3944 -36.38 14.86 -41.75
N ALA A 3945 -37.06 16.00 -41.60
CA ALA A 3945 -37.63 16.37 -40.32
C ALA A 3945 -38.99 17.02 -40.56
N PHE A 3946 -39.90 16.78 -39.61
CA PHE A 3946 -41.27 17.31 -39.64
C PHE A 3946 -42.08 16.74 -40.78
N GLY A 3947 -41.98 15.44 -40.99
CA GLY A 3947 -42.75 14.80 -42.03
C GLY A 3947 -42.31 15.20 -43.43
N SER A 3948 -41.01 15.43 -43.63
CA SER A 3948 -40.51 15.54 -44.99
C SER A 3948 -40.84 14.29 -45.78
N ALA A 3949 -40.60 13.13 -45.19
CA ALA A 3949 -40.84 11.88 -45.90
C ALA A 3949 -42.32 11.66 -46.17
N THR A 3950 -43.18 12.08 -45.26
CA THR A 3950 -44.61 11.85 -45.44
C THR A 3950 -45.24 12.90 -46.33
N GLN A 3951 -44.55 14.01 -46.60
CA GLN A 3951 -45.15 15.07 -47.38
C GLN A 3951 -44.49 15.26 -48.74
N PHE A 3952 -43.19 15.49 -48.78
CA PHE A 3952 -42.50 15.80 -50.03
C PHE A 3952 -41.75 14.59 -50.57
N LEU A 3953 -42.43 13.46 -50.65
CA LEU A 3953 -41.74 12.32 -51.21
C LEU A 3953 -42.71 11.52 -52.05
N PRO A 3954 -42.29 11.06 -53.21
CA PRO A 3954 -42.93 9.88 -53.79
C PRO A 3954 -42.69 8.72 -52.85
N VAL A 3955 -43.65 7.80 -52.81
CA VAL A 3955 -43.56 6.66 -51.91
C VAL A 3955 -43.51 7.18 -50.48
N PRO A 3956 -44.62 7.66 -49.92
CA PRO A 3956 -44.57 8.28 -48.60
C PRO A 3956 -44.15 7.28 -47.54
N GLU A 3957 -43.89 7.78 -46.35
CA GLU A 3957 -43.57 6.90 -45.23
C GLU A 3957 -44.64 7.07 -44.17
N LEU A 3958 -45.49 6.07 -44.05
CA LEU A 3958 -46.67 6.07 -43.21
C LEU A 3958 -46.42 5.44 -41.86
N MET A 3959 -45.30 4.93 -41.63
CA MET A 3959 -44.99 4.40 -40.32
C MET A 3959 -44.50 5.54 -39.44
N PRO A 3960 -44.71 5.49 -38.15
CA PRO A 3960 -44.23 6.59 -37.31
C PRO A 3960 -42.80 6.35 -36.86
N PHE A 3961 -42.37 5.10 -36.79
CA PHE A 3961 -41.00 4.79 -36.43
C PHE A 3961 -40.66 3.38 -36.88
N ARG A 3962 -39.53 2.86 -36.39
CA ARG A 3962 -39.09 1.53 -36.74
C ARG A 3962 -39.62 0.46 -35.79
N LEU A 3963 -40.23 -0.57 -36.35
CA LEU A 3963 -40.78 -1.66 -35.57
C LEU A 3963 -40.74 -2.95 -36.40
N THR A 3964 -39.54 -3.28 -36.89
CA THR A 3964 -39.35 -4.46 -37.71
C THR A 3964 -39.43 -5.77 -36.92
N ARG A 3965 -39.57 -6.87 -37.65
CA ARG A 3965 -39.67 -8.19 -37.07
C ARG A 3965 -38.47 -8.52 -36.20
N GLN A 3966 -37.31 -7.94 -36.46
CA GLN A 3966 -36.16 -8.20 -35.62
C GLN A 3966 -36.30 -7.50 -34.29
N PHE A 3967 -36.83 -6.28 -34.31
CA PHE A 3967 -37.07 -5.56 -33.08
C PHE A 3967 -38.06 -6.29 -32.20
N ILE A 3968 -39.12 -6.81 -32.80
CA ILE A 3968 -40.12 -7.52 -32.02
C ILE A 3968 -39.61 -8.88 -31.55
N ASN A 3969 -38.86 -9.58 -32.38
CA ASN A 3969 -38.38 -10.89 -32.04
C ASN A 3969 -37.23 -10.90 -31.05
N LEU A 3970 -36.65 -9.73 -30.79
CA LEU A 3970 -35.57 -9.64 -29.81
C LEU A 3970 -36.10 -10.15 -28.46
N MET A 3971 -37.14 -9.49 -27.97
CA MET A 3971 -37.79 -9.89 -26.73
C MET A 3971 -38.92 -10.81 -27.16
N LEU A 3972 -38.56 -12.03 -27.52
CA LEU A 3972 -39.51 -13.03 -28.03
C LEU A 3972 -40.58 -13.58 -27.09
N PRO A 3973 -40.21 -14.03 -25.88
CA PRO A 3973 -41.29 -14.63 -25.08
C PRO A 3973 -42.25 -13.57 -24.57
N MET A 3974 -41.70 -12.43 -24.18
CA MET A 3974 -42.48 -11.25 -23.88
C MET A 3974 -42.94 -10.58 -25.15
N LYS A 3975 -43.99 -9.80 -25.05
CA LYS A 3975 -44.48 -9.13 -26.23
C LYS A 3975 -43.86 -7.74 -26.33
N GLU A 3976 -44.18 -7.06 -27.42
CA GLU A 3976 -43.78 -5.69 -27.65
C GLU A 3976 -44.62 -4.69 -26.87
N THR A 3977 -45.56 -5.17 -26.04
CA THR A 3977 -46.35 -4.36 -25.13
C THR A 3977 -45.81 -4.38 -23.71
N GLY A 3978 -44.51 -4.55 -23.55
CA GLY A 3978 -43.92 -4.56 -22.23
C GLY A 3978 -42.97 -3.41 -22.00
N LEU A 3979 -41.68 -3.68 -22.24
CA LEU A 3979 -40.64 -2.69 -22.04
C LEU A 3979 -40.70 -1.57 -23.06
N MET A 3980 -40.82 -1.90 -24.34
CA MET A 3980 -40.88 -0.82 -25.31
C MET A 3980 -42.13 0.02 -25.13
N TYR A 3981 -43.27 -0.62 -24.94
CA TYR A 3981 -44.49 0.14 -24.74
C TYR A 3981 -44.36 1.04 -23.53
N SER A 3982 -43.82 0.53 -22.45
CA SER A 3982 -43.72 1.31 -21.23
C SER A 3982 -42.79 2.50 -21.39
N ILE A 3983 -41.64 2.31 -22.03
CA ILE A 3983 -40.72 3.43 -22.21
C ILE A 3983 -41.35 4.49 -23.07
N MET A 3984 -42.02 4.10 -24.15
CA MET A 3984 -42.61 5.09 -25.03
C MET A 3984 -43.71 5.86 -24.33
N VAL A 3985 -44.53 5.22 -23.50
CA VAL A 3985 -45.57 5.97 -22.81
C VAL A 3985 -44.99 6.90 -21.75
N HIS A 3986 -43.98 6.46 -21.01
CA HIS A 3986 -43.38 7.35 -20.01
C HIS A 3986 -42.78 8.57 -20.68
N ALA A 3987 -42.04 8.35 -21.76
CA ALA A 3987 -41.40 9.45 -22.45
C ALA A 3987 -42.41 10.37 -23.10
N LEU A 3988 -43.50 9.84 -23.65
CA LEU A 3988 -44.51 10.70 -24.25
C LEU A 3988 -45.20 11.53 -23.20
N ARG A 3989 -45.50 10.96 -22.05
CA ARG A 3989 -46.09 11.77 -21.00
C ARG A 3989 -45.17 12.92 -20.63
N ALA A 3990 -43.87 12.66 -20.53
CA ALA A 3990 -42.93 13.74 -20.26
C ALA A 3990 -42.95 14.80 -21.35
N PHE A 3991 -42.96 14.39 -22.60
CA PHE A 3991 -42.94 15.36 -23.69
C PHE A 3991 -44.25 16.11 -23.80
N ARG A 3992 -45.31 15.62 -23.18
CA ARG A 3992 -46.57 16.32 -23.22
C ARG A 3992 -46.79 17.23 -22.04
N SER A 3993 -46.11 16.99 -20.91
CA SER A 3993 -46.43 17.78 -19.72
C SER A 3993 -46.28 19.28 -19.98
N ASP A 3994 -45.13 19.70 -20.48
CA ASP A 3994 -44.93 21.08 -20.94
C ASP A 3994 -44.47 21.02 -22.38
N PRO A 3995 -45.41 21.11 -23.33
CA PRO A 3995 -45.01 21.18 -24.74
C PRO A 3995 -44.63 22.57 -25.14
N GLY A 3996 -44.91 23.57 -24.32
CA GLY A 3996 -44.61 24.94 -24.70
C GLY A 3996 -43.13 25.17 -24.90
N LEU A 3997 -42.33 24.60 -24.01
CA LEU A 3997 -40.88 24.71 -24.13
C LEU A 3997 -40.39 24.04 -25.41
N LEU A 3998 -40.78 22.80 -25.60
CA LEU A 3998 -40.32 22.03 -26.74
C LEU A 3998 -40.80 22.66 -28.03
N THR A 3999 -42.03 23.15 -28.05
CA THR A 3999 -42.61 23.73 -29.25
C THR A 3999 -42.19 25.17 -29.49
N ASN A 4000 -41.71 25.89 -28.48
CA ASN A 4000 -41.08 27.17 -28.74
C ASN A 4000 -39.74 26.96 -29.44
N THR A 4001 -38.95 26.01 -28.96
CA THR A 4001 -37.72 25.69 -29.68
C THR A 4001 -38.03 25.21 -31.09
N MET A 4002 -39.03 24.35 -31.23
CA MET A 4002 -39.44 23.85 -32.54
C MET A 4002 -39.93 24.99 -33.42
N ASP A 4003 -40.61 25.96 -32.81
CA ASP A 4003 -41.19 27.08 -33.55
C ASP A 4003 -40.10 27.96 -34.13
N VAL A 4004 -39.14 28.36 -33.29
CA VAL A 4004 -38.06 29.15 -33.82
C VAL A 4004 -37.20 28.33 -34.77
N PHE A 4005 -37.18 27.00 -34.62
CA PHE A 4005 -36.49 26.13 -35.56
C PHE A 4005 -37.13 26.14 -36.94
N VAL A 4006 -38.45 26.06 -37.01
CA VAL A 4006 -39.10 26.04 -38.32
C VAL A 4006 -39.20 27.44 -38.89
N LYS A 4007 -38.97 28.46 -38.06
CA LYS A 4007 -39.22 29.81 -38.52
C LYS A 4007 -38.04 30.49 -39.20
N GLU A 4008 -36.84 29.90 -39.19
CA GLU A 4008 -35.74 30.59 -39.88
C GLU A 4008 -35.89 30.49 -41.38
N PRO A 4009 -35.33 31.43 -42.13
CA PRO A 4009 -35.28 31.29 -43.59
C PRO A 4009 -34.29 30.23 -44.06
N SER A 4010 -33.37 29.77 -43.21
CA SER A 4010 -32.50 28.68 -43.63
C SER A 4010 -33.27 27.41 -43.83
N PHE A 4011 -34.37 27.22 -43.11
CA PHE A 4011 -35.22 26.04 -43.26
C PHE A 4011 -36.38 26.31 -44.22
N ASP A 4012 -36.01 26.79 -45.39
CA ASP A 4012 -36.93 27.14 -46.46
C ASP A 4012 -37.02 25.98 -47.46
N TRP A 4013 -37.98 26.09 -48.37
CA TRP A 4013 -38.11 25.08 -49.42
C TRP A 4013 -36.82 24.97 -50.24
N LYS A 4014 -36.13 26.09 -50.44
CA LYS A 4014 -34.92 26.07 -51.27
C LYS A 4014 -33.84 25.22 -50.62
N ASN A 4015 -33.59 25.42 -49.33
CA ASN A 4015 -32.62 24.59 -48.65
C ASN A 4015 -33.08 23.15 -48.58
N PHE A 4016 -34.38 22.92 -48.38
CA PHE A 4016 -34.86 21.54 -48.37
C PHE A 4016 -34.59 20.84 -49.69
N GLU A 4017 -34.86 21.52 -50.82
CA GLU A 4017 -34.67 20.86 -52.11
C GLU A 4017 -33.20 20.67 -52.44
N GLN A 4018 -32.37 21.68 -52.18
CA GLN A 4018 -30.94 21.48 -52.43
C GLN A 4018 -30.35 20.45 -51.49
N LYS A 4019 -30.98 20.22 -50.35
CA LYS A 4019 -30.60 19.11 -49.50
C LYS A 4019 -31.01 17.77 -50.09
N MET A 4020 -32.21 17.70 -50.67
CA MET A 4020 -32.67 16.46 -51.26
C MET A 4020 -31.83 16.07 -52.45
N LEU A 4021 -31.42 17.06 -53.26
CA LEU A 4021 -30.64 16.76 -54.46
C LEU A 4021 -29.41 15.94 -54.14
N LYS A 4022 -28.64 16.36 -53.16
CA LYS A 4022 -27.41 15.66 -52.79
C LYS A 4022 -27.68 14.68 -51.65
N LYS A 4023 -28.44 13.64 -51.99
CA LYS A 4023 -28.78 12.62 -51.01
C LYS A 4023 -28.76 11.24 -51.67
N GLY A 4024 -29.15 11.21 -52.95
CA GLY A 4024 -29.24 9.98 -53.72
C GLY A 4024 -30.11 9.00 -52.97
N GLY A 4025 -31.08 9.55 -52.24
CA GLY A 4025 -31.95 8.77 -51.39
C GLY A 4025 -33.29 8.21 -51.81
N SER A 4026 -34.16 8.97 -52.47
CA SER A 4026 -35.45 8.38 -52.77
C SER A 4026 -35.99 8.82 -54.12
N TRP A 4027 -35.96 10.11 -54.42
CA TRP A 4027 -36.40 10.60 -55.72
C TRP A 4027 -35.29 11.44 -56.33
N ILE A 4028 -34.80 11.01 -57.49
CA ILE A 4028 -33.99 11.84 -58.36
C ILE A 4028 -34.74 12.19 -59.62
N GLN A 4029 -35.41 11.20 -60.22
CA GLN A 4029 -36.08 11.34 -61.52
C GLN A 4029 -37.16 12.41 -61.50
N GLU A 4030 -37.61 12.81 -60.30
CA GLU A 4030 -38.53 13.93 -60.13
C GLU A 4030 -37.72 15.21 -60.02
N ILE A 4031 -37.69 16.01 -61.09
CA ILE A 4031 -37.08 17.34 -61.03
C ILE A 4031 -38.12 18.33 -61.53
N ASN A 4032 -39.39 18.03 -61.28
CA ASN A 4032 -40.49 18.82 -61.79
C ASN A 4032 -40.57 20.16 -61.04
N VAL A 4033 -41.60 20.94 -61.36
CA VAL A 4033 -41.74 22.27 -60.79
C VAL A 4033 -41.77 22.19 -59.27
N ALA A 4034 -41.27 23.25 -58.63
CA ALA A 4034 -41.19 23.32 -57.17
C ALA A 4034 -42.43 23.93 -56.54
N GLU A 4035 -43.61 23.75 -57.16
CA GLU A 4035 -44.86 24.31 -56.64
C GLU A 4035 -45.32 23.63 -55.38
N LYS A 4036 -44.49 22.72 -54.86
CA LYS A 4036 -44.81 22.03 -53.62
C LYS A 4036 -45.05 23.04 -52.51
N ASN A 4037 -46.14 22.83 -51.77
CA ASN A 4037 -46.52 23.71 -50.66
C ASN A 4037 -45.61 23.44 -49.47
N TRP A 4038 -44.63 24.31 -49.28
CA TRP A 4038 -43.80 24.31 -48.08
C TRP A 4038 -44.36 25.36 -47.14
N TYR A 4039 -45.00 24.92 -46.07
CA TYR A 4039 -45.74 25.83 -45.18
C TYR A 4039 -45.37 25.50 -43.75
N PRO A 4040 -44.75 26.42 -43.01
CA PRO A 4040 -44.22 26.08 -41.70
C PRO A 4040 -45.24 26.16 -40.59
N ARG A 4041 -46.28 26.99 -40.75
CA ARG A 4041 -47.27 27.06 -39.70
C ARG A 4041 -48.01 25.75 -39.55
N GLN A 4042 -48.17 25.02 -40.63
CA GLN A 4042 -48.79 23.70 -40.54
C GLN A 4042 -47.81 22.62 -40.17
N LYS A 4043 -46.51 22.92 -40.12
CA LYS A 4043 -45.53 21.94 -39.67
C LYS A 4043 -45.30 22.02 -38.18
N ILE A 4044 -45.71 23.10 -37.54
CA ILE A 4044 -45.75 23.18 -36.09
C ILE A 4044 -47.15 22.95 -35.56
N CYS A 4045 -48.18 23.16 -36.37
CA CYS A 4045 -49.53 22.81 -35.94
C CYS A 4045 -49.62 21.33 -35.63
N TYR A 4046 -49.07 20.48 -36.49
CA TYR A 4046 -49.15 19.04 -36.26
C TYR A 4046 -48.29 18.63 -35.08
N ALA A 4047 -47.10 19.21 -34.96
CA ALA A 4047 -46.26 18.88 -33.82
C ALA A 4047 -46.90 19.27 -32.51
N LYS A 4048 -47.61 20.39 -32.49
CA LYS A 4048 -48.35 20.80 -31.31
C LYS A 4048 -49.56 19.93 -31.07
N ARG A 4049 -50.11 19.34 -32.14
CA ARG A 4049 -51.28 18.49 -31.98
C ARG A 4049 -50.90 17.12 -31.44
N LYS A 4050 -49.76 16.61 -31.85
CA LYS A 4050 -49.27 15.36 -31.30
C LYS A 4050 -49.08 15.47 -29.80
N LEU A 4051 -48.52 16.57 -29.34
CA LEU A 4051 -48.33 16.79 -27.92
C LEU A 4051 -49.62 17.14 -27.20
N ALA A 4052 -50.73 17.25 -27.92
CA ALA A 4052 -52.03 17.55 -27.34
C ALA A 4052 -52.95 16.36 -27.28
N GLY A 4053 -52.74 15.35 -28.12
CA GLY A 4053 -53.50 14.14 -28.04
C GLY A 4053 -54.02 13.62 -29.36
N ALA A 4054 -53.45 14.05 -30.46
CA ALA A 4054 -54.00 13.69 -31.75
C ALA A 4054 -53.77 12.22 -32.05
N ASN A 4055 -54.66 11.67 -32.84
CA ASN A 4055 -54.50 10.32 -33.34
C ASN A 4055 -53.37 10.30 -34.35
N PRO A 4056 -52.39 9.43 -34.19
CA PRO A 4056 -51.29 9.38 -35.17
C PRO A 4056 -51.78 9.21 -36.59
N ALA A 4057 -52.80 8.38 -36.79
CA ALA A 4057 -53.30 8.15 -38.13
C ALA A 4057 -53.91 9.42 -38.70
N VAL A 4058 -54.62 10.17 -37.86
CA VAL A 4058 -55.17 11.45 -38.30
C VAL A 4058 -54.06 12.40 -38.73
N ILE A 4059 -52.98 12.45 -37.94
CA ILE A 4059 -51.90 13.36 -38.27
C ILE A 4059 -51.27 12.97 -39.60
N THR A 4060 -51.00 11.69 -39.80
CA THR A 4060 -50.36 11.30 -41.04
C THR A 4060 -51.29 11.41 -42.24
N CYS A 4061 -52.59 11.26 -42.06
CA CYS A 4061 -53.53 11.58 -43.13
C CYS A 4061 -53.50 13.06 -43.47
N ASP A 4062 -53.42 13.93 -42.47
CA ASP A 4062 -53.27 15.35 -42.72
C ASP A 4062 -52.02 15.65 -43.53
N GLU A 4063 -50.92 15.02 -43.15
CA GLU A 4063 -49.65 15.23 -43.85
C GLU A 4063 -49.76 14.78 -45.29
N LEU A 4064 -50.44 13.66 -45.53
CA LEU A 4064 -50.66 13.21 -46.89
C LEU A 4064 -51.51 14.20 -47.68
N LEU A 4065 -52.55 14.75 -47.05
CA LEU A 4065 -53.38 15.73 -47.75
C LEU A 4065 -52.55 16.94 -48.15
N LEU A 4066 -51.64 17.35 -47.28
CA LEU A 4066 -50.78 18.48 -47.62
C LEU A 4066 -49.83 18.13 -48.77
N GLY A 4067 -49.30 16.92 -48.78
CA GLY A 4067 -48.25 16.61 -49.73
C GLY A 4067 -48.69 16.05 -51.06
N HIS A 4068 -49.66 15.14 -51.05
CA HIS A 4068 -50.10 14.40 -52.23
C HIS A 4068 -51.61 14.54 -52.42
N GLU A 4069 -52.12 15.77 -52.38
CA GLU A 4069 -53.56 15.95 -52.57
C GLU A 4069 -53.98 15.64 -53.99
N LYS A 4070 -53.12 15.92 -54.97
CA LYS A 4070 -53.41 15.71 -56.39
C LYS A 4070 -52.87 14.39 -56.90
N ALA A 4071 -52.30 13.56 -56.04
CA ALA A 4071 -51.78 12.28 -56.48
C ALA A 4071 -52.93 11.38 -56.94
N PRO A 4072 -52.70 10.55 -57.94
CA PRO A 4072 -53.74 9.60 -58.36
C PRO A 4072 -54.08 8.59 -57.29
N ALA A 4073 -53.16 8.29 -56.38
CA ALA A 4073 -53.36 7.24 -55.38
C ALA A 4073 -53.65 7.80 -54.00
N PHE A 4074 -53.96 9.09 -53.90
CA PHE A 4074 -54.11 9.72 -52.60
C PHE A 4074 -55.14 9.02 -51.74
N ARG A 4075 -56.24 8.58 -52.36
CA ARG A 4075 -57.28 7.90 -51.59
C ARG A 4075 -56.75 6.63 -50.97
N ASP A 4076 -55.89 5.90 -51.68
CA ASP A 4076 -55.32 4.68 -51.12
C ASP A 4076 -54.23 4.95 -50.11
N TYR A 4077 -53.47 6.03 -50.29
CA TYR A 4077 -52.57 6.49 -49.24
C TYR A 4077 -53.36 6.65 -47.94
N VAL A 4078 -54.46 7.38 -48.03
CA VAL A 4078 -55.24 7.69 -46.84
C VAL A 4078 -55.90 6.44 -46.28
N ALA A 4079 -56.40 5.56 -47.14
CA ALA A 4079 -57.05 4.36 -46.63
C ALA A 4079 -56.06 3.45 -45.91
N VAL A 4080 -54.84 3.32 -46.44
CA VAL A 4080 -53.84 2.50 -45.77
C VAL A 4080 -53.42 3.13 -44.45
N ALA A 4081 -53.14 4.43 -44.45
CA ALA A 4081 -52.68 5.10 -43.24
C ALA A 4081 -53.76 5.09 -42.16
N ARG A 4082 -55.00 5.35 -42.54
CA ARG A 4082 -56.10 5.47 -41.58
C ARG A 4082 -56.32 4.19 -40.81
N GLY A 4083 -55.95 3.06 -41.37
CA GLY A 4083 -56.21 1.79 -40.72
C GLY A 4083 -57.51 1.18 -41.14
N SER A 4084 -57.78 0.03 -40.56
CA SER A 4084 -59.00 -0.71 -40.80
C SER A 4084 -59.80 -0.79 -39.50
N LYS A 4085 -61.09 -0.46 -39.58
CA LYS A 4085 -61.91 -0.43 -38.38
C LYS A 4085 -61.92 -1.76 -37.65
N ASP A 4086 -61.80 -2.88 -38.39
CA ASP A 4086 -61.96 -4.18 -37.80
C ASP A 4086 -60.66 -4.84 -37.37
N HIS A 4087 -59.51 -4.32 -37.82
CA HIS A 4087 -58.23 -4.91 -37.46
C HIS A 4087 -57.41 -4.00 -36.54
N ASN A 4088 -57.24 -2.75 -36.93
CA ASN A 4088 -56.31 -1.86 -36.27
C ASN A 4088 -57.01 -1.03 -35.23
N ILE A 4089 -56.38 -0.85 -34.08
CA ILE A 4089 -56.92 0.08 -33.11
C ILE A 4089 -56.35 1.45 -33.45
N ARG A 4090 -56.83 1.98 -34.55
CA ARG A 4090 -56.62 3.37 -34.93
C ARG A 4090 -57.86 3.99 -35.51
N ALA A 4091 -58.74 3.20 -36.11
CA ALA A 4091 -60.06 3.64 -36.49
C ALA A 4091 -61.07 3.26 -35.45
N GLN A 4092 -60.68 2.46 -34.46
CA GLN A 4092 -61.52 2.30 -33.29
C GLN A 4092 -61.37 3.46 -32.32
N GLU A 4093 -60.36 4.29 -32.48
CA GLU A 4093 -60.09 5.39 -31.56
C GLU A 4093 -60.52 6.72 -32.17
N PRO A 4094 -60.84 7.70 -31.34
CA PRO A 4094 -61.29 9.00 -31.85
C PRO A 4094 -60.22 9.75 -32.61
N GLU A 4095 -60.52 11.01 -32.94
CA GLU A 4095 -59.57 11.80 -33.70
C GLU A 4095 -58.54 12.49 -32.81
N SER A 4096 -58.91 12.88 -31.59
CA SER A 4096 -58.01 13.62 -30.74
C SER A 4096 -58.39 13.42 -29.29
N GLY A 4097 -57.63 14.04 -28.39
CA GLY A 4097 -57.91 13.94 -26.97
C GLY A 4097 -57.57 12.61 -26.36
N LEU A 4098 -56.70 11.84 -26.99
CA LEU A 4098 -56.33 10.53 -26.49
C LEU A 4098 -55.42 10.66 -25.27
N SER A 4099 -55.40 9.60 -24.46
CA SER A 4099 -54.43 9.52 -23.39
C SER A 4099 -53.07 9.16 -23.96
N GLU A 4100 -52.04 9.33 -23.15
CA GLU A 4100 -50.69 9.02 -23.61
C GLU A 4100 -50.52 7.55 -23.90
N GLU A 4101 -51.36 6.69 -23.33
CA GLU A 4101 -51.31 5.25 -23.51
C GLU A 4101 -52.04 4.79 -24.74
N THR A 4102 -53.23 5.32 -24.99
CA THR A 4102 -53.91 5.03 -26.25
C THR A 4102 -53.11 5.51 -27.43
N GLN A 4103 -52.49 6.67 -27.30
CA GLN A 4103 -51.71 7.18 -28.41
C GLN A 4103 -50.54 6.28 -28.73
N VAL A 4104 -49.90 5.71 -27.71
CA VAL A 4104 -48.82 4.76 -27.91
C VAL A 4104 -49.31 3.42 -28.41
N LYS A 4105 -50.51 2.98 -28.03
CA LYS A 4105 -51.12 1.81 -28.65
C LYS A 4105 -51.29 2.02 -30.13
N CYS A 4106 -51.80 3.19 -30.52
CA CYS A 4106 -51.98 3.49 -31.93
C CYS A 4106 -50.65 3.60 -32.65
N LEU A 4107 -49.64 4.13 -32.00
CA LEU A 4107 -48.33 4.21 -32.64
C LEU A 4107 -47.75 2.83 -32.90
N MET A 4108 -47.81 1.93 -31.92
CA MET A 4108 -47.39 0.56 -32.17
C MET A 4108 -48.18 -0.08 -33.30
N ASP A 4109 -49.50 0.12 -33.30
CA ASP A 4109 -50.31 -0.45 -34.37
C ASP A 4109 -49.85 0.03 -35.73
N GLN A 4110 -49.67 1.34 -35.88
CA GLN A 4110 -49.31 1.86 -37.19
C GLN A 4110 -47.90 1.51 -37.58
N ALA A 4111 -47.00 1.35 -36.60
CA ALA A 4111 -45.63 0.99 -36.92
C ALA A 4111 -45.51 -0.46 -37.35
N THR A 4112 -46.25 -1.35 -36.71
CA THR A 4112 -46.17 -2.77 -36.98
C THR A 4112 -47.30 -3.28 -37.87
N ASP A 4113 -48.08 -2.41 -38.46
CA ASP A 4113 -49.10 -2.84 -39.39
C ASP A 4113 -48.47 -3.46 -40.64
N PRO A 4114 -48.74 -4.73 -40.94
CA PRO A 4114 -48.15 -5.32 -42.14
C PRO A 4114 -48.73 -4.78 -43.42
N ASN A 4115 -49.95 -4.23 -43.39
CA ASN A 4115 -50.45 -3.55 -44.56
C ASN A 4115 -49.58 -2.37 -44.92
N ILE A 4116 -49.17 -1.59 -43.93
CA ILE A 4116 -48.29 -0.45 -44.17
C ILE A 4116 -46.90 -0.92 -44.54
N LEU A 4117 -46.42 -1.97 -43.89
CA LEU A 4117 -45.05 -2.37 -44.17
C LEU A 4117 -44.90 -3.04 -45.52
N GLY A 4118 -45.89 -3.79 -45.98
CA GLY A 4118 -45.74 -4.51 -47.23
C GLY A 4118 -45.78 -3.64 -48.44
N ARG A 4119 -46.01 -2.35 -48.27
CA ARG A 4119 -46.00 -1.39 -49.36
C ARG A 4119 -45.18 -0.15 -49.00
N THR A 4120 -44.22 -0.29 -48.10
CA THR A 4120 -43.19 0.67 -47.78
C THR A 4120 -42.16 0.74 -48.90
N TRP A 4121 -41.49 1.88 -48.99
CA TRP A 4121 -40.35 2.03 -49.89
C TRP A 4121 -39.39 0.86 -49.75
N GLU A 4122 -38.67 0.56 -50.82
CA GLU A 4122 -37.80 -0.61 -50.80
C GLU A 4122 -36.63 -0.42 -49.85
N GLY A 4123 -35.92 0.69 -49.99
CA GLY A 4123 -34.69 0.88 -49.24
C GLY A 4123 -34.85 0.91 -47.75
N TRP A 4124 -36.08 1.04 -47.26
CA TRP A 4124 -36.29 1.06 -45.83
C TRP A 4124 -36.05 -0.31 -45.23
N GLU A 4125 -36.23 -1.37 -46.04
CA GLU A 4125 -36.14 -2.78 -45.68
C GLU A 4125 -37.13 -3.16 -44.60
N PRO A 4126 -38.43 -3.07 -44.87
CA PRO A 4126 -39.41 -3.31 -43.81
C PRO A 4126 -39.45 -4.73 -43.29
N TRP A 4127 -38.70 -5.65 -43.88
CA TRP A 4127 -38.75 -7.05 -43.45
C TRP A 4127 -37.78 -7.37 -42.33
N MET A 4128 -36.78 -6.55 -42.11
CA MET A 4128 -35.74 -6.93 -41.17
C MET A 4128 -35.80 -6.15 -39.88
N UNK A 4129 31.94 5.13 5.52
CA UNK A 4129 30.72 4.39 5.20
C UNK A 4129 29.47 5.10 5.68
N UNK A 4130 29.64 6.03 6.61
CA UNK A 4130 28.51 6.69 7.21
C UNK A 4130 28.85 8.07 7.76
N UNK A 4131 27.97 9.03 7.44
CA UNK A 4131 28.11 10.37 7.96
C UNK A 4131 27.84 10.36 9.46
N UNK A 4132 27.04 9.41 9.94
CA UNK A 4132 26.82 9.31 11.36
C UNK A 4132 28.07 8.76 12.02
N UNK A 4133 28.73 7.84 11.33
CA UNK A 4133 29.98 7.27 11.80
C UNK A 4133 30.98 8.38 12.01
N UNK A 4134 31.12 9.24 11.00
CA UNK A 4134 32.00 10.40 11.10
C UNK A 4134 31.58 11.37 12.19
N UNK A 4135 30.28 11.59 12.33
CA UNK A 4135 29.77 12.55 13.30
C UNK A 4135 30.10 12.11 14.69
N UNK A 4136 30.16 10.80 14.90
CA UNK A 4136 30.47 10.27 16.21
C UNK A 4136 31.97 10.22 16.39
N UNK A 4137 32.70 10.01 15.31
CA UNK A 4137 34.16 10.03 15.38
C UNK A 4137 34.65 11.42 15.74
N UNK A 4138 33.85 12.43 15.45
CA UNK A 4138 34.23 13.81 15.71
C UNK A 4138 33.87 14.26 17.11
N UNK A 4139 33.03 13.50 17.81
CA UNK A 4139 32.68 13.82 19.18
C UNK A 4139 33.69 13.22 20.11
N UNK A 4140 34.09 12.00 19.81
CA UNK A 4140 35.12 11.33 20.58
C UNK A 4140 36.48 11.98 20.39
N UNK A 4141 36.57 12.88 19.41
CA UNK A 4141 37.79 13.56 19.08
C UNK A 4141 37.79 14.97 19.61
N UNK A 4142 36.61 15.55 19.75
CA UNK A 4142 36.44 16.82 20.39
C UNK A 4142 36.34 16.63 21.89
N UNK A 4143 35.66 15.57 22.31
CA UNK A 4143 35.48 15.28 23.72
C UNK A 4143 36.69 14.56 24.28
N UNK A 4144 37.39 13.83 23.43
CA UNK A 4144 38.65 13.15 23.75
C UNK A 4144 38.45 11.98 24.69
N UNK A 4145 37.34 11.28 24.53
CA UNK A 4145 37.04 10.15 25.38
C UNK A 4145 36.29 9.11 24.60
N UNK A 4146 36.96 8.45 23.67
CA UNK A 4146 36.36 7.40 22.86
C UNK A 4146 35.49 6.47 23.69
N UNK A 4147 34.19 6.73 23.72
CA UNK A 4147 33.26 5.84 24.38
C UNK A 4147 32.83 4.77 23.40
N UNK A 4148 32.64 3.56 23.91
CA UNK A 4148 32.41 2.40 23.08
C UNK A 4148 31.09 1.74 23.46
C10 1IX B . -23.55 7.09 -44.00
C11 1IX B . -22.79 7.46 -45.06
C12 1IX B . -22.37 8.79 -45.16
C13 1IX B . -22.72 9.75 -44.11
C15 1IX B . -23.89 8.04 -43.02
N17 1IX B . -24.57 11.38 -42.15
C18 1IX B . -24.89 12.15 -41.16
N19 1IX B . -24.50 11.90 -39.92
C20 1IX B . -23.77 10.88 -39.61
C21 1IX B . -23.42 10.04 -40.60
C22 1IX B . -22.64 8.89 -40.29
C01 1IX B . -19.25 3.12 -40.69
C03 1IX B . -21.43 3.96 -40.93
C06 1IX B . -23.14 5.07 -42.74
C07 1IX B . -23.17 5.52 -41.41
C08 1IX B . -22.28 4.98 -40.47
C09 1IX B . -24.06 5.65 -43.78
C14 1IX B . -23.45 9.38 -43.08
C16 1IX B . -23.86 10.34 -41.92
C23 1IX B . -22.23 8.65 -39.01
C24 1IX B . -22.63 9.51 -37.97
C25 1IX B . -23.37 10.64 -38.24
C27 1IX B . -22.51 10.14 -35.61
C28 1IX B . -22.51 9.52 -34.24
C30 1IX B . -21.34 7.78 -34.82
C31 1IX B . -21.25 8.22 -36.25
F32 1IX B . -22.33 11.01 -44.19
N04 1IX B . -21.46 3.59 -42.15
N05 1IX B . -22.31 4.13 -43.06
N26 1IX B . -22.17 9.25 -36.64
O02 1IX B . -20.55 3.36 -40.08
O29 1IX B . -21.67 8.47 -34.18
O34 1IX B . -25.33 5.82 -43.23
CL1 1IX B . -22.37 6.22 -46.35
#